data_6SY7
#
_entry.id   6SY7
#
_cell.length_a   118.395
_cell.length_b   133.711
_cell.length_c   271.820
_cell.angle_alpha   90.000
_cell.angle_beta   90.000
_cell.angle_gamma   90.000
#
_symmetry.space_group_name_H-M   'P 21 21 21'
#
loop_
_entity.id
_entity.type
_entity.pdbx_description
1 polymer 'ATP-dependent 6-phosphofructokinase'
2 non-polymer BENZENE
3 non-polymer GLYCEROL
4 non-polymer 'ADENOSINE MONOPHOSPHATE'
5 water water
#
_entity_poly.entity_id   1
_entity_poly.type   'polypeptide(L)'
_entity_poly.pdbx_seq_one_letter_code
;MAVESRSRVTSKLVKAHRAMLNSVTQEDLKVDRLPGADYPNPSKKYSSRTEFRDKTDYIMYNPRPRDEPSSENPVSVSPL
LCELAAARSRIHFNPTETTIGIVTCGGICPGLNDVIRSITLTGINVYNVKRVIGFRFGYWGLSKKGSQTAIELHRGRVTN
IHHYGGTILGSSRGPQDPKEMVDTLERLGVNILFTVGGDGTQRGALVISQEAKRRGVDISVFGVPKTIDNDLSFSHRTFG
FQTAVEKAVQAIRAAYAEAVSANYGVGVVKLMGRDSGFIAAQAAVASAQANICLVPENPISEQEVMSLLERRFCHSRSCV
IIVAEGFGQDWGRGSGGYDASGNKKLIDIGVILTEKVKAFLKANKSRYPDSTVKYIDPSYMIRACPPSANDALFCATLAT
LAVHEAMAGATGCIIAMRHNNYILVPIKVATSVRRVLDLRGQLWRQVREITVDLGSDVRLARKLEIRRELEAINRNRDRL
HEELAKL
;
_entity_poly.pdbx_strand_id   A,B,C,D,E,F,G,H
#
# COMPACT_ATOMS: atom_id res chain seq x y z
N MET A 20 -55.46 -22.73 16.98
CA MET A 20 -54.39 -23.62 16.38
C MET A 20 -53.90 -24.62 17.43
N LEU A 21 -53.58 -24.12 18.63
CA LEU A 21 -53.16 -24.88 19.83
C LEU A 21 -54.40 -25.19 20.67
N ASN A 22 -55.41 -24.31 20.66
CA ASN A 22 -56.76 -24.53 21.25
C ASN A 22 -57.63 -25.38 20.31
N SER A 23 -57.11 -25.71 19.13
CA SER A 23 -57.66 -26.62 18.09
C SER A 23 -57.31 -28.09 18.39
N VAL A 24 -56.43 -28.33 19.37
CA VAL A 24 -55.78 -29.66 19.60
C VAL A 24 -56.71 -30.52 20.47
N THR A 25 -56.89 -31.79 20.10
CA THR A 25 -57.82 -32.76 20.73
C THR A 25 -56.99 -33.90 21.33
N GLN A 26 -57.57 -34.66 22.28
CA GLN A 26 -56.89 -35.82 22.93
C GLN A 26 -56.41 -36.82 21.87
N GLU A 27 -57.11 -36.92 20.74
CA GLU A 27 -56.81 -37.89 19.64
C GLU A 27 -55.49 -37.47 18.95
N ASP A 28 -55.24 -36.16 18.83
CA ASP A 28 -53.99 -35.62 18.23
C ASP A 28 -52.77 -36.06 19.07
N LEU A 29 -52.97 -36.35 20.36
CA LEU A 29 -51.89 -36.71 21.32
C LEU A 29 -51.80 -38.22 21.50
N LYS A 30 -52.69 -39.00 20.88
CA LYS A 30 -52.68 -40.48 21.03
C LYS A 30 -51.46 -40.99 20.27
N VAL A 31 -50.51 -41.59 20.98
CA VAL A 31 -49.22 -42.09 20.42
C VAL A 31 -49.45 -43.46 19.76
N ASP A 32 -49.14 -43.54 18.47
CA ASP A 32 -49.19 -44.77 17.64
C ASP A 32 -48.35 -45.88 18.29
N ARG A 33 -48.88 -47.10 18.35
CA ARG A 33 -48.16 -48.32 18.78
C ARG A 33 -48.21 -49.35 17.67
N LEU A 34 -47.08 -49.92 17.28
CA LEU A 34 -47.04 -51.07 16.35
C LEU A 34 -47.85 -52.21 16.99
N PRO A 35 -48.52 -53.06 16.20
CA PRO A 35 -49.42 -54.08 16.74
C PRO A 35 -48.64 -55.21 17.45
N GLY A 36 -49.03 -55.50 18.70
CA GLY A 36 -48.49 -56.64 19.47
C GLY A 36 -47.40 -56.22 20.45
N ALA A 37 -47.42 -56.83 21.63
CA ALA A 37 -46.38 -56.75 22.69
C ALA A 37 -46.14 -58.17 23.22
N ASP A 38 -45.51 -58.99 22.39
CA ASP A 38 -45.47 -60.46 22.54
C ASP A 38 -44.28 -60.90 23.39
N TYR A 39 -43.37 -60.00 23.77
CA TYR A 39 -42.10 -60.37 24.45
C TYR A 39 -42.04 -59.71 25.82
N PRO A 40 -41.47 -60.41 26.82
CA PRO A 40 -41.23 -59.80 28.13
C PRO A 40 -40.01 -58.88 28.04
N ASN A 41 -40.01 -57.79 28.82
CA ASN A 41 -38.84 -56.88 28.94
C ASN A 41 -37.72 -57.66 29.61
N PRO A 42 -36.56 -57.81 28.93
CA PRO A 42 -35.43 -58.57 29.51
C PRO A 42 -34.63 -57.80 30.58
N SER A 43 -34.86 -56.48 30.73
CA SER A 43 -34.05 -55.59 31.59
C SER A 43 -33.92 -56.22 32.98
N LYS A 44 -32.68 -56.33 33.45
CA LYS A 44 -32.28 -56.80 34.80
C LYS A 44 -31.75 -55.61 35.61
N LYS A 45 -32.15 -54.39 35.25
CA LYS A 45 -31.57 -53.11 35.78
C LYS A 45 -32.35 -52.64 37.01
N TYR A 46 -33.67 -52.85 37.05
CA TYR A 46 -34.58 -52.49 38.17
C TYR A 46 -34.63 -53.65 39.19
N SER A 47 -34.94 -53.33 40.45
CA SER A 47 -34.96 -54.26 41.62
C SER A 47 -35.89 -55.47 41.38
N SER A 48 -37.12 -55.25 40.94
CA SER A 48 -38.12 -56.30 40.61
C SER A 48 -38.87 -55.95 39.31
N ARG A 49 -39.81 -56.80 38.90
CA ARG A 49 -40.57 -56.68 37.62
C ARG A 49 -41.77 -55.74 37.78
N THR A 50 -42.05 -55.25 39.00
CA THR A 50 -43.19 -54.33 39.30
C THR A 50 -42.86 -52.90 38.87
N GLU A 51 -41.59 -52.62 38.55
CA GLU A 51 -41.09 -51.26 38.19
C GLU A 51 -41.18 -51.00 36.68
N PHE A 52 -41.56 -52.01 35.90
CA PHE A 52 -41.99 -51.90 34.48
C PHE A 52 -43.48 -51.56 34.48
N ARG A 53 -44.02 -51.01 33.40
CA ARG A 53 -45.40 -50.46 33.35
C ARG A 53 -46.32 -51.40 32.55
N ASP A 54 -47.40 -51.84 33.20
CA ASP A 54 -48.51 -52.67 32.65
C ASP A 54 -49.32 -51.86 31.63
N LYS A 55 -49.64 -50.61 31.97
CA LYS A 55 -50.56 -49.73 31.21
C LYS A 55 -49.90 -48.36 30.97
N THR A 56 -50.48 -47.57 30.06
CA THR A 56 -50.06 -46.17 29.78
C THR A 56 -50.48 -45.26 30.94
N ASP A 57 -49.54 -44.53 31.54
CA ASP A 57 -49.79 -43.47 32.56
C ASP A 57 -49.74 -42.11 31.85
N TYR A 58 -50.49 -41.13 32.36
CA TYR A 58 -50.64 -39.78 31.74
C TYR A 58 -50.22 -38.71 32.75
N ILE A 59 -49.98 -37.51 32.23
CA ILE A 59 -49.79 -36.24 33.00
C ILE A 59 -50.60 -35.16 32.29
N MET A 60 -51.16 -34.20 33.03
CA MET A 60 -52.01 -33.13 32.46
C MET A 60 -51.17 -32.19 31.61
N TYR A 61 -51.66 -31.84 30.43
CA TYR A 61 -51.06 -30.82 29.54
C TYR A 61 -50.95 -29.51 30.30
N ASN A 62 -51.95 -29.19 31.14
CA ASN A 62 -52.00 -27.90 31.89
C ASN A 62 -52.44 -28.18 33.32
N PRO A 63 -51.52 -28.14 34.30
CA PRO A 63 -51.84 -28.49 35.68
C PRO A 63 -52.36 -27.32 36.52
N ARG A 64 -52.96 -26.32 35.87
CA ARG A 64 -53.68 -25.20 36.53
C ARG A 64 -55.14 -25.61 36.75
N PRO A 65 -55.77 -25.27 37.90
CA PRO A 65 -57.17 -25.59 38.15
C PRO A 65 -58.12 -24.66 37.36
N ARG A 66 -59.31 -25.16 37.01
CA ARG A 66 -60.34 -24.43 36.24
C ARG A 66 -61.10 -23.49 37.16
N ASP A 67 -61.48 -23.98 38.36
CA ASP A 67 -62.30 -23.27 39.38
C ASP A 67 -61.40 -22.88 40.56
N GLU A 68 -61.93 -22.12 41.53
CA GLU A 68 -61.25 -21.79 42.80
C GLU A 68 -61.07 -23.08 43.62
N PRO A 69 -60.21 -23.11 44.68
CA PRO A 69 -60.14 -24.28 45.57
C PRO A 69 -61.50 -24.60 46.21
N SER A 70 -61.93 -25.87 46.12
CA SER A 70 -63.20 -26.39 46.72
C SER A 70 -62.86 -27.42 47.79
N SER A 71 -63.84 -28.20 48.27
CA SER A 71 -63.64 -29.44 49.08
C SER A 71 -63.15 -30.57 48.14
N GLU A 72 -63.74 -30.69 46.94
CA GLU A 72 -63.36 -31.77 45.97
C GLU A 72 -62.11 -31.35 45.19
N ASN A 73 -61.41 -32.34 44.64
CA ASN A 73 -60.08 -32.22 43.99
C ASN A 73 -60.15 -31.24 42.81
N PRO A 74 -59.02 -30.56 42.49
CA PRO A 74 -58.97 -29.62 41.36
C PRO A 74 -59.13 -30.29 39.99
N VAL A 75 -59.55 -29.52 39.00
CA VAL A 75 -59.84 -29.98 37.61
C VAL A 75 -59.01 -29.14 36.62
N SER A 76 -58.41 -29.75 35.61
CA SER A 76 -57.54 -29.05 34.62
C SER A 76 -58.36 -28.05 33.81
N VAL A 77 -57.79 -26.87 33.54
CA VAL A 77 -58.27 -25.87 32.54
C VAL A 77 -58.37 -26.52 31.16
N SER A 78 -57.51 -27.51 30.85
CA SER A 78 -57.37 -28.14 29.52
C SER A 78 -57.90 -29.57 29.57
N PRO A 79 -58.59 -30.05 28.51
CA PRO A 79 -59.01 -31.46 28.44
C PRO A 79 -57.85 -32.43 28.24
N LEU A 80 -56.68 -31.91 27.83
CA LEU A 80 -55.60 -32.72 27.22
C LEU A 80 -54.76 -33.44 28.29
N LEU A 81 -54.40 -34.69 27.98
CA LEU A 81 -53.46 -35.56 28.73
C LEU A 81 -52.34 -35.99 27.80
N CYS A 82 -51.09 -35.89 28.27
CA CYS A 82 -49.86 -36.31 27.55
C CYS A 82 -49.41 -37.66 28.08
N GLU A 83 -49.07 -38.58 27.19
CA GLU A 83 -48.58 -39.93 27.57
C GLU A 83 -47.16 -39.82 28.16
N LEU A 84 -46.95 -40.38 29.35
CA LEU A 84 -45.62 -40.43 30.02
C LEU A 84 -44.77 -41.56 29.43
N ALA A 85 -43.46 -41.33 29.30
CA ALA A 85 -42.47 -42.29 28.78
C ALA A 85 -41.87 -43.10 29.93
N ALA A 86 -41.87 -44.41 29.79
CA ALA A 86 -41.27 -45.35 30.76
C ALA A 86 -41.06 -46.72 30.13
N ALA A 87 -40.13 -47.47 30.70
CA ALA A 87 -39.88 -48.89 30.37
C ALA A 87 -41.16 -49.67 30.62
N ARG A 88 -41.53 -50.55 29.68
CA ARG A 88 -42.81 -51.31 29.70
C ARG A 88 -42.55 -52.79 30.03
N SER A 89 -43.50 -53.45 30.71
CA SER A 89 -43.50 -54.89 31.08
C SER A 89 -43.35 -55.73 29.82
N ARG A 90 -44.12 -55.36 28.79
CA ARG A 90 -44.22 -56.11 27.52
C ARG A 90 -43.74 -55.17 26.41
N ILE A 91 -42.90 -55.69 25.51
CA ILE A 91 -42.27 -54.94 24.39
C ILE A 91 -42.68 -55.60 23.05
N HIS A 92 -42.63 -54.83 21.96
CA HIS A 92 -43.11 -55.23 20.60
C HIS A 92 -42.02 -55.99 19.86
N PHE A 93 -40.74 -55.62 20.04
CA PHE A 93 -39.61 -56.19 19.28
C PHE A 93 -38.90 -57.23 20.14
N ASN A 94 -38.56 -58.36 19.51
CA ASN A 94 -37.75 -59.45 20.10
C ASN A 94 -36.30 -58.95 20.22
N PRO A 95 -35.80 -58.66 21.44
CA PRO A 95 -34.52 -57.97 21.59
C PRO A 95 -33.36 -58.59 20.81
N THR A 96 -33.13 -59.90 20.93
CA THR A 96 -31.92 -60.56 20.34
C THR A 96 -32.02 -60.61 18.81
N GLU A 97 -33.16 -60.28 18.20
CA GLU A 97 -33.34 -60.19 16.72
C GLU A 97 -33.51 -58.74 16.25
N THR A 98 -33.43 -57.76 17.15
CA THR A 98 -33.68 -56.33 16.85
C THR A 98 -32.39 -55.61 16.45
N THR A 99 -32.46 -54.84 15.36
CA THR A 99 -31.40 -53.92 14.89
C THR A 99 -31.88 -52.49 15.05
N ILE A 100 -31.11 -51.63 15.72
CA ILE A 100 -31.41 -50.19 15.91
C ILE A 100 -30.58 -49.39 14.89
N GLY A 101 -31.22 -48.48 14.18
CA GLY A 101 -30.55 -47.48 13.32
C GLY A 101 -30.60 -46.12 13.99
N ILE A 102 -29.57 -45.30 13.81
CA ILE A 102 -29.50 -43.90 14.30
C ILE A 102 -29.12 -43.01 13.11
N VAL A 103 -29.77 -41.85 12.99
CA VAL A 103 -29.39 -40.84 11.97
C VAL A 103 -29.51 -39.46 12.62
N THR A 104 -28.51 -38.61 12.40
CA THR A 104 -28.44 -37.22 12.89
C THR A 104 -28.51 -36.27 11.69
N CYS A 105 -29.51 -35.38 11.68
CA CYS A 105 -29.80 -34.47 10.55
C CYS A 105 -29.75 -33.02 11.02
N GLY A 106 -29.46 -32.10 10.10
CA GLY A 106 -29.48 -30.65 10.35
C GLY A 106 -28.26 -30.20 11.11
N GLY A 107 -28.24 -28.92 11.48
CA GLY A 107 -27.13 -28.29 12.20
C GLY A 107 -26.86 -29.05 13.49
N ILE A 108 -25.60 -29.14 13.89
CA ILE A 108 -25.20 -29.82 15.14
C ILE A 108 -25.74 -29.00 16.32
N CYS A 109 -25.66 -29.59 17.50
CA CYS A 109 -26.34 -29.15 18.73
C CYS A 109 -25.64 -29.81 19.90
N PRO A 110 -25.36 -29.11 21.03
CA PRO A 110 -24.61 -29.72 22.11
C PRO A 110 -25.33 -30.96 22.64
N GLY A 111 -24.62 -32.09 22.76
CA GLY A 111 -25.18 -33.35 23.29
C GLY A 111 -25.53 -34.36 22.20
N LEU A 112 -25.32 -34.06 20.91
CA LEU A 112 -25.59 -35.04 19.82
C LEU A 112 -24.87 -36.36 20.13
N ASN A 113 -23.56 -36.32 20.41
CA ASN A 113 -22.77 -37.53 20.70
C ASN A 113 -23.31 -38.21 21.96
N ASP A 114 -23.75 -37.47 22.96
CA ASP A 114 -24.35 -38.05 24.19
C ASP A 114 -25.59 -38.88 23.80
N VAL A 115 -26.40 -38.39 22.87
CA VAL A 115 -27.65 -39.07 22.43
C VAL A 115 -27.27 -40.35 21.67
N ILE A 116 -26.32 -40.26 20.74
CA ILE A 116 -25.83 -41.44 19.98
C ILE A 116 -25.33 -42.48 20.98
N ARG A 117 -24.55 -42.03 21.96
CA ARG A 117 -23.92 -42.91 22.96
C ARG A 117 -24.98 -43.62 23.79
N SER A 118 -26.00 -42.90 24.26
CA SER A 118 -27.02 -43.45 25.20
C SER A 118 -27.99 -44.36 24.46
N ILE A 119 -28.36 -44.06 23.21
CA ILE A 119 -29.17 -44.99 22.39
C ILE A 119 -28.40 -46.30 22.28
N THR A 120 -27.14 -46.22 21.88
CA THR A 120 -26.26 -47.39 21.65
C THR A 120 -26.15 -48.23 22.93
N LEU A 121 -25.80 -47.60 24.06
CA LEU A 121 -25.55 -48.32 25.34
C LEU A 121 -26.87 -48.87 25.91
N THR A 122 -27.99 -48.15 25.76
CA THR A 122 -29.30 -48.64 26.25
C THR A 122 -29.67 -49.87 25.42
N GLY A 123 -29.56 -49.76 24.09
CA GLY A 123 -29.83 -50.89 23.18
C GLY A 123 -29.06 -52.13 23.58
N ILE A 124 -27.77 -51.96 23.91
CA ILE A 124 -26.84 -53.10 24.13
C ILE A 124 -26.90 -53.55 25.60
N ASN A 125 -26.68 -52.64 26.58
CA ASN A 125 -26.56 -53.01 28.01
C ASN A 125 -27.91 -53.45 28.59
N VAL A 126 -29.02 -52.90 28.11
CA VAL A 126 -30.35 -53.13 28.74
C VAL A 126 -31.10 -54.21 27.98
N TYR A 127 -31.22 -54.07 26.65
CA TYR A 127 -32.09 -54.93 25.80
C TYR A 127 -31.28 -56.03 25.11
N ASN A 128 -29.94 -55.90 25.07
CA ASN A 128 -29.04 -56.89 24.42
C ASN A 128 -29.42 -57.05 22.95
N VAL A 129 -29.73 -55.94 22.26
CA VAL A 129 -30.15 -55.95 20.83
C VAL A 129 -29.02 -56.57 20.00
N LYS A 130 -29.37 -57.12 18.84
CA LYS A 130 -28.41 -57.82 17.96
C LYS A 130 -27.33 -56.84 17.50
N ARG A 131 -27.72 -55.63 17.11
CA ARG A 131 -26.89 -54.73 16.29
C ARG A 131 -27.38 -53.29 16.38
N VAL A 132 -26.47 -52.32 16.34
CA VAL A 132 -26.79 -50.86 16.27
C VAL A 132 -26.02 -50.27 15.09
N ILE A 133 -26.73 -49.63 14.15
CA ILE A 133 -26.15 -49.06 12.90
C ILE A 133 -26.25 -47.54 12.99
N GLY A 134 -25.16 -46.84 12.68
CA GLY A 134 -25.12 -45.37 12.54
C GLY A 134 -25.08 -44.98 11.06
N PHE A 135 -26.19 -44.49 10.53
CA PHE A 135 -26.25 -43.91 9.16
C PHE A 135 -25.53 -42.57 9.17
N ARG A 136 -24.74 -42.30 8.16
CA ARG A 136 -23.82 -41.14 8.14
C ARG A 136 -24.44 -39.99 7.35
N PHE A 137 -24.19 -38.76 7.80
CA PHE A 137 -24.47 -37.49 7.08
C PHE A 137 -25.96 -37.37 6.77
N GLY A 138 -26.77 -37.60 7.80
CA GLY A 138 -28.24 -37.38 7.74
C GLY A 138 -28.91 -38.43 6.87
N TYR A 139 -30.08 -38.09 6.36
CA TYR A 139 -30.92 -38.99 5.55
C TYR A 139 -30.12 -39.50 4.35
N TRP A 140 -29.14 -38.73 3.84
CA TRP A 140 -28.22 -39.19 2.77
C TRP A 140 -27.66 -40.58 3.10
N GLY A 141 -27.38 -40.87 4.36
CA GLY A 141 -26.81 -42.14 4.83
C GLY A 141 -27.75 -43.32 4.62
N LEU A 142 -29.04 -43.07 4.35
CA LEU A 142 -30.04 -44.14 4.12
C LEU A 142 -30.35 -44.27 2.62
N SER A 143 -29.88 -43.35 1.79
CA SER A 143 -29.90 -43.48 0.30
C SER A 143 -29.07 -44.71 -0.08
N LYS A 144 -29.22 -45.23 -1.30
CA LYS A 144 -28.57 -46.49 -1.72
C LYS A 144 -27.05 -46.26 -1.76
N LYS A 145 -26.59 -45.15 -2.34
CA LYS A 145 -25.14 -44.83 -2.43
C LYS A 145 -24.59 -44.57 -1.02
N GLY A 146 -25.34 -43.83 -0.19
CA GLY A 146 -24.91 -43.41 1.15
C GLY A 146 -24.83 -44.55 2.16
N SER A 147 -25.60 -45.63 1.97
CA SER A 147 -25.72 -46.74 2.95
C SER A 147 -24.42 -47.56 3.02
N GLN A 148 -23.55 -47.46 2.01
CA GLN A 148 -22.20 -48.09 2.01
C GLN A 148 -21.38 -47.54 3.18
N THR A 149 -21.62 -46.28 3.60
CA THR A 149 -20.81 -45.56 4.61
C THR A 149 -21.30 -45.84 6.03
N ALA A 150 -22.46 -46.50 6.18
CA ALA A 150 -23.07 -46.81 7.49
C ALA A 150 -22.04 -47.47 8.40
N ILE A 151 -22.03 -47.16 9.68
CA ILE A 151 -21.00 -47.70 10.62
C ILE A 151 -21.68 -48.55 11.68
N GLU A 152 -21.00 -49.59 12.15
CA GLU A 152 -21.45 -50.46 13.25
C GLU A 152 -21.07 -49.82 14.59
N LEU A 153 -22.07 -49.45 15.36
CA LEU A 153 -21.92 -48.90 16.72
C LEU A 153 -21.93 -50.07 17.72
N HIS A 154 -20.76 -50.52 18.11
CA HIS A 154 -20.59 -51.41 19.29
C HIS A 154 -20.25 -50.53 20.51
N ARG A 155 -20.27 -51.14 21.69
CA ARG A 155 -20.12 -50.48 23.01
C ARG A 155 -18.81 -49.68 23.08
N GLY A 156 -17.72 -50.26 22.58
CA GLY A 156 -16.37 -49.67 22.65
C GLY A 156 -16.21 -48.47 21.74
N ARG A 157 -17.04 -48.36 20.69
CA ARG A 157 -16.97 -47.27 19.68
C ARG A 157 -17.50 -45.95 20.28
N VAL A 158 -18.36 -46.00 21.31
CA VAL A 158 -19.08 -44.79 21.81
C VAL A 158 -18.57 -44.38 23.19
N THR A 159 -17.63 -45.10 23.78
CA THR A 159 -17.22 -44.93 25.21
C THR A 159 -16.92 -43.45 25.51
N ASN A 160 -16.22 -42.74 24.63
CA ASN A 160 -15.59 -41.43 24.91
C ASN A 160 -16.17 -40.32 24.01
N ILE A 161 -17.21 -40.59 23.22
CA ILE A 161 -17.64 -39.62 22.17
C ILE A 161 -18.31 -38.41 22.82
N HIS A 162 -18.75 -38.53 24.07
CA HIS A 162 -19.48 -37.46 24.79
C HIS A 162 -18.54 -36.33 25.22
N HIS A 163 -17.22 -36.51 25.09
CA HIS A 163 -16.21 -35.47 25.47
C HIS A 163 -16.08 -34.38 24.40
N TYR A 164 -16.58 -34.56 23.18
CA TYR A 164 -16.34 -33.55 22.11
C TYR A 164 -17.62 -33.28 21.30
N GLY A 165 -17.63 -32.11 20.65
CA GLY A 165 -18.79 -31.56 19.93
C GLY A 165 -18.99 -32.22 18.59
N GLY A 166 -20.12 -31.91 17.95
CA GLY A 166 -20.49 -32.44 16.62
C GLY A 166 -21.16 -33.79 16.75
N THR A 167 -21.23 -34.54 15.66
CA THR A 167 -21.82 -35.90 15.55
C THR A 167 -20.81 -36.82 14.90
N ILE A 168 -20.48 -37.95 15.54
CA ILE A 168 -19.54 -38.94 14.96
C ILE A 168 -20.15 -39.52 13.67
N LEU A 169 -21.46 -39.42 13.47
CA LEU A 169 -22.14 -39.93 12.25
C LEU A 169 -22.08 -38.89 11.12
N GLY A 170 -22.07 -37.60 11.46
CA GLY A 170 -22.21 -36.50 10.50
C GLY A 170 -23.66 -36.16 10.23
N SER A 171 -23.91 -35.02 9.59
CA SER A 171 -25.26 -34.47 9.29
C SER A 171 -25.32 -34.02 7.83
N SER A 172 -26.54 -33.86 7.34
CA SER A 172 -26.89 -33.03 6.16
C SER A 172 -28.32 -32.53 6.34
N ARG A 173 -28.66 -31.43 5.67
CA ARG A 173 -29.98 -30.74 5.76
C ARG A 173 -30.95 -31.39 4.77
N GLY A 174 -30.47 -32.01 3.70
CA GLY A 174 -31.30 -32.52 2.59
C GLY A 174 -32.30 -33.61 3.03
N PRO A 175 -33.51 -33.65 2.42
CA PRO A 175 -34.35 -34.87 2.43
C PRO A 175 -33.86 -35.85 1.35
N GLN A 176 -34.38 -37.09 1.37
CA GLN A 176 -34.06 -38.14 0.37
C GLN A 176 -35.35 -38.85 -0.04
N ASP A 177 -35.27 -39.74 -1.04
CA ASP A 177 -36.45 -40.52 -1.52
C ASP A 177 -36.88 -41.49 -0.42
N PRO A 178 -38.11 -41.37 0.14
CA PRO A 178 -38.58 -42.27 1.19
C PRO A 178 -38.54 -43.74 0.77
N LYS A 179 -38.82 -44.00 -0.51
CA LYS A 179 -38.84 -45.37 -1.08
C LYS A 179 -37.43 -45.94 -0.94
N GLU A 180 -36.42 -45.18 -1.38
CA GLU A 180 -34.99 -45.61 -1.35
C GLU A 180 -34.57 -45.86 0.10
N MET A 181 -35.04 -45.03 1.03
CA MET A 181 -34.62 -45.08 2.45
C MET A 181 -35.22 -46.32 3.12
N VAL A 182 -36.50 -46.62 2.90
CA VAL A 182 -37.13 -47.83 3.48
C VAL A 182 -36.52 -49.08 2.82
N ASP A 183 -36.09 -49.00 1.56
CA ASP A 183 -35.33 -50.09 0.89
C ASP A 183 -34.11 -50.43 1.75
N THR A 184 -33.35 -49.42 2.15
CA THR A 184 -32.11 -49.56 2.97
C THR A 184 -32.44 -50.20 4.32
N LEU A 185 -33.49 -49.72 5.00
CA LEU A 185 -33.89 -50.23 6.34
C LEU A 185 -34.21 -51.73 6.22
N GLU A 186 -34.96 -52.12 5.17
CA GLU A 186 -35.30 -53.54 4.88
C GLU A 186 -34.02 -54.34 4.66
N ARG A 187 -33.17 -53.91 3.72
CA ARG A 187 -31.94 -54.63 3.31
C ARG A 187 -31.05 -54.90 4.53
N LEU A 188 -30.92 -53.94 5.46
CA LEU A 188 -29.98 -54.03 6.60
C LEU A 188 -30.70 -54.60 7.84
N GLY A 189 -32.00 -54.84 7.76
CA GLY A 189 -32.79 -55.50 8.83
C GLY A 189 -33.04 -54.59 10.02
N VAL A 190 -33.08 -53.27 9.78
CA VAL A 190 -33.31 -52.25 10.84
C VAL A 190 -34.78 -52.31 11.24
N ASN A 191 -35.06 -52.46 12.53
CA ASN A 191 -36.43 -52.56 13.09
C ASN A 191 -36.81 -51.24 13.76
N ILE A 192 -35.84 -50.46 14.27
CA ILE A 192 -36.09 -49.14 14.89
C ILE A 192 -35.12 -48.13 14.27
N LEU A 193 -35.63 -47.03 13.72
CA LEU A 193 -34.80 -45.88 13.27
C LEU A 193 -35.04 -44.70 14.21
N PHE A 194 -33.99 -44.25 14.92
CA PHE A 194 -34.02 -43.02 15.75
C PHE A 194 -33.60 -41.85 14.86
N THR A 195 -34.51 -40.90 14.64
CA THR A 195 -34.29 -39.68 13.83
C THR A 195 -34.02 -38.53 14.81
N VAL A 196 -32.75 -38.13 14.91
CA VAL A 196 -32.31 -36.94 15.69
C VAL A 196 -32.27 -35.74 14.72
N GLY A 197 -33.21 -34.81 14.86
CA GLY A 197 -33.32 -33.65 13.95
C GLY A 197 -34.49 -32.73 14.29
N GLY A 198 -34.65 -31.66 13.49
CA GLY A 198 -35.71 -30.65 13.67
C GLY A 198 -37.00 -31.05 12.98
N ASP A 199 -37.97 -30.14 12.87
CA ASP A 199 -39.33 -30.43 12.34
C ASP A 199 -39.21 -31.06 10.95
N GLY A 200 -38.42 -30.47 10.05
CA GLY A 200 -38.13 -31.05 8.72
C GLY A 200 -37.82 -32.53 8.82
N THR A 201 -36.82 -32.90 9.63
CA THR A 201 -36.39 -34.31 9.81
C THR A 201 -37.56 -35.16 10.32
N GLN A 202 -38.32 -34.70 11.32
CA GLN A 202 -39.38 -35.51 11.95
C GLN A 202 -40.57 -35.66 10.98
N ARG A 203 -40.88 -34.64 10.17
CA ARG A 203 -41.90 -34.74 9.09
C ARG A 203 -41.49 -35.87 8.14
N GLY A 204 -40.21 -35.89 7.75
CA GLY A 204 -39.66 -36.92 6.85
C GLY A 204 -39.66 -38.30 7.50
N ALA A 205 -39.46 -38.34 8.82
CA ALA A 205 -39.44 -39.56 9.65
C ALA A 205 -40.82 -40.21 9.61
N LEU A 206 -41.88 -39.39 9.76
CA LEU A 206 -43.30 -39.84 9.73
C LEU A 206 -43.60 -40.47 8.37
N VAL A 207 -43.05 -39.90 7.28
CA VAL A 207 -43.22 -40.41 5.89
C VAL A 207 -42.52 -41.77 5.77
N ILE A 208 -41.35 -41.97 6.38
CA ILE A 208 -40.66 -43.29 6.42
C ILE A 208 -41.57 -44.30 7.14
N SER A 209 -42.10 -43.92 8.31
CA SER A 209 -42.98 -44.76 9.17
C SER A 209 -44.15 -45.27 8.33
N GLN A 210 -44.75 -44.38 7.53
CA GLN A 210 -46.00 -44.62 6.75
C GLN A 210 -45.68 -45.47 5.52
N GLU A 211 -44.54 -45.24 4.87
CA GLU A 211 -44.07 -46.06 3.72
C GLU A 211 -43.81 -47.50 4.19
N ALA A 212 -43.21 -47.67 5.36
CA ALA A 212 -42.91 -48.97 6.00
C ALA A 212 -44.22 -49.72 6.27
N LYS A 213 -45.22 -49.04 6.82
CA LYS A 213 -46.56 -49.62 7.15
C LYS A 213 -47.25 -50.07 5.85
N ARG A 214 -47.21 -49.23 4.82
CA ARG A 214 -47.76 -49.51 3.47
C ARG A 214 -47.21 -50.85 2.95
N ARG A 215 -45.93 -51.13 3.12
CA ARG A 215 -45.27 -52.38 2.64
C ARG A 215 -45.41 -53.53 3.66
N GLY A 216 -46.09 -53.31 4.78
CA GLY A 216 -46.29 -54.29 5.87
C GLY A 216 -44.97 -54.73 6.48
N VAL A 217 -44.01 -53.81 6.60
CA VAL A 217 -42.70 -54.04 7.26
C VAL A 217 -42.75 -53.49 8.70
N ASP A 218 -42.21 -54.28 9.63
CA ASP A 218 -42.21 -54.05 11.09
C ASP A 218 -41.05 -53.11 11.46
N ILE A 219 -41.30 -51.80 11.41
CA ILE A 219 -40.28 -50.72 11.66
C ILE A 219 -40.94 -49.63 12.50
N SER A 220 -40.37 -49.34 13.67
CA SER A 220 -40.64 -48.11 14.46
C SER A 220 -39.74 -47.00 13.92
N VAL A 221 -40.30 -45.81 13.70
CA VAL A 221 -39.48 -44.59 13.50
C VAL A 221 -39.77 -43.66 14.67
N PHE A 222 -38.75 -43.29 15.43
CA PHE A 222 -38.86 -42.58 16.73
C PHE A 222 -37.93 -41.37 16.73
N GLY A 223 -38.49 -40.18 16.99
CA GLY A 223 -37.76 -38.91 16.89
C GLY A 223 -37.18 -38.48 18.22
N VAL A 224 -35.92 -38.05 18.23
CA VAL A 224 -35.33 -37.26 19.35
C VAL A 224 -35.20 -35.83 18.83
N PRO A 225 -36.03 -34.90 19.34
CA PRO A 225 -36.06 -33.54 18.84
C PRO A 225 -34.72 -32.82 19.04
N LYS A 226 -34.17 -32.30 17.94
CA LYS A 226 -32.95 -31.48 17.91
C LYS A 226 -33.34 -30.07 17.46
N THR A 227 -33.43 -29.15 18.40
CA THR A 227 -33.57 -27.69 18.14
C THR A 227 -32.99 -26.92 19.32
N ILE A 228 -31.86 -26.28 19.09
CA ILE A 228 -31.13 -25.52 20.14
C ILE A 228 -31.98 -24.31 20.56
N ASP A 229 -32.93 -23.91 19.72
CA ASP A 229 -33.77 -22.69 19.89
C ASP A 229 -34.84 -22.92 20.95
N ASN A 230 -35.12 -24.18 21.32
CA ASN A 230 -36.12 -24.54 22.36
C ASN A 230 -37.53 -24.13 21.90
N ASP A 231 -37.81 -24.28 20.61
CA ASP A 231 -39.05 -23.78 19.95
C ASP A 231 -39.95 -24.96 19.57
N LEU A 232 -39.88 -26.06 20.33
CA LEU A 232 -40.75 -27.25 20.21
C LEU A 232 -42.02 -27.04 21.03
N SER A 233 -43.20 -27.20 20.41
CA SER A 233 -44.50 -27.22 21.12
C SER A 233 -44.60 -28.49 21.95
N PHE A 234 -45.42 -28.48 22.99
CA PHE A 234 -45.67 -29.61 23.92
C PHE A 234 -44.36 -29.91 24.66
N SER A 235 -43.55 -28.88 24.89
CA SER A 235 -42.16 -28.97 25.38
C SER A 235 -41.77 -27.69 26.11
N HIS A 236 -41.02 -27.81 27.21
CA HIS A 236 -40.45 -26.68 27.97
C HIS A 236 -38.93 -26.58 27.76
N ARG A 237 -38.29 -27.65 27.32
CA ARG A 237 -36.81 -27.75 27.21
C ARG A 237 -36.41 -28.82 26.19
N THR A 238 -35.60 -28.44 25.20
CA THR A 238 -34.97 -29.39 24.24
C THR A 238 -33.48 -29.50 24.59
N PHE A 239 -32.83 -30.59 24.21
CA PHE A 239 -31.43 -30.85 24.60
C PHE A 239 -30.54 -29.83 23.88
N GLY A 240 -29.54 -29.32 24.61
CA GLY A 240 -28.50 -28.42 24.08
C GLY A 240 -28.82 -26.96 24.32
N PHE A 241 -30.09 -26.63 24.56
CA PHE A 241 -30.56 -25.23 24.75
C PHE A 241 -29.82 -24.63 25.95
N GLN A 242 -29.82 -25.30 27.11
CA GLN A 242 -29.15 -24.79 28.33
C GLN A 242 -27.66 -24.58 28.04
N THR A 243 -27.05 -25.43 27.23
CA THR A 243 -25.61 -25.31 26.89
C THR A 243 -25.41 -24.06 26.02
N ALA A 244 -26.31 -23.80 25.08
CA ALA A 244 -26.24 -22.62 24.19
C ALA A 244 -26.33 -21.35 25.05
N VAL A 245 -27.13 -21.38 26.12
CA VAL A 245 -27.28 -20.21 27.04
C VAL A 245 -25.96 -20.00 27.78
N GLU A 246 -25.35 -21.08 28.29
CA GLU A 246 -24.06 -21.07 29.01
C GLU A 246 -23.04 -20.33 28.14
N LYS A 247 -22.94 -20.69 26.87
CA LYS A 247 -22.00 -20.10 25.89
C LYS A 247 -22.42 -18.67 25.52
N ALA A 248 -23.71 -18.39 25.37
CA ALA A 248 -24.21 -17.02 25.11
C ALA A 248 -23.74 -16.10 26.25
N VAL A 249 -23.83 -16.55 27.49
CA VAL A 249 -23.42 -15.75 28.69
C VAL A 249 -21.93 -15.40 28.57
N GLN A 250 -21.12 -16.32 28.06
CA GLN A 250 -19.67 -16.09 27.88
C GLN A 250 -19.47 -14.89 26.93
N ALA A 251 -20.24 -14.83 25.84
CA ALA A 251 -20.21 -13.75 24.84
C ALA A 251 -20.71 -12.44 25.46
N ILE A 252 -21.71 -12.49 26.33
CA ILE A 252 -22.27 -11.27 26.98
C ILE A 252 -21.27 -10.71 27.98
N ARG A 253 -20.59 -11.56 28.75
CA ARG A 253 -19.53 -11.15 29.72
C ARG A 253 -18.45 -10.35 28.98
N ALA A 254 -18.03 -10.81 27.80
CA ALA A 254 -17.04 -10.14 26.93
C ALA A 254 -17.61 -8.79 26.48
N ALA A 255 -18.84 -8.78 25.96
CA ALA A 255 -19.50 -7.53 25.50
C ALA A 255 -19.51 -6.52 26.64
N TYR A 256 -19.87 -6.96 27.84
CA TYR A 256 -19.98 -6.09 29.05
C TYR A 256 -18.59 -5.55 29.40
N ALA A 257 -17.56 -6.39 29.33
CA ALA A 257 -16.18 -5.98 29.67
C ALA A 257 -15.72 -4.89 28.69
N GLU A 258 -16.00 -5.07 27.40
CA GLU A 258 -15.70 -4.05 26.36
C GLU A 258 -16.43 -2.75 26.69
N ALA A 259 -17.74 -2.85 26.91
CA ALA A 259 -18.64 -1.68 27.08
C ALA A 259 -18.26 -0.91 28.34
N VAL A 260 -18.06 -1.58 29.47
CA VAL A 260 -17.86 -0.90 30.77
C VAL A 260 -16.47 -0.25 30.80
N SER A 261 -15.57 -0.71 29.93
CA SER A 261 -14.17 -0.22 29.82
C SER A 261 -14.09 1.04 28.96
N ALA A 262 -15.20 1.49 28.39
CA ALA A 262 -15.28 2.70 27.54
C ALA A 262 -16.20 3.73 28.19
N ASN A 263 -15.95 5.02 27.98
CA ASN A 263 -16.92 6.08 28.32
C ASN A 263 -17.97 6.07 27.22
N TYR A 264 -19.24 5.85 27.54
CA TYR A 264 -20.33 5.63 26.56
C TYR A 264 -19.97 4.46 25.65
N GLY A 265 -19.70 3.30 26.26
CA GLY A 265 -19.45 2.03 25.56
C GLY A 265 -20.71 1.23 25.36
N VAL A 266 -20.86 0.63 24.18
CA VAL A 266 -22.02 -0.24 23.85
C VAL A 266 -21.49 -1.59 23.40
N GLY A 267 -21.95 -2.67 24.03
CA GLY A 267 -21.65 -4.05 23.61
C GLY A 267 -22.86 -4.66 22.95
N VAL A 268 -22.75 -5.13 21.71
CA VAL A 268 -23.86 -5.78 20.97
C VAL A 268 -23.52 -7.26 20.79
N VAL A 269 -24.38 -8.15 21.30
CA VAL A 269 -24.24 -9.62 21.10
C VAL A 269 -25.43 -10.11 20.26
N LYS A 270 -25.14 -10.69 19.10
CA LYS A 270 -26.13 -11.44 18.29
C LYS A 270 -26.08 -12.91 18.71
N LEU A 271 -27.24 -13.51 18.98
CA LEU A 271 -27.34 -14.94 19.35
C LEU A 271 -28.31 -15.62 18.39
N MET A 272 -28.21 -16.93 18.25
CA MET A 272 -29.20 -17.73 17.49
C MET A 272 -30.62 -17.50 18.03
N GLY A 273 -31.60 -17.71 17.16
CA GLY A 273 -33.03 -17.43 17.43
C GLY A 273 -33.70 -16.93 16.17
N ARG A 274 -33.92 -17.82 15.19
CA ARG A 274 -34.43 -17.45 13.85
C ARG A 274 -35.88 -16.99 13.96
N ASP A 275 -36.70 -17.69 14.74
CA ASP A 275 -38.15 -17.41 14.87
C ASP A 275 -38.56 -17.27 16.34
N SER A 276 -37.65 -17.47 17.28
CA SER A 276 -37.95 -17.46 18.73
C SER A 276 -36.79 -16.80 19.48
N GLY A 277 -37.04 -16.26 20.69
CA GLY A 277 -36.04 -15.50 21.46
C GLY A 277 -35.68 -16.16 22.77
N PHE A 278 -35.85 -17.48 22.88
CA PHE A 278 -35.60 -18.23 24.14
C PHE A 278 -34.12 -18.11 24.56
N ILE A 279 -33.18 -18.26 23.62
CA ILE A 279 -31.72 -18.17 23.94
C ILE A 279 -31.41 -16.72 24.36
N ALA A 280 -31.79 -15.74 23.55
CA ALA A 280 -31.59 -14.30 23.84
C ALA A 280 -32.14 -13.96 25.22
N ALA A 281 -33.36 -14.40 25.55
CA ALA A 281 -34.06 -14.05 26.81
C ALA A 281 -33.34 -14.71 27.99
N GLN A 282 -33.08 -16.02 27.94
CA GLN A 282 -32.43 -16.73 29.07
C GLN A 282 -31.01 -16.21 29.27
N ALA A 283 -30.26 -16.02 28.18
CA ALA A 283 -28.88 -15.50 28.24
C ALA A 283 -28.91 -14.10 28.87
N ALA A 284 -29.85 -13.27 28.47
CA ALA A 284 -30.01 -11.90 29.03
C ALA A 284 -30.10 -12.01 30.56
N VAL A 285 -31.02 -12.82 31.09
CA VAL A 285 -31.24 -12.89 32.55
C VAL A 285 -30.04 -13.58 33.22
N ALA A 286 -29.61 -14.72 32.67
CA ALA A 286 -28.49 -15.53 33.21
C ALA A 286 -27.21 -14.68 33.29
N SER A 287 -26.97 -13.80 32.32
CA SER A 287 -25.76 -12.93 32.29
C SER A 287 -25.81 -11.93 33.45
N ALA A 288 -27.02 -11.48 33.78
CA ALA A 288 -27.28 -10.41 34.76
C ALA A 288 -26.58 -9.10 34.36
N GLN A 289 -26.25 -8.91 33.08
CA GLN A 289 -25.49 -7.73 32.58
C GLN A 289 -26.23 -7.07 31.41
N ALA A 290 -27.37 -7.58 30.98
CA ALA A 290 -28.11 -7.10 29.78
C ALA A 290 -28.91 -5.84 30.10
N ASN A 291 -28.95 -4.87 29.19
CA ASN A 291 -29.75 -3.62 29.33
C ASN A 291 -30.90 -3.58 28.31
N ILE A 292 -30.71 -4.15 27.13
CA ILE A 292 -31.73 -4.24 26.05
C ILE A 292 -31.68 -5.68 25.48
N CYS A 293 -32.84 -6.29 25.30
CA CYS A 293 -33.00 -7.67 24.78
C CYS A 293 -34.04 -7.65 23.65
N LEU A 294 -33.59 -7.90 22.41
CA LEU A 294 -34.38 -7.78 21.17
C LEU A 294 -34.66 -9.17 20.60
N VAL A 295 -35.95 -9.51 20.50
CA VAL A 295 -36.41 -10.89 20.12
C VAL A 295 -37.48 -10.74 19.03
N PRO A 296 -37.59 -11.69 18.09
CA PRO A 296 -38.54 -11.55 16.98
C PRO A 296 -40.00 -11.43 17.44
N GLU A 297 -40.34 -12.02 18.58
CA GLU A 297 -41.71 -12.01 19.17
C GLU A 297 -42.15 -10.59 19.56
N ASN A 298 -41.21 -9.65 19.71
CA ASN A 298 -41.47 -8.26 20.20
C ASN A 298 -40.82 -7.28 19.23
N PRO A 299 -41.34 -7.14 17.98
CA PRO A 299 -40.71 -6.29 16.98
C PRO A 299 -40.89 -4.83 17.43
N ILE A 300 -39.80 -4.08 17.52
CA ILE A 300 -39.82 -2.64 17.89
C ILE A 300 -38.92 -1.93 16.89
N SER A 301 -39.14 -0.63 16.71
CA SER A 301 -38.47 0.16 15.66
C SER A 301 -37.05 0.53 16.09
N GLU A 302 -36.20 0.74 15.10
CA GLU A 302 -34.89 1.43 15.22
C GLU A 302 -34.99 2.58 16.22
N GLN A 303 -36.02 3.43 16.11
CA GLN A 303 -36.18 4.65 16.95
C GLN A 303 -36.43 4.22 18.40
N GLU A 304 -37.23 3.18 18.62
CA GLU A 304 -37.56 2.68 20.00
C GLU A 304 -36.28 2.14 20.67
N VAL A 305 -35.44 1.44 19.90
CA VAL A 305 -34.15 0.86 20.40
C VAL A 305 -33.26 2.02 20.83
N MET A 306 -33.03 2.98 19.94
CA MET A 306 -32.17 4.15 20.23
C MET A 306 -32.72 4.93 21.44
N SER A 307 -34.03 4.92 21.68
CA SER A 307 -34.67 5.56 22.87
C SER A 307 -34.18 4.88 24.15
N LEU A 308 -34.16 3.54 24.13
CA LEU A 308 -33.72 2.71 25.27
C LEU A 308 -32.23 2.94 25.52
N LEU A 309 -31.43 3.08 24.46
CA LEU A 309 -29.97 3.35 24.57
C LEU A 309 -29.77 4.70 25.26
N GLU A 310 -30.47 5.73 24.81
CA GLU A 310 -30.26 7.12 25.29
C GLU A 310 -30.72 7.19 26.75
N ARG A 311 -31.75 6.42 27.10
CA ARG A 311 -32.26 6.32 28.48
C ARG A 311 -31.21 5.67 29.40
N ARG A 312 -30.61 4.58 28.94
CA ARG A 312 -29.52 3.90 29.69
C ARG A 312 -28.38 4.89 29.93
N PHE A 313 -28.05 5.70 28.92
CA PHE A 313 -26.89 6.63 28.96
C PHE A 313 -27.19 7.89 29.78
N CYS A 314 -28.42 8.07 30.26
CA CYS A 314 -28.77 9.22 31.13
C CYS A 314 -27.88 9.20 32.36
N HIS A 315 -27.79 8.06 33.07
CA HIS A 315 -27.09 7.93 34.37
C HIS A 315 -26.21 6.67 34.42
N SER A 316 -25.86 6.12 33.26
CA SER A 316 -24.94 4.97 33.13
C SER A 316 -24.00 5.22 31.94
N ARG A 317 -22.79 4.69 31.97
CA ARG A 317 -21.77 4.97 30.93
C ARG A 317 -21.56 3.77 30.02
N SER A 318 -22.32 2.70 30.19
CA SER A 318 -22.22 1.48 29.37
C SER A 318 -23.61 0.88 29.13
N CYS A 319 -23.79 0.19 28.01
CA CYS A 319 -25.05 -0.47 27.60
C CYS A 319 -24.71 -1.79 26.90
N VAL A 320 -25.39 -2.88 27.27
CA VAL A 320 -25.28 -4.19 26.62
C VAL A 320 -26.59 -4.51 25.92
N ILE A 321 -26.55 -4.77 24.61
CA ILE A 321 -27.72 -5.10 23.75
C ILE A 321 -27.58 -6.54 23.28
N ILE A 322 -28.53 -7.41 23.65
CA ILE A 322 -28.66 -8.80 23.12
C ILE A 322 -29.68 -8.76 21.98
N VAL A 323 -29.36 -9.33 20.81
CA VAL A 323 -30.30 -9.37 19.66
C VAL A 323 -30.33 -10.79 19.10
N ALA A 324 -31.50 -11.44 19.10
CA ALA A 324 -31.74 -12.72 18.41
C ALA A 324 -31.62 -12.49 16.90
N GLU A 325 -31.11 -13.46 16.13
CA GLU A 325 -30.81 -13.27 14.68
C GLU A 325 -32.11 -13.02 13.91
N GLY A 326 -33.25 -13.43 14.46
CA GLY A 326 -34.59 -13.29 13.84
C GLY A 326 -35.24 -11.94 14.05
N PHE A 327 -34.70 -11.11 14.94
CA PHE A 327 -35.25 -9.77 15.25
C PHE A 327 -35.04 -8.84 14.04
N GLY A 328 -35.96 -7.90 13.85
CA GLY A 328 -35.84 -6.76 12.93
C GLY A 328 -35.52 -7.19 11.51
N GLN A 329 -36.28 -8.15 10.95
CA GLN A 329 -36.11 -8.58 9.54
C GLN A 329 -36.73 -7.55 8.59
N ASP A 330 -37.53 -6.60 9.11
CA ASP A 330 -38.13 -5.48 8.33
C ASP A 330 -37.21 -4.26 8.28
N TRP A 331 -35.99 -4.33 8.83
CA TRP A 331 -35.04 -3.18 8.92
C TRP A 331 -34.26 -3.02 7.61
N GLY A 332 -34.39 -3.96 6.65
CA GLY A 332 -33.67 -3.92 5.36
C GLY A 332 -34.16 -2.79 4.47
N LEU A 346 -32.22 -13.68 7.57
CA LEU A 346 -31.82 -13.63 6.14
C LEU A 346 -30.94 -12.40 5.86
N ILE A 347 -31.13 -11.26 6.55
CA ILE A 347 -30.14 -10.15 6.64
C ILE A 347 -29.47 -10.23 8.02
N ASP A 348 -28.25 -9.71 8.14
CA ASP A 348 -27.48 -9.84 9.41
C ASP A 348 -27.85 -8.67 10.33
N ILE A 349 -28.81 -8.92 11.24
CA ILE A 349 -29.36 -7.88 12.15
C ILE A 349 -28.24 -7.42 13.10
N GLY A 350 -27.27 -8.27 13.39
CA GLY A 350 -26.11 -7.93 14.24
C GLY A 350 -25.31 -6.80 13.61
N VAL A 351 -24.97 -6.93 12.33
CA VAL A 351 -24.13 -5.93 11.62
C VAL A 351 -24.97 -4.64 11.48
N ILE A 352 -26.24 -4.78 11.09
CA ILE A 352 -27.15 -3.64 10.80
C ILE A 352 -27.41 -2.87 12.11
N LEU A 353 -27.74 -3.54 13.20
CA LEU A 353 -28.00 -2.88 14.51
C LEU A 353 -26.74 -2.13 14.94
N THR A 354 -25.56 -2.71 14.73
CA THR A 354 -24.26 -2.12 15.13
C THR A 354 -24.04 -0.82 14.33
N GLU A 355 -24.26 -0.86 13.01
CA GLU A 355 -24.14 0.32 12.10
C GLU A 355 -25.05 1.46 12.59
N LYS A 356 -26.30 1.12 12.92
CA LYS A 356 -27.36 2.10 13.28
C LYS A 356 -27.06 2.71 14.66
N VAL A 357 -26.57 1.91 15.61
CA VAL A 357 -26.13 2.41 16.94
C VAL A 357 -24.95 3.36 16.73
N LYS A 358 -23.99 3.01 15.88
CA LYS A 358 -22.82 3.87 15.58
C LYS A 358 -23.31 5.19 14.97
N ALA A 359 -24.20 5.11 13.97
CA ALA A 359 -24.81 6.26 13.25
C ALA A 359 -25.49 7.19 14.26
N PHE A 360 -26.28 6.62 15.17
CA PHE A 360 -27.03 7.38 16.21
C PHE A 360 -26.06 8.09 17.13
N LEU A 361 -24.98 7.43 17.57
CA LEU A 361 -24.02 8.02 18.54
C LEU A 361 -23.20 9.12 17.86
N LYS A 362 -22.86 8.94 16.57
CA LYS A 362 -22.14 9.94 15.74
C LYS A 362 -23.02 11.19 15.55
N ALA A 363 -24.32 11.02 15.31
CA ALA A 363 -25.31 12.11 15.19
C ALA A 363 -25.43 12.87 16.51
N ASN A 364 -24.95 12.30 17.62
CA ASN A 364 -25.09 12.92 18.97
C ASN A 364 -23.74 12.99 19.69
N LYS A 365 -22.62 13.20 18.97
CA LYS A 365 -21.25 13.33 19.55
C LYS A 365 -21.26 14.30 20.75
N SER A 366 -22.04 15.39 20.67
CA SER A 366 -22.12 16.45 21.69
C SER A 366 -22.46 15.86 23.07
N ARG A 367 -23.45 14.95 23.13
CA ARG A 367 -23.93 14.32 24.40
C ARG A 367 -23.07 13.10 24.76
N TYR A 368 -22.63 12.34 23.76
CA TYR A 368 -21.90 11.05 23.92
C TYR A 368 -20.54 11.13 23.22
N PRO A 369 -19.60 11.98 23.70
CA PRO A 369 -18.28 12.10 23.07
C PRO A 369 -17.41 10.83 23.21
N ASP A 370 -16.66 10.50 22.16
CA ASP A 370 -15.69 9.38 22.13
C ASP A 370 -16.40 8.07 22.54
N SER A 371 -17.63 7.88 22.08
CA SER A 371 -18.41 6.64 22.29
C SER A 371 -17.75 5.51 21.50
N THR A 372 -17.96 4.25 21.92
CA THR A 372 -17.43 3.04 21.23
C THR A 372 -18.54 2.00 21.17
N VAL A 373 -18.63 1.28 20.05
CA VAL A 373 -19.59 0.15 19.89
C VAL A 373 -18.80 -1.08 19.49
N LYS A 374 -18.89 -2.14 20.29
CA LYS A 374 -18.21 -3.43 20.05
C LYS A 374 -19.27 -4.50 19.77
N TYR A 375 -19.16 -5.20 18.65
CA TYR A 375 -20.09 -6.24 18.19
C TYR A 375 -19.44 -7.61 18.35
N ILE A 376 -20.15 -8.55 19.01
CA ILE A 376 -19.72 -9.97 19.16
C ILE A 376 -20.80 -10.87 18.55
N ASP A 377 -20.38 -11.75 17.64
CA ASP A 377 -21.21 -12.82 17.03
C ASP A 377 -20.55 -14.15 17.35
N PRO A 378 -20.93 -14.82 18.45
CA PRO A 378 -20.33 -16.10 18.81
C PRO A 378 -20.74 -17.21 17.85
N SER A 379 -21.78 -16.95 17.05
CA SER A 379 -22.35 -17.88 16.04
C SER A 379 -22.22 -19.32 16.52
N TYR A 380 -21.43 -20.16 15.82
CA TYR A 380 -21.45 -21.63 15.98
C TYR A 380 -20.85 -22.09 17.31
N MET A 381 -20.14 -21.20 18.01
CA MET A 381 -19.49 -21.56 19.30
C MET A 381 -20.54 -21.98 20.33
N ILE A 382 -21.81 -21.58 20.17
CA ILE A 382 -22.85 -21.86 21.22
C ILE A 382 -23.52 -23.20 20.95
N ARG A 383 -23.22 -23.86 19.82
CA ARG A 383 -23.86 -25.15 19.45
C ARG A 383 -22.85 -26.25 19.13
N ALA A 384 -21.61 -25.91 18.78
CA ALA A 384 -20.58 -26.88 18.31
C ALA A 384 -19.67 -27.27 19.47
N CYS A 385 -20.23 -27.73 20.59
CA CYS A 385 -19.43 -28.01 21.81
C CYS A 385 -20.07 -29.15 22.59
N PRO A 386 -19.34 -29.76 23.55
CA PRO A 386 -19.95 -30.74 24.44
C PRO A 386 -20.96 -30.05 25.35
N PRO A 387 -21.93 -30.81 25.88
CA PRO A 387 -23.00 -30.23 26.68
C PRO A 387 -22.57 -29.92 28.11
N SER A 388 -23.25 -28.97 28.74
CA SER A 388 -23.29 -28.78 30.22
C SER A 388 -23.66 -30.11 30.89
N ALA A 389 -23.28 -30.28 32.15
CA ALA A 389 -23.62 -31.48 32.95
C ALA A 389 -25.13 -31.69 32.91
N ASN A 390 -25.92 -30.63 33.14
CA ASN A 390 -27.39 -30.77 33.18
C ASN A 390 -27.90 -31.23 31.79
N ASP A 391 -27.27 -30.81 30.70
CA ASP A 391 -27.67 -31.24 29.33
C ASP A 391 -27.20 -32.69 29.08
N ALA A 392 -26.07 -33.11 29.64
CA ALA A 392 -25.60 -34.52 29.52
C ALA A 392 -26.63 -35.44 30.19
N LEU A 393 -27.10 -35.08 31.39
CA LEU A 393 -28.14 -35.82 32.14
C LEU A 393 -29.39 -35.95 31.26
N PHE A 394 -29.81 -34.83 30.70
CA PHE A 394 -31.03 -34.72 29.88
C PHE A 394 -30.88 -35.58 28.62
N CYS A 395 -29.77 -35.46 27.90
CA CYS A 395 -29.50 -36.21 26.65
C CYS A 395 -29.57 -37.72 26.92
N ALA A 396 -28.87 -38.18 27.96
CA ALA A 396 -28.79 -39.62 28.33
C ALA A 396 -30.20 -40.14 28.64
N THR A 397 -30.98 -39.36 29.38
CA THR A 397 -32.32 -39.75 29.86
C THR A 397 -33.28 -39.79 28.66
N LEU A 398 -33.29 -38.76 27.80
CA LEU A 398 -34.10 -38.72 26.55
C LEU A 398 -33.82 -39.97 25.73
N ALA A 399 -32.54 -40.25 25.48
CA ALA A 399 -32.10 -41.36 24.62
C ALA A 399 -32.55 -42.69 25.23
N THR A 400 -32.39 -42.85 26.54
CA THR A 400 -32.66 -44.12 27.25
C THR A 400 -34.16 -44.41 27.15
N LEU A 401 -35.00 -43.43 27.45
CA LEU A 401 -36.49 -43.58 27.42
C LEU A 401 -36.95 -43.76 25.98
N ALA A 402 -36.30 -43.10 25.01
CA ALA A 402 -36.61 -43.27 23.58
C ALA A 402 -36.47 -44.76 23.21
N VAL A 403 -35.40 -45.42 23.69
CA VAL A 403 -35.14 -46.85 23.38
C VAL A 403 -36.19 -47.71 24.08
N HIS A 404 -36.48 -47.45 25.35
CA HIS A 404 -37.53 -48.19 26.10
C HIS A 404 -38.83 -48.19 25.28
N GLU A 405 -39.28 -47.02 24.85
CA GLU A 405 -40.61 -46.81 24.23
C GLU A 405 -40.64 -47.35 22.81
N ALA A 406 -39.56 -47.21 22.04
CA ALA A 406 -39.47 -47.77 20.66
C ALA A 406 -39.48 -49.30 20.74
N MET A 407 -38.76 -49.89 21.70
CA MET A 407 -38.77 -51.35 21.93
C MET A 407 -40.21 -51.76 22.23
N ALA A 408 -40.94 -50.94 22.98
CA ALA A 408 -42.35 -51.17 23.39
C ALA A 408 -43.33 -50.72 22.30
N GLY A 409 -42.85 -50.50 21.07
CA GLY A 409 -43.67 -50.39 19.86
C GLY A 409 -44.08 -48.97 19.49
N ALA A 410 -43.72 -47.95 20.29
CA ALA A 410 -43.99 -46.54 19.96
C ALA A 410 -43.39 -46.22 18.59
N THR A 411 -44.13 -45.52 17.72
CA THR A 411 -43.69 -45.07 16.38
C THR A 411 -44.42 -43.77 15.98
N GLY A 412 -43.84 -43.02 15.04
CA GLY A 412 -44.37 -41.74 14.54
C GLY A 412 -44.44 -40.66 15.61
N CYS A 413 -43.65 -40.78 16.67
CA CYS A 413 -43.69 -39.85 17.83
C CYS A 413 -42.28 -39.31 18.13
N ILE A 414 -42.23 -38.27 18.96
CA ILE A 414 -40.99 -37.71 19.57
C ILE A 414 -41.09 -37.90 21.09
N ILE A 415 -39.94 -37.93 21.77
CA ILE A 415 -39.85 -37.79 23.24
C ILE A 415 -39.57 -36.33 23.55
N ALA A 416 -40.17 -35.82 24.61
CA ALA A 416 -40.13 -34.38 24.98
C ALA A 416 -40.19 -34.24 26.50
N MET A 417 -39.96 -33.02 26.98
CA MET A 417 -40.07 -32.74 28.43
C MET A 417 -41.03 -31.58 28.65
N ARG A 418 -41.99 -31.79 29.56
CA ARG A 418 -42.94 -30.77 30.06
C ARG A 418 -43.06 -30.93 31.56
N HIS A 419 -43.13 -29.83 32.30
CA HIS A 419 -43.46 -29.85 33.74
C HIS A 419 -42.58 -30.91 34.43
N ASN A 420 -41.33 -31.01 34.00
CA ASN A 420 -40.30 -31.82 34.71
C ASN A 420 -40.47 -33.32 34.43
N ASN A 421 -41.34 -33.73 33.49
CA ASN A 421 -41.56 -35.16 33.17
C ASN A 421 -41.34 -35.43 31.68
N TYR A 422 -40.87 -36.64 31.37
CA TYR A 422 -40.61 -37.12 30.00
C TYR A 422 -41.93 -37.68 29.45
N ILE A 423 -42.34 -37.19 28.29
CA ILE A 423 -43.64 -37.52 27.62
C ILE A 423 -43.40 -37.93 26.17
N LEU A 424 -44.39 -38.59 25.56
CA LEU A 424 -44.41 -38.92 24.12
C LEU A 424 -45.46 -38.05 23.44
N VAL A 425 -45.17 -37.56 22.24
CA VAL A 425 -46.05 -36.65 21.45
C VAL A 425 -45.97 -37.10 20.01
N PRO A 426 -47.09 -37.39 19.32
CA PRO A 426 -47.04 -37.71 17.90
C PRO A 426 -46.33 -36.60 17.12
N ILE A 427 -45.60 -36.96 16.06
CA ILE A 427 -44.86 -36.03 15.20
C ILE A 427 -45.85 -35.06 14.55
N LYS A 428 -46.99 -35.57 14.07
CA LYS A 428 -47.97 -34.73 13.30
C LYS A 428 -48.29 -33.46 14.08
N VAL A 429 -48.72 -33.57 15.34
CA VAL A 429 -49.13 -32.40 16.17
C VAL A 429 -47.90 -31.59 16.57
N ALA A 430 -46.77 -32.24 16.86
CA ALA A 430 -45.53 -31.57 17.34
C ALA A 430 -44.94 -30.69 16.24
N THR A 431 -45.17 -31.04 14.97
CA THR A 431 -44.59 -30.38 13.78
C THR A 431 -45.62 -29.47 13.11
N SER A 432 -46.79 -29.28 13.71
CA SER A 432 -47.89 -28.44 13.15
C SER A 432 -47.69 -26.99 13.57
N VAL A 433 -47.15 -26.76 14.77
CA VAL A 433 -47.05 -25.41 15.38
C VAL A 433 -45.66 -25.24 16.03
N ARG A 434 -45.06 -24.08 15.82
CA ARG A 434 -43.77 -23.64 16.43
C ARG A 434 -44.10 -22.92 17.75
N ARG A 435 -43.29 -23.15 18.79
CA ARG A 435 -43.38 -22.45 20.10
C ARG A 435 -42.54 -21.18 20.04
N VAL A 436 -42.94 -20.18 20.80
CA VAL A 436 -42.46 -18.78 20.70
C VAL A 436 -42.56 -18.18 22.10
N LEU A 437 -41.76 -17.16 22.41
CA LEU A 437 -41.79 -16.51 23.75
C LEU A 437 -43.22 -16.06 24.02
N ASP A 438 -43.76 -16.37 25.19
CA ASP A 438 -44.99 -15.72 25.71
C ASP A 438 -44.59 -14.36 26.31
N LEU A 439 -44.96 -13.25 25.69
CA LEU A 439 -44.62 -11.90 26.17
C LEU A 439 -45.33 -11.60 27.50
N ARG A 440 -46.28 -12.46 27.91
CA ARG A 440 -46.99 -12.35 29.21
C ARG A 440 -46.58 -13.52 30.10
N GLY A 441 -45.61 -14.33 29.68
CA GLY A 441 -45.06 -15.49 30.41
C GLY A 441 -44.00 -15.08 31.42
N GLN A 442 -43.52 -16.04 32.22
CA GLN A 442 -42.69 -15.78 33.42
C GLN A 442 -41.29 -15.31 32.99
N LEU A 443 -40.69 -15.92 31.96
CA LEU A 443 -39.30 -15.60 31.53
C LEU A 443 -39.24 -14.16 31.02
N TRP A 444 -40.13 -13.79 30.10
CA TRP A 444 -40.12 -12.44 29.48
C TRP A 444 -40.36 -11.37 30.54
N ARG A 445 -41.19 -11.65 31.54
CA ARG A 445 -41.42 -10.75 32.71
C ARG A 445 -40.07 -10.53 33.40
N GLN A 446 -39.30 -11.60 33.63
CA GLN A 446 -37.98 -11.52 34.31
C GLN A 446 -37.00 -10.69 33.44
N VAL A 447 -37.04 -10.83 32.11
CA VAL A 447 -36.19 -10.04 31.19
C VAL A 447 -36.48 -8.55 31.40
N ARG A 448 -37.73 -8.17 31.55
CA ARG A 448 -38.14 -6.75 31.61
C ARG A 448 -37.76 -6.15 32.97
N GLU A 449 -37.58 -6.98 34.01
CA GLU A 449 -37.22 -6.47 35.37
C GLU A 449 -35.78 -5.96 35.35
N ILE A 450 -34.92 -6.53 34.49
CA ILE A 450 -33.46 -6.25 34.48
C ILE A 450 -33.11 -5.25 33.37
N THR A 451 -33.96 -5.10 32.35
CA THR A 451 -33.69 -4.24 31.18
C THR A 451 -34.23 -2.83 31.45
N VAL A 452 -33.87 -1.87 30.60
CA VAL A 452 -34.23 -0.45 30.83
C VAL A 452 -35.70 -0.26 30.42
N ASP A 453 -36.45 0.57 31.18
CA ASP A 453 -37.85 0.96 30.90
C ASP A 453 -37.90 2.42 30.46
N LEU A 454 -38.95 2.82 29.76
CA LEU A 454 -39.18 4.24 29.38
C LEU A 454 -40.09 4.93 30.40
N GLY A 455 -40.72 4.19 31.32
CA GLY A 455 -41.81 4.72 32.16
C GLY A 455 -41.36 5.47 33.40
N SER A 456 -40.19 5.13 33.97
CA SER A 456 -39.80 5.51 35.35
C SER A 456 -39.00 6.80 35.33
N ASP A 457 -39.07 7.61 36.38
CA ASP A 457 -38.36 8.90 36.47
C ASP A 457 -36.88 8.60 36.76
N VAL A 458 -36.00 8.81 35.77
CA VAL A 458 -34.56 8.44 35.86
C VAL A 458 -33.84 9.46 36.74
N ARG A 459 -34.28 10.72 36.74
CA ARG A 459 -33.72 11.78 37.60
C ARG A 459 -34.04 11.43 39.05
N LEU A 460 -35.30 11.14 39.38
CA LEU A 460 -35.75 10.73 40.74
C LEU A 460 -34.95 9.50 41.17
N ALA A 461 -34.80 8.49 40.30
CA ALA A 461 -34.08 7.23 40.58
C ALA A 461 -32.62 7.52 40.97
N ARG A 462 -31.95 8.41 40.24
CA ARG A 462 -30.53 8.76 40.49
C ARG A 462 -30.44 9.54 41.80
N LYS A 463 -31.39 10.44 42.06
CA LYS A 463 -31.44 11.23 43.30
C LYS A 463 -31.43 10.25 44.49
N LEU A 464 -32.31 9.26 44.48
CA LEU A 464 -32.45 8.29 45.60
C LEU A 464 -31.21 7.40 45.68
N GLU A 465 -30.57 7.07 44.55
CA GLU A 465 -29.39 6.18 44.52
C GLU A 465 -28.20 6.92 45.11
N ILE A 466 -28.11 8.23 44.89
CA ILE A 466 -27.03 9.07 45.50
C ILE A 466 -27.22 9.08 47.02
N ARG A 467 -28.45 9.21 47.52
CA ARG A 467 -28.77 9.12 48.97
C ARG A 467 -28.29 7.79 49.52
N ARG A 468 -28.67 6.67 48.91
CA ARG A 468 -28.30 5.29 49.38
C ARG A 468 -26.77 5.20 49.47
N GLU A 469 -26.05 5.75 48.49
CA GLU A 469 -24.57 5.67 48.43
C GLU A 469 -23.95 6.59 49.50
N LEU A 470 -24.49 7.79 49.72
CA LEU A 470 -24.01 8.73 50.76
C LEU A 470 -24.19 8.12 52.15
N GLU A 471 -25.28 7.38 52.36
CA GLU A 471 -25.55 6.68 53.66
C GLU A 471 -24.46 5.64 53.90
N ALA A 472 -24.01 4.94 52.85
CA ALA A 472 -22.93 3.93 52.91
C ALA A 472 -21.62 4.61 53.27
N ILE A 473 -21.29 5.67 52.54
CA ILE A 473 -20.05 6.48 52.75
C ILE A 473 -20.00 6.97 54.21
N ASN A 474 -21.10 7.52 54.71
CA ASN A 474 -21.16 8.13 56.08
C ASN A 474 -21.01 7.02 57.14
N ARG A 475 -21.64 5.86 56.97
CA ARG A 475 -21.50 4.74 57.94
C ARG A 475 -20.06 4.26 57.93
N ASN A 476 -19.42 4.19 56.76
CA ASN A 476 -18.00 3.77 56.60
C ASN A 476 -17.09 4.79 57.25
N ARG A 477 -17.30 6.09 56.98
CA ARG A 477 -16.53 7.19 57.57
C ARG A 477 -16.55 7.03 59.10
N ASP A 478 -17.70 6.69 59.67
CA ASP A 478 -17.90 6.57 61.14
C ASP A 478 -17.16 5.34 61.67
N ARG A 479 -17.35 4.17 61.06
CA ARG A 479 -16.74 2.88 61.50
C ARG A 479 -15.21 3.02 61.45
N LEU A 480 -14.69 3.80 60.48
CA LEU A 480 -13.23 4.00 60.27
C LEU A 480 -12.66 4.95 61.33
N HIS A 481 -13.31 6.09 61.57
CA HIS A 481 -12.86 7.08 62.59
C HIS A 481 -12.84 6.42 63.97
N GLU A 482 -13.75 5.47 64.21
CA GLU A 482 -13.84 4.67 65.47
C GLU A 482 -12.64 3.72 65.56
N GLU A 483 -12.49 2.78 64.64
CA GLU A 483 -11.33 1.84 64.60
C GLU A 483 -10.01 2.63 64.77
N LEU A 484 -9.88 3.79 64.14
CA LEU A 484 -8.65 4.63 64.16
C LEU A 484 -8.43 5.23 65.56
N ALA A 485 -9.48 5.53 66.32
CA ALA A 485 -9.39 6.10 67.69
C ALA A 485 -8.76 5.08 68.66
N LYS A 486 -8.94 3.77 68.44
CA LYS A 486 -8.33 2.68 69.25
C LYS A 486 -6.99 2.19 68.64
N LEU A 487 -6.43 2.94 67.66
CA LEU A 487 -5.22 2.67 66.84
C LEU A 487 -5.41 1.48 65.86
N LEU B 21 -46.62 -35.59 55.61
CA LEU B 21 -47.00 -36.91 55.05
C LEU B 21 -48.13 -36.71 53.99
N ASN B 22 -49.01 -37.71 53.78
CA ASN B 22 -50.28 -37.63 53.01
C ASN B 22 -51.41 -37.07 53.91
N SER B 23 -51.05 -36.64 55.13
CA SER B 23 -51.87 -35.88 56.11
C SER B 23 -51.66 -34.37 55.94
N VAL B 24 -51.11 -33.91 54.81
CA VAL B 24 -51.02 -32.45 54.48
C VAL B 24 -52.35 -31.99 53.89
N THR B 25 -52.86 -30.83 54.33
CA THR B 25 -54.18 -30.27 53.98
C THR B 25 -53.96 -28.95 53.25
N GLN B 26 -54.97 -28.48 52.50
CA GLN B 26 -54.93 -27.18 51.77
C GLN B 26 -54.59 -26.03 52.71
N GLU B 27 -54.98 -26.13 53.99
CA GLU B 27 -54.77 -25.07 55.02
C GLU B 27 -53.28 -24.97 55.35
N ASP B 28 -52.57 -26.10 55.34
CA ASP B 28 -51.10 -26.16 55.59
C ASP B 28 -50.35 -25.37 54.51
N LEU B 29 -50.95 -25.21 53.32
CA LEU B 29 -50.33 -24.54 52.14
C LEU B 29 -50.81 -23.10 52.02
N LYS B 30 -51.74 -22.64 52.86
CA LYS B 30 -52.27 -21.26 52.79
C LYS B 30 -51.16 -20.31 53.25
N VAL B 31 -50.70 -19.44 52.35
CA VAL B 31 -49.59 -18.48 52.62
C VAL B 31 -50.13 -17.25 53.35
N ASP B 32 -49.58 -16.99 54.53
CA ASP B 32 -49.85 -15.80 55.39
C ASP B 32 -49.66 -14.51 54.58
N ARG B 33 -50.58 -13.56 54.70
CA ARG B 33 -50.46 -12.18 54.15
C ARG B 33 -50.61 -11.17 55.28
N LEU B 34 -49.69 -10.23 55.41
CA LEU B 34 -49.83 -9.08 56.35
C LEU B 34 -51.12 -8.34 55.96
N PRO B 35 -51.83 -7.74 56.93
CA PRO B 35 -53.11 -7.08 56.65
C PRO B 35 -52.95 -5.78 55.86
N GLY B 36 -53.69 -5.65 54.75
CA GLY B 36 -53.79 -4.43 53.93
C GLY B 36 -52.90 -4.51 52.70
N ALA B 37 -53.41 -3.98 51.58
CA ALA B 37 -52.69 -3.79 50.30
C ALA B 37 -53.04 -2.39 49.75
N ASP B 38 -52.57 -1.36 50.46
CA ASP B 38 -53.06 0.03 50.34
C ASP B 38 -52.32 0.81 49.26
N TYR B 39 -51.29 0.24 48.64
CA TYR B 39 -50.43 0.96 47.67
C TYR B 39 -50.53 0.27 46.32
N PRO B 40 -50.54 1.04 45.21
CA PRO B 40 -50.45 0.47 43.88
C PRO B 40 -49.00 0.06 43.62
N ASN B 41 -48.79 -0.99 42.82
CA ASN B 41 -47.44 -1.44 42.43
C ASN B 41 -46.82 -0.36 41.54
N PRO B 42 -45.67 0.23 41.94
CA PRO B 42 -45.05 1.30 41.16
C PRO B 42 -44.26 0.80 39.94
N SER B 43 -44.05 -0.51 39.80
CA SER B 43 -43.22 -1.12 38.74
C SER B 43 -43.60 -0.54 37.40
N LYS B 44 -42.58 -0.03 36.68
CA LYS B 44 -42.67 0.53 35.31
C LYS B 44 -42.01 -0.45 34.33
N LYS B 45 -41.89 -1.73 34.69
CA LYS B 45 -41.09 -2.75 33.96
C LYS B 45 -41.93 -3.47 32.91
N TYR B 46 -43.22 -3.71 33.20
CA TYR B 46 -44.18 -4.43 32.32
C TYR B 46 -44.86 -3.44 31.37
N SER B 47 -45.34 -3.94 30.22
CA SER B 47 -45.94 -3.18 29.10
C SER B 47 -47.16 -2.35 29.56
N SER B 48 -48.10 -2.96 30.29
CA SER B 48 -49.30 -2.29 30.89
C SER B 48 -49.54 -2.83 32.31
N ARG B 49 -50.58 -2.33 32.97
CA ARG B 49 -50.90 -2.63 34.40
C ARG B 49 -51.73 -3.93 34.51
N THR B 50 -52.10 -4.55 33.39
CA THR B 50 -52.88 -5.82 33.32
C THR B 50 -51.95 -7.02 33.57
N GLU B 51 -50.64 -6.81 33.56
CA GLU B 51 -49.62 -7.89 33.74
C GLU B 51 -49.25 -8.08 35.23
N PHE B 52 -49.78 -7.24 36.12
CA PHE B 52 -49.81 -7.44 37.59
C PHE B 52 -51.03 -8.31 37.92
N ARG B 53 -51.07 -8.97 39.08
CA ARG B 53 -52.11 -9.97 39.43
C ARG B 53 -53.11 -9.39 40.44
N ASP B 54 -54.39 -9.40 40.05
CA ASP B 54 -55.57 -9.01 40.85
C ASP B 54 -55.79 -9.99 42.00
N LYS B 55 -55.69 -11.29 41.71
CA LYS B 55 -56.10 -12.41 42.61
C LYS B 55 -54.97 -13.43 42.70
N THR B 56 -55.06 -14.34 43.67
CA THR B 56 -54.12 -15.49 43.85
C THR B 56 -54.41 -16.54 42.77
N ASP B 57 -53.41 -16.92 41.98
CA ASP B 57 -53.47 -18.04 40.99
C ASP B 57 -52.79 -19.25 41.63
N TYR B 58 -53.24 -20.45 41.28
CA TYR B 58 -52.76 -21.74 41.86
C TYR B 58 -52.24 -22.65 40.74
N ILE B 59 -51.46 -23.65 41.15
CA ILE B 59 -51.02 -24.81 40.30
C ILE B 59 -51.19 -26.07 41.15
N MET B 60 -51.55 -27.18 40.52
CA MET B 60 -51.78 -28.47 41.20
C MET B 60 -50.47 -29.00 41.80
N TYR B 61 -50.54 -29.47 43.03
CA TYR B 61 -49.43 -30.19 43.71
C TYR B 61 -49.03 -31.41 42.87
N ASN B 62 -50.01 -32.08 42.27
CA ASN B 62 -49.79 -33.33 41.50
C ASN B 62 -50.62 -33.29 40.22
N PRO B 63 -49.98 -33.05 39.05
CA PRO B 63 -50.71 -32.89 37.80
C PRO B 63 -50.99 -34.21 37.05
N ARG B 64 -51.05 -35.33 37.79
CA ARG B 64 -51.44 -36.66 37.27
C ARG B 64 -52.95 -36.81 37.41
N PRO B 65 -53.66 -37.40 36.42
CA PRO B 65 -55.11 -37.59 36.50
C PRO B 65 -55.46 -38.77 37.43
N ARG B 66 -56.63 -38.72 38.09
CA ARG B 66 -57.09 -39.77 39.04
C ARG B 66 -57.73 -40.90 38.24
N ASP B 67 -58.53 -40.57 37.22
CA ASP B 67 -59.26 -41.53 36.34
C ASP B 67 -58.59 -41.62 34.97
N GLU B 68 -58.98 -42.59 34.16
CA GLU B 68 -58.50 -42.75 32.75
C GLU B 68 -59.08 -41.60 31.92
N PRO B 69 -58.57 -41.31 30.69
CA PRO B 69 -59.10 -40.21 29.87
C PRO B 69 -60.61 -40.36 29.58
N SER B 70 -61.39 -39.31 29.84
CA SER B 70 -62.88 -39.28 29.73
C SER B 70 -63.28 -38.25 28.66
N SER B 71 -64.58 -37.92 28.57
CA SER B 71 -65.13 -36.76 27.85
C SER B 71 -64.80 -35.47 28.63
N GLU B 72 -64.97 -35.48 29.96
CA GLU B 72 -64.76 -34.28 30.82
C GLU B 72 -63.27 -34.16 31.15
N ASN B 73 -62.84 -32.94 31.53
CA ASN B 73 -61.44 -32.57 31.83
C ASN B 73 -60.89 -33.42 32.97
N PRO B 74 -59.55 -33.68 32.99
CA PRO B 74 -58.93 -34.51 34.02
C PRO B 74 -58.97 -33.91 35.43
N VAL B 75 -58.87 -34.77 36.45
CA VAL B 75 -58.97 -34.41 37.88
C VAL B 75 -57.71 -34.89 38.61
N SER B 76 -57.13 -34.05 39.49
CA SER B 76 -55.86 -34.34 40.19
C SER B 76 -56.05 -35.53 41.15
N VAL B 77 -55.05 -36.41 41.21
CA VAL B 77 -54.88 -37.46 42.26
C VAL B 77 -54.85 -36.81 43.66
N SER B 78 -54.36 -35.56 43.77
CA SER B 78 -54.16 -34.84 45.06
C SER B 78 -55.17 -33.70 45.18
N PRO B 79 -55.73 -33.45 46.39
CA PRO B 79 -56.59 -32.27 46.60
C PRO B 79 -55.82 -30.93 46.58
N LEU B 80 -54.49 -30.99 46.71
CA LEU B 80 -53.64 -29.85 47.11
C LEU B 80 -53.36 -28.92 45.92
N LEU B 81 -53.41 -27.61 46.20
CA LEU B 81 -53.09 -26.49 45.28
C LEU B 81 -52.02 -25.63 45.93
N CYS B 82 -50.95 -25.32 45.19
CA CYS B 82 -49.82 -24.47 45.62
C CYS B 82 -50.00 -23.08 45.03
N GLU B 83 -49.82 -22.04 45.85
CA GLU B 83 -49.93 -20.63 45.42
C GLU B 83 -48.75 -20.26 44.51
N LEU B 84 -49.04 -19.73 43.33
CA LEU B 84 -48.02 -19.24 42.35
C LEU B 84 -47.50 -17.85 42.76
N ALA B 85 -46.21 -17.60 42.57
CA ALA B 85 -45.52 -16.33 42.88
C ALA B 85 -45.54 -15.41 41.65
N ALA B 86 -45.97 -14.17 41.85
CA ALA B 86 -45.96 -13.13 40.80
C ALA B 86 -46.09 -11.74 41.42
N ALA B 87 -45.65 -10.73 40.67
CA ALA B 87 -45.86 -9.30 40.97
C ALA B 87 -47.36 -9.05 41.05
N ARG B 88 -47.81 -8.31 42.07
CA ARG B 88 -49.24 -8.07 42.40
C ARG B 88 -49.60 -6.63 42.09
N SER B 89 -50.86 -6.38 41.69
CA SER B 89 -51.47 -5.05 41.39
C SER B 89 -51.33 -4.14 42.60
N ARG B 90 -51.62 -4.67 43.78
CA ARG B 90 -51.64 -3.93 45.05
C ARG B 90 -50.61 -4.58 45.98
N ILE B 91 -49.82 -3.75 46.67
CA ILE B 91 -48.73 -4.18 47.59
C ILE B 91 -49.01 -3.64 49.01
N HIS B 92 -48.43 -4.29 50.02
CA HIS B 92 -48.68 -4.01 51.46
C HIS B 92 -47.78 -2.88 51.95
N PHE B 93 -46.54 -2.79 51.46
CA PHE B 93 -45.52 -1.84 51.98
C PHE B 93 -45.41 -0.64 51.05
N ASN B 94 -45.32 0.56 51.62
CA ASN B 94 -45.07 1.83 50.89
C ASN B 94 -43.64 1.83 50.38
N PRO B 95 -43.42 1.67 49.06
CA PRO B 95 -42.07 1.42 48.55
C PRO B 95 -41.00 2.41 49.01
N THR B 96 -41.25 3.72 48.88
CA THR B 96 -40.23 4.78 49.12
C THR B 96 -39.94 4.89 50.62
N GLU B 97 -40.73 4.26 51.50
CA GLU B 97 -40.47 4.22 52.98
C GLU B 97 -40.04 2.82 53.45
N THR B 98 -39.86 1.87 52.54
CA THR B 98 -39.55 0.44 52.87
C THR B 98 -38.04 0.22 52.92
N THR B 99 -37.58 -0.46 53.97
CA THR B 99 -36.20 -0.93 54.18
C THR B 99 -36.20 -2.46 54.09
N ILE B 100 -35.37 -3.02 53.21
CA ILE B 100 -35.19 -4.49 53.06
C ILE B 100 -33.93 -4.89 53.81
N GLY B 101 -34.01 -5.94 54.62
CA GLY B 101 -32.86 -6.60 55.24
C GLY B 101 -32.59 -7.93 54.55
N ILE B 102 -31.32 -8.30 54.44
CA ILE B 102 -30.87 -9.62 53.92
C ILE B 102 -29.93 -10.26 54.94
N VAL B 103 -30.08 -11.55 55.17
CA VAL B 103 -29.15 -12.31 56.04
C VAL B 103 -28.93 -13.68 55.41
N THR B 104 -27.66 -14.10 55.35
CA THR B 104 -27.23 -15.41 54.78
C THR B 104 -26.68 -16.26 55.91
N CYS B 105 -27.26 -17.44 56.12
CA CYS B 105 -26.94 -18.36 57.23
C CYS B 105 -26.47 -19.71 56.69
N GLY B 106 -25.69 -20.43 57.49
CA GLY B 106 -25.27 -21.81 57.19
C GLY B 106 -24.16 -21.85 56.16
N GLY B 107 -23.76 -23.07 55.78
CA GLY B 107 -22.74 -23.32 54.76
C GLY B 107 -23.07 -22.59 53.48
N ILE B 108 -22.05 -22.05 52.80
CA ILE B 108 -22.26 -21.32 51.52
C ILE B 108 -22.71 -22.33 50.47
N CYS B 109 -23.13 -21.80 49.32
CA CYS B 109 -23.88 -22.52 48.26
C CYS B 109 -23.74 -21.70 46.99
N PRO B 110 -23.52 -22.30 45.81
CA PRO B 110 -23.32 -21.51 44.60
C PRO B 110 -24.55 -20.64 44.31
N GLY B 111 -24.34 -19.35 44.08
CA GLY B 111 -25.42 -18.38 43.75
C GLY B 111 -25.83 -17.51 44.92
N LEU B 112 -25.22 -17.65 46.09
CA LEU B 112 -25.53 -16.78 47.26
C LEU B 112 -25.41 -15.31 46.86
N ASN B 113 -24.30 -14.91 46.25
CA ASN B 113 -24.07 -13.49 45.85
C ASN B 113 -25.10 -13.09 44.80
N ASP B 114 -25.48 -14.00 43.90
CA ASP B 114 -26.54 -13.72 42.87
C ASP B 114 -27.84 -13.36 43.59
N VAL B 115 -28.17 -14.06 44.67
CA VAL B 115 -29.44 -13.86 45.44
C VAL B 115 -29.37 -12.49 46.13
N ILE B 116 -28.27 -12.19 46.78
CA ILE B 116 -28.07 -10.87 47.46
C ILE B 116 -28.22 -9.78 46.40
N ARG B 117 -27.58 -9.96 45.26
CA ARG B 117 -27.54 -8.96 44.17
C ARG B 117 -28.96 -8.72 43.64
N SER B 118 -29.74 -9.78 43.40
CA SER B 118 -31.07 -9.68 42.75
C SER B 118 -32.12 -9.12 43.73
N ILE B 119 -32.04 -9.48 45.01
CA ILE B 119 -32.91 -8.85 46.06
C ILE B 119 -32.65 -7.34 46.03
N THR B 120 -31.39 -6.95 46.11
CA THR B 120 -30.94 -5.54 46.17
C THR B 120 -31.44 -4.79 44.92
N LEU B 121 -31.17 -5.31 43.72
CA LEU B 121 -31.50 -4.61 42.45
C LEU B 121 -33.01 -4.61 42.22
N THR B 122 -33.73 -5.66 42.60
CA THR B 122 -35.20 -5.69 42.44
C THR B 122 -35.78 -4.63 43.38
N GLY B 123 -35.35 -4.62 44.64
CA GLY B 123 -35.77 -3.62 45.62
C GLY B 123 -35.58 -2.21 45.08
N ILE B 124 -34.45 -1.92 44.46
CA ILE B 124 -34.04 -0.55 44.06
C ILE B 124 -34.60 -0.22 42.68
N ASN B 125 -34.31 -1.04 41.65
CA ASN B 125 -34.66 -0.74 40.23
C ASN B 125 -36.17 -0.84 40.01
N VAL B 126 -36.88 -1.70 40.73
CA VAL B 126 -38.31 -1.98 40.46
C VAL B 126 -39.18 -1.18 41.43
N TYR B 127 -38.92 -1.28 42.73
CA TYR B 127 -39.81 -0.75 43.80
C TYR B 127 -39.28 0.60 44.32
N ASN B 128 -38.03 0.96 44.02
CA ASN B 128 -37.41 2.22 44.46
C ASN B 128 -37.40 2.29 46.00
N VAL B 129 -37.12 1.19 46.67
CA VAL B 129 -37.15 1.10 48.16
C VAL B 129 -36.15 2.10 48.74
N LYS B 130 -36.38 2.54 49.96
CA LYS B 130 -35.54 3.58 50.62
C LYS B 130 -34.12 3.06 50.78
N ARG B 131 -33.98 1.82 51.21
CA ARG B 131 -32.71 1.30 51.77
C ARG B 131 -32.71 -0.24 51.73
N VAL B 132 -31.54 -0.83 51.49
CA VAL B 132 -31.30 -2.29 51.60
C VAL B 132 -30.11 -2.51 52.54
N ILE B 133 -30.30 -3.31 53.59
CA ILE B 133 -29.28 -3.58 54.64
C ILE B 133 -28.87 -5.03 54.51
N GLY B 134 -27.57 -5.30 54.52
CA GLY B 134 -27.00 -6.66 54.59
C GLY B 134 -26.45 -6.93 55.98
N PHE B 135 -27.16 -7.75 56.76
CA PHE B 135 -26.72 -8.20 58.09
C PHE B 135 -25.59 -9.21 57.87
N ARG B 136 -24.53 -9.12 58.67
CA ARG B 136 -23.29 -9.89 58.41
C ARG B 136 -23.27 -11.14 59.29
N PHE B 137 -22.72 -12.22 58.75
CA PHE B 137 -22.35 -13.47 59.47
C PHE B 137 -23.62 -14.07 60.12
N GLY B 138 -24.67 -14.21 59.33
CA GLY B 138 -25.90 -14.91 59.73
C GLY B 138 -26.68 -14.14 60.77
N TYR B 139 -27.51 -14.84 61.54
CA TYR B 139 -28.40 -14.24 62.55
C TYR B 139 -27.58 -13.39 63.53
N TRP B 140 -26.31 -13.73 63.78
CA TRP B 140 -25.37 -12.92 64.60
C TRP B 140 -25.44 -11.45 64.19
N GLY B 141 -25.58 -11.16 62.89
CA GLY B 141 -25.62 -9.79 62.35
C GLY B 141 -26.83 -9.00 62.81
N LEU B 142 -27.85 -9.67 63.36
CA LEU B 142 -29.07 -8.99 63.87
C LEU B 142 -29.06 -8.90 65.40
N SER B 143 -28.09 -9.55 66.07
CA SER B 143 -27.80 -9.34 67.51
C SER B 143 -27.41 -7.87 67.72
N LYS B 144 -27.47 -7.36 68.96
CA LYS B 144 -27.21 -5.93 69.25
C LYS B 144 -25.75 -5.61 68.90
N LYS B 145 -24.79 -6.44 69.33
CA LYS B 145 -23.33 -6.20 69.04
C LYS B 145 -23.09 -6.34 67.53
N GLY B 146 -23.69 -7.36 66.90
CA GLY B 146 -23.47 -7.71 65.49
C GLY B 146 -24.04 -6.68 64.51
N SER B 147 -25.07 -5.92 64.91
CA SER B 147 -25.80 -4.99 64.01
C SER B 147 -24.93 -3.78 63.63
N GLN B 148 -23.88 -3.49 64.40
CA GLN B 148 -22.90 -2.42 64.10
C GLN B 148 -22.21 -2.73 62.77
N THR B 149 -22.06 -4.01 62.42
CA THR B 149 -21.28 -4.47 61.24
C THR B 149 -22.14 -4.49 59.97
N ALA B 150 -23.45 -4.30 60.09
CA ALA B 150 -24.42 -4.34 58.97
C ALA B 150 -23.93 -3.40 57.86
N ILE B 151 -24.10 -3.77 56.60
CA ILE B 151 -23.57 -2.96 55.47
C ILE B 151 -24.73 -2.45 54.61
N GLU B 152 -24.54 -1.27 54.03
CA GLU B 152 -25.51 -0.61 53.15
C GLU B 152 -25.33 -1.14 51.73
N LEU B 153 -26.34 -1.84 51.23
CA LEU B 153 -26.35 -2.41 49.86
C LEU B 153 -27.03 -1.37 48.96
N HIS B 154 -26.25 -0.51 48.31
CA HIS B 154 -26.69 0.32 47.18
C HIS B 154 -26.37 -0.44 45.88
N ARG B 155 -26.87 0.06 44.76
CA ARG B 155 -26.77 -0.56 43.41
C ARG B 155 -25.31 -0.81 43.03
N GLY B 156 -24.42 0.15 43.30
CA GLY B 156 -23.00 0.09 42.93
C GLY B 156 -22.23 -0.93 43.74
N ARG B 157 -22.71 -1.29 44.93
CA ARG B 157 -22.03 -2.24 45.83
C ARG B 157 -22.18 -3.68 45.34
N VAL B 158 -23.19 -4.00 44.54
CA VAL B 158 -23.53 -5.42 44.19
C VAL B 158 -23.25 -5.68 42.71
N THR B 159 -22.78 -4.70 41.94
CA THR B 159 -22.68 -4.81 40.46
C THR B 159 -21.97 -6.09 40.04
N ASN B 160 -20.87 -6.47 40.71
CA ASN B 160 -19.93 -7.52 40.24
C ASN B 160 -19.88 -8.71 41.21
N ILE B 161 -20.72 -8.78 42.23
CA ILE B 161 -20.54 -9.79 43.31
C ILE B 161 -20.89 -11.18 42.78
N HIS B 162 -21.61 -11.28 41.68
CA HIS B 162 -22.08 -12.57 41.11
C HIS B 162 -20.92 -13.32 40.43
N HIS B 163 -19.76 -12.68 40.24
CA HIS B 163 -18.58 -13.31 39.57
C HIS B 163 -17.82 -14.25 40.51
N TYR B 164 -18.05 -14.22 41.83
CA TYR B 164 -17.22 -15.03 42.76
C TYR B 164 -18.09 -15.71 43.83
N GLY B 165 -17.52 -16.77 44.41
CA GLY B 165 -18.19 -17.65 45.39
C GLY B 165 -18.31 -17.05 46.76
N GLY B 166 -19.08 -17.70 47.62
CA GLY B 166 -19.28 -17.29 49.02
C GLY B 166 -20.39 -16.27 49.13
N THR B 167 -20.43 -15.54 50.25
CA THR B 167 -21.42 -14.48 50.55
C THR B 167 -20.67 -13.21 50.97
N ILE B 168 -20.91 -12.08 50.32
CA ILE B 168 -20.28 -10.80 50.69
C ILE B 168 -20.71 -10.41 52.10
N LEU B 169 -21.82 -10.94 52.61
CA LEU B 169 -22.32 -10.64 53.98
C LEU B 169 -21.62 -11.53 55.02
N GLY B 170 -21.25 -12.75 54.62
CA GLY B 170 -20.76 -13.79 55.55
C GLY B 170 -21.90 -14.59 56.16
N SER B 171 -21.57 -15.72 56.80
CA SER B 171 -22.53 -16.67 57.40
C SER B 171 -22.10 -17.03 58.82
N SER B 172 -23.03 -17.60 59.58
CA SER B 172 -22.79 -18.43 60.78
C SER B 172 -23.95 -19.42 60.90
N ARG B 173 -23.71 -20.53 61.62
CA ARG B 173 -24.69 -21.63 61.85
C ARG B 173 -25.60 -21.28 63.05
N GLY B 174 -25.12 -20.44 63.98
CA GLY B 174 -25.80 -20.19 65.26
C GLY B 174 -27.19 -19.58 65.12
N PRO B 175 -28.15 -19.92 66.01
CA PRO B 175 -29.33 -19.08 66.25
C PRO B 175 -28.99 -17.91 67.18
N GLN B 176 -29.90 -16.94 67.31
CA GLN B 176 -29.79 -15.79 68.23
C GLN B 176 -31.15 -15.58 68.93
N ASP B 177 -31.18 -14.70 69.93
CA ASP B 177 -32.41 -14.36 70.67
C ASP B 177 -33.38 -13.64 69.72
N PRO B 178 -34.59 -14.21 69.44
CA PRO B 178 -35.55 -13.56 68.54
C PRO B 178 -35.95 -12.15 69.03
N LYS B 179 -36.02 -11.97 70.35
CA LYS B 179 -36.37 -10.67 70.98
C LYS B 179 -35.29 -9.64 70.58
N GLU B 180 -34.01 -9.99 70.74
CA GLU B 180 -32.86 -9.11 70.42
C GLU B 180 -32.91 -8.78 68.92
N MET B 181 -33.26 -9.75 68.09
CA MET B 181 -33.22 -9.61 66.61
C MET B 181 -34.35 -8.68 66.14
N VAL B 182 -35.56 -8.83 66.67
CA VAL B 182 -36.69 -7.93 66.30
C VAL B 182 -36.42 -6.54 66.88
N ASP B 183 -35.69 -6.41 68.00
CA ASP B 183 -35.22 -5.09 68.52
C ASP B 183 -34.43 -4.39 67.40
N THR B 184 -33.47 -5.11 66.80
CA THR B 184 -32.61 -4.60 65.71
C THR B 184 -33.45 -4.18 64.49
N LEU B 185 -34.40 -5.01 64.08
CA LEU B 185 -35.25 -4.75 62.90
C LEU B 185 -36.04 -3.44 63.15
N GLU B 186 -36.60 -3.27 64.35
CA GLU B 186 -37.34 -2.04 64.75
C GLU B 186 -36.39 -0.85 64.70
N ARG B 187 -35.26 -0.92 65.39
CA ARG B 187 -34.30 0.22 65.53
C ARG B 187 -33.86 0.70 64.14
N LEU B 188 -33.61 -0.20 63.19
CA LEU B 188 -33.05 0.15 61.85
C LEU B 188 -34.17 0.35 60.82
N GLY B 189 -35.43 0.13 61.21
CA GLY B 189 -36.62 0.42 60.38
C GLY B 189 -36.82 -0.59 59.27
N VAL B 190 -36.34 -1.82 59.47
CA VAL B 190 -36.46 -2.94 58.49
C VAL B 190 -37.92 -3.39 58.45
N ASN B 191 -38.51 -3.42 57.26
CA ASN B 191 -39.92 -3.83 57.04
C ASN B 191 -39.96 -5.25 56.44
N ILE B 192 -38.93 -5.66 55.71
CA ILE B 192 -38.85 -7.02 55.09
C ILE B 192 -37.46 -7.60 55.41
N LEU B 193 -37.41 -8.78 56.04
CA LEU B 193 -36.15 -9.54 56.23
C LEU B 193 -36.19 -10.78 55.33
N PHE B 194 -35.24 -10.88 54.40
CA PHE B 194 -35.04 -12.08 53.55
C PHE B 194 -34.03 -12.98 54.28
N THR B 195 -34.49 -14.18 54.68
CA THR B 195 -33.66 -15.20 55.37
C THR B 195 -33.22 -16.24 54.33
N VAL B 196 -31.95 -16.17 53.92
CA VAL B 196 -31.31 -17.15 53.00
C VAL B 196 -30.62 -18.21 53.86
N GLY B 197 -31.17 -19.43 53.91
CA GLY B 197 -30.66 -20.51 54.78
C GLY B 197 -31.46 -21.79 54.69
N GLY B 198 -31.07 -22.80 55.46
CA GLY B 198 -31.70 -24.13 55.51
C GLY B 198 -32.85 -24.18 56.47
N ASP B 199 -33.39 -25.39 56.77
CA ASP B 199 -34.60 -25.56 57.61
C ASP B 199 -34.40 -24.86 58.96
N GLY B 200 -33.26 -25.11 59.62
CA GLY B 200 -32.89 -24.39 60.87
C GLY B 200 -33.17 -22.90 60.75
N THR B 201 -32.59 -22.25 59.75
CA THR B 201 -32.72 -20.79 59.53
C THR B 201 -34.19 -20.42 59.34
N GLN B 202 -34.95 -21.18 58.52
CA GLN B 202 -36.35 -20.81 58.19
C GLN B 202 -37.26 -21.03 59.41
N ARG B 203 -37.00 -22.05 60.24
CA ARG B 203 -37.72 -22.26 61.53
C ARG B 203 -37.51 -21.02 62.39
N GLY B 204 -36.27 -20.53 62.47
CA GLY B 204 -35.91 -19.34 63.26
C GLY B 204 -36.54 -18.08 62.69
N ALA B 205 -36.69 -18.03 61.36
CA ALA B 205 -37.29 -16.92 60.59
C ALA B 205 -38.76 -16.78 60.99
N LEU B 206 -39.46 -17.92 61.05
CA LEU B 206 -40.89 -18.00 61.43
C LEU B 206 -41.08 -17.45 62.85
N VAL B 207 -40.13 -17.74 63.75
CA VAL B 207 -40.12 -17.25 65.16
C VAL B 207 -39.94 -15.72 65.17
N ILE B 208 -39.09 -15.15 64.31
CA ILE B 208 -38.94 -13.68 64.15
C ILE B 208 -40.29 -13.09 63.70
N SER B 209 -40.92 -13.68 62.68
CA SER B 209 -42.22 -13.25 62.10
C SER B 209 -43.27 -13.15 63.21
N GLN B 210 -43.29 -14.15 64.10
CA GLN B 210 -44.31 -14.32 65.18
C GLN B 210 -44.02 -13.35 66.32
N GLU B 211 -42.75 -13.11 66.66
CA GLU B 211 -42.33 -12.13 67.70
C GLU B 211 -42.73 -10.72 67.23
N ALA B 212 -42.53 -10.42 65.94
CA ALA B 212 -42.88 -9.13 65.31
C ALA B 212 -44.40 -8.91 65.40
N LYS B 213 -45.19 -9.93 65.09
CA LYS B 213 -46.68 -9.90 65.13
C LYS B 213 -47.16 -9.63 66.57
N ARG B 214 -46.57 -10.33 67.53
CA ARG B 214 -46.84 -10.20 68.98
C ARG B 214 -46.71 -8.71 69.39
N ARG B 215 -45.69 -8.00 68.92
CA ARG B 215 -45.43 -6.57 69.27
C ARG B 215 -46.19 -5.60 68.35
N GLY B 216 -47.00 -6.12 67.42
CA GLY B 216 -47.75 -5.33 66.42
C GLY B 216 -46.83 -4.48 65.54
N VAL B 217 -45.66 -5.03 65.18
CA VAL B 217 -44.67 -4.40 64.26
C VAL B 217 -44.85 -4.98 62.84
N ASP B 218 -44.85 -4.08 61.86
CA ASP B 218 -45.18 -4.34 60.44
C ASP B 218 -43.92 -4.85 59.73
N ILE B 219 -43.68 -6.17 59.79
CA ILE B 219 -42.46 -6.84 59.26
C ILE B 219 -42.87 -8.13 58.56
N SER B 220 -42.51 -8.26 57.29
CA SER B 220 -42.51 -9.53 56.53
C SER B 220 -41.19 -10.24 56.79
N VAL B 221 -41.22 -11.52 57.09
CA VAL B 221 -40.01 -12.38 57.06
C VAL B 221 -40.24 -13.41 55.95
N PHE B 222 -39.35 -13.45 54.96
CA PHE B 222 -39.51 -14.23 53.71
C PHE B 222 -38.24 -15.03 53.44
N GLY B 223 -38.39 -16.34 53.27
CA GLY B 223 -37.25 -17.27 53.17
C GLY B 223 -36.88 -17.54 51.72
N VAL B 224 -35.58 -17.49 51.41
CA VAL B 224 -35.02 -18.09 50.15
C VAL B 224 -34.30 -19.36 50.58
N PRO B 225 -34.86 -20.55 50.26
CA PRO B 225 -34.27 -21.81 50.70
C PRO B 225 -32.85 -22.02 50.16
N LYS B 226 -31.91 -22.26 51.08
CA LYS B 226 -30.50 -22.61 50.75
C LYS B 226 -30.26 -24.05 51.22
N THR B 227 -30.26 -24.99 50.28
CA THR B 227 -29.81 -26.38 50.49
C THR B 227 -29.32 -26.94 49.16
N ILE B 228 -28.01 -27.13 49.06
CA ILE B 228 -27.33 -27.64 47.84
C ILE B 228 -27.78 -29.09 47.60
N ASP B 229 -28.26 -29.77 48.64
CA ASP B 229 -28.63 -31.20 48.62
C ASP B 229 -29.94 -31.42 47.84
N ASN B 230 -30.73 -30.36 47.61
CA ASN B 230 -32.02 -30.41 46.85
C ASN B 230 -33.03 -31.29 47.62
N ASP B 231 -33.03 -31.21 48.94
CA ASP B 231 -33.82 -32.07 49.85
C ASP B 231 -34.97 -31.27 50.47
N LEU B 232 -35.48 -30.25 49.76
CA LEU B 232 -36.64 -29.43 50.17
C LEU B 232 -37.93 -30.09 49.66
N SER B 233 -38.89 -30.32 50.54
CA SER B 233 -40.25 -30.80 50.16
C SER B 233 -40.99 -29.67 49.43
N PHE B 234 -41.98 -30.02 48.61
CA PHE B 234 -42.82 -29.08 47.83
C PHE B 234 -41.92 -28.37 46.81
N SER B 235 -40.88 -29.06 46.35
CA SER B 235 -39.75 -28.51 45.56
C SER B 235 -39.14 -29.61 44.70
N HIS B 236 -38.76 -29.28 43.48
CA HIS B 236 -38.01 -30.18 42.55
C HIS B 236 -36.57 -29.71 42.39
N ARG B 237 -36.27 -28.46 42.73
CA ARG B 237 -34.93 -27.85 42.47
C ARG B 237 -34.71 -26.66 43.41
N THR B 238 -33.60 -26.70 44.17
CA THR B 238 -33.12 -25.56 44.99
C THR B 238 -31.88 -24.96 44.31
N PHE B 239 -31.59 -23.70 44.55
CA PHE B 239 -30.50 -22.99 43.84
C PHE B 239 -29.17 -23.60 44.28
N GLY B 240 -28.25 -23.76 43.32
CA GLY B 240 -26.87 -24.20 43.56
C GLY B 240 -26.71 -25.69 43.32
N PHE B 241 -27.81 -26.44 43.37
CA PHE B 241 -27.79 -27.92 43.24
C PHE B 241 -27.17 -28.30 41.88
N GLN B 242 -27.68 -27.71 40.79
CA GLN B 242 -27.18 -28.03 39.43
C GLN B 242 -25.69 -27.68 39.35
N THR B 243 -25.24 -26.63 40.03
CA THR B 243 -23.81 -26.23 40.02
C THR B 243 -23.00 -27.29 40.76
N ALA B 244 -23.50 -27.81 41.87
CA ALA B 244 -22.82 -28.87 42.66
C ALA B 244 -22.64 -30.11 41.79
N VAL B 245 -23.63 -30.42 40.95
CA VAL B 245 -23.56 -31.58 40.03
C VAL B 245 -22.47 -31.35 38.99
N GLU B 246 -22.42 -30.15 38.41
CA GLU B 246 -21.40 -29.73 37.39
C GLU B 246 -20.02 -30.02 37.97
N LYS B 247 -19.77 -29.59 39.20
CA LYS B 247 -18.47 -29.77 39.90
C LYS B 247 -18.24 -31.24 40.29
N ALA B 248 -19.28 -31.96 40.73
CA ALA B 248 -19.17 -33.40 41.03
C ALA B 248 -18.68 -34.14 39.77
N VAL B 249 -19.23 -33.80 38.61
CA VAL B 249 -18.86 -34.44 37.32
C VAL B 249 -17.35 -34.24 37.07
N GLN B 250 -16.82 -33.07 37.41
CA GLN B 250 -15.39 -32.76 37.24
C GLN B 250 -14.55 -33.77 38.04
N ALA B 251 -14.97 -34.07 39.26
CA ALA B 251 -14.31 -35.03 40.18
C ALA B 251 -14.45 -36.45 39.63
N ILE B 252 -15.59 -36.79 39.03
CA ILE B 252 -15.83 -38.16 38.48
C ILE B 252 -14.95 -38.36 37.24
N ARG B 253 -14.84 -37.36 36.37
CA ARG B 253 -13.96 -37.42 35.17
C ARG B 253 -12.53 -37.76 35.58
N ALA B 254 -12.02 -37.11 36.63
CA ALA B 254 -10.68 -37.36 37.20
C ALA B 254 -10.60 -38.79 37.73
N ALA B 255 -11.58 -39.22 38.53
CA ALA B 255 -11.62 -40.59 39.10
C ALA B 255 -11.55 -41.61 37.95
N TYR B 256 -12.33 -41.38 36.88
CA TYR B 256 -12.41 -42.28 35.70
C TYR B 256 -11.04 -42.31 35.00
N ALA B 257 -10.39 -41.16 34.86
CA ALA B 257 -9.10 -41.07 34.15
C ALA B 257 -8.06 -41.87 34.95
N GLU B 258 -8.05 -41.75 36.27
CA GLU B 258 -7.15 -42.54 37.16
C GLU B 258 -7.45 -44.03 36.96
N ALA B 259 -8.72 -44.41 37.08
CA ALA B 259 -9.15 -45.83 37.07
C ALA B 259 -8.84 -46.49 35.72
N VAL B 260 -9.18 -45.84 34.61
CA VAL B 260 -9.07 -46.47 33.26
C VAL B 260 -7.60 -46.55 32.86
N SER B 261 -6.73 -45.76 33.52
CA SER B 261 -5.27 -45.72 33.25
C SER B 261 -4.55 -46.84 34.01
N ALA B 262 -5.26 -47.62 34.82
CA ALA B 262 -4.69 -48.75 35.59
C ALA B 262 -5.34 -50.05 35.13
N ASN B 263 -4.63 -51.17 35.19
CA ASN B 263 -5.20 -52.52 35.04
C ASN B 263 -5.90 -52.84 36.37
N TYR B 264 -7.20 -53.07 36.36
CA TYR B 264 -8.03 -53.22 37.59
C TYR B 264 -7.89 -51.95 38.45
N GLY B 265 -8.20 -50.80 37.85
CA GLY B 265 -8.24 -49.51 38.56
C GLY B 265 -9.63 -49.20 39.10
N VAL B 266 -9.69 -48.64 40.30
CA VAL B 266 -10.96 -48.22 40.96
C VAL B 266 -10.85 -46.75 41.33
N GLY B 267 -11.80 -45.94 40.89
CA GLY B 267 -11.91 -44.53 41.28
C GLY B 267 -13.08 -44.34 42.25
N VAL B 268 -12.82 -43.79 43.43
CA VAL B 268 -13.89 -43.55 44.45
C VAL B 268 -14.05 -42.05 44.61
N VAL B 269 -15.28 -41.55 44.36
CA VAL B 269 -15.63 -40.11 44.59
C VAL B 269 -16.67 -40.05 45.71
N LYS B 270 -16.34 -39.35 46.80
CA LYS B 270 -17.32 -38.96 47.84
C LYS B 270 -17.90 -37.59 47.49
N LEU B 271 -19.22 -37.46 47.54
CA LEU B 271 -19.92 -36.17 47.25
C LEU B 271 -20.81 -35.85 48.43
N MET B 272 -21.17 -34.58 48.59
CA MET B 272 -22.17 -34.15 49.60
C MET B 272 -23.49 -34.89 49.40
N GLY B 273 -24.26 -34.99 50.48
CA GLY B 273 -25.52 -35.75 50.57
C GLY B 273 -25.63 -36.42 51.93
N ARG B 274 -25.93 -35.63 52.96
CA ARG B 274 -25.94 -36.09 54.37
C ARG B 274 -27.12 -37.05 54.57
N ASP B 275 -28.29 -36.72 54.05
CA ASP B 275 -29.54 -37.49 54.26
C ASP B 275 -30.23 -37.80 52.92
N SER B 276 -29.69 -37.34 51.81
CA SER B 276 -30.29 -37.51 50.46
C SER B 276 -29.18 -37.75 49.43
N GLY B 277 -29.49 -38.39 48.30
CA GLY B 277 -28.50 -38.79 47.29
C GLY B 277 -28.71 -38.10 45.96
N PHE B 278 -29.37 -36.94 45.93
CA PHE B 278 -29.71 -36.20 44.69
C PHE B 278 -28.42 -35.82 43.92
N ILE B 279 -27.41 -35.31 44.62
CA ILE B 279 -26.13 -34.88 43.96
C ILE B 279 -25.43 -36.13 43.41
N ALA B 280 -25.23 -37.14 44.25
CA ALA B 280 -24.61 -38.43 43.88
C ALA B 280 -25.32 -39.02 42.65
N ALA B 281 -26.65 -39.07 42.64
CA ALA B 281 -27.45 -39.69 41.58
C ALA B 281 -27.31 -38.89 40.27
N GLN B 282 -27.53 -37.57 40.30
CA GLN B 282 -27.47 -36.75 39.07
C GLN B 282 -26.03 -36.72 38.53
N ALA B 283 -25.04 -36.58 39.41
CA ALA B 283 -23.61 -36.58 39.01
C ALA B 283 -23.27 -37.91 38.35
N ALA B 284 -23.73 -39.02 38.93
CA ALA B 284 -23.53 -40.37 38.36
C ALA B 284 -23.99 -40.37 36.90
N VAL B 285 -25.23 -39.97 36.64
CA VAL B 285 -25.81 -40.04 35.27
C VAL B 285 -25.13 -39.01 34.37
N ALA B 286 -25.02 -37.78 34.84
CA ALA B 286 -24.42 -36.65 34.09
C ALA B 286 -22.97 -36.98 33.69
N SER B 287 -22.21 -37.68 34.53
CA SER B 287 -20.80 -38.07 34.23
C SER B 287 -20.78 -39.09 33.09
N ALA B 288 -21.79 -39.94 33.04
CA ALA B 288 -21.88 -41.08 32.09
C ALA B 288 -20.70 -42.04 32.26
N GLN B 289 -20.03 -42.04 33.40
CA GLN B 289 -18.81 -42.85 33.66
C GLN B 289 -18.98 -43.70 34.94
N ALA B 290 -20.09 -43.60 35.65
CA ALA B 290 -20.29 -44.23 36.98
C ALA B 290 -20.66 -45.70 36.82
N ASN B 291 -20.13 -46.59 37.67
CA ASN B 291 -20.46 -48.04 37.66
C ASN B 291 -21.24 -48.43 38.93
N ILE B 292 -20.98 -47.78 40.06
CA ILE B 292 -21.67 -48.01 41.35
C ILE B 292 -22.01 -46.64 41.95
N CYS B 293 -23.23 -46.48 42.45
CA CYS B 293 -23.74 -45.21 43.03
C CYS B 293 -24.41 -45.52 44.36
N LEU B 294 -23.78 -45.07 45.46
CA LEU B 294 -24.17 -45.41 46.86
C LEU B 294 -24.78 -44.18 47.53
N VAL B 295 -26.03 -44.29 47.95
CA VAL B 295 -26.84 -43.16 48.50
C VAL B 295 -27.51 -43.63 49.79
N PRO B 296 -27.72 -42.74 50.78
CA PRO B 296 -28.28 -43.15 52.07
C PRO B 296 -29.67 -43.79 51.96
N GLU B 297 -30.46 -43.42 50.95
CA GLU B 297 -31.83 -43.95 50.71
C GLU B 297 -31.82 -45.44 50.38
N ASN B 298 -30.67 -46.00 49.97
CA ASN B 298 -30.53 -47.40 49.50
C ASN B 298 -29.36 -48.04 50.21
N PRO B 299 -29.48 -48.31 51.54
CA PRO B 299 -28.37 -48.87 52.31
C PRO B 299 -28.13 -50.31 51.83
N ILE B 300 -26.90 -50.63 51.46
CA ILE B 300 -26.49 -52.00 51.05
C ILE B 300 -25.18 -52.30 51.77
N SER B 301 -24.87 -53.58 51.94
CA SER B 301 -23.74 -54.04 52.78
C SER B 301 -22.43 -53.90 52.01
N GLU B 302 -21.35 -53.75 52.77
CA GLU B 302 -19.95 -53.94 52.33
C GLU B 302 -19.86 -55.10 51.33
N GLN B 303 -20.47 -56.25 51.65
CA GLN B 303 -20.37 -57.49 50.83
C GLN B 303 -21.08 -57.24 49.49
N GLU B 304 -22.23 -56.56 49.50
CA GLU B 304 -23.02 -56.28 48.26
C GLU B 304 -22.22 -55.36 47.34
N VAL B 305 -21.53 -54.36 47.91
CA VAL B 305 -20.68 -53.39 47.16
C VAL B 305 -19.56 -54.18 46.48
N MET B 306 -18.80 -54.96 47.24
CA MET B 306 -17.67 -55.76 46.68
C MET B 306 -18.20 -56.73 45.62
N SER B 307 -19.45 -57.20 45.70
CA SER B 307 -20.09 -58.07 44.68
C SER B 307 -20.20 -57.32 43.36
N LEU B 308 -20.64 -56.06 43.43
CA LEU B 308 -20.82 -55.17 42.24
C LEU B 308 -19.45 -54.88 41.63
N LEU B 309 -18.43 -54.68 42.46
CA LEU B 309 -17.04 -54.41 41.99
C LEU B 309 -16.55 -55.63 41.22
N GLU B 310 -16.70 -56.82 41.78
CA GLU B 310 -16.13 -58.08 41.20
C GLU B 310 -16.88 -58.38 39.90
N ARG B 311 -18.17 -58.04 39.84
CA ARG B 311 -19.00 -58.21 38.63
C ARG B 311 -18.52 -57.27 37.51
N ARG B 312 -18.25 -56.01 37.84
CA ARG B 312 -17.71 -55.02 36.89
C ARG B 312 -16.38 -55.56 36.34
N PHE B 313 -15.54 -56.15 37.20
CA PHE B 313 -14.17 -56.59 36.85
C PHE B 313 -14.17 -57.92 36.08
N CYS B 314 -15.34 -58.56 35.91
CA CYS B 314 -15.44 -59.81 35.10
C CYS B 314 -14.92 -59.54 33.69
N HIS B 315 -15.40 -58.48 33.03
CA HIS B 315 -15.15 -58.18 31.60
C HIS B 315 -14.82 -56.70 31.39
N SER B 316 -14.43 -55.99 32.45
CA SER B 316 -14.00 -54.58 32.40
C SER B 316 -12.79 -54.40 33.32
N ARG B 317 -11.90 -53.46 33.02
CA ARG B 317 -10.62 -53.32 33.75
C ARG B 317 -10.64 -52.07 34.65
N SER B 318 -11.77 -51.35 34.72
CA SER B 318 -11.88 -50.13 35.57
C SER B 318 -13.30 -50.06 36.17
N CYS B 319 -13.41 -49.43 37.33
CA CYS B 319 -14.68 -49.26 38.07
C CYS B 319 -14.68 -47.88 38.72
N VAL B 320 -15.77 -47.13 38.57
CA VAL B 320 -15.95 -45.81 39.25
C VAL B 320 -17.08 -45.95 40.25
N ILE B 321 -16.82 -45.63 41.52
CA ILE B 321 -17.80 -45.71 42.64
C ILE B 321 -18.08 -44.28 43.14
N ILE B 322 -19.34 -43.83 43.04
CA ILE B 322 -19.81 -42.54 43.63
C ILE B 322 -20.44 -42.89 44.99
N VAL B 323 -20.09 -42.19 46.06
CA VAL B 323 -20.69 -42.43 47.41
C VAL B 323 -21.08 -41.09 48.03
N ALA B 324 -22.36 -40.92 48.35
CA ALA B 324 -22.87 -39.78 49.13
C ALA B 324 -22.31 -39.86 50.55
N GLU B 325 -22.02 -38.73 51.21
CA GLU B 325 -21.35 -38.72 52.54
C GLU B 325 -22.25 -39.38 53.59
N GLY B 326 -23.56 -39.43 53.34
CA GLY B 326 -24.56 -40.01 54.25
C GLY B 326 -24.71 -41.50 54.13
N PHE B 327 -24.15 -42.13 53.11
CA PHE B 327 -24.24 -43.59 52.89
C PHE B 327 -23.43 -44.33 53.97
N GLY B 328 -23.89 -45.52 54.34
CA GLY B 328 -23.13 -46.50 55.13
C GLY B 328 -22.66 -45.95 56.46
N GLN B 329 -23.53 -45.31 57.22
CA GLN B 329 -23.21 -44.79 58.58
C GLN B 329 -23.17 -45.96 59.59
N ASP B 330 -23.67 -47.16 59.21
CA ASP B 330 -23.66 -48.41 60.01
C ASP B 330 -22.33 -49.18 59.82
N TRP B 331 -21.37 -48.69 59.02
CA TRP B 331 -20.16 -49.45 58.63
C TRP B 331 -19.06 -49.31 59.69
N GLY B 332 -19.27 -48.49 60.74
CA GLY B 332 -18.34 -48.36 61.89
C GLY B 332 -17.11 -47.56 61.50
N LEU B 346 -21.15 -38.55 59.92
CA LEU B 346 -20.46 -38.55 61.25
C LEU B 346 -19.08 -39.24 61.09
N ILE B 347 -19.00 -40.37 60.38
CA ILE B 347 -17.73 -41.07 60.01
C ILE B 347 -17.48 -40.81 58.52
N ASP B 348 -16.23 -40.86 58.09
CA ASP B 348 -15.86 -40.53 56.69
C ASP B 348 -16.01 -41.79 55.83
N ILE B 349 -17.16 -41.95 55.20
CA ILE B 349 -17.49 -43.15 54.37
C ILE B 349 -16.56 -43.22 53.17
N GLY B 350 -16.06 -42.09 52.70
CA GLY B 350 -15.09 -42.03 51.59
C GLY B 350 -13.81 -42.78 51.95
N VAL B 351 -13.25 -42.48 53.12
CA VAL B 351 -11.97 -43.08 53.58
C VAL B 351 -12.22 -44.57 53.86
N ILE B 352 -13.33 -44.87 54.54
CA ILE B 352 -13.68 -46.25 54.98
C ILE B 352 -13.93 -47.13 53.75
N LEU B 353 -14.74 -46.66 52.78
CA LEU B 353 -15.04 -47.43 51.54
C LEU B 353 -13.73 -47.71 50.80
N THR B 354 -12.82 -46.73 50.76
CA THR B 354 -11.54 -46.83 50.03
C THR B 354 -10.68 -47.92 50.69
N GLU B 355 -10.58 -47.91 52.03
CA GLU B 355 -9.81 -48.92 52.82
C GLU B 355 -10.35 -50.32 52.52
N LYS B 356 -11.67 -50.48 52.52
CA LYS B 356 -12.35 -51.79 52.38
C LYS B 356 -12.18 -52.32 50.95
N VAL B 357 -12.27 -51.45 49.95
CA VAL B 357 -12.02 -51.82 48.52
C VAL B 357 -10.56 -52.25 48.39
N LYS B 358 -9.61 -51.53 49.01
CA LYS B 358 -8.17 -51.90 48.98
C LYS B 358 -7.98 -53.28 49.63
N ALA B 359 -8.57 -53.49 50.81
CA ALA B 359 -8.54 -54.75 51.59
C ALA B 359 -9.08 -55.90 50.73
N PHE B 360 -10.22 -55.70 50.08
CA PHE B 360 -10.88 -56.69 49.20
C PHE B 360 -9.95 -57.06 48.04
N LEU B 361 -9.31 -56.08 47.39
CA LEU B 361 -8.47 -56.32 46.19
C LEU B 361 -7.17 -57.01 46.60
N LYS B 362 -6.62 -56.68 47.77
CA LYS B 362 -5.41 -57.32 48.37
C LYS B 362 -5.71 -58.79 48.69
N ALA B 363 -6.89 -59.09 49.24
CA ALA B 363 -7.37 -60.46 49.53
C ALA B 363 -7.53 -61.26 48.23
N ASN B 364 -7.57 -60.60 47.07
CA ASN B 364 -7.82 -61.27 45.77
C ASN B 364 -6.74 -60.88 44.74
N LYS B 365 -5.48 -60.65 45.14
CA LYS B 365 -4.36 -60.32 44.22
C LYS B 365 -4.31 -61.30 43.04
N SER B 366 -4.61 -62.57 43.27
CA SER B 366 -4.55 -63.66 42.25
C SER B 366 -5.41 -63.29 41.03
N ARG B 367 -6.64 -62.80 41.25
CA ARG B 367 -7.62 -62.47 40.17
C ARG B 367 -7.37 -61.05 39.65
N TYR B 368 -6.98 -60.13 40.53
CA TYR B 368 -6.84 -58.68 40.25
C TYR B 368 -5.41 -58.24 40.59
N PRO B 369 -4.38 -58.71 39.86
CA PRO B 369 -2.99 -58.31 40.14
C PRO B 369 -2.70 -56.83 39.82
N ASP B 370 -1.86 -56.20 40.65
CA ASP B 370 -1.38 -54.81 40.44
C ASP B 370 -2.60 -53.85 40.35
N SER B 371 -3.65 -54.12 41.13
CA SER B 371 -4.86 -53.26 41.19
C SER B 371 -4.48 -51.92 41.84
N THR B 372 -5.24 -50.86 41.57
CA THR B 372 -5.04 -49.50 42.11
C THR B 372 -6.40 -48.96 42.56
N VAL B 373 -6.45 -48.27 43.69
CA VAL B 373 -7.68 -47.57 44.18
C VAL B 373 -7.30 -46.12 44.46
N LYS B 374 -7.96 -45.19 43.77
CA LYS B 374 -7.70 -43.73 43.87
C LYS B 374 -8.98 -43.10 44.47
N TYR B 375 -8.81 -42.32 45.54
CA TYR B 375 -9.94 -41.66 46.26
C TYR B 375 -9.89 -40.15 46.01
N ILE B 376 -11.01 -39.57 45.57
CA ILE B 376 -11.17 -38.10 45.39
C ILE B 376 -12.31 -37.62 46.28
N ASP B 377 -12.03 -36.61 47.11
CA ASP B 377 -13.01 -35.87 47.94
C ASP B 377 -12.96 -34.41 47.52
N PRO B 378 -13.80 -33.98 46.57
CA PRO B 378 -13.81 -32.58 46.13
C PRO B 378 -14.36 -31.65 47.21
N SER B 379 -15.00 -32.22 48.24
CA SER B 379 -15.59 -31.53 49.40
C SER B 379 -16.15 -30.16 48.96
N TYR B 380 -15.59 -29.07 49.47
CA TYR B 380 -16.21 -27.71 49.41
C TYR B 380 -16.08 -27.13 48.00
N MET B 381 -15.30 -27.73 47.11
CA MET B 381 -15.15 -27.22 45.71
C MET B 381 -16.50 -27.28 44.97
N ILE B 382 -17.47 -28.08 45.43
CA ILE B 382 -18.76 -28.23 44.70
C ILE B 382 -19.77 -27.20 45.19
N ARG B 383 -19.45 -26.42 46.23
CA ARG B 383 -20.40 -25.42 46.78
C ARG B 383 -19.78 -24.03 46.88
N ALA B 384 -18.46 -23.88 46.90
CA ALA B 384 -17.77 -22.61 47.16
C ALA B 384 -17.34 -21.95 45.86
N CYS B 385 -18.28 -21.77 44.94
CA CYS B 385 -17.98 -21.30 43.57
C CYS B 385 -19.14 -20.49 43.02
N PRO B 386 -18.94 -19.71 41.94
CA PRO B 386 -20.05 -19.03 41.30
C PRO B 386 -20.95 -20.07 40.63
N PRO B 387 -22.21 -19.73 40.39
CA PRO B 387 -23.16 -20.69 39.83
C PRO B 387 -23.00 -20.88 38.32
N SER B 388 -23.42 -22.04 37.83
CA SER B 388 -23.72 -22.29 36.40
C SER B 388 -24.68 -21.21 35.89
N ALA B 389 -24.70 -20.99 34.58
CA ALA B 389 -25.63 -20.01 33.95
C ALA B 389 -27.06 -20.35 34.36
N ASN B 390 -27.45 -21.62 34.28
CA ASN B 390 -28.84 -22.02 34.59
C ASN B 390 -29.15 -21.71 36.06
N ASP B 391 -28.18 -21.83 36.96
CA ASP B 391 -28.37 -21.50 38.41
C ASP B 391 -28.39 -19.98 38.60
N ALA B 392 -27.64 -19.21 37.82
CA ALA B 392 -27.69 -17.73 37.88
C ALA B 392 -29.10 -17.25 37.51
N LEU B 393 -29.68 -17.81 36.44
CA LEU B 393 -31.05 -17.51 35.98
C LEU B 393 -32.02 -17.79 37.12
N PHE B 394 -31.89 -18.97 37.72
CA PHE B 394 -32.77 -19.46 38.80
C PHE B 394 -32.64 -18.53 40.01
N CYS B 395 -31.42 -18.23 40.45
CA CYS B 395 -31.15 -17.37 41.63
C CYS B 395 -31.80 -16.00 41.43
N ALA B 396 -31.58 -15.36 40.28
CA ALA B 396 -32.09 -14.01 39.96
C ALA B 396 -33.62 -14.03 40.01
N THR B 397 -34.23 -15.08 39.45
CA THR B 397 -35.70 -15.20 39.33
C THR B 397 -36.30 -15.45 40.72
N LEU B 398 -35.73 -16.36 41.52
CA LEU B 398 -36.15 -16.63 42.92
C LEU B 398 -36.15 -15.32 43.70
N ALA B 399 -35.04 -14.59 43.63
CA ALA B 399 -34.81 -13.36 44.41
C ALA B 399 -35.83 -12.29 43.98
N THR B 400 -36.06 -12.17 42.68
CA THR B 400 -36.93 -11.11 42.09
C THR B 400 -38.37 -11.35 42.57
N LEU B 401 -38.84 -12.59 42.45
CA LEU B 401 -40.24 -12.95 42.84
C LEU B 401 -40.38 -12.88 44.36
N ALA B 402 -39.32 -13.23 45.10
CA ALA B 402 -39.32 -13.10 46.58
C ALA B 402 -39.62 -11.65 46.96
N VAL B 403 -39.02 -10.68 46.28
CA VAL B 403 -39.20 -9.24 46.57
C VAL B 403 -40.63 -8.83 46.16
N HIS B 404 -41.09 -9.23 44.99
CA HIS B 404 -42.48 -8.95 44.54
C HIS B 404 -43.47 -9.36 45.65
N GLU B 405 -43.34 -10.59 46.14
CA GLU B 405 -44.34 -11.23 47.03
C GLU B 405 -44.22 -10.66 48.45
N ALA B 406 -43.02 -10.38 48.93
CA ALA B 406 -42.80 -9.75 50.26
C ALA B 406 -43.39 -8.33 50.24
N MET B 407 -43.15 -7.57 49.17
CA MET B 407 -43.74 -6.22 49.01
C MET B 407 -45.26 -6.36 49.08
N ALA B 408 -45.81 -7.42 48.49
CA ALA B 408 -47.27 -7.71 48.42
C ALA B 408 -47.74 -8.41 49.69
N GLY B 409 -46.93 -8.39 50.76
CA GLY B 409 -47.37 -8.74 52.13
C GLY B 409 -47.16 -10.19 52.52
N ALA B 410 -46.66 -11.05 51.63
CA ALA B 410 -46.33 -12.46 51.95
C ALA B 410 -45.35 -12.46 53.12
N THR B 411 -45.56 -13.33 54.11
CA THR B 411 -44.68 -13.54 55.29
C THR B 411 -44.80 -14.99 55.80
N GLY B 412 -43.79 -15.45 56.55
CA GLY B 412 -43.71 -16.81 57.12
C GLY B 412 -43.64 -17.89 56.06
N CYS B 413 -43.22 -17.56 54.84
CA CYS B 413 -43.20 -18.51 53.69
C CYS B 413 -41.80 -18.54 53.05
N ILE B 414 -41.58 -19.53 52.20
CA ILE B 414 -40.40 -19.64 51.30
C ILE B 414 -40.90 -19.59 49.85
N ILE B 415 -40.03 -19.20 48.92
CA ILE B 415 -40.26 -19.37 47.46
C ILE B 415 -39.57 -20.67 47.04
N ALA B 416 -40.19 -21.41 46.14
CA ALA B 416 -39.73 -22.74 45.70
C ALA B 416 -40.10 -22.96 44.24
N MET B 417 -39.58 -24.04 43.67
CA MET B 417 -39.93 -24.42 42.28
C MET B 417 -40.45 -25.85 42.23
N ARG B 418 -41.59 -26.03 41.59
CA ARG B 418 -42.23 -27.33 41.28
C ARG B 418 -42.74 -27.30 39.86
N HIS B 419 -42.57 -28.39 39.11
CA HIS B 419 -43.20 -28.56 37.77
C HIS B 419 -42.94 -27.30 36.95
N ASN B 420 -41.75 -26.73 37.07
CA ASN B 420 -41.29 -25.63 36.19
C ASN B 420 -41.92 -24.27 36.55
N ASN B 421 -42.63 -24.17 37.69
CA ASN B 421 -43.27 -22.91 38.14
C ASN B 421 -42.79 -22.50 39.53
N TYR B 422 -42.71 -21.20 39.76
CA TYR B 422 -42.33 -20.59 41.05
C TYR B 422 -43.59 -20.50 41.92
N ILE B 423 -43.50 -21.05 43.14
CA ILE B 423 -44.64 -21.16 44.09
C ILE B 423 -44.21 -20.62 45.46
N LEU B 424 -45.20 -20.31 46.32
CA LEU B 424 -45.00 -19.94 47.73
C LEU B 424 -45.48 -21.10 48.61
N VAL B 425 -44.76 -21.40 49.69
CA VAL B 425 -45.06 -22.52 50.62
C VAL B 425 -44.80 -21.99 52.02
N PRO B 426 -45.75 -22.11 52.97
CA PRO B 426 -45.48 -21.72 54.36
C PRO B 426 -44.27 -22.47 54.91
N ILE B 427 -43.50 -21.81 55.76
CA ILE B 427 -42.28 -22.38 56.40
C ILE B 427 -42.68 -23.60 57.23
N LYS B 428 -43.79 -23.52 57.97
CA LYS B 428 -44.21 -24.60 58.91
C LYS B 428 -44.22 -25.95 58.17
N VAL B 429 -44.93 -26.06 57.04
CA VAL B 429 -45.07 -27.34 56.29
C VAL B 429 -43.76 -27.67 55.58
N ALA B 430 -43.03 -26.67 55.08
CA ALA B 430 -41.78 -26.87 54.32
C ALA B 430 -40.68 -27.44 55.22
N THR B 431 -40.74 -27.15 56.52
CA THR B 431 -39.72 -27.53 57.52
C THR B 431 -40.19 -28.74 58.35
N SER B 432 -41.33 -29.35 58.01
CA SER B 432 -41.90 -30.50 58.76
C SER B 432 -41.29 -31.80 58.25
N VAL B 433 -41.00 -31.88 56.96
CA VAL B 433 -40.56 -33.14 56.28
C VAL B 433 -39.42 -32.85 55.30
N ARG B 434 -38.42 -33.72 55.30
CA ARG B 434 -37.25 -33.72 54.37
C ARG B 434 -37.61 -34.54 53.12
N ARG B 435 -37.18 -34.10 51.94
CA ARG B 435 -37.32 -34.84 50.66
C ARG B 435 -36.08 -35.72 50.47
N VAL B 436 -36.26 -36.83 49.76
CA VAL B 436 -35.31 -37.97 49.69
C VAL B 436 -35.51 -38.63 48.31
N LEU B 437 -34.50 -39.30 47.78
CA LEU B 437 -34.62 -39.97 46.46
C LEU B 437 -35.83 -40.92 46.51
N ASP B 438 -36.69 -40.87 45.51
CA ASP B 438 -37.70 -41.93 45.25
C ASP B 438 -36.99 -43.08 44.52
N LEU B 439 -36.79 -44.23 45.18
CA LEU B 439 -36.09 -45.40 44.59
C LEU B 439 -36.94 -45.99 43.46
N ARG B 440 -38.20 -45.56 43.31
CA ARG B 440 -39.09 -45.99 42.21
C ARG B 440 -39.35 -44.81 41.27
N GLY B 441 -38.67 -43.69 41.48
CA GLY B 441 -38.78 -42.46 40.66
C GLY B 441 -37.95 -42.51 39.39
N GLN B 442 -38.01 -41.46 38.59
CA GLN B 442 -37.44 -41.45 37.19
C GLN B 442 -35.92 -41.38 37.28
N LEU B 443 -35.37 -40.54 38.16
CA LEU B 443 -33.90 -40.33 38.29
C LEU B 443 -33.23 -41.63 38.71
N TRP B 444 -33.71 -42.26 39.79
CA TRP B 444 -33.04 -43.47 40.35
C TRP B 444 -33.10 -44.61 39.33
N ARG B 445 -34.20 -44.70 38.57
CA ARG B 445 -34.32 -45.68 37.45
C ARG B 445 -33.20 -45.43 36.45
N GLN B 446 -32.94 -44.17 36.09
CA GLN B 446 -31.88 -43.80 35.12
C GLN B 446 -30.50 -44.17 35.70
N VAL B 447 -30.28 -43.99 37.00
CA VAL B 447 -28.98 -44.38 37.66
C VAL B 447 -28.76 -45.88 37.46
N ARG B 448 -29.80 -46.70 37.60
CA ARG B 448 -29.64 -48.16 37.57
C ARG B 448 -29.44 -48.65 36.14
N GLU B 449 -29.81 -47.87 35.12
CA GLU B 449 -29.64 -48.28 33.70
C GLU B 449 -28.16 -48.25 33.35
N ILE B 450 -27.37 -47.37 34.00
CA ILE B 450 -25.95 -47.11 33.64
C ILE B 450 -25.02 -47.86 34.61
N THR B 451 -25.49 -48.24 35.79
CA THR B 451 -24.66 -48.90 36.83
C THR B 451 -24.75 -50.42 36.66
N VAL B 452 -23.91 -51.15 37.37
CA VAL B 452 -23.78 -52.63 37.25
C VAL B 452 -24.98 -53.25 37.99
N ASP B 453 -25.55 -54.32 37.43
CA ASP B 453 -26.64 -55.14 38.00
C ASP B 453 -26.07 -56.50 38.38
N LEU B 454 -26.74 -57.22 39.29
CA LEU B 454 -26.37 -58.61 39.65
C LEU B 454 -27.20 -59.61 38.84
N GLY B 455 -28.23 -59.18 38.11
CA GLY B 455 -29.22 -60.08 37.50
C GLY B 455 -28.82 -60.68 36.16
N SER B 456 -27.98 -59.99 35.38
CA SER B 456 -27.79 -60.27 33.93
C SER B 456 -26.62 -61.24 33.75
N ASP B 457 -26.65 -62.06 32.71
CA ASP B 457 -25.56 -63.02 32.39
C ASP B 457 -24.41 -62.21 31.76
N VAL B 458 -23.31 -62.04 32.49
CA VAL B 458 -22.16 -61.18 32.07
C VAL B 458 -21.35 -61.90 31.00
N ARG B 459 -21.30 -63.24 31.06
CA ARG B 459 -20.59 -64.09 30.07
C ARG B 459 -21.36 -63.95 28.75
N LEU B 460 -22.69 -64.15 28.77
CA LEU B 460 -23.55 -64.03 27.56
C LEU B 460 -23.39 -62.61 26.98
N ALA B 461 -23.43 -61.58 27.82
CA ALA B 461 -23.30 -60.15 27.42
C ALA B 461 -21.99 -59.92 26.66
N ARG B 462 -20.87 -60.47 27.17
CA ARG B 462 -19.54 -60.28 26.55
C ARG B 462 -19.50 -61.06 25.22
N LYS B 463 -20.09 -62.25 25.19
CA LYS B 463 -20.16 -63.08 23.98
C LYS B 463 -20.80 -62.25 22.87
N LEU B 464 -21.96 -61.64 23.14
CA LEU B 464 -22.73 -60.87 22.13
C LEU B 464 -21.95 -59.60 21.75
N GLU B 465 -21.22 -58.99 22.69
CA GLU B 465 -20.49 -57.71 22.43
C GLU B 465 -19.29 -58.02 21.53
N ILE B 466 -18.68 -59.20 21.67
CA ILE B 466 -17.55 -59.62 20.79
C ILE B 466 -18.08 -59.79 19.36
N ARG B 467 -19.26 -60.39 19.20
CA ARG B 467 -19.92 -60.54 17.87
C ARG B 467 -20.13 -59.15 17.25
N ARG B 468 -20.77 -58.22 17.99
CA ARG B 468 -21.07 -56.85 17.48
C ARG B 468 -19.78 -56.17 17.03
N GLU B 469 -18.69 -56.35 17.78
CA GLU B 469 -17.40 -55.68 17.49
C GLU B 469 -16.73 -56.34 16.28
N LEU B 470 -16.79 -57.68 16.16
CA LEU B 470 -16.22 -58.41 14.99
C LEU B 470 -16.94 -57.97 13.72
N GLU B 471 -18.26 -57.75 13.78
CA GLU B 471 -19.06 -57.31 12.61
C GLU B 471 -18.58 -55.93 12.16
N ALA B 472 -18.25 -55.05 13.12
CA ALA B 472 -17.73 -53.68 12.85
C ALA B 472 -16.36 -53.79 12.18
N ILE B 473 -15.48 -54.58 12.77
CA ILE B 473 -14.09 -54.82 12.26
C ILE B 473 -14.17 -55.34 10.83
N ASN B 474 -15.02 -56.32 10.57
CA ASN B 474 -15.14 -56.98 9.24
C ASN B 474 -15.70 -55.99 8.21
N ARG B 475 -16.69 -55.17 8.54
CA ARG B 475 -17.24 -54.16 7.59
C ARG B 475 -16.14 -53.14 7.28
N ASN B 476 -15.35 -52.74 8.28
CA ASN B 476 -14.24 -51.78 8.10
C ASN B 476 -13.12 -52.41 7.25
N ARG B 477 -12.74 -53.64 7.56
CA ARG B 477 -11.74 -54.42 6.81
C ARG B 477 -12.16 -54.46 5.33
N ASP B 478 -13.44 -54.62 5.04
CA ASP B 478 -13.98 -54.72 3.65
C ASP B 478 -13.91 -53.36 2.97
N ARG B 479 -14.38 -52.29 3.62
CA ARG B 479 -14.40 -50.92 3.04
C ARG B 479 -12.96 -50.50 2.74
N LEU B 480 -12.00 -50.95 3.55
CA LEU B 480 -10.56 -50.60 3.41
C LEU B 480 -9.92 -51.39 2.26
N HIS B 481 -10.14 -52.70 2.16
CA HIS B 481 -9.61 -53.56 1.05
C HIS B 481 -10.13 -53.01 -0.29
N GLU B 482 -11.35 -52.46 -0.30
CA GLU B 482 -11.98 -51.83 -1.49
C GLU B 482 -11.25 -50.52 -1.83
N GLU B 483 -11.25 -49.53 -0.95
CA GLU B 483 -10.52 -48.24 -1.14
C GLU B 483 -9.09 -48.52 -1.65
N LEU B 484 -8.42 -49.54 -1.09
CA LEU B 484 -7.00 -49.88 -1.41
C LEU B 484 -6.90 -50.45 -2.84
N ALA B 485 -7.91 -51.16 -3.33
CA ALA B 485 -7.93 -51.74 -4.70
C ALA B 485 -7.95 -50.63 -5.77
N LYS B 486 -8.56 -49.47 -5.48
CA LYS B 486 -8.72 -48.33 -6.42
C LYS B 486 -7.58 -47.30 -6.22
N LEU B 487 -6.54 -47.61 -5.45
CA LEU B 487 -5.34 -46.74 -5.31
C LEU B 487 -4.21 -47.38 -6.13
N SER C 23 21.19 -3.20 14.16
CA SER C 23 21.75 -1.85 14.36
C SER C 23 21.81 -1.47 15.85
N VAL C 24 21.35 -2.32 16.77
CA VAL C 24 21.10 -1.94 18.19
C VAL C 24 22.43 -2.07 18.97
N THR C 25 22.71 -1.10 19.84
CA THR C 25 23.97 -0.96 20.62
C THR C 25 23.65 -1.10 22.12
N GLN C 26 24.64 -1.41 22.95
CA GLN C 26 24.47 -1.55 24.43
C GLN C 26 23.85 -0.27 25.01
N GLU C 27 24.13 0.91 24.42
CA GLU C 27 23.66 2.23 24.90
C GLU C 27 22.13 2.32 24.70
N ASP C 28 21.60 1.74 23.63
CA ASP C 28 20.15 1.70 23.33
C ASP C 28 19.41 0.95 24.44
N LEU C 29 20.08 0.03 25.15
CA LEU C 29 19.48 -0.84 26.20
C LEU C 29 19.76 -0.28 27.60
N LYS C 30 20.52 0.82 27.72
CA LYS C 30 20.85 1.41 29.05
C LYS C 30 19.57 2.04 29.60
N VAL C 31 19.08 1.51 30.72
CA VAL C 31 17.83 1.96 31.38
C VAL C 31 18.11 3.21 32.21
N ASP C 32 17.41 4.29 31.90
CA ASP C 32 17.44 5.58 32.62
C ASP C 32 17.13 5.38 34.10
N ARG C 33 17.89 6.01 35.00
CA ARG C 33 17.61 6.07 36.46
C ARG C 33 17.51 7.53 36.89
N LEU C 34 16.45 7.89 37.60
CA LEU C 34 16.35 9.23 38.23
C LEU C 34 17.53 9.37 39.18
N PRO C 35 18.06 10.61 39.38
CA PRO C 35 19.27 10.80 40.18
C PRO C 35 19.02 10.59 41.69
N GLY C 36 19.84 9.74 42.31
CA GLY C 36 19.83 9.52 43.78
C GLY C 36 19.09 8.25 44.17
N ALA C 37 19.63 7.54 45.16
CA ALA C 37 18.99 6.38 45.85
C ALA C 37 19.20 6.55 47.36
N ASP C 38 18.50 7.52 47.94
CA ASP C 38 18.82 8.09 49.27
C ASP C 38 18.08 7.31 50.38
N TYR C 39 17.19 6.38 50.05
CA TYR C 39 16.30 5.73 51.05
C TYR C 39 16.56 4.23 51.06
N PRO C 40 16.49 3.59 52.24
CA PRO C 40 16.59 2.13 52.32
C PRO C 40 15.26 1.50 51.89
N ASN C 41 15.32 0.33 51.28
CA ASN C 41 14.09 -0.43 50.91
C ASN C 41 13.41 -0.88 52.19
N PRO C 42 12.16 -0.45 52.44
CA PRO C 42 11.45 -0.81 53.67
C PRO C 42 10.88 -2.24 53.69
N SER C 43 10.90 -2.94 52.56
CA SER C 43 10.28 -4.28 52.41
C SER C 43 10.72 -5.19 53.55
N LYS C 44 9.74 -5.78 54.23
CA LYS C 44 9.91 -6.78 55.32
C LYS C 44 9.43 -8.14 54.81
N LYS C 45 9.47 -8.36 53.49
CA LYS C 45 8.89 -9.55 52.80
C LYS C 45 9.95 -10.66 52.69
N TYR C 46 11.22 -10.29 52.47
CA TYR C 46 12.37 -11.22 52.29
C TYR C 46 13.00 -11.55 53.65
N SER C 48 16.17 -11.76 54.95
CA SER C 48 17.30 -10.85 55.30
C SER C 48 17.46 -9.76 54.25
N ARG C 49 18.37 -8.80 54.48
CA ARG C 49 18.60 -7.61 53.61
C ARG C 49 19.57 -7.95 52.46
N THR C 50 20.12 -9.17 52.43
CA THR C 50 21.07 -9.63 51.37
C THR C 50 20.30 -10.02 50.10
N GLU C 51 18.96 -10.13 50.18
CA GLU C 51 18.09 -10.58 49.06
C GLU C 51 17.62 -9.38 48.20
N PHE C 52 17.93 -8.15 48.62
CA PHE C 52 17.83 -6.91 47.80
C PHE C 52 19.13 -6.78 47.01
N ARG C 53 19.16 -5.99 45.93
CA ARG C 53 20.32 -5.92 44.99
C ARG C 53 21.09 -4.62 45.18
N ASP C 54 22.39 -4.75 45.48
CA ASP C 54 23.41 -3.66 45.60
C ASP C 54 23.65 -3.01 44.23
N LYS C 55 23.79 -3.82 43.19
CA LYS C 55 24.28 -3.41 41.84
C LYS C 55 23.32 -3.92 40.75
N THR C 56 23.46 -3.41 39.53
CA THR C 56 22.69 -3.86 38.33
C THR C 56 23.21 -5.23 37.88
N ASP C 57 22.33 -6.25 37.78
CA ASP C 57 22.66 -7.57 37.20
C ASP C 57 22.12 -7.60 35.76
N TYR C 58 22.80 -8.33 34.87
CA TYR C 58 22.47 -8.42 33.42
C TYR C 58 22.23 -9.88 33.03
N ILE C 59 21.58 -10.08 31.88
CA ILE C 59 21.42 -11.38 31.19
C ILE C 59 21.69 -11.14 29.69
N MET C 60 22.28 -12.11 29.00
CA MET C 60 22.66 -11.96 27.57
C MET C 60 21.40 -11.87 26.71
N TYR C 61 21.41 -10.93 25.76
CA TYR C 61 20.35 -10.79 24.72
C TYR C 61 20.24 -12.11 23.95
N ASN C 62 21.37 -12.78 23.70
CA ASN C 62 21.42 -14.02 22.90
C ASN C 62 22.33 -15.04 23.58
N PRO C 63 21.78 -16.07 24.25
CA PRO C 63 22.58 -17.02 25.01
C PRO C 63 23.09 -18.20 24.16
N ARG C 64 23.25 -18.01 22.86
CA ARG C 64 23.90 -18.98 21.92
C ARG C 64 25.39 -18.72 21.87
N PRO C 65 26.26 -19.76 21.84
CA PRO C 65 27.70 -19.57 21.80
C PRO C 65 28.18 -19.16 20.40
N ARG C 66 29.28 -18.39 20.32
CA ARG C 66 29.89 -17.90 19.05
C ARG C 66 30.73 -19.03 18.44
N ASP C 67 31.51 -19.74 19.27
CA ASP C 67 32.49 -20.78 18.88
C ASP C 67 31.94 -22.16 19.27
N GLU C 68 32.63 -23.24 18.89
CA GLU C 68 32.33 -24.64 19.32
C GLU C 68 32.55 -24.74 20.82
N PRO C 69 32.10 -25.83 21.52
CA PRO C 69 32.53 -26.09 22.92
C PRO C 69 34.06 -26.17 23.05
N SER C 70 34.65 -25.40 23.99
CA SER C 70 36.11 -25.22 24.14
C SER C 70 36.51 -25.69 25.55
N SER C 71 37.74 -25.42 25.99
CA SER C 71 38.17 -25.51 27.42
C SER C 71 37.60 -24.32 28.19
N GLU C 72 37.64 -23.12 27.61
CA GLU C 72 37.17 -21.85 28.24
C GLU C 72 35.64 -21.75 28.10
N ASN C 73 34.98 -20.98 28.96
CA ASN C 73 33.50 -20.81 29.02
C ASN C 73 32.98 -20.22 27.71
N PRO C 74 31.72 -20.52 27.31
CA PRO C 74 31.15 -20.04 26.05
C PRO C 74 30.94 -18.51 26.00
N VAL C 75 30.90 -17.96 24.79
CA VAL C 75 30.86 -16.48 24.53
C VAL C 75 29.66 -16.17 23.63
N SER C 76 28.90 -15.10 23.91
CA SER C 76 27.63 -14.76 23.20
C SER C 76 27.94 -14.39 21.75
N VAL C 77 27.09 -14.85 20.82
CA VAL C 77 27.00 -14.37 19.41
C VAL C 77 26.77 -12.86 19.37
N SER C 78 26.08 -12.29 20.37
CA SER C 78 25.66 -10.86 20.42
C SER C 78 26.45 -10.12 21.49
N PRO C 79 26.86 -8.85 21.25
CA PRO C 79 27.51 -8.05 22.31
C PRO C 79 26.52 -7.59 23.41
N LEU C 80 25.22 -7.70 23.15
CA LEU C 80 24.16 -7.00 23.94
C LEU C 80 23.86 -7.72 25.26
N LEU C 81 23.66 -6.92 26.31
CA LEU C 81 23.21 -7.34 27.67
C LEU C 81 21.93 -6.57 28.03
N CYS C 82 20.91 -7.27 28.52
CA CYS C 82 19.63 -6.70 29.00
C CYS C 82 19.64 -6.60 30.52
N GLU C 83 19.19 -5.48 31.08
CA GLU C 83 19.17 -5.25 32.53
C GLU C 83 18.05 -6.11 33.16
N LEU C 84 18.37 -6.91 34.19
CA LEU C 84 17.39 -7.73 34.95
C LEU C 84 16.61 -6.87 35.96
N ALA C 85 15.32 -7.14 36.14
CA ALA C 85 14.43 -6.46 37.11
C ALA C 85 14.45 -7.18 38.45
N ALA C 86 14.66 -6.44 39.53
CA ALA C 86 14.60 -6.96 40.92
C ALA C 86 14.46 -5.81 41.92
N ALA C 87 13.95 -6.12 43.10
CA ALA C 87 13.90 -5.23 44.27
C ALA C 87 15.33 -4.82 44.63
N ARG C 88 15.55 -3.53 44.90
CA ARG C 88 16.89 -2.92 45.13
C ARG C 88 17.05 -2.57 46.61
N SER C 89 18.28 -2.64 47.14
CA SER C 89 18.70 -2.27 48.52
C SER C 89 18.32 -0.82 48.81
N ARG C 90 18.62 0.04 47.84
CA ARG C 90 18.44 1.51 47.94
C ARG C 90 17.45 1.92 46.85
N ILE C 91 16.49 2.78 47.21
CA ILE C 91 15.38 3.24 46.31
C ILE C 91 15.45 4.76 46.20
N HIS C 92 14.88 5.32 45.12
CA HIS C 92 14.95 6.76 44.78
C HIS C 92 13.85 7.54 45.50
N PHE C 93 12.68 6.96 45.66
CA PHE C 93 11.48 7.65 46.22
C PHE C 93 11.31 7.29 47.69
N ASN C 94 11.02 8.31 48.51
CA ASN C 94 10.69 8.15 49.95
C ASN C 94 9.29 7.52 50.05
N PRO C 95 9.17 6.23 50.44
CA PRO C 95 7.91 5.51 50.35
C PRO C 95 6.70 6.25 50.95
N THR C 96 6.80 6.73 52.19
CA THR C 96 5.63 7.30 52.93
C THR C 96 5.22 8.66 52.33
N GLU C 97 6.01 9.25 51.43
CA GLU C 97 5.68 10.52 50.70
C GLU C 97 5.37 10.25 49.23
N THR C 98 5.39 9.00 48.78
CA THR C 98 5.24 8.62 47.34
C THR C 98 3.77 8.36 47.00
N THR C 99 3.32 8.94 45.88
CA THR C 99 1.99 8.70 45.26
C THR C 99 2.21 7.97 43.93
N ILE C 100 1.53 6.84 43.73
CA ILE C 100 1.58 6.05 42.46
C ILE C 100 0.32 6.40 41.65
N GLY C 101 0.49 6.70 40.37
CA GLY C 101 -0.60 6.82 39.39
C GLY C 101 -0.61 5.61 38.48
N ILE C 102 -1.81 5.16 38.07
CA ILE C 102 -2.00 4.07 37.08
C ILE C 102 -2.93 4.59 35.98
N VAL C 103 -2.63 4.26 34.74
CA VAL C 103 -3.53 4.58 33.59
C VAL C 103 -3.48 3.40 32.62
N THR C 104 -4.65 2.99 32.13
CA THR C 104 -4.83 1.89 31.14
C THR C 104 -5.35 2.49 29.83
N CYS C 105 -4.62 2.29 28.74
CA CYS C 105 -4.93 2.88 27.41
C CYS C 105 -5.12 1.78 26.37
N GLY C 106 -5.91 2.06 25.33
CA GLY C 106 -6.10 1.16 24.18
C GLY C 106 -7.06 0.04 24.50
N GLY C 107 -7.24 -0.87 23.56
CA GLY C 107 -8.13 -2.02 23.69
C GLY C 107 -7.78 -2.83 24.92
N ILE C 108 -8.79 -3.37 25.59
CA ILE C 108 -8.59 -4.21 26.81
C ILE C 108 -7.87 -5.49 26.40
N CYS C 109 -7.43 -6.23 27.40
CA CYS C 109 -6.48 -7.36 27.27
C CYS C 109 -6.60 -8.20 28.54
N PRO C 110 -6.63 -9.53 28.48
CA PRO C 110 -6.83 -10.33 29.68
C PRO C 110 -5.72 -10.05 30.72
N GLY C 111 -6.10 -9.76 31.95
CA GLY C 111 -5.16 -9.49 33.06
C GLY C 111 -4.98 -8.02 33.38
N LEU C 112 -5.65 -7.10 32.69
CA LEU C 112 -5.56 -5.65 32.99
C LEU C 112 -5.87 -5.42 34.47
N ASN C 113 -6.98 -5.94 34.99
CA ASN C 113 -7.38 -5.75 36.40
C ASN C 113 -6.32 -6.40 37.31
N ASP C 114 -5.75 -7.54 36.92
CA ASP C 114 -4.67 -8.18 37.72
C ASP C 114 -3.48 -7.22 37.86
N VAL C 115 -3.14 -6.49 36.79
CA VAL C 115 -2.00 -5.55 36.78
C VAL C 115 -2.31 -4.36 37.69
N ILE C 116 -3.51 -3.80 37.57
CA ILE C 116 -3.96 -2.67 38.43
C ILE C 116 -3.88 -3.14 39.89
N ARG C 117 -4.39 -4.34 40.16
CA ARG C 117 -4.47 -4.91 41.52
C ARG C 117 -3.07 -5.08 42.10
N SER C 118 -2.12 -5.63 41.33
CA SER C 118 -0.77 -5.96 41.83
C SER C 118 0.08 -4.71 42.01
N ILE C 119 -0.05 -3.72 41.14
CA ILE C 119 0.61 -2.39 41.33
C ILE C 119 0.13 -1.83 42.68
N THR C 120 -1.18 -1.78 42.87
CA THR C 120 -1.83 -1.21 44.08
C THR C 120 -1.34 -1.95 45.33
N LEU C 121 -1.43 -3.28 45.35
CA LEU C 121 -1.09 -4.09 46.55
C LEU C 121 0.44 -4.07 46.81
N THR C 122 1.27 -4.06 45.77
CA THR C 122 2.73 -3.99 45.96
C THR C 122 3.06 -2.62 46.54
N GLY C 123 2.51 -1.55 45.97
CA GLY C 123 2.68 -0.18 46.48
C GLY C 123 2.34 -0.09 47.96
N ILE C 124 1.23 -0.72 48.37
CA ILE C 124 0.67 -0.57 49.74
C ILE C 124 1.30 -1.60 50.69
N ASN C 125 1.25 -2.89 50.37
CA ASN C 125 1.68 -3.98 51.29
C ASN C 125 3.20 -4.01 51.46
N VAL C 126 3.96 -3.62 50.43
CA VAL C 126 5.44 -3.77 50.43
C VAL C 126 6.08 -2.45 50.81
N TYR C 127 5.72 -1.35 50.12
CA TYR C 127 6.42 -0.04 50.22
C TYR C 127 5.67 0.91 51.16
N ASN C 128 4.40 0.62 51.48
CA ASN C 128 3.55 1.48 52.35
C ASN C 128 3.47 2.89 51.77
N VAL C 129 3.31 3.00 50.45
CA VAL C 129 3.22 4.32 49.75
C VAL C 129 2.03 5.09 50.31
N LYS C 130 2.08 6.41 50.21
CA LYS C 130 1.05 7.31 50.81
C LYS C 130 -0.30 7.03 50.14
N ARG C 131 -0.31 6.89 48.81
CA ARG C 131 -1.55 6.96 48.00
C ARG C 131 -1.35 6.28 46.64
N VAL C 132 -2.40 5.66 46.11
CA VAL C 132 -2.42 5.13 44.71
C VAL C 132 -3.64 5.72 44.00
N ILE C 133 -3.42 6.36 42.86
CA ILE C 133 -4.49 7.03 42.07
C ILE C 133 -4.68 6.26 40.77
N GLY C 134 -5.93 5.97 40.41
CA GLY C 134 -6.32 5.39 39.12
C GLY C 134 -6.93 6.44 38.21
N PHE C 135 -6.18 6.90 37.21
CA PHE C 135 -6.68 7.83 36.17
C PHE C 135 -7.62 7.05 35.27
N ARG C 136 -8.75 7.64 34.90
CA ARG C 136 -9.83 6.91 34.19
C ARG C 136 -9.74 7.17 32.69
N PHE C 137 -10.07 6.15 31.89
CA PHE C 137 -10.32 6.23 30.43
C PHE C 137 -9.06 6.73 29.72
N GLY C 138 -7.92 6.12 30.04
CA GLY C 138 -6.65 6.37 29.35
C GLY C 138 -6.09 7.74 29.66
N TYR C 139 -5.23 8.24 28.78
CA TYR C 139 -4.54 9.54 28.95
C TYR C 139 -5.57 10.65 29.20
N TRP C 140 -6.79 10.53 28.66
CA TRP C 140 -7.90 11.48 28.95
C TRP C 140 -8.00 11.74 30.46
N GLY C 141 -7.79 10.72 31.30
CA GLY C 141 -7.90 10.82 32.76
C GLY C 141 -6.86 11.74 33.38
N LEU C 142 -5.81 12.10 32.63
CA LEU C 142 -4.74 13.01 33.14
C LEU C 142 -4.89 14.41 32.55
N SER C 143 -5.81 14.61 31.60
CA SER C 143 -6.26 15.96 31.14
C SER C 143 -6.87 16.71 32.34
N LYS C 144 -7.00 18.04 32.26
CA LYS C 144 -7.50 18.84 33.40
C LYS C 144 -8.96 18.47 33.68
N LYS C 145 -9.79 18.37 32.64
CA LYS C 145 -11.24 17.98 32.79
C LYS C 145 -11.34 16.55 33.32
N GLY C 146 -10.52 15.63 32.78
CA GLY C 146 -10.56 14.20 33.08
C GLY C 146 -10.09 13.84 34.47
N SER C 147 -9.22 14.65 35.07
CA SER C 147 -8.56 14.35 36.37
C SER C 147 -9.56 14.39 37.53
N GLN C 148 -10.71 15.06 37.34
CA GLN C 148 -11.82 15.10 38.34
C GLN C 148 -12.33 13.66 38.57
N THR C 149 -12.25 12.79 37.57
CA THR C 149 -12.83 11.41 37.60
C THR C 149 -11.86 10.41 38.22
N ALA C 150 -10.61 10.80 38.47
CA ALA C 150 -9.54 9.92 39.03
C ALA C 150 -10.07 9.26 40.31
N ILE C 151 -9.74 8.00 40.55
CA ILE C 151 -10.26 7.25 41.72
C ILE C 151 -9.12 6.87 42.66
N GLU C 152 -9.41 6.80 43.95
CA GLU C 152 -8.47 6.40 45.01
C GLU C 152 -8.46 4.88 45.09
N LEU C 153 -7.32 4.27 44.77
CA LEU C 153 -7.11 2.81 44.86
C LEU C 153 -6.51 2.52 46.24
N HIS C 154 -7.37 2.17 47.18
CA HIS C 154 -6.98 1.58 48.48
C HIS C 154 -7.09 0.06 48.34
N ARG C 155 -6.61 -0.67 49.33
CA ARG C 155 -6.44 -2.15 49.28
C ARG C 155 -7.82 -2.83 49.11
N GLY C 156 -8.86 -2.32 49.77
CA GLY C 156 -10.22 -2.89 49.72
C GLY C 156 -10.88 -2.70 48.36
N ARG C 157 -10.46 -1.72 47.58
CA ARG C 157 -11.05 -1.37 46.27
C ARG C 157 -10.65 -2.39 45.20
N VAL C 158 -9.52 -3.10 45.37
CA VAL C 158 -8.94 -3.96 44.30
C VAL C 158 -9.05 -5.45 44.67
N THR C 159 -9.61 -5.79 45.84
CA THR C 159 -9.56 -7.17 46.37
C THR C 159 -10.03 -8.20 45.34
N ASN C 160 -11.10 -7.91 44.60
CA ASN C 160 -11.84 -8.90 43.79
C ASN C 160 -11.80 -8.54 42.29
N ILE C 161 -11.05 -7.53 41.86
CA ILE C 161 -11.18 -7.01 40.47
C ILE C 161 -10.58 -8.03 39.48
N HIS C 162 -9.75 -8.95 39.95
CA HIS C 162 -9.06 -9.95 39.09
C HIS C 162 -10.03 -11.03 38.61
N HIS C 163 -11.26 -11.09 39.14
CA HIS C 163 -12.27 -12.12 38.75
C HIS C 163 -12.96 -11.78 37.43
N TYR C 164 -12.83 -10.56 36.91
CA TYR C 164 -13.60 -10.16 35.70
C TYR C 164 -12.72 -9.36 34.72
N GLY C 165 -13.17 -9.37 33.46
CA GLY C 165 -12.48 -8.76 32.31
C GLY C 165 -12.59 -7.26 32.28
N GLY C 166 -11.84 -6.63 31.38
CA GLY C 166 -11.87 -5.17 31.19
C GLY C 166 -10.93 -4.49 32.17
N THR C 167 -11.09 -3.18 32.35
CA THR C 167 -10.31 -2.33 33.26
C THR C 167 -11.28 -1.53 34.15
N ILE C 168 -11.14 -1.62 35.47
CA ILE C 168 -11.97 -0.83 36.41
C ILE C 168 -11.73 0.67 36.18
N LEU C 169 -10.60 1.05 35.59
CA LEU C 169 -10.26 2.47 35.32
C LEU C 169 -10.92 2.94 34.01
N GLY C 170 -11.09 2.03 33.05
CA GLY C 170 -11.52 2.37 31.67
C GLY C 170 -10.32 2.73 30.80
N SER C 171 -10.53 2.79 29.48
CA SER C 171 -9.49 3.06 28.46
C SER C 171 -10.01 4.11 27.49
N SER C 172 -9.09 4.69 26.73
CA SER C 172 -9.34 5.39 25.45
C SER C 172 -8.08 5.28 24.58
N ARG C 173 -8.23 5.44 23.26
CA ARG C 173 -7.15 5.36 22.25
C ARG C 173 -6.42 6.71 22.15
N GLY C 174 -7.09 7.83 22.49
CA GLY C 174 -6.58 9.19 22.21
C GLY C 174 -5.28 9.52 22.94
N PRO C 175 -4.35 10.30 22.31
CA PRO C 175 -3.32 11.00 23.07
C PRO C 175 -3.91 12.30 23.66
N GLN C 176 -3.15 12.94 24.55
CA GLN C 176 -3.51 14.24 25.19
C GLN C 176 -2.26 15.14 25.21
N ASP C 177 -2.41 16.39 25.60
CA ASP C 177 -1.28 17.36 25.70
C ASP C 177 -0.36 16.91 26.83
N PRO C 178 0.93 16.56 26.56
CA PRO C 178 1.86 16.15 27.62
C PRO C 178 2.03 17.25 28.70
N LYS C 179 1.97 18.51 28.29
CA LYS C 179 2.09 19.67 29.22
C LYS C 179 0.92 19.61 30.21
N GLU C 180 -0.30 19.45 29.71
CA GLU C 180 -1.55 19.35 30.54
C GLU C 180 -1.42 18.16 31.50
N MET C 181 -0.86 17.05 31.02
CA MET C 181 -0.78 15.78 31.78
C MET C 181 0.24 15.93 32.92
N VAL C 182 1.41 16.50 32.67
CA VAL C 182 2.43 16.73 33.73
C VAL C 182 1.89 17.79 34.72
N ASP C 183 1.06 18.73 34.27
CA ASP C 183 0.36 19.68 35.17
C ASP C 183 -0.42 18.87 36.21
N THR C 184 -1.21 17.89 35.75
CA THR C 184 -2.05 17.02 36.60
C THR C 184 -1.18 16.22 37.59
N LEU C 185 -0.09 15.63 37.11
CA LEU C 185 0.80 14.79 37.96
C LEU C 185 1.37 15.67 39.08
N GLU C 186 1.80 16.91 38.76
CA GLU C 186 2.31 17.88 39.75
C GLU C 186 1.20 18.20 40.76
N ARG C 187 0.03 18.64 40.29
CA ARG C 187 -1.09 19.09 41.15
C ARG C 187 -1.47 17.99 42.16
N LEU C 188 -1.48 16.72 41.75
CA LEU C 188 -1.97 15.60 42.59
C LEU C 188 -0.79 14.93 43.36
N GLY C 189 0.45 15.38 43.09
CA GLY C 189 1.65 14.91 43.81
C GLY C 189 2.06 13.49 43.41
N VAL C 190 1.74 13.09 42.18
CA VAL C 190 2.11 11.76 41.61
C VAL C 190 3.61 11.75 41.33
N ASN C 191 4.31 10.76 41.88
CA ASN C 191 5.79 10.60 41.74
C ASN C 191 6.09 9.47 40.72
N ILE C 192 5.20 8.48 40.59
CA ILE C 192 5.36 7.36 39.61
C ILE C 192 4.04 7.23 38.83
N LEU C 193 4.10 7.30 37.50
CA LEU C 193 2.95 6.94 36.61
C LEU C 193 3.25 5.63 35.89
N PHE C 194 2.43 4.60 36.13
CA PHE C 194 2.48 3.32 35.40
C PHE C 194 1.56 3.45 34.18
N THR C 195 2.13 3.38 32.97
CA THR C 195 1.40 3.45 31.68
C THR C 195 1.21 2.02 31.16
N VAL C 196 -0.01 1.50 31.28
CA VAL C 196 -0.40 0.18 30.72
C VAL C 196 -1.00 0.42 29.34
N GLY C 197 -0.29 0.04 28.27
CA GLY C 197 -0.72 0.30 26.88
C GLY C 197 0.27 -0.19 25.85
N GLY C 198 -0.05 0.03 24.57
CA GLY C 198 0.78 -0.39 23.42
C GLY C 198 1.82 0.64 23.07
N ASP C 199 2.49 0.49 21.92
CA ASP C 199 3.64 1.36 21.50
C ASP C 199 3.20 2.82 21.53
N GLY C 200 2.04 3.16 20.94
CA GLY C 200 1.47 4.51 21.02
C GLY C 200 1.53 5.07 22.43
N THR C 201 0.97 4.36 23.39
CA THR C 201 0.91 4.77 24.81
C THR C 201 2.34 4.96 25.35
N GLN C 202 3.26 4.03 25.09
CA GLN C 202 4.62 4.08 25.69
C GLN C 202 5.44 5.21 25.04
N ARG C 203 5.25 5.48 23.74
CA ARG C 203 5.86 6.66 23.06
C ARG C 203 5.41 7.93 23.79
N GLY C 204 4.11 8.03 24.09
CA GLY C 204 3.53 9.18 24.79
C GLY C 204 4.02 9.28 26.22
N ALA C 205 4.26 8.13 26.84
CA ALA C 205 4.78 7.98 28.23
C ALA C 205 6.18 8.58 28.31
N LEU C 206 7.03 8.26 27.32
CA LEU C 206 8.42 8.75 27.23
C LEU C 206 8.41 10.29 27.13
N VAL C 207 7.43 10.85 26.39
CA VAL C 207 7.23 12.32 26.22
C VAL C 207 6.85 12.94 27.57
N ILE C 208 6.00 12.29 28.37
CA ILE C 208 5.65 12.75 29.75
C ILE C 208 6.93 12.77 30.59
N SER C 209 7.72 11.70 30.56
CA SER C 209 8.99 11.52 31.32
C SER C 209 9.92 12.70 31.02
N GLN C 210 10.02 13.09 29.74
CA GLN C 210 10.96 14.12 29.23
C GLN C 210 10.44 15.51 29.57
N GLU C 211 9.13 15.74 29.52
CA GLU C 211 8.50 17.02 29.91
C GLU C 211 8.72 17.24 31.42
N ALA C 212 8.59 16.19 32.22
CA ALA C 212 8.80 16.21 33.69
C ALA C 212 10.26 16.59 34.00
N LYS C 213 11.22 15.99 33.29
CA LYS C 213 12.68 16.24 33.45
C LYS C 213 13.00 17.70 33.09
N ARG C 214 12.43 18.19 31.99
CA ARG C 214 12.54 19.58 31.50
C ARG C 214 12.16 20.56 32.63
N ARG C 215 11.10 20.29 33.39
CA ARG C 215 10.60 21.16 34.49
C ARG C 215 11.32 20.86 35.82
N GLY C 216 12.28 19.92 35.84
CA GLY C 216 13.00 19.47 37.05
C GLY C 216 12.06 18.90 38.11
N VAL C 217 11.01 18.20 37.68
CA VAL C 217 10.02 17.52 38.57
C VAL C 217 10.38 16.04 38.68
N ASP C 218 10.33 15.53 39.91
CA ASP C 218 10.77 14.17 40.32
C ASP C 218 9.64 13.17 40.03
N ILE C 219 9.58 12.64 38.80
CA ILE C 219 8.50 11.72 38.31
C ILE C 219 9.15 10.61 37.49
N SER C 220 8.93 9.36 37.88
CA SER C 220 9.19 8.15 37.07
C SER C 220 7.97 7.91 36.21
N VAL C 221 8.16 7.64 34.92
CA VAL C 221 7.08 7.09 34.06
C VAL C 221 7.55 5.71 33.63
N PHE C 222 6.78 4.67 33.94
CA PHE C 222 7.17 3.25 33.81
C PHE C 222 6.06 2.49 33.07
N GLY C 223 6.42 1.83 31.97
CA GLY C 223 5.44 1.16 31.09
C GLY C 223 5.26 -0.30 31.43
N VAL C 224 4.01 -0.77 31.49
CA VAL C 224 3.67 -2.22 31.43
C VAL C 224 3.10 -2.46 30.03
N PRO C 225 3.85 -3.15 29.15
CA PRO C 225 3.41 -3.38 27.77
C PRO C 225 2.09 -4.17 27.70
N LYS C 226 1.12 -3.58 27.01
CA LYS C 226 -0.19 -4.21 26.71
C LYS C 226 -0.28 -4.41 25.20
N THR C 227 -0.08 -5.65 24.75
CA THR C 227 -0.32 -6.09 23.35
C THR C 227 -0.61 -7.59 23.36
N ILE C 228 -1.87 -7.93 23.08
CA ILE C 228 -2.35 -9.33 23.10
C ILE C 228 -1.66 -10.10 21.97
N ASP C 229 -1.18 -9.38 20.96
CA ASP C 229 -0.59 -9.92 19.71
C ASP C 229 0.81 -10.51 19.98
N ASN C 230 1.44 -10.18 21.10
CA ASN C 230 2.79 -10.71 21.48
C ASN C 230 3.85 -10.22 20.48
N ASP C 231 3.71 -8.99 20.00
CA ASP C 231 4.52 -8.42 18.90
C ASP C 231 5.48 -7.35 19.44
N LEU C 232 5.90 -7.50 20.70
CA LEU C 232 6.91 -6.64 21.38
C LEU C 232 8.32 -7.20 21.11
N SER C 233 9.21 -6.36 20.60
CA SER C 233 10.65 -6.69 20.45
C SER C 233 11.29 -6.79 21.84
N PHE C 234 12.39 -7.52 21.95
CA PHE C 234 13.16 -7.71 23.21
C PHE C 234 12.27 -8.46 24.21
N SER C 235 11.41 -9.33 23.69
CA SER C 235 10.29 -9.96 24.44
C SER C 235 9.91 -11.29 23.76
N HIS C 236 9.61 -12.30 24.57
CA HIS C 236 9.10 -13.63 24.11
C HIS C 236 7.62 -13.79 24.45
N ARG C 237 7.10 -13.01 25.41
CA ARG C 237 5.71 -13.18 25.94
C ARG C 237 5.25 -11.86 26.56
N THR C 238 4.08 -11.37 26.12
CA THR C 238 3.37 -10.22 26.74
C THR C 238 2.14 -10.75 27.48
N PHE C 239 1.65 -10.03 28.49
CA PHE C 239 0.53 -10.54 29.32
C PHE C 239 -0.74 -10.59 28.48
N GLY C 240 -1.52 -11.66 28.65
CA GLY C 240 -2.84 -11.84 28.03
C GLY C 240 -2.76 -12.68 26.77
N PHE C 241 -1.59 -12.79 26.16
CA PHE C 241 -1.39 -13.53 24.90
C PHE C 241 -1.81 -15.00 25.10
N GLN C 242 -1.29 -15.66 26.13
CA GLN C 242 -1.61 -17.09 26.40
C GLN C 242 -3.12 -17.23 26.61
N THR C 243 -3.77 -16.24 27.23
CA THR C 243 -5.24 -16.30 27.47
C THR C 243 -5.97 -16.20 26.13
N ALA C 244 -5.51 -15.34 25.23
CA ALA C 244 -6.09 -15.16 23.88
C ALA C 244 -6.00 -16.49 23.12
N VAL C 245 -4.91 -17.23 23.30
CA VAL C 245 -4.71 -18.56 22.64
C VAL C 245 -5.73 -19.55 23.20
N GLU C 246 -5.90 -19.59 24.53
CA GLU C 246 -6.88 -20.48 25.23
C GLU C 246 -8.26 -20.28 24.58
N LYS C 247 -8.68 -19.03 24.42
CA LYS C 247 -10.01 -18.68 23.84
C LYS C 247 -10.03 -18.95 22.33
N ALA C 248 -8.94 -18.71 21.60
CA ALA C 248 -8.85 -19.02 20.16
C ALA C 248 -9.11 -20.53 19.98
N VAL C 249 -8.52 -21.36 20.83
CA VAL C 249 -8.66 -22.84 20.74
C VAL C 249 -10.15 -23.20 20.90
N GLN C 250 -10.87 -22.50 21.75
CA GLN C 250 -12.32 -22.73 21.97
C GLN C 250 -13.06 -22.55 20.64
N ALA C 251 -12.71 -21.49 19.89
CA ALA C 251 -13.31 -21.17 18.56
C ALA C 251 -12.92 -22.23 17.53
N ILE C 252 -11.69 -22.74 17.59
CA ILE C 252 -11.19 -23.77 16.63
C ILE C 252 -11.90 -25.10 16.89
N ARG C 253 -12.07 -25.49 18.15
CA ARG C 253 -12.80 -26.73 18.54
C ARG C 253 -14.20 -26.71 17.93
N ALA C 254 -14.90 -25.57 18.00
CA ALA C 254 -16.24 -25.38 17.41
C ALA C 254 -16.15 -25.51 15.88
N ALA C 255 -15.21 -24.82 15.25
CA ALA C 255 -15.00 -24.88 13.79
C ALA C 255 -14.81 -26.34 13.36
N TYR C 256 -13.98 -27.08 14.10
CA TYR C 256 -13.66 -28.50 13.80
C TYR C 256 -14.92 -29.34 13.95
N ALA C 257 -15.72 -29.10 14.98
CA ALA C 257 -16.96 -29.87 15.24
C ALA C 257 -17.92 -29.66 14.08
N GLU C 258 -18.08 -28.42 13.61
CA GLU C 258 -18.91 -28.08 12.44
C GLU C 258 -18.39 -28.83 11.22
N ALA C 259 -17.10 -28.70 10.94
CA ALA C 259 -16.47 -29.22 9.71
C ALA C 259 -16.54 -30.75 9.68
N VAL C 260 -16.19 -31.42 10.77
CA VAL C 260 -16.08 -32.91 10.77
C VAL C 260 -17.49 -33.53 10.73
N SER C 261 -18.52 -32.74 11.06
CA SER C 261 -19.95 -33.16 11.08
C SER C 261 -20.56 -33.04 9.69
N ALA C 262 -19.83 -32.56 8.70
CA ALA C 262 -20.29 -32.38 7.31
C ALA C 262 -19.44 -33.23 6.39
N ASN C 263 -20.02 -33.71 5.28
CA ASN C 263 -19.25 -34.36 4.20
C ASN C 263 -18.62 -33.21 3.40
N TYR C 264 -17.29 -33.15 3.30
CA TYR C 264 -16.57 -31.98 2.71
C TYR C 264 -16.97 -30.71 3.47
N GLY C 265 -16.76 -30.72 4.79
CA GLY C 265 -16.99 -29.55 5.66
C GLY C 265 -15.74 -28.72 5.84
N VAL C 266 -15.90 -27.40 5.84
CA VAL C 266 -14.77 -26.46 6.06
C VAL C 266 -15.13 -25.53 7.20
N GLY C 267 -14.25 -25.46 8.21
CA GLY C 267 -14.39 -24.51 9.32
C GLY C 267 -13.38 -23.39 9.19
N VAL C 268 -13.83 -22.13 9.15
CA VAL C 268 -12.92 -20.96 9.03
C VAL C 268 -12.98 -20.17 10.34
N VAL C 269 -11.84 -20.00 10.99
CA VAL C 269 -11.72 -19.15 12.21
C VAL C 269 -10.81 -17.96 11.89
N LYS C 270 -11.35 -16.74 12.03
CA LYS C 270 -10.55 -15.49 12.02
C LYS C 270 -10.14 -15.16 13.46
N LEU C 271 -8.87 -14.86 13.68
CA LEU C 271 -8.35 -14.49 15.01
C LEU C 271 -7.64 -13.14 14.88
N MET C 272 -7.51 -12.42 15.97
CA MET C 272 -6.69 -11.18 16.03
C MET C 272 -5.25 -11.47 15.56
N GLY C 273 -4.59 -10.41 15.09
CA GLY C 273 -3.24 -10.45 14.50
C GLY C 273 -3.17 -9.50 13.33
N ARG C 274 -3.10 -8.20 13.64
CA ARG C 274 -3.16 -7.12 12.61
C ARG C 274 -1.88 -7.15 11.77
N ASP C 275 -0.73 -7.31 12.42
CA ASP C 275 0.61 -7.24 11.78
C ASP C 275 1.44 -8.47 12.08
N SER C 276 0.96 -9.38 12.93
CA SER C 276 1.72 -10.57 13.38
C SER C 276 0.76 -11.76 13.50
N GLY C 277 1.28 -12.99 13.44
CA GLY C 277 0.46 -14.22 13.42
C GLY C 277 0.71 -15.10 14.63
N PHE C 278 1.21 -14.55 15.73
CA PHE C 278 1.54 -15.33 16.97
C PHE C 278 0.30 -16.03 17.52
N ILE C 279 -0.85 -15.33 17.60
CA ILE C 279 -2.10 -15.95 18.13
C ILE C 279 -2.55 -17.06 17.19
N ALA C 280 -2.69 -16.76 15.90
CA ALA C 280 -3.09 -17.73 14.85
C ALA C 280 -2.18 -18.97 14.91
N ALA C 281 -0.87 -18.78 15.00
CA ALA C 281 0.13 -19.88 14.97
C ALA C 281 0.03 -20.73 16.23
N GLN C 282 0.03 -20.13 17.41
CA GLN C 282 -0.02 -20.89 18.70
C GLN C 282 -1.37 -21.58 18.81
N ALA C 283 -2.46 -20.90 18.47
CA ALA C 283 -3.82 -21.48 18.53
C ALA C 283 -3.89 -22.67 17.57
N ALA C 284 -3.33 -22.54 16.37
CA ALA C 284 -3.26 -23.63 15.38
C ALA C 284 -2.65 -24.88 16.05
N VAL C 285 -1.46 -24.75 16.64
CA VAL C 285 -0.75 -25.92 17.21
C VAL C 285 -1.48 -26.41 18.46
N ALA C 286 -1.84 -25.49 19.37
CA ALA C 286 -2.51 -25.79 20.64
C ALA C 286 -3.83 -26.51 20.39
N SER C 287 -4.57 -26.16 19.32
CA SER C 287 -5.86 -26.80 18.99
C SER C 287 -5.63 -28.25 18.58
N ALA C 288 -4.51 -28.50 17.91
CA ALA C 288 -4.15 -29.82 17.32
C ALA C 288 -5.19 -30.23 16.26
N GLN C 289 -5.98 -29.30 15.70
CA GLN C 289 -7.08 -29.60 14.75
C GLN C 289 -6.92 -28.77 13.46
N ALA C 290 -5.89 -27.91 13.35
CA ALA C 290 -5.74 -26.97 12.22
C ALA C 290 -5.14 -27.67 10.99
N ASN C 291 -5.63 -27.34 9.79
CA ASN C 291 -5.11 -27.90 8.51
C ASN C 291 -4.42 -26.81 7.67
N ILE C 292 -4.87 -25.56 7.75
CA ILE C 292 -4.26 -24.39 7.07
C ILE C 292 -4.21 -23.25 8.09
N CYS C 293 -3.07 -22.55 8.16
CA CYS C 293 -2.84 -21.40 9.05
C CYS C 293 -2.27 -20.23 8.23
N LEU C 294 -3.05 -19.15 8.10
CA LEU C 294 -2.76 -17.99 7.22
C LEU C 294 -2.40 -16.78 8.09
N VAL C 295 -1.19 -16.25 7.93
CA VAL C 295 -0.63 -15.17 8.79
C VAL C 295 -0.04 -14.09 7.89
N PRO C 296 -0.06 -12.80 8.30
CA PRO C 296 0.41 -11.72 7.44
C PRO C 296 1.88 -11.87 7.02
N GLU C 297 2.70 -12.50 7.85
CA GLU C 297 4.16 -12.74 7.62
C GLU C 297 4.40 -13.63 6.38
N ASN C 298 3.40 -14.39 5.95
CA ASN C 298 3.51 -15.41 4.87
C ASN C 298 2.38 -15.19 3.87
N PRO C 299 2.41 -14.09 3.09
CA PRO C 299 1.33 -13.79 2.14
C PRO C 299 1.35 -14.84 1.04
N ILE C 300 0.23 -15.51 0.81
CA ILE C 300 0.07 -16.51 -0.29
C ILE C 300 -1.25 -16.19 -0.99
N SER C 301 -1.37 -16.63 -2.23
CA SER C 301 -2.49 -16.23 -3.12
C SER C 301 -3.73 -17.07 -2.79
N GLU C 302 -4.89 -16.50 -3.10
CA GLU C 302 -6.19 -17.20 -3.20
C GLU C 302 -5.99 -18.59 -3.81
N GLN C 303 -5.25 -18.70 -4.92
CA GLN C 303 -5.08 -19.97 -5.66
C GLN C 303 -4.27 -20.95 -4.80
N GLU C 304 -3.24 -20.47 -4.09
CA GLU C 304 -2.38 -21.33 -3.23
C GLU C 304 -3.22 -21.90 -2.07
N VAL C 305 -4.11 -21.08 -1.49
CA VAL C 305 -5.00 -21.49 -0.37
C VAL C 305 -5.91 -22.61 -0.88
N MET C 306 -6.62 -22.37 -1.98
CA MET C 306 -7.55 -23.37 -2.56
C MET C 306 -6.78 -24.65 -2.93
N SER C 307 -5.49 -24.57 -3.27
CA SER C 307 -4.62 -25.76 -3.55
C SER C 307 -4.51 -26.62 -2.29
N LEU C 308 -4.27 -25.97 -1.15
CA LEU C 308 -4.11 -26.63 0.16
C LEU C 308 -5.45 -27.27 0.56
N LEU C 309 -6.56 -26.60 0.29
CA LEU C 309 -7.92 -27.13 0.60
C LEU C 309 -8.14 -28.41 -0.21
N GLU C 310 -7.85 -28.37 -1.50
CA GLU C 310 -8.17 -29.49 -2.43
C GLU C 310 -7.26 -30.67 -2.07
N ARG C 311 -6.05 -30.39 -1.61
CA ARG C 311 -5.08 -31.41 -1.14
C ARG C 311 -5.60 -32.10 0.11
N ARG C 312 -6.09 -31.32 1.07
CA ARG C 312 -6.69 -31.85 2.33
C ARG C 312 -7.86 -32.77 1.95
N PHE C 313 -8.68 -32.37 0.97
CA PHE C 313 -9.93 -33.08 0.60
C PHE C 313 -9.63 -34.31 -0.26
N CYS C 314 -8.38 -34.58 -0.64
CA CYS C 314 -8.03 -35.79 -1.42
C CYS C 314 -8.45 -37.03 -0.63
N HIS C 315 -8.07 -37.12 0.64
CA HIS C 315 -8.24 -38.31 1.50
C HIS C 315 -8.74 -37.92 2.90
N SER C 316 -9.33 -36.74 3.04
CA SER C 316 -9.97 -36.27 4.30
C SER C 316 -11.27 -35.55 3.95
N ARG C 317 -12.26 -35.58 4.84
CA ARG C 317 -13.62 -35.07 4.54
C ARG C 317 -13.88 -33.75 5.27
N SER C 318 -12.89 -33.21 5.99
CA SER C 318 -13.03 -31.93 6.73
C SER C 318 -11.71 -31.15 6.65
N CYS C 319 -11.80 -29.83 6.73
CA CYS C 319 -10.65 -28.90 6.70
C CYS C 319 -10.92 -27.75 7.66
N VAL C 320 -9.95 -27.41 8.50
CA VAL C 320 -10.04 -26.25 9.43
C VAL C 320 -8.99 -25.22 8.99
N ILE C 321 -9.42 -23.99 8.72
CA ILE C 321 -8.57 -22.87 8.24
C ILE C 321 -8.54 -21.79 9.33
N ILE C 322 -7.37 -21.50 9.89
CA ILE C 322 -7.14 -20.36 10.82
C ILE C 322 -6.60 -19.19 10.00
N VAL C 323 -7.16 -17.99 10.12
CA VAL C 323 -6.68 -16.79 9.38
C VAL C 323 -6.55 -15.62 10.35
N ALA C 324 -5.34 -15.07 10.48
CA ALA C 324 -5.09 -13.81 11.24
C ALA C 324 -5.76 -12.65 10.50
N GLU C 325 -6.29 -11.65 11.20
CA GLU C 325 -7.09 -10.55 10.59
C GLU C 325 -6.21 -9.75 9.63
N GLY C 326 -4.89 -9.78 9.81
CA GLY C 326 -3.90 -9.04 8.99
C GLY C 326 -3.53 -9.73 7.70
N PHE C 327 -3.88 -11.01 7.52
CA PHE C 327 -3.56 -11.79 6.30
C PHE C 327 -4.36 -11.25 5.11
N GLY C 328 -3.78 -11.34 3.92
CA GLY C 328 -4.46 -11.12 2.63
C GLY C 328 -5.14 -9.77 2.54
N GLN C 329 -4.45 -8.68 2.90
CA GLN C 329 -5.00 -7.30 2.77
C GLN C 329 -4.95 -6.86 1.29
N ASP C 330 -4.21 -7.58 0.43
CA ASP C 330 -4.13 -7.30 -1.04
C ASP C 330 -5.23 -8.05 -1.82
N TRP C 331 -6.15 -8.75 -1.15
CA TRP C 331 -7.21 -9.58 -1.78
C TRP C 331 -8.42 -8.68 -2.17
N GLY C 332 -8.41 -7.38 -1.81
CA GLY C 332 -9.34 -6.36 -2.37
C GLY C 332 -9.65 -5.27 -1.37
N LEU C 346 -8.08 -3.79 7.48
CA LEU C 346 -9.02 -2.75 6.97
C LEU C 346 -10.21 -3.41 6.25
N ILE C 347 -10.01 -4.52 5.52
CA ILE C 347 -11.11 -5.37 4.97
C ILE C 347 -11.22 -6.62 5.83
N ASP C 348 -12.42 -7.23 5.86
CA ASP C 348 -12.68 -8.42 6.70
C ASP C 348 -12.23 -9.67 5.95
N ILE C 349 -11.00 -10.12 6.19
CA ILE C 349 -10.40 -11.30 5.48
C ILE C 349 -11.20 -12.56 5.83
N GLY C 350 -11.81 -12.60 7.01
CA GLY C 350 -12.67 -13.72 7.43
C GLY C 350 -13.85 -13.90 6.49
N VAL C 351 -14.56 -12.82 6.21
CA VAL C 351 -15.77 -12.85 5.34
C VAL C 351 -15.32 -13.16 3.91
N ILE C 352 -14.25 -12.50 3.46
CA ILE C 352 -13.73 -12.61 2.06
C ILE C 352 -13.24 -14.04 1.82
N LEU C 353 -12.42 -14.60 2.74
CA LEU C 353 -11.89 -15.97 2.60
C LEU C 353 -13.06 -16.96 2.55
N THR C 354 -14.09 -16.74 3.35
CA THR C 354 -15.28 -17.63 3.45
C THR C 354 -16.01 -17.63 2.10
N GLU C 355 -16.25 -16.44 1.53
CA GLU C 355 -16.93 -16.27 0.21
C GLU C 355 -16.16 -17.03 -0.87
N LYS C 356 -14.83 -16.89 -0.88
CA LYS C 356 -13.94 -17.45 -1.94
C LYS C 356 -13.88 -18.97 -1.81
N VAL C 357 -13.82 -19.50 -0.57
CA VAL C 357 -13.86 -20.97 -0.32
C VAL C 357 -15.22 -21.50 -0.81
N LYS C 358 -16.32 -20.81 -0.51
CA LYS C 358 -17.67 -21.21 -0.97
C LYS C 358 -17.71 -21.24 -2.50
N ALA C 359 -17.23 -20.17 -3.14
CA ALA C 359 -17.17 -19.99 -4.61
C ALA C 359 -16.36 -21.14 -5.23
N PHE C 360 -15.21 -21.47 -4.65
CA PHE C 360 -14.31 -22.55 -5.13
C PHE C 360 -15.03 -23.90 -5.04
N LEU C 361 -15.73 -24.18 -3.94
CA LEU C 361 -16.39 -25.49 -3.73
C LEU C 361 -17.61 -25.62 -4.65
N LYS C 362 -18.34 -24.52 -4.89
CA LYS C 362 -19.49 -24.45 -5.81
C LYS C 362 -19.02 -24.71 -7.25
N ALA C 363 -17.88 -24.14 -7.66
CA ALA C 363 -17.24 -24.36 -8.98
C ALA C 363 -16.84 -25.82 -9.13
N ASN C 364 -16.76 -26.60 -8.05
CA ASN C 364 -16.27 -28.01 -8.08
C ASN C 364 -17.28 -28.94 -7.37
N LYS C 365 -18.59 -28.67 -7.46
CA LYS C 365 -19.66 -29.54 -6.91
C LYS C 365 -19.44 -31.01 -7.31
N SER C 366 -18.96 -31.28 -8.53
CA SER C 366 -18.74 -32.64 -9.08
C SER C 366 -17.84 -33.46 -8.14
N ARG C 367 -16.74 -32.89 -7.64
CA ARG C 367 -15.75 -33.58 -6.78
C ARG C 367 -16.16 -33.50 -5.31
N TYR C 368 -16.77 -32.37 -4.90
CA TYR C 368 -17.12 -32.06 -3.49
C TYR C 368 -18.63 -31.79 -3.39
N PRO C 369 -19.51 -32.79 -3.61
CA PRO C 369 -20.95 -32.59 -3.51
C PRO C 369 -21.44 -32.29 -2.08
N ASP C 370 -22.42 -31.40 -1.95
CA ASP C 370 -23.09 -31.06 -0.67
C ASP C 370 -22.03 -30.59 0.34
N SER C 371 -21.02 -29.85 -0.11
CA SER C 371 -19.98 -29.25 0.76
C SER C 371 -20.62 -28.16 1.62
N THR C 372 -20.04 -27.84 2.78
CA THR C 372 -20.53 -26.78 3.69
C THR C 372 -19.32 -26.00 4.20
N VAL C 373 -19.46 -24.68 4.37
CA VAL C 373 -18.44 -23.80 4.97
C VAL C 373 -19.07 -23.06 6.14
N LYS C 374 -18.49 -23.20 7.34
CA LYS C 374 -18.91 -22.48 8.54
C LYS C 374 -17.81 -21.51 8.96
N TYR C 375 -18.16 -20.24 9.17
CA TYR C 375 -17.23 -19.16 9.57
C TYR C 375 -17.49 -18.76 11.02
N ILE C 376 -16.44 -18.73 11.85
CA ILE C 376 -16.50 -18.25 13.27
C ILE C 376 -15.52 -17.09 13.44
N ASP C 377 -16.01 -15.97 13.96
CA ASP C 377 -15.22 -14.77 14.35
C ASP C 377 -15.46 -14.53 15.85
N PRO C 378 -14.60 -15.08 16.73
CA PRO C 378 -14.76 -14.90 18.17
C PRO C 378 -14.47 -13.46 18.60
N SER C 379 -13.85 -12.68 17.71
CA SER C 379 -13.47 -11.25 17.89
C SER C 379 -13.10 -11.01 19.36
N TYR C 380 -13.85 -10.18 20.08
CA TYR C 380 -13.42 -9.60 21.37
C TYR C 380 -13.45 -10.64 22.49
N MET C 381 -14.06 -11.81 22.27
CA MET C 381 -14.17 -12.85 23.31
C MET C 381 -12.77 -13.33 23.72
N ILE C 382 -11.72 -13.13 22.90
CA ILE C 382 -10.37 -13.69 23.21
C ILE C 382 -9.56 -12.68 24.03
N ARG C 383 -10.07 -11.46 24.23
CA ARG C 383 -9.34 -10.40 24.97
C ARG C 383 -10.15 -9.80 26.12
N ALA C 384 -11.48 -9.90 26.12
CA ALA C 384 -12.37 -9.24 27.09
C ALA C 384 -12.76 -10.26 28.18
N CYS C 385 -11.78 -10.87 28.83
CA CYS C 385 -12.03 -11.95 29.81
C CYS C 385 -10.95 -11.95 30.89
N PRO C 386 -11.18 -12.63 32.03
CA PRO C 386 -10.14 -12.78 33.03
C PRO C 386 -9.05 -13.69 32.48
N PRO C 387 -7.82 -13.57 33.01
CA PRO C 387 -6.69 -14.31 32.47
C PRO C 387 -6.68 -15.78 32.91
N SER C 388 -6.05 -16.63 32.12
CA SER C 388 -5.58 -17.98 32.51
C SER C 388 -4.73 -17.86 33.79
N ALA C 389 -4.61 -18.93 34.55
CA ALA C 389 -3.80 -18.96 35.79
C ALA C 389 -2.37 -18.52 35.44
N ASN C 390 -1.80 -19.06 34.38
CA ASN C 390 -0.40 -18.73 34.00
C ASN C 390 -0.29 -17.23 33.69
N ASP C 391 -1.32 -16.61 33.11
CA ASP C 391 -1.31 -15.16 32.81
C ASP C 391 -1.52 -14.36 34.10
N ALA C 392 -2.30 -14.86 35.07
CA ALA C 392 -2.48 -14.18 36.37
C ALA C 392 -1.13 -14.11 37.10
N LEU C 393 -0.38 -15.22 37.10
CA LEU C 393 0.99 -15.30 37.69
C LEU C 393 1.87 -14.25 37.04
N PHE C 394 1.86 -14.21 35.70
CA PHE C 394 2.70 -13.32 34.88
C PHE C 394 2.33 -11.87 35.17
N CYS C 395 1.04 -11.53 35.14
CA CYS C 395 0.53 -10.15 35.38
C CYS C 395 1.00 -9.66 36.76
N ALA C 396 0.80 -10.47 37.80
CA ALA C 396 1.15 -10.12 39.20
C ALA C 396 2.64 -9.87 39.30
N THR C 397 3.45 -10.70 38.67
CA THR C 397 4.93 -10.66 38.73
C THR C 397 5.41 -9.40 37.97
N LEU C 398 4.93 -9.17 36.74
CA LEU C 398 5.25 -7.94 35.95
C LEU C 398 4.97 -6.71 36.79
N ALA C 399 3.77 -6.62 37.37
CA ALA C 399 3.29 -5.45 38.11
C ALA C 399 4.17 -5.25 39.35
N THR C 400 4.50 -6.33 40.06
CA THR C 400 5.25 -6.28 41.34
C THR C 400 6.66 -5.75 41.05
N LEU C 401 7.33 -6.30 40.05
CA LEU C 401 8.71 -5.92 39.68
C LEU C 401 8.70 -4.50 39.09
N ALA C 402 7.65 -4.11 38.37
CA ALA C 402 7.49 -2.75 37.85
C ALA C 402 7.54 -1.76 39.03
N VAL C 403 6.86 -2.07 40.13
CA VAL C 403 6.81 -1.18 41.33
C VAL C 403 8.19 -1.17 41.99
N HIS C 404 8.83 -2.32 42.17
CA HIS C 404 10.20 -2.41 42.74
C HIS C 404 11.13 -1.45 42.00
N GLU C 405 11.15 -1.54 40.68
CA GLU C 405 12.14 -0.84 39.81
C GLU C 405 11.81 0.65 39.71
N ALA C 406 10.53 1.04 39.65
CA ALA C 406 10.11 2.46 39.62
C ALA C 406 10.47 3.11 40.95
N MET C 407 10.22 2.42 42.07
CA MET C 407 10.60 2.92 43.42
C MET C 407 12.12 3.15 43.41
N ALA C 408 12.88 2.25 42.76
CA ALA C 408 14.35 2.29 42.65
C ALA C 408 14.81 3.22 41.50
N GLY C 409 13.92 4.07 40.99
CA GLY C 409 14.26 5.22 40.14
C GLY C 409 14.22 4.95 38.64
N ALA C 410 13.96 3.71 38.21
CA ALA C 410 13.81 3.37 36.77
C ALA C 410 12.72 4.27 36.17
N THR C 411 12.97 4.81 34.97
CA THR C 411 12.01 5.66 34.20
C THR C 411 12.29 5.55 32.69
N GLY C 412 11.29 5.87 31.87
CA GLY C 412 11.37 5.84 30.40
C GLY C 412 11.56 4.42 29.87
N CYS C 413 11.21 3.40 30.64
CA CYS C 413 11.42 1.97 30.28
C CYS C 413 10.11 1.20 30.42
N ILE C 414 10.11 -0.02 29.86
CA ILE C 414 9.05 -1.05 30.03
C ILE C 414 9.68 -2.24 30.75
N ILE C 415 8.87 -3.05 31.43
CA ILE C 415 9.26 -4.39 31.93
C ILE C 415 8.81 -5.41 30.88
N ALA C 416 9.63 -6.43 30.66
CA ALA C 416 9.44 -7.42 29.59
C ALA C 416 9.96 -8.78 30.04
N MET C 417 9.67 -9.81 29.27
CA MET C 417 10.18 -11.16 29.56
C MET C 417 10.92 -11.72 28.33
N ARG C 418 12.14 -12.18 28.57
CA ARG C 418 12.99 -12.90 27.59
C ARG C 418 13.63 -14.08 28.29
N HIS C 419 13.72 -15.23 27.63
CA HIS C 419 14.50 -16.40 28.11
C HIS C 419 14.12 -16.66 29.57
N ASN C 420 12.84 -16.50 29.90
CA ASN C 420 12.30 -16.92 31.21
C ASN C 420 12.69 -15.95 32.34
N ASN C 421 13.24 -14.78 32.02
CA ASN C 421 13.64 -13.77 33.03
C ASN C 421 12.98 -12.42 32.74
N TYR C 422 12.69 -11.68 33.82
CA TYR C 422 12.10 -10.32 33.77
C TYR C 422 13.24 -9.33 33.59
N ILE C 423 13.13 -8.48 32.57
CA ILE C 423 14.17 -7.49 32.16
C ILE C 423 13.53 -6.10 32.04
N LEU C 424 14.37 -5.07 32.03
CA LEU C 424 13.96 -3.67 31.73
C LEU C 424 14.51 -3.31 30.35
N VAL C 425 13.74 -2.59 29.55
CA VAL C 425 14.11 -2.16 28.17
C VAL C 425 13.66 -0.73 28.01
N PRO C 426 14.53 0.21 27.60
CA PRO C 426 14.10 1.57 27.33
C PRO C 426 12.96 1.59 26.30
N ILE C 427 12.03 2.53 26.46
CA ILE C 427 10.87 2.69 25.55
C ILE C 427 11.37 2.97 24.12
N LYS C 428 12.39 3.82 23.97
CA LYS C 428 12.89 4.25 22.65
C LYS C 428 13.16 3.02 21.76
N VAL C 429 13.97 2.07 22.22
CA VAL C 429 14.35 0.85 21.43
C VAL C 429 13.14 -0.07 21.28
N ALA C 430 12.30 -0.20 22.33
CA ALA C 430 11.16 -1.13 22.36
C ALA C 430 10.10 -0.69 21.33
N THR C 431 10.02 0.61 21.04
CA THR C 431 8.99 1.22 20.17
C THR C 431 9.57 1.55 18.79
N SER C 432 10.80 1.14 18.50
CA SER C 432 11.48 1.43 17.20
C SER C 432 11.10 0.36 16.18
N VAL C 433 10.91 -0.88 16.63
CA VAL C 433 10.71 -2.06 15.74
C VAL C 433 9.63 -2.97 16.34
N ARG C 434 8.75 -3.48 15.48
CA ARG C 434 7.68 -4.47 15.79
C ARG C 434 8.26 -5.88 15.60
N ARG C 435 7.90 -6.83 16.47
CA ARG C 435 8.26 -8.27 16.34
C ARG C 435 7.17 -8.97 15.52
N VAL C 436 7.56 -10.03 14.82
CA VAL C 436 6.76 -10.69 13.75
C VAL C 436 7.19 -12.15 13.76
N LEU C 437 6.34 -13.08 13.29
CA LEU C 437 6.70 -14.52 13.24
C LEU C 437 8.01 -14.67 12.49
N ASP C 438 8.95 -15.43 13.04
CA ASP C 438 10.13 -15.89 12.27
C ASP C 438 9.67 -17.13 11.49
N LEU C 439 9.59 -17.04 10.16
CA LEU C 439 9.14 -18.17 9.29
C LEU C 439 10.18 -19.30 9.34
N ARG C 440 11.36 -19.05 9.91
CA ARG C 440 12.45 -20.05 10.06
C ARG C 440 12.62 -20.36 11.55
N GLY C 441 11.75 -19.81 12.42
CA GLY C 441 11.76 -20.02 13.88
C GLY C 441 11.07 -21.31 14.28
N GLN C 442 11.06 -21.61 15.59
CA GLN C 442 10.65 -22.94 16.13
C GLN C 442 9.13 -23.07 16.01
N LEU C 443 8.36 -22.02 16.33
CA LEU C 443 6.88 -22.07 16.35
C LEU C 443 6.35 -22.34 14.94
N TRP C 444 6.79 -21.56 13.95
CA TRP C 444 6.26 -21.68 12.56
C TRP C 444 6.61 -23.05 11.99
N ARG C 445 7.79 -23.59 12.33
CA ARG C 445 8.19 -24.97 11.95
C ARG C 445 7.15 -25.95 12.52
N GLN C 446 6.74 -25.79 13.77
CA GLN C 446 5.74 -26.68 14.42
C GLN C 446 4.40 -26.54 13.72
N VAL C 447 4.00 -25.32 13.29
CA VAL C 447 2.73 -25.10 12.55
C VAL C 447 2.76 -25.94 11.27
N ARG C 448 3.89 -25.99 10.57
CA ARG C 448 3.96 -26.66 9.25
C ARG C 448 3.96 -28.18 9.41
N GLU C 449 4.32 -28.71 10.59
CA GLU C 449 4.35 -30.18 10.84
C GLU C 449 2.92 -30.71 10.90
N ILE C 450 1.96 -29.88 11.33
CA ILE C 450 0.54 -30.31 11.57
C ILE C 450 -0.35 -29.90 10.40
N THR C 451 0.05 -28.93 9.58
CA THR C 451 -0.77 -28.39 8.46
C THR C 451 -0.45 -29.15 7.19
N VAL C 452 -1.24 -28.95 6.14
CA VAL C 452 -1.11 -29.75 4.88
C VAL C 452 0.08 -29.18 4.09
N ASP C 453 0.86 -30.06 3.45
CA ASP C 453 2.00 -29.72 2.55
C ASP C 453 1.58 -30.02 1.11
N LEU C 454 2.24 -29.39 0.14
CA LEU C 454 2.02 -29.64 -1.31
C LEU C 454 3.03 -30.69 -1.80
N GLY C 455 4.07 -31.03 -1.03
CA GLY C 455 5.22 -31.79 -1.53
C GLY C 455 5.03 -33.30 -1.56
N SER C 456 4.22 -33.86 -0.65
CA SER C 456 4.21 -35.31 -0.31
C SER C 456 3.19 -36.04 -1.19
N ASP C 457 3.45 -37.31 -1.50
CA ASP C 457 2.58 -38.14 -2.36
C ASP C 457 1.38 -38.56 -1.50
N VAL C 458 0.19 -38.00 -1.77
CA VAL C 458 -1.04 -38.23 -0.93
C VAL C 458 -1.58 -39.63 -1.19
N ARG C 459 -1.44 -40.13 -2.42
CA ARG C 459 -1.88 -41.50 -2.81
C ARG C 459 -1.01 -42.49 -2.03
N LEU C 460 0.32 -42.35 -2.10
CA LEU C 460 1.28 -43.23 -1.37
C LEU C 460 0.97 -43.18 0.14
N ALA C 461 0.75 -41.99 0.69
CA ALA C 461 0.44 -41.76 2.13
C ALA C 461 -0.81 -42.54 2.54
N ARG C 462 -1.87 -42.50 1.72
CA ARG C 462 -3.15 -43.18 2.03
C ARG C 462 -2.94 -44.69 1.93
N LYS C 463 -2.16 -45.15 0.95
CA LYS C 463 -1.83 -46.58 0.77
C LYS C 463 -1.23 -47.10 2.08
N LEU C 464 -0.21 -46.42 2.60
CA LEU C 464 0.52 -46.85 3.82
C LEU C 464 -0.41 -46.76 5.05
N GLU C 465 -1.31 -45.77 5.08
CA GLU C 465 -2.20 -45.55 6.26
C GLU C 465 -3.25 -46.67 6.28
N ILE C 466 -3.69 -47.14 5.11
CA ILE C 466 -4.65 -48.26 5.02
C ILE C 466 -3.97 -49.53 5.56
N ARG C 467 -2.69 -49.76 5.21
CA ARG C 467 -1.89 -50.90 5.74
C ARG C 467 -1.89 -50.83 7.28
N ARG C 468 -1.47 -49.69 7.86
CA ARG C 468 -1.35 -49.50 9.32
C ARG C 468 -2.69 -49.83 9.99
N GLU C 469 -3.80 -49.40 9.39
CA GLU C 469 -5.16 -49.57 9.97
C GLU C 469 -5.60 -51.04 9.83
N LEU C 470 -5.31 -51.70 8.69
CA LEU C 470 -5.64 -53.12 8.46
C LEU C 470 -4.88 -54.00 9.46
N GLU C 471 -3.64 -53.64 9.79
CA GLU C 471 -2.81 -54.40 10.76
C GLU C 471 -3.49 -54.33 12.13
N ALA C 472 -4.06 -53.18 12.50
CA ALA C 472 -4.78 -52.97 13.77
C ALA C 472 -6.04 -53.84 13.80
N ILE C 473 -6.83 -53.75 12.73
CA ILE C 473 -8.09 -54.52 12.57
C ILE C 473 -7.78 -56.03 12.71
N ASN C 474 -6.76 -56.52 12.01
CA ASN C 474 -6.40 -57.96 11.97
C ASN C 474 -5.92 -58.43 13.34
N ARG C 475 -5.12 -57.64 14.06
CA ARG C 475 -4.63 -58.02 15.41
C ARG C 475 -5.82 -58.08 16.36
N ASN C 476 -6.75 -57.14 16.23
CA ASN C 476 -7.99 -57.08 17.07
C ASN C 476 -8.89 -58.28 16.75
N ARG C 477 -9.10 -58.57 15.46
CA ARG C 477 -9.90 -59.74 15.00
C ARG C 477 -9.35 -61.01 15.67
N ASP C 478 -8.02 -61.13 15.75
CA ASP C 478 -7.33 -62.33 16.29
C ASP C 478 -7.53 -62.39 17.81
N ARG C 479 -7.25 -61.30 18.52
CA ARG C 479 -7.33 -61.25 20.01
C ARG C 479 -8.78 -61.52 20.42
N LEU C 480 -9.76 -61.13 19.61
CA LEU C 480 -11.21 -61.30 19.90
C LEU C 480 -11.64 -62.75 19.68
N HIS C 481 -11.27 -63.37 18.54
CA HIS C 481 -11.61 -64.79 18.23
C HIS C 481 -11.04 -65.68 19.36
N GLU C 482 -9.87 -65.30 19.91
CA GLU C 482 -9.18 -66.01 21.02
C GLU C 482 -9.99 -65.87 22.31
N GLU C 483 -10.17 -64.65 22.83
CA GLU C 483 -10.99 -64.37 24.05
C GLU C 483 -12.32 -65.11 23.97
N LEU C 484 -12.97 -65.12 22.80
CA LEU C 484 -14.31 -65.73 22.60
C LEU C 484 -14.22 -67.27 22.71
N ALA C 485 -13.12 -67.89 22.31
CA ALA C 485 -12.93 -69.37 22.38
C ALA C 485 -12.89 -69.84 23.83
N LYS C 486 -12.38 -69.02 24.78
CA LYS C 486 -12.25 -69.43 26.21
C LYS C 486 -13.41 -68.89 27.06
N LEU C 487 -14.50 -68.47 26.43
CA LEU C 487 -15.74 -68.08 27.17
C LEU C 487 -16.76 -69.23 27.10
N ASN D 22 26.27 -29.46 41.75
CA ASN D 22 26.72 -29.96 40.42
C ASN D 22 28.25 -30.12 40.43
N SER D 23 28.74 -31.36 40.22
CA SER D 23 30.10 -31.74 39.74
C SER D 23 30.08 -31.94 38.19
N VAL D 24 29.20 -31.24 37.49
CA VAL D 24 28.73 -31.57 36.12
C VAL D 24 29.71 -31.00 35.09
N THR D 25 30.09 -31.80 34.10
CA THR D 25 31.09 -31.47 33.05
C THR D 25 30.40 -31.48 31.69
N GLN D 26 31.00 -30.84 30.67
CA GLN D 26 30.45 -30.80 29.28
C GLN D 26 30.23 -32.24 28.76
N GLU D 27 31.02 -33.21 29.20
CA GLU D 27 30.96 -34.63 28.75
C GLU D 27 29.66 -35.26 29.26
N ASP D 28 29.22 -34.89 30.46
CA ASP D 28 27.96 -35.40 31.08
C ASP D 28 26.75 -34.97 30.21
N LEU D 29 26.89 -33.89 29.43
CA LEU D 29 25.82 -33.31 28.59
C LEU D 29 25.93 -33.78 27.13
N LYS D 30 26.96 -34.53 26.78
CA LYS D 30 27.14 -35.02 25.38
C LYS D 30 26.07 -36.07 25.10
N VAL D 31 25.16 -35.79 24.18
CA VAL D 31 24.01 -36.68 23.82
C VAL D 31 24.48 -37.76 22.85
N ASP D 32 24.34 -39.01 23.26
CA ASP D 32 24.62 -40.23 22.48
C ASP D 32 23.88 -40.20 21.14
N ARG D 33 24.58 -40.55 20.05
CA ARG D 33 23.98 -40.75 18.69
C ARG D 33 24.30 -42.17 18.23
N LEU D 34 23.29 -42.91 17.78
CA LEU D 34 23.51 -44.22 17.11
C LEU D 34 24.38 -43.96 15.89
N PRO D 35 25.26 -44.92 15.51
CA PRO D 35 26.23 -44.68 14.44
C PRO D 35 25.56 -44.66 13.06
N GLY D 36 25.84 -43.61 12.28
CA GLY D 36 25.41 -43.50 10.87
C GLY D 36 24.17 -42.63 10.70
N ALA D 37 24.16 -41.83 9.64
CA ALA D 37 23.02 -40.98 9.20
C ALA D 37 22.90 -41.11 7.67
N ASP D 38 22.47 -42.29 7.23
CA ASP D 38 22.62 -42.76 5.82
C ASP D 38 21.41 -42.34 4.99
N TYR D 39 20.36 -41.77 5.59
CA TYR D 39 19.09 -41.49 4.87
C TYR D 39 18.82 -39.99 4.90
N PRO D 40 18.27 -39.43 3.81
CA PRO D 40 17.86 -38.03 3.79
C PRO D 40 16.53 -37.91 4.55
N ASN D 41 16.31 -36.77 5.21
CA ASN D 41 15.03 -36.47 5.89
C ASN D 41 13.93 -36.37 4.83
N PRO D 42 12.88 -37.22 4.89
CA PRO D 42 11.81 -37.19 3.88
C PRO D 42 10.80 -36.06 4.08
N SER D 43 10.84 -35.35 5.21
CA SER D 43 9.85 -34.30 5.57
C SER D 43 9.71 -33.33 4.38
N LYS D 44 8.45 -33.13 3.96
CA LYS D 44 8.06 -32.14 2.92
C LYS D 44 7.27 -31.02 3.60
N LYS D 45 7.51 -30.78 4.89
CA LYS D 45 6.71 -29.86 5.75
C LYS D 45 7.29 -28.45 5.72
N TYR D 46 8.62 -28.33 5.63
CA TYR D 46 9.38 -27.04 5.55
C TYR D 46 9.50 -26.61 4.09
N SER D 47 9.64 -25.30 3.84
CA SER D 47 9.63 -24.64 2.50
C SER D 47 10.75 -25.20 1.61
N SER D 48 11.99 -25.29 2.12
CA SER D 48 13.15 -25.88 1.41
C SER D 48 13.96 -26.79 2.36
N ARG D 49 15.03 -27.40 1.84
CA ARG D 49 15.90 -28.40 2.52
C ARG D 49 16.93 -27.69 3.42
N THR D 50 17.04 -26.36 3.36
CA THR D 50 18.00 -25.54 4.15
C THR D 50 17.52 -25.38 5.59
N GLU D 51 16.27 -25.72 5.88
CA GLU D 51 15.61 -25.53 7.20
C GLU D 51 15.79 -26.75 8.11
N PHE D 52 16.38 -27.84 7.57
CA PHE D 52 16.92 -28.99 8.34
C PHE D 52 18.32 -28.62 8.80
N ARG D 53 18.87 -29.31 9.81
CA ARG D 53 20.16 -28.93 10.45
C ARG D 53 21.28 -29.90 10.04
N ASP D 54 22.35 -29.32 9.47
CA ASP D 54 23.61 -30.00 9.08
C ASP D 54 24.38 -30.45 10.32
N LYS D 55 24.46 -29.59 11.35
CA LYS D 55 25.33 -29.80 12.55
C LYS D 55 24.52 -29.60 13.83
N THR D 56 25.06 -30.03 14.97
CA THR D 56 24.48 -29.79 16.33
C THR D 56 24.70 -28.33 16.71
N ASP D 57 23.64 -27.60 17.07
CA ASP D 57 23.69 -26.23 17.64
C ASP D 57 23.52 -26.33 19.16
N TYR D 58 24.07 -25.38 19.90
CA TYR D 58 24.09 -25.36 21.39
C TYR D 58 23.43 -24.07 21.90
N ILE D 59 23.04 -24.09 23.18
CA ILE D 59 22.60 -22.92 23.97
C ILE D 59 23.29 -23.00 25.34
N MET D 60 23.64 -21.86 25.93
CA MET D 60 24.36 -21.82 27.23
C MET D 60 23.45 -22.33 28.35
N TYR D 61 24.00 -23.17 29.22
CA TYR D 61 23.33 -23.63 30.46
C TYR D 61 22.95 -22.40 31.29
N ASN D 62 23.80 -21.38 31.33
CA ASN D 62 23.58 -20.16 32.16
C ASN D 62 23.93 -18.92 31.35
N PRO D 63 22.94 -18.17 30.83
CA PRO D 63 23.22 -17.04 29.95
C PRO D 63 23.45 -15.72 30.69
N ARG D 64 23.91 -15.79 31.94
CA ARG D 64 24.35 -14.62 32.76
C ARG D 64 25.83 -14.37 32.50
N PRO D 65 26.26 -13.09 32.35
CA PRO D 65 27.65 -12.79 32.03
C PRO D 65 28.55 -12.89 33.27
N ARG D 66 29.84 -13.20 33.09
CA ARG D 66 30.83 -13.35 34.18
C ARG D 66 31.32 -11.97 34.60
N ASP D 67 31.62 -11.08 33.63
CA ASP D 67 32.18 -9.71 33.85
C ASP D 67 31.08 -8.68 33.55
N GLU D 68 31.34 -7.39 33.85
CA GLU D 68 30.47 -6.25 33.48
C GLU D 68 30.47 -6.09 31.96
N PRO D 69 29.55 -5.30 31.35
CA PRO D 69 29.61 -5.00 29.91
C PRO D 69 30.96 -4.40 29.47
N SER D 70 31.59 -4.97 28.45
CA SER D 70 32.91 -4.56 27.88
C SER D 70 32.71 -4.12 26.43
N SER D 71 33.78 -3.95 25.66
CA SER D 71 33.76 -3.83 24.17
C SER D 71 33.51 -5.22 23.56
N GLU D 72 34.17 -6.26 24.09
CA GLU D 72 34.06 -7.65 23.57
C GLU D 72 32.78 -8.31 24.12
N ASN D 73 32.29 -9.34 23.43
CA ASN D 73 31.02 -10.05 23.71
C ASN D 73 31.07 -10.67 25.10
N PRO D 74 29.90 -10.82 25.77
CA PRO D 74 29.85 -11.37 27.13
C PRO D 74 30.19 -12.86 27.20
N VAL D 75 30.60 -13.34 28.38
CA VAL D 75 31.07 -14.73 28.62
C VAL D 75 30.23 -15.37 29.74
N SER D 76 29.82 -16.63 29.57
CA SER D 76 28.94 -17.34 30.53
C SER D 76 29.67 -17.56 31.85
N VAL D 77 28.95 -17.41 32.96
CA VAL D 77 29.37 -17.83 34.34
C VAL D 77 29.63 -19.34 34.36
N SER D 78 28.96 -20.13 33.51
CA SER D 78 29.05 -21.61 33.48
C SER D 78 29.81 -22.07 32.24
N PRO D 79 30.67 -23.12 32.34
CA PRO D 79 31.31 -23.70 31.16
C PRO D 79 30.33 -24.47 30.23
N LEU D 80 29.15 -24.81 30.75
CA LEU D 80 28.26 -25.87 30.19
C LEU D 80 27.46 -25.33 28.99
N LEU D 81 27.32 -26.16 27.96
CA LEU D 81 26.49 -25.95 26.74
C LEU D 81 25.54 -27.14 26.60
N CYS D 82 24.25 -26.87 26.38
CA CYS D 82 23.18 -27.88 26.20
C CYS D 82 22.87 -27.99 24.70
N GLU D 83 22.75 -29.22 24.21
CA GLU D 83 22.42 -29.50 22.79
C GLU D 83 20.95 -29.12 22.50
N LEU D 84 20.72 -28.29 21.48
CA LEU D 84 19.37 -27.89 21.01
C LEU D 84 18.74 -29.01 20.15
N ALA D 85 17.43 -29.20 20.29
CA ALA D 85 16.64 -30.19 19.52
C ALA D 85 16.09 -29.55 18.24
N ALA D 86 16.29 -30.22 17.10
CA ALA D 86 15.68 -29.83 15.81
C ALA D 86 15.69 -30.99 14.81
N ALA D 87 14.82 -30.90 13.81
CA ALA D 87 14.79 -31.78 12.63
C ALA D 87 16.14 -31.70 11.92
N ARG D 88 16.71 -32.84 11.54
CA ARG D 88 18.09 -32.95 10.97
C ARG D 88 18.01 -33.29 9.47
N SER D 89 18.99 -32.82 8.69
CA SER D 89 19.14 -33.05 7.22
C SER D 89 19.22 -34.54 6.93
N ARG D 90 20.02 -35.24 7.74
CA ARG D 90 20.32 -36.68 7.59
C ARG D 90 19.84 -37.37 8.86
N ILE D 91 19.18 -38.52 8.72
CA ILE D 91 18.57 -39.30 9.83
C ILE D 91 19.18 -40.71 9.84
N HIS D 92 19.13 -41.38 10.99
CA HIS D 92 19.78 -42.70 11.24
C HIS D 92 18.89 -43.84 10.76
N PHE D 93 17.58 -43.72 10.92
CA PHE D 93 16.62 -44.82 10.65
C PHE D 93 15.97 -44.60 9.28
N ASN D 94 15.86 -45.68 8.50
CA ASN D 94 15.14 -45.71 7.20
C ASN D 94 13.64 -45.61 7.48
N PRO D 95 12.98 -44.46 7.19
CA PRO D 95 11.61 -44.22 7.64
C PRO D 95 10.63 -45.36 7.31
N THR D 96 10.58 -45.83 6.06
CA THR D 96 9.55 -46.80 5.61
C THR D 96 9.79 -48.19 6.22
N GLU D 97 10.94 -48.44 6.86
CA GLU D 97 11.24 -49.71 7.58
C GLU D 97 11.26 -49.51 9.11
N THR D 98 10.95 -48.31 9.60
CA THR D 98 11.05 -47.96 11.06
C THR D 98 9.72 -48.23 11.76
N THR D 99 9.80 -48.87 12.93
CA THR D 99 8.67 -49.07 13.88
C THR D 99 8.95 -48.27 15.15
N ILE D 100 8.00 -47.42 15.57
CA ILE D 100 8.09 -46.64 16.84
C ILE D 100 7.26 -47.36 17.90
N GLY D 101 7.83 -47.55 19.09
CA GLY D 101 7.10 -47.99 20.29
C GLY D 101 6.90 -46.84 21.24
N ILE D 102 5.78 -46.81 21.96
CA ILE D 102 5.49 -45.80 23.03
C ILE D 102 5.08 -46.57 24.28
N VAL D 103 5.55 -46.13 25.44
CA VAL D 103 5.12 -46.68 26.75
C VAL D 103 4.96 -45.52 27.74
N THR D 104 3.88 -45.53 28.52
CA THR D 104 3.56 -44.51 29.56
C THR D 104 3.62 -45.21 30.93
N CYS D 105 4.47 -44.71 31.83
CA CYS D 105 4.72 -45.28 33.17
C CYS D 105 4.38 -44.26 34.25
N GLY D 106 4.07 -44.77 35.45
CA GLY D 106 3.85 -43.95 36.65
C GLY D 106 2.50 -43.27 36.65
N GLY D 107 2.27 -42.43 37.65
CA GLY D 107 1.02 -41.67 37.82
C GLY D 107 0.74 -40.86 36.56
N ILE D 108 -0.54 -40.73 36.21
CA ILE D 108 -0.95 -39.93 35.03
C ILE D 108 -0.66 -38.46 35.30
N CYS D 109 -0.75 -37.65 34.26
CA CYS D 109 -0.25 -36.27 34.20
C CYS D 109 -0.96 -35.58 33.04
N PRO D 110 -1.43 -34.32 33.17
CA PRO D 110 -2.17 -33.70 32.07
C PRO D 110 -1.31 -33.63 30.80
N GLY D 111 -1.84 -34.08 29.67
CA GLY D 111 -1.16 -34.04 28.36
C GLY D 111 -0.56 -35.38 27.93
N LEU D 112 -0.70 -36.44 28.73
CA LEU D 112 -0.21 -37.79 28.35
C LEU D 112 -0.76 -38.16 26.97
N ASN D 113 -2.07 -38.08 26.77
CA ASN D 113 -2.70 -38.48 25.48
C ASN D 113 -2.20 -37.53 24.37
N ASP D 114 -1.97 -36.26 24.66
CA ASP D 114 -1.42 -35.31 23.66
C ASP D 114 -0.04 -35.80 23.19
N VAL D 115 0.78 -36.32 24.11
CA VAL D 115 2.16 -36.80 23.79
C VAL D 115 2.05 -38.06 22.92
N ILE D 116 1.20 -39.00 23.31
CA ILE D 116 0.97 -40.24 22.52
C ILE D 116 0.53 -39.83 21.11
N ARG D 117 -0.41 -38.90 21.03
CA ARG D 117 -1.02 -38.44 19.76
C ARG D 117 0.05 -37.82 18.87
N SER D 118 0.90 -36.95 19.41
CA SER D 118 1.88 -36.16 18.60
C SER D 118 3.04 -37.05 18.17
N ILE D 119 3.50 -37.99 19.00
CA ILE D 119 4.51 -38.99 18.58
C ILE D 119 3.95 -39.74 17.37
N THR D 120 2.74 -40.26 17.50
CA THR D 120 2.06 -41.07 16.46
C THR D 120 1.93 -40.26 15.16
N LEU D 121 1.38 -39.05 15.22
CA LEU D 121 1.12 -38.22 14.02
C LEU D 121 2.43 -37.71 13.41
N THR D 122 3.44 -37.40 14.20
CA THR D 122 4.76 -36.95 13.66
C THR D 122 5.38 -38.15 12.94
N GLY D 123 5.38 -39.32 13.58
CA GLY D 123 5.89 -40.56 12.97
C GLY D 123 5.25 -40.82 11.62
N ILE D 124 3.94 -40.63 11.51
CA ILE D 124 3.14 -41.03 10.32
C ILE D 124 3.12 -39.87 9.31
N ASN D 125 2.67 -38.67 9.70
CA ASN D 125 2.45 -37.53 8.76
C ASN D 125 3.79 -36.97 8.25
N VAL D 126 4.86 -37.03 9.03
CA VAL D 126 6.15 -36.38 8.67
C VAL D 126 7.10 -37.41 8.08
N TYR D 127 7.32 -38.53 8.77
CA TYR D 127 8.39 -39.51 8.44
C TYR D 127 7.82 -40.71 7.67
N ASN D 128 6.50 -40.90 7.68
CA ASN D 128 5.81 -42.02 7.00
C ASN D 128 6.37 -43.37 7.50
N VAL D 129 6.58 -43.48 8.81
CA VAL D 129 7.12 -44.72 9.45
C VAL D 129 6.18 -45.89 9.15
N LYS D 130 6.70 -47.10 9.15
CA LYS D 130 5.95 -48.33 8.81
C LYS D 130 4.80 -48.52 9.81
N ARG D 131 5.08 -48.31 11.09
CA ARG D 131 4.20 -48.78 12.19
C ARG D 131 4.49 -48.00 13.49
N VAL D 132 3.45 -47.76 14.29
CA VAL D 132 3.59 -47.22 15.67
C VAL D 132 2.86 -48.18 16.63
N ILE D 133 3.55 -48.66 17.66
CA ILE D 133 3.02 -49.62 18.67
C ILE D 133 2.89 -48.89 20.00
N GLY D 134 1.76 -49.07 20.68
CA GLY D 134 1.53 -48.60 22.06
C GLY D 134 1.56 -49.76 23.02
N PHE D 135 2.64 -49.89 23.79
CA PHE D 135 2.76 -50.92 24.85
C PHE D 135 1.87 -50.48 26.02
N ARG D 136 1.13 -51.41 26.61
CA ARG D 136 0.07 -51.09 27.59
C ARG D 136 0.59 -51.24 29.02
N PHE D 137 0.13 -50.39 29.92
CA PHE D 137 0.29 -50.49 31.40
C PHE D 137 1.77 -50.48 31.76
N GLY D 138 2.51 -49.52 31.20
CA GLY D 138 3.92 -49.27 31.54
C GLY D 138 4.82 -50.37 31.03
N TYR D 139 5.99 -50.51 31.67
CA TYR D 139 7.02 -51.48 31.23
C TYR D 139 6.42 -52.90 31.16
N TRP D 140 5.42 -53.21 31.99
CA TRP D 140 4.68 -54.50 31.93
C TRP D 140 4.30 -54.83 30.49
N GLY D 141 3.93 -53.83 29.68
CA GLY D 141 3.49 -54.02 28.28
C GLY D 141 4.61 -54.53 27.38
N LEU D 142 5.87 -54.47 27.83
CA LEU D 142 7.03 -54.96 27.03
C LEU D 142 7.51 -56.32 27.56
N SER D 143 6.99 -56.79 28.69
CA SER D 143 7.16 -58.19 29.17
C SER D 143 6.57 -59.13 28.13
N LYS D 144 6.94 -60.43 28.15
CA LYS D 144 6.52 -61.38 27.09
C LYS D 144 5.00 -61.57 27.19
N LYS D 145 4.46 -61.74 28.40
CA LYS D 145 2.99 -61.92 28.64
C LYS D 145 2.26 -60.62 28.24
N GLY D 146 2.79 -59.46 28.63
CA GLY D 146 2.18 -58.14 28.45
C GLY D 146 2.14 -57.67 26.99
N SER D 147 3.06 -58.15 26.15
CA SER D 147 3.23 -57.67 24.75
C SER D 147 2.04 -58.12 23.87
N GLN D 148 1.29 -59.13 24.30
CA GLN D 148 0.05 -59.59 23.61
C GLN D 148 -0.97 -58.44 23.58
N THR D 149 -0.95 -57.56 24.58
CA THR D 149 -1.96 -56.48 24.77
C THR D 149 -1.59 -55.22 23.99
N ALA D 150 -0.37 -55.15 23.44
CA ALA D 150 0.17 -53.96 22.72
C ALA D 150 -0.84 -53.58 21.63
N ILE D 151 -1.04 -52.28 21.38
CA ILE D 151 -2.06 -51.82 20.41
C ILE D 151 -1.37 -51.10 19.24
N GLU D 152 -1.98 -51.20 18.06
CA GLU D 152 -1.53 -50.53 16.82
C GLU D 152 -2.06 -49.11 16.82
N LEU D 153 -1.15 -48.14 16.87
CA LEU D 153 -1.48 -46.70 16.80
C LEU D 153 -1.40 -46.29 15.34
N HIS D 154 -2.52 -46.30 14.65
CA HIS D 154 -2.70 -45.68 13.32
C HIS D 154 -3.30 -44.29 13.55
N ARG D 155 -3.35 -43.48 12.49
CA ARG D 155 -3.71 -42.05 12.53
C ARG D 155 -5.12 -41.87 13.11
N GLY D 156 -6.06 -42.72 12.70
CA GLY D 156 -7.48 -42.66 13.10
C GLY D 156 -7.69 -43.02 14.56
N ARG D 157 -6.78 -43.77 15.17
CA ARG D 157 -6.87 -44.24 16.57
C ARG D 157 -6.61 -43.09 17.56
N VAL D 158 -5.88 -42.05 17.14
CA VAL D 158 -5.40 -41.00 18.10
C VAL D 158 -6.11 -39.66 17.83
N THR D 159 -7.01 -39.58 16.86
CA THR D 159 -7.58 -38.29 16.39
C THR D 159 -8.13 -37.48 17.56
N ASN D 160 -8.82 -38.10 18.51
CA ASN D 160 -9.63 -37.40 19.54
C ASN D 160 -9.11 -37.67 20.97
N ILE D 161 -7.98 -38.34 21.14
CA ILE D 161 -7.57 -38.81 22.50
C ILE D 161 -7.15 -37.61 23.36
N HIS D 162 -6.83 -36.47 22.75
CA HIS D 162 -6.32 -35.28 23.47
C HIS D 162 -7.46 -34.57 24.22
N HIS D 163 -8.72 -34.96 24.01
CA HIS D 163 -9.90 -34.35 24.67
C HIS D 163 -10.09 -34.85 26.10
N TYR D 164 -9.44 -35.94 26.52
CA TYR D 164 -9.72 -36.52 27.86
C TYR D 164 -8.43 -36.94 28.56
N GLY D 165 -8.53 -37.05 29.89
CA GLY D 165 -7.40 -37.30 30.82
C GLY D 165 -7.00 -38.76 30.82
N GLY D 166 -5.89 -39.07 31.47
CA GLY D 166 -5.35 -40.43 31.59
C GLY D 166 -4.48 -40.75 30.40
N THR D 167 -4.18 -42.04 30.20
CA THR D 167 -3.40 -42.59 29.07
C THR D 167 -4.19 -43.71 28.41
N ILE D 168 -4.42 -43.63 27.10
CA ILE D 168 -5.12 -44.69 26.34
C ILE D 168 -4.32 -46.00 26.42
N LEU D 169 -3.02 -45.93 26.71
CA LEU D 169 -2.15 -47.14 26.81
C LEU D 169 -2.26 -47.75 28.22
N GLY D 170 -2.49 -46.93 29.24
CA GLY D 170 -2.42 -47.35 30.64
C GLY D 170 -1.01 -47.23 31.19
N SER D 171 -0.88 -47.31 32.52
CA SER D 171 0.40 -47.15 33.27
C SER D 171 0.54 -48.27 34.29
N SER D 172 1.78 -48.46 34.76
CA SER D 172 2.13 -49.13 36.03
C SER D 172 3.45 -48.53 36.53
N ARG D 173 3.74 -48.68 37.82
CA ARG D 173 4.95 -48.13 38.51
C ARG D 173 6.11 -49.13 38.34
N GLY D 174 5.84 -50.42 38.16
CA GLY D 174 6.86 -51.48 38.26
C GLY D 174 7.93 -51.39 37.18
N PRO D 175 9.20 -51.78 37.49
CA PRO D 175 10.17 -52.14 36.45
C PRO D 175 9.92 -53.57 35.95
N GLN D 176 10.61 -53.95 34.86
CA GLN D 176 10.56 -55.32 34.30
C GLN D 176 11.99 -55.76 33.94
N ASP D 177 12.17 -57.02 33.57
CA ASP D 177 13.49 -57.58 33.15
C ASP D 177 13.92 -56.89 31.85
N PRO D 178 15.06 -56.14 31.83
CA PRO D 178 15.51 -55.48 30.61
C PRO D 178 15.75 -56.48 29.46
N LYS D 179 16.22 -57.68 29.79
CA LYS D 179 16.48 -58.76 28.82
C LYS D 179 15.15 -59.11 28.14
N GLU D 180 14.10 -59.35 28.91
CA GLU D 180 12.74 -59.73 28.43
C GLU D 180 12.22 -58.60 27.54
N MET D 181 12.47 -57.34 27.93
CA MET D 181 11.91 -56.15 27.22
C MET D 181 12.59 -55.98 25.87
N VAL D 182 13.92 -56.10 25.81
CA VAL D 182 14.66 -56.00 24.51
C VAL D 182 14.30 -57.22 23.63
N ASP D 183 13.98 -58.38 24.22
CA ASP D 183 13.45 -59.55 23.47
C ASP D 183 12.21 -59.10 22.69
N THR D 184 11.28 -58.44 23.38
CA THR D 184 9.99 -57.95 22.80
C THR D 184 10.27 -56.93 21.68
N LEU D 185 11.18 -55.97 21.92
CA LEU D 185 11.49 -54.92 20.92
C LEU D 185 12.03 -55.59 19.65
N GLU D 186 12.93 -56.59 19.79
CA GLU D 186 13.49 -57.38 18.65
C GLU D 186 12.34 -58.10 17.92
N ARG D 187 11.55 -58.88 18.65
CA ARG D 187 10.46 -59.73 18.08
C ARG D 187 9.49 -58.87 17.25
N LEU D 188 9.15 -57.67 17.72
CA LEU D 188 8.11 -56.81 17.08
C LEU D 188 8.76 -55.81 16.11
N GLY D 189 10.09 -55.79 16.01
CA GLY D 189 10.84 -54.96 15.04
C GLY D 189 10.86 -53.47 15.40
N VAL D 190 10.75 -53.16 16.69
CA VAL D 190 10.75 -51.77 17.22
C VAL D 190 12.18 -51.22 17.12
N ASN D 191 12.33 -50.06 16.47
CA ASN D 191 13.64 -49.39 16.27
C ASN D 191 13.76 -48.19 17.24
N ILE D 192 12.64 -47.57 17.63
CA ILE D 192 12.64 -46.42 18.59
C ILE D 192 11.59 -46.72 19.69
N LEU D 193 11.99 -46.69 20.96
CA LEU D 193 11.05 -46.75 22.11
C LEU D 193 11.03 -45.38 22.80
N PHE D 194 9.87 -44.73 22.83
CA PHE D 194 9.63 -43.48 23.60
C PHE D 194 9.14 -43.87 25.00
N THR D 195 9.93 -43.55 26.02
CA THR D 195 9.62 -43.81 27.45
C THR D 195 9.08 -42.52 28.08
N VAL D 196 7.77 -42.46 28.29
CA VAL D 196 7.08 -41.34 28.99
C VAL D 196 6.96 -41.73 30.47
N GLY D 197 7.71 -41.07 31.34
CA GLY D 197 7.75 -41.40 32.79
C GLY D 197 8.73 -40.55 33.57
N GLY D 198 8.83 -40.82 34.87
CA GLY D 198 9.71 -40.09 35.81
C GLY D 198 11.10 -40.69 35.86
N ASP D 199 11.93 -40.27 36.83
CA ASP D 199 13.37 -40.66 36.90
C ASP D 199 13.48 -42.19 36.89
N GLY D 200 12.71 -42.88 37.74
CA GLY D 200 12.65 -44.36 37.74
C GLY D 200 12.55 -44.91 36.32
N THR D 201 11.54 -44.48 35.57
CA THR D 201 11.31 -44.94 34.18
C THR D 201 12.53 -44.65 33.31
N GLN D 202 13.11 -43.45 33.37
CA GLN D 202 14.21 -43.04 32.46
C GLN D 202 15.49 -43.80 32.84
N ARG D 203 15.75 -44.06 34.13
CA ARG D 203 16.87 -44.92 34.57
C ARG D 203 16.73 -46.29 33.92
N GLY D 204 15.51 -46.85 33.94
CA GLY D 204 15.22 -48.16 33.34
C GLY D 204 15.34 -48.13 31.83
N ALA D 205 15.02 -46.99 31.22
CA ALA D 205 15.09 -46.74 29.77
C ALA D 205 16.55 -46.80 29.31
N LEU D 206 17.45 -46.18 30.08
CA LEU D 206 18.90 -46.16 29.83
C LEU D 206 19.44 -47.60 29.84
N VAL D 207 18.93 -48.43 30.75
CA VAL D 207 19.31 -49.87 30.89
C VAL D 207 18.83 -50.64 29.63
N ILE D 208 17.65 -50.34 29.10
CA ILE D 208 17.15 -50.95 27.83
C ILE D 208 18.12 -50.56 26.70
N SER D 209 18.47 -49.27 26.60
CA SER D 209 19.38 -48.70 25.56
C SER D 209 20.69 -49.49 25.56
N GLN D 210 21.22 -49.77 26.76
CA GLN D 210 22.56 -50.40 26.98
C GLN D 210 22.47 -51.90 26.70
N GLU D 211 21.38 -52.56 27.06
CA GLU D 211 21.15 -54.00 26.78
C GLU D 211 21.06 -54.19 25.25
N ALA D 212 20.38 -53.28 24.55
CA ALA D 212 20.23 -53.29 23.08
C ALA D 212 21.61 -53.16 22.42
N LYS D 213 22.44 -52.23 22.90
CA LYS D 213 23.81 -51.96 22.38
C LYS D 213 24.69 -53.22 22.58
N ARG D 214 24.62 -53.83 23.76
CA ARG D 214 25.34 -55.08 24.14
C ARG D 214 25.06 -56.16 23.09
N ARG D 215 23.81 -56.31 22.62
CA ARG D 215 23.42 -57.36 21.62
C ARG D 215 23.61 -56.86 20.18
N GLY D 216 24.15 -55.65 19.98
CA GLY D 216 24.35 -55.02 18.66
C GLY D 216 23.05 -54.86 17.89
N VAL D 217 21.95 -54.57 18.59
CA VAL D 217 20.61 -54.29 17.99
C VAL D 217 20.40 -52.77 17.87
N ASP D 218 19.88 -52.34 16.72
CA ASP D 218 19.73 -50.93 16.28
C ASP D 218 18.43 -50.37 16.88
N ILE D 219 18.50 -49.84 18.11
CA ILE D 219 17.32 -49.32 18.88
C ILE D 219 17.71 -48.02 19.57
N SER D 220 16.98 -46.95 19.29
CA SER D 220 17.00 -45.69 20.08
C SER D 220 16.01 -45.86 21.23
N VAL D 221 16.41 -45.49 22.45
CA VAL D 221 15.45 -45.31 23.57
C VAL D 221 15.49 -43.84 23.94
N PHE D 222 14.35 -43.15 23.90
CA PHE D 222 14.23 -41.67 24.01
C PHE D 222 13.14 -41.33 25.02
N GLY D 223 13.49 -40.53 26.02
CA GLY D 223 12.60 -40.23 27.16
C GLY D 223 11.83 -38.94 26.94
N VAL D 224 10.53 -38.95 27.24
CA VAL D 224 9.72 -37.72 27.45
C VAL D 224 9.46 -37.63 28.95
N PRO D 225 10.12 -36.66 29.64
CA PRO D 225 9.99 -36.53 31.09
C PRO D 225 8.55 -36.27 31.52
N LYS D 226 8.04 -37.13 32.42
CA LYS D 226 6.71 -36.98 33.04
C LYS D 226 6.92 -36.74 34.53
N THR D 227 6.77 -35.47 34.96
CA THR D 227 6.72 -35.08 36.39
C THR D 227 5.93 -33.79 36.54
N ILE D 228 4.74 -33.89 37.11
CA ILE D 228 3.81 -32.75 37.28
C ILE D 228 4.44 -31.74 38.26
N ASP D 229 5.37 -32.19 39.08
CA ASP D 229 6.01 -31.40 40.18
C ASP D 229 7.00 -30.39 39.61
N ASN D 230 7.43 -30.53 38.34
CA ASN D 230 8.37 -29.60 37.67
C ASN D 230 9.73 -29.62 38.37
N ASP D 231 10.15 -30.81 38.81
CA ASP D 231 11.35 -31.00 39.68
C ASP D 231 12.46 -31.70 38.86
N LEU D 232 12.49 -31.47 37.55
CA LEU D 232 13.53 -31.98 36.62
C LEU D 232 14.67 -30.97 36.55
N SER D 233 15.91 -31.42 36.79
CA SER D 233 17.12 -30.62 36.56
C SER D 233 17.33 -30.38 35.06
N PHE D 234 18.05 -29.32 34.70
CA PHE D 234 18.35 -28.91 33.31
C PHE D 234 17.04 -28.56 32.61
N SER D 235 16.08 -28.05 33.37
CA SER D 235 14.67 -27.84 32.96
C SER D 235 14.05 -26.69 33.76
N HIS D 236 13.22 -25.88 33.10
CA HIS D 236 12.42 -24.81 33.74
C HIS D 236 10.93 -25.19 33.77
N ARG D 237 10.50 -26.12 32.92
CA ARG D 237 9.05 -26.47 32.74
C ARG D 237 8.93 -27.89 32.19
N THR D 238 8.17 -28.74 32.88
CA THR D 238 7.76 -30.08 32.40
C THR D 238 6.29 -30.03 32.02
N PHE D 239 5.85 -30.93 31.13
CA PHE D 239 4.46 -30.89 30.61
C PHE D 239 3.51 -31.25 31.76
N GLY D 240 2.38 -30.52 31.83
CA GLY D 240 1.29 -30.79 32.76
C GLY D 240 1.36 -29.92 33.99
N PHE D 241 2.55 -29.37 34.28
CA PHE D 241 2.77 -28.56 35.51
C PHE D 241 1.82 -27.35 35.49
N GLN D 242 1.80 -26.58 34.40
CA GLN D 242 0.95 -25.38 34.28
C GLN D 242 -0.52 -25.80 34.45
N THR D 243 -0.91 -26.98 33.97
CA THR D 243 -2.32 -27.45 34.10
C THR D 243 -2.62 -27.74 35.57
N ALA D 244 -1.68 -28.34 36.29
CA ALA D 244 -1.83 -28.65 37.73
C ALA D 244 -2.02 -27.34 38.51
N VAL D 245 -1.33 -26.28 38.12
CA VAL D 245 -1.46 -24.95 38.78
C VAL D 245 -2.87 -24.40 38.53
N GLU D 246 -3.35 -24.47 37.28
CA GLU D 246 -4.70 -24.00 36.85
C GLU D 246 -5.73 -24.65 37.79
N LYS D 247 -5.65 -25.97 37.99
CA LYS D 247 -6.58 -26.73 38.86
C LYS D 247 -6.35 -26.42 40.33
N ALA D 248 -5.10 -26.25 40.78
CA ALA D 248 -4.81 -25.84 42.17
C ALA D 248 -5.53 -24.53 42.47
N VAL D 249 -5.48 -23.57 41.55
CA VAL D 249 -6.12 -22.24 41.73
C VAL D 249 -7.63 -22.43 41.94
N GLN D 250 -8.25 -23.38 41.25
CA GLN D 250 -9.69 -23.68 41.40
C GLN D 250 -9.98 -24.07 42.86
N ALA D 251 -9.12 -24.90 43.46
CA ALA D 251 -9.22 -25.35 44.87
C ALA D 251 -8.99 -24.16 45.82
N ILE D 252 -8.08 -23.25 45.49
CA ILE D 252 -7.77 -22.08 46.34
C ILE D 252 -8.95 -21.10 46.33
N ARG D 253 -9.55 -20.86 45.17
CA ARG D 253 -10.74 -19.98 45.02
C ARG D 253 -11.86 -20.47 45.95
N ALA D 254 -12.10 -21.78 46.00
CA ALA D 254 -13.09 -22.42 46.89
C ALA D 254 -12.69 -22.19 48.36
N ALA D 255 -11.44 -22.47 48.71
CA ALA D 255 -10.93 -22.28 50.08
C ALA D 255 -11.16 -20.81 50.51
N TYR D 256 -10.87 -19.86 49.62
CA TYR D 256 -11.00 -18.42 49.88
C TYR D 256 -12.48 -18.07 50.09
N ALA D 257 -13.36 -18.63 49.28
CA ALA D 257 -14.82 -18.36 49.38
C ALA D 257 -15.32 -18.86 50.74
N GLU D 258 -14.91 -20.06 51.16
CA GLU D 258 -15.26 -20.60 52.50
C GLU D 258 -14.75 -19.67 53.59
N ALA D 259 -13.47 -19.31 53.53
CA ALA D 259 -12.77 -18.55 54.58
C ALA D 259 -13.39 -17.14 54.71
N VAL D 260 -13.58 -16.45 53.59
CA VAL D 260 -14.01 -15.02 53.62
C VAL D 260 -15.48 -14.93 54.06
N SER D 261 -16.21 -16.05 53.96
CA SER D 261 -17.65 -16.16 54.32
C SER D 261 -17.83 -16.40 55.82
N ALA D 262 -16.74 -16.55 56.56
CA ALA D 262 -16.76 -16.82 58.02
C ALA D 262 -16.05 -15.67 58.75
N ASN D 263 -16.48 -15.37 59.97
CA ASN D 263 -15.72 -14.45 60.86
C ASN D 263 -14.58 -15.28 61.44
N TYR D 264 -13.33 -14.88 61.20
CA TYR D 264 -12.12 -15.69 61.54
C TYR D 264 -12.23 -17.05 60.84
N GLY D 265 -12.36 -17.02 59.50
CA GLY D 265 -12.36 -18.21 58.65
C GLY D 265 -10.99 -18.55 58.13
N VAL D 266 -10.64 -19.84 58.10
CA VAL D 266 -9.34 -20.32 57.58
C VAL D 266 -9.63 -21.38 56.51
N GLY D 267 -9.08 -21.20 55.31
CA GLY D 267 -9.13 -22.19 54.23
C GLY D 267 -7.79 -22.87 54.07
N VAL D 268 -7.74 -24.20 54.16
CA VAL D 268 -6.47 -24.97 54.02
C VAL D 268 -6.56 -25.79 52.73
N VAL D 269 -5.62 -25.57 51.82
CA VAL D 269 -5.51 -26.36 50.56
C VAL D 269 -4.20 -27.15 50.60
N LYS D 270 -4.28 -28.47 50.53
CA LYS D 270 -3.12 -29.36 50.29
C LYS D 270 -2.98 -29.59 48.79
N LEU D 271 -1.78 -29.43 48.25
CA LEU D 271 -1.51 -29.66 46.80
C LEU D 271 -0.36 -30.65 46.70
N MET D 272 -0.23 -31.32 45.55
CA MET D 272 0.93 -32.18 45.28
C MET D 272 2.24 -31.39 45.39
N GLY D 273 3.33 -32.10 45.65
CA GLY D 273 4.67 -31.53 45.92
C GLY D 273 5.39 -32.35 46.99
N ARG D 274 5.84 -33.55 46.62
CA ARG D 274 6.41 -34.55 47.55
C ARG D 274 7.77 -34.03 48.06
N ASP D 275 8.60 -33.49 47.17
CA ASP D 275 9.98 -33.06 47.50
C ASP D 275 10.23 -31.62 47.04
N SER D 276 9.27 -30.99 46.36
CA SER D 276 9.42 -29.64 45.79
C SER D 276 8.11 -28.88 45.95
N GLY D 277 8.16 -27.54 45.93
CA GLY D 277 6.99 -26.68 46.20
C GLY D 277 6.58 -25.84 45.01
N PHE D 278 6.97 -26.23 43.79
CA PHE D 278 6.71 -25.46 42.55
C PHE D 278 5.20 -25.25 42.36
N ILE D 279 4.39 -26.31 42.52
CA ILE D 279 2.91 -26.21 42.33
C ILE D 279 2.33 -25.28 43.41
N ALA D 280 2.63 -25.56 44.68
CA ALA D 280 2.18 -24.74 45.83
C ALA D 280 2.54 -23.27 45.61
N ALA D 281 3.77 -22.98 45.19
CA ALA D 281 4.29 -21.60 45.04
C ALA D 281 3.58 -20.90 43.87
N GLN D 282 3.52 -21.52 42.69
CA GLN D 282 2.89 -20.89 41.51
C GLN D 282 1.38 -20.73 41.75
N ALA D 283 0.73 -21.74 42.31
CA ALA D 283 -0.72 -21.70 42.63
C ALA D 283 -0.98 -20.55 43.60
N ALA D 284 -0.14 -20.41 44.62
CA ALA D 284 -0.24 -19.32 45.62
C ALA D 284 -0.28 -18.00 44.89
N VAL D 285 0.70 -17.71 44.02
CA VAL D 285 0.81 -16.38 43.34
C VAL D 285 -0.33 -16.25 42.33
N ALA D 286 -0.54 -17.28 41.50
CA ALA D 286 -1.57 -17.29 40.43
C ALA D 286 -2.96 -17.06 41.03
N SER D 287 -3.25 -17.60 42.21
CA SER D 287 -4.57 -17.45 42.88
C SER D 287 -4.77 -15.99 43.30
N ALA D 288 -3.69 -15.34 43.69
CA ALA D 288 -3.69 -13.97 44.26
C ALA D 288 -4.53 -13.91 45.55
N GLN D 289 -4.77 -15.04 46.22
CA GLN D 289 -5.63 -15.11 47.42
C GLN D 289 -4.90 -15.79 48.59
N ALA D 290 -3.66 -16.22 48.42
CA ALA D 290 -2.89 -16.98 49.44
C ALA D 290 -2.32 -16.04 50.51
N ASN D 291 -2.36 -16.46 51.79
CA ASN D 291 -1.79 -15.68 52.91
C ASN D 291 -0.57 -16.40 53.51
N ILE D 292 -0.57 -17.74 53.49
CA ILE D 292 0.57 -18.58 53.95
C ILE D 292 0.78 -19.67 52.89
N CYS D 293 2.04 -19.91 52.53
CA CYS D 293 2.44 -20.93 51.54
C CYS D 293 3.57 -21.78 52.15
N LEU D 294 3.28 -23.06 52.41
CA LEU D 294 4.18 -24.01 53.13
C LEU D 294 4.71 -25.05 52.13
N VAL D 295 6.03 -25.11 51.99
CA VAL D 295 6.73 -25.96 50.99
C VAL D 295 7.86 -26.71 51.67
N PRO D 296 8.20 -27.94 51.23
CA PRO D 296 9.23 -28.75 51.91
C PRO D 296 10.60 -28.06 51.99
N GLU D 297 10.92 -27.22 51.00
CA GLU D 297 12.20 -26.47 50.90
C GLU D 297 12.38 -25.49 52.07
N ASN D 298 11.31 -25.11 52.77
CA ASN D 298 11.30 -24.07 53.83
C ASN D 298 10.59 -24.63 55.06
N PRO D 299 11.19 -25.62 55.76
CA PRO D 299 10.54 -26.24 56.92
C PRO D 299 10.47 -25.20 58.04
N ILE D 300 9.28 -24.96 58.58
CA ILE D 300 9.04 -24.06 59.72
C ILE D 300 8.13 -24.78 60.69
N SER D 301 8.16 -24.37 61.96
CA SER D 301 7.50 -25.09 63.07
C SER D 301 6.00 -24.77 63.08
N GLU D 302 5.22 -25.70 63.62
CA GLU D 302 3.83 -25.52 64.06
C GLU D 302 3.66 -24.12 64.68
N GLN D 303 4.55 -23.72 65.58
CA GLN D 303 4.43 -22.44 66.34
C GLN D 303 4.62 -21.26 65.36
N GLU D 304 5.54 -21.38 64.40
CA GLU D 304 5.82 -20.29 63.41
C GLU D 304 4.59 -20.12 62.50
N VAL D 305 3.94 -21.22 62.11
CA VAL D 305 2.72 -21.21 61.26
C VAL D 305 1.63 -20.46 62.02
N MET D 306 1.33 -20.88 63.24
CA MET D 306 0.28 -20.25 64.07
C MET D 306 0.61 -18.77 64.30
N SER D 307 1.87 -18.36 64.32
CA SER D 307 2.30 -16.94 64.43
C SER D 307 1.82 -16.15 63.21
N LEU D 308 2.00 -16.73 62.02
CA LEU D 308 1.58 -16.12 60.73
C LEU D 308 0.05 -16.01 60.69
N LEU D 309 -0.66 -17.02 61.20
CA LEU D 309 -2.13 -17.02 61.24
C LEU D 309 -2.60 -15.87 62.13
N GLU D 310 -2.02 -15.74 63.33
CA GLU D 310 -2.48 -14.76 64.34
C GLU D 310 -2.17 -13.35 63.81
N ARG D 311 -1.08 -13.21 63.07
CA ARG D 311 -0.67 -11.94 62.42
C ARG D 311 -1.70 -11.53 61.35
N ARG D 312 -2.10 -12.49 60.51
CA ARG D 312 -3.13 -12.27 59.47
C ARG D 312 -4.42 -11.80 60.15
N PHE D 313 -4.78 -12.41 61.28
CA PHE D 313 -6.05 -12.16 61.98
C PHE D 313 -6.01 -10.84 62.78
N CYS D 314 -4.87 -10.16 62.84
CA CYS D 314 -4.77 -8.85 63.53
C CYS D 314 -5.74 -7.86 62.88
N HIS D 315 -5.72 -7.74 61.55
CA HIS D 315 -6.52 -6.71 60.80
C HIS D 315 -7.23 -7.34 59.59
N SER D 316 -7.39 -8.66 59.57
CA SER D 316 -8.12 -9.40 58.52
C SER D 316 -8.96 -10.51 59.17
N ARG D 317 -10.08 -10.88 58.58
CA ARG D 317 -11.04 -11.84 59.19
C ARG D 317 -10.98 -13.19 58.47
N SER D 318 -10.07 -13.39 57.51
CA SER D 318 -9.92 -14.66 56.77
C SER D 318 -8.44 -14.90 56.46
N CYS D 319 -8.08 -16.17 56.33
CA CYS D 319 -6.69 -16.63 56.05
C CYS D 319 -6.77 -17.85 55.14
N VAL D 320 -5.98 -17.87 54.06
CA VAL D 320 -5.86 -19.04 53.15
C VAL D 320 -4.43 -19.58 53.29
N ILE D 321 -4.32 -20.88 53.63
CA ILE D 321 -3.03 -21.59 53.83
C ILE D 321 -2.89 -22.65 52.74
N ILE D 322 -1.88 -22.53 51.87
CA ILE D 322 -1.51 -23.56 50.87
C ILE D 322 -0.39 -24.40 51.47
N VAL D 323 -0.50 -25.74 51.41
CA VAL D 323 0.55 -26.64 51.97
C VAL D 323 0.85 -27.73 50.93
N ALA D 324 2.09 -27.83 50.48
CA ALA D 324 2.59 -28.94 49.65
C ALA D 324 2.58 -30.22 50.49
N GLU D 325 2.30 -31.38 49.88
CA GLU D 325 2.12 -32.66 50.65
C GLU D 325 3.45 -33.04 51.32
N GLY D 326 4.59 -32.55 50.82
CA GLY D 326 5.94 -32.83 51.33
C GLY D 326 6.33 -31.98 52.53
N PHE D 327 5.60 -30.93 52.84
CA PHE D 327 5.89 -30.01 53.97
C PHE D 327 5.66 -30.74 55.31
N GLY D 328 6.45 -30.38 56.32
CA GLY D 328 6.23 -30.74 57.73
C GLY D 328 6.15 -32.24 57.94
N GLN D 329 7.11 -33.00 57.38
CA GLN D 329 7.18 -34.48 57.60
C GLN D 329 7.77 -34.75 59.01
N ASP D 330 8.31 -33.74 59.70
CA ASP D 330 8.84 -33.78 61.09
C ASP D 330 7.72 -33.59 62.14
N TRP D 331 6.44 -33.41 61.73
CA TRP D 331 5.37 -32.94 62.64
C TRP D 331 4.77 -34.08 63.48
N GLY D 332 5.15 -35.33 63.25
CA GLY D 332 4.84 -36.48 64.14
C GLY D 332 3.37 -36.89 64.10
N ILE D 347 2.93 -39.02 55.98
CA ILE D 347 1.76 -38.64 56.84
C ILE D 347 0.98 -37.54 56.11
N ASP D 348 -0.31 -37.41 56.40
CA ASP D 348 -1.19 -36.46 55.67
C ASP D 348 -1.08 -35.08 56.36
N ILE D 349 -0.20 -34.23 55.85
CA ILE D 349 0.10 -32.89 56.44
C ILE D 349 -1.15 -32.01 56.34
N GLY D 350 -2.00 -32.26 55.34
CA GLY D 350 -3.28 -31.53 55.17
C GLY D 350 -4.18 -31.75 56.38
N VAL D 351 -4.37 -33.00 56.78
CA VAL D 351 -5.29 -33.35 57.90
C VAL D 351 -4.66 -32.83 59.19
N ILE D 352 -3.35 -33.04 59.36
CA ILE D 352 -2.60 -32.69 60.61
C ILE D 352 -2.59 -31.17 60.78
N LEU D 353 -2.26 -30.41 59.73
CA LEU D 353 -2.23 -28.93 59.80
C LEU D 353 -3.62 -28.42 60.17
N THR D 354 -4.67 -29.02 59.61
CA THR D 354 -6.08 -28.61 59.84
C THR D 354 -6.42 -28.82 61.32
N GLU D 355 -6.08 -30.00 61.88
CA GLU D 355 -6.31 -30.34 63.32
C GLU D 355 -5.63 -29.30 64.21
N LYS D 356 -4.37 -28.96 63.90
CA LYS D 356 -3.51 -28.07 64.72
C LYS D 356 -4.03 -26.63 64.65
N VAL D 357 -4.46 -26.18 63.48
CA VAL D 357 -5.09 -24.84 63.31
C VAL D 357 -6.38 -24.79 64.14
N LYS D 358 -7.20 -25.86 64.08
CA LYS D 358 -8.45 -25.93 64.88
C LYS D 358 -8.11 -25.87 66.38
N ALA D 359 -7.14 -26.67 66.82
CA ALA D 359 -6.65 -26.76 68.22
C ALA D 359 -6.19 -25.37 68.69
N PHE D 360 -5.41 -24.67 67.87
CA PHE D 360 -4.87 -23.32 68.16
C PHE D 360 -6.03 -22.33 68.33
N LEU D 361 -7.03 -22.36 67.44
CA LEU D 361 -8.15 -21.39 67.46
C LEU D 361 -9.07 -21.68 68.67
N LYS D 362 -9.25 -22.96 69.02
CA LYS D 362 -10.02 -23.40 70.21
C LYS D 362 -9.34 -22.92 71.50
N ALA D 363 -8.00 -23.03 71.57
CA ALA D 363 -7.17 -22.54 72.70
C ALA D 363 -7.29 -21.01 72.83
N ASN D 364 -7.77 -20.31 71.80
CA ASN D 364 -7.84 -18.83 71.77
C ASN D 364 -9.25 -18.34 71.40
N LYS D 365 -10.31 -19.06 71.81
CA LYS D 365 -11.73 -18.66 71.56
C LYS D 365 -11.95 -17.19 71.93
N SER D 366 -11.32 -16.71 73.01
CA SER D 366 -11.50 -15.33 73.54
C SER D 366 -11.19 -14.30 72.43
N ARG D 367 -10.11 -14.46 71.67
CA ARG D 367 -9.68 -13.51 70.60
C ARG D 367 -10.38 -13.82 69.28
N TYR D 368 -10.62 -15.10 69.00
CA TYR D 368 -11.17 -15.59 67.70
C TYR D 368 -12.44 -16.40 67.96
N PRO D 369 -13.55 -15.76 68.44
CA PRO D 369 -14.81 -16.48 68.67
C PRO D 369 -15.49 -16.98 67.39
N ASP D 370 -16.09 -18.17 67.45
CA ASP D 370 -16.89 -18.76 66.34
C ASP D 370 -16.02 -18.85 65.07
N SER D 371 -14.74 -19.17 65.23
CA SER D 371 -13.78 -19.38 64.11
C SER D 371 -14.19 -20.65 63.34
N THR D 372 -13.80 -20.77 62.08
CA THR D 372 -14.11 -21.91 61.18
C THR D 372 -12.84 -22.27 60.42
N VAL D 373 -12.56 -23.56 60.24
CA VAL D 373 -11.44 -24.06 59.40
C VAL D 373 -12.01 -25.05 58.38
N LYS D 374 -11.83 -24.77 57.10
CA LYS D 374 -12.29 -25.65 55.99
C LYS D 374 -11.07 -26.18 55.26
N TYR D 375 -10.97 -27.52 55.10
CA TYR D 375 -9.86 -28.22 54.44
C TYR D 375 -10.30 -28.74 53.07
N ILE D 376 -9.54 -28.42 52.02
CA ILE D 376 -9.76 -28.94 50.64
C ILE D 376 -8.52 -29.69 50.19
N ASP D 377 -8.71 -30.94 49.75
CA ASP D 377 -7.66 -31.81 49.14
C ASP D 377 -8.15 -32.18 47.74
N PRO D 378 -7.78 -31.40 46.70
CA PRO D 378 -8.22 -31.70 45.34
C PRO D 378 -7.55 -32.97 44.80
N SER D 379 -6.48 -33.43 45.47
CA SER D 379 -5.68 -34.64 45.13
C SER D 379 -5.62 -34.81 43.61
N TYR D 380 -6.18 -35.88 43.06
CA TYR D 380 -5.93 -36.34 41.67
C TYR D 380 -6.61 -35.41 40.64
N MET D 381 -7.51 -34.53 41.07
CA MET D 381 -8.21 -33.60 40.16
C MET D 381 -7.20 -32.68 39.44
N ILE D 382 -5.98 -32.49 39.98
CA ILE D 382 -5.02 -31.52 39.38
C ILE D 382 -4.12 -32.22 38.36
N ARG D 383 -4.22 -33.54 38.22
CA ARG D 383 -3.36 -34.30 37.26
C ARG D 383 -4.16 -35.19 36.31
N ALA D 384 -5.40 -35.55 36.64
CA ALA D 384 -6.20 -36.54 35.88
C ALA D 384 -7.16 -35.82 34.94
N CYS D 385 -6.64 -34.93 34.10
CA CYS D 385 -7.49 -34.05 33.26
C CYS D 385 -6.76 -33.72 31.96
N PRO D 386 -7.48 -33.23 30.94
CA PRO D 386 -6.82 -32.74 29.74
C PRO D 386 -6.04 -31.48 30.06
N PRO D 387 -5.02 -31.16 29.24
CA PRO D 387 -4.14 -30.04 29.51
C PRO D 387 -4.76 -28.71 29.15
N SER D 388 -4.30 -27.64 29.81
CA SER D 388 -4.44 -26.23 29.35
C SER D 388 -3.94 -26.12 27.90
N ALA D 389 -4.42 -25.12 27.17
CA ALA D 389 -3.99 -24.86 25.78
C ALA D 389 -2.46 -24.75 25.74
N ASN D 390 -1.87 -23.99 26.66
CA ASN D 390 -0.41 -23.77 26.64
C ASN D 390 0.31 -25.10 26.89
N ASP D 391 -0.26 -26.02 27.67
CA ASP D 391 0.33 -27.37 27.91
C ASP D 391 0.12 -28.25 26.67
N ALA D 392 -0.99 -28.11 25.94
CA ALA D 392 -1.23 -28.86 24.70
C ALA D 392 -0.17 -28.48 23.66
N LEU D 393 0.12 -27.18 23.54
CA LEU D 393 1.17 -26.64 22.63
C LEU D 393 2.51 -27.28 22.99
N PHE D 394 2.83 -27.26 24.29
CA PHE D 394 4.09 -27.77 24.84
C PHE D 394 4.20 -29.28 24.58
N CYS D 395 3.16 -30.04 24.89
CA CYS D 395 3.13 -31.52 24.71
C CYS D 395 3.39 -31.87 23.24
N ALA D 396 2.66 -31.23 22.32
CA ALA D 396 2.76 -31.50 20.86
C ALA D 396 4.19 -31.20 20.39
N THR D 397 4.78 -30.11 20.87
CA THR D 397 6.13 -29.64 20.45
C THR D 397 7.18 -30.62 20.99
N LEU D 398 7.12 -30.97 22.29
CA LEU D 398 8.03 -31.96 22.92
C LEU D 398 8.01 -33.26 22.11
N ALA D 399 6.81 -33.77 21.84
CA ALA D 399 6.62 -35.06 21.17
C ALA D 399 7.18 -34.99 19.76
N THR D 400 6.93 -33.89 19.04
CA THR D 400 7.32 -33.72 17.62
C THR D 400 8.85 -33.71 17.53
N LEU D 401 9.51 -32.92 18.38
CA LEU D 401 10.99 -32.80 18.38
C LEU D 401 11.61 -34.11 18.86
N ALA D 402 10.97 -34.81 19.81
CA ALA D 402 11.43 -36.14 20.28
C ALA D 402 11.54 -37.07 19.08
N VAL D 403 10.55 -37.08 18.18
CA VAL D 403 10.53 -37.97 17.00
C VAL D 403 11.60 -37.52 16.01
N HIS D 404 11.73 -36.22 15.74
CA HIS D 404 12.79 -35.68 14.85
C HIS D 404 14.15 -36.23 15.30
N GLU D 405 14.47 -36.09 16.59
CA GLU D 405 15.82 -36.36 17.14
C GLU D 405 16.06 -37.87 17.24
N ALA D 406 15.06 -38.68 17.60
CA ALA D 406 15.18 -40.15 17.66
C ALA D 406 15.40 -40.70 16.24
N MET D 407 14.66 -40.19 15.25
CA MET D 407 14.85 -40.57 13.83
C MET D 407 16.30 -40.25 13.45
N ALA D 408 16.83 -39.13 13.94
CA ALA D 408 18.21 -38.65 13.68
C ALA D 408 19.22 -39.31 14.63
N GLY D 409 18.83 -40.40 15.31
CA GLY D 409 19.75 -41.32 16.00
C GLY D 409 19.99 -40.99 17.48
N ALA D 410 19.43 -39.92 18.01
CA ALA D 410 19.54 -39.60 19.46
C ALA D 410 19.02 -40.79 20.28
N THR D 411 19.73 -41.16 21.35
CA THR D 411 19.35 -42.24 22.30
C THR D 411 19.93 -41.96 23.70
N GLY D 412 19.36 -42.60 24.72
CA GLY D 412 19.77 -42.47 26.14
C GLY D 412 19.56 -41.08 26.69
N CYS D 413 18.68 -40.28 26.07
CA CYS D 413 18.46 -38.86 26.45
C CYS D 413 16.98 -38.59 26.68
N ILE D 414 16.68 -37.44 27.27
CA ILE D 414 15.33 -36.85 27.42
C ILE D 414 15.31 -35.54 26.64
N ILE D 415 14.11 -35.11 26.22
CA ILE D 415 13.87 -33.74 25.70
C ILE D 415 13.37 -32.89 26.88
N ALA D 416 13.82 -31.64 26.95
CA ALA D 416 13.51 -30.73 28.06
C ALA D 416 13.43 -29.29 27.55
N MET D 417 12.98 -28.39 28.42
CA MET D 417 12.91 -26.96 28.06
C MET D 417 13.65 -26.12 29.10
N ARG D 418 14.55 -25.25 28.61
CA ARG D 418 15.30 -24.25 29.41
C ARG D 418 15.31 -22.95 28.64
N HIS D 419 15.15 -21.81 29.31
CA HIS D 419 15.34 -20.47 28.71
C HIS D 419 14.59 -20.42 27.38
N ASN D 420 13.39 -21.02 27.34
CA ASN D 420 12.46 -20.86 26.21
C ASN D 420 12.85 -21.73 25.00
N ASN D 421 13.86 -22.61 25.12
CA ASN D 421 14.32 -23.47 23.99
C ASN D 421 14.27 -24.94 24.37
N TYR D 422 14.00 -25.78 23.38
CA TYR D 422 13.94 -27.26 23.51
C TYR D 422 15.37 -27.79 23.37
N ILE D 423 15.80 -28.59 24.35
CA ILE D 423 17.19 -29.14 24.44
C ILE D 423 17.13 -30.66 24.66
N LEU D 424 18.24 -31.33 24.40
CA LEU D 424 18.44 -32.77 24.71
C LEU D 424 19.43 -32.87 25.88
N VAL D 425 19.16 -33.78 26.81
CA VAL D 425 19.97 -33.98 28.05
C VAL D 425 20.10 -35.48 28.24
N PRO D 426 21.32 -36.02 28.37
CA PRO D 426 21.46 -37.45 28.68
C PRO D 426 20.70 -37.81 29.95
N ILE D 427 20.14 -39.02 29.99
CA ILE D 427 19.36 -39.53 31.14
C ILE D 427 20.26 -39.57 32.38
N LYS D 428 21.52 -40.01 32.24
CA LYS D 428 22.44 -40.20 33.39
C LYS D 428 22.48 -38.93 34.25
N VAL D 429 22.78 -37.77 33.66
CA VAL D 429 22.91 -36.48 34.38
C VAL D 429 21.54 -35.99 34.85
N ALA D 430 20.50 -36.19 34.05
CA ALA D 430 19.12 -35.70 34.33
C ALA D 430 18.54 -36.42 35.56
N THR D 431 18.97 -37.66 35.80
CA THR D 431 18.46 -38.54 36.87
C THR D 431 19.42 -38.60 38.06
N SER D 432 20.48 -37.78 38.07
CA SER D 432 21.48 -37.71 39.16
C SER D 432 20.95 -36.78 40.27
N VAL D 433 20.24 -35.72 39.90
CA VAL D 433 19.89 -34.61 40.85
C VAL D 433 18.44 -34.16 40.62
N ARG D 434 17.71 -33.94 41.72
CA ARG D 434 16.33 -33.40 41.77
C ARG D 434 16.42 -31.87 41.84
N ARG D 435 15.54 -31.15 41.13
CA ARG D 435 15.40 -29.67 41.21
C ARG D 435 14.39 -29.34 42.31
N VAL D 436 14.56 -28.17 42.93
CA VAL D 436 13.87 -27.77 44.17
C VAL D 436 13.74 -26.24 44.14
N LEU D 437 12.75 -25.66 44.84
CA LEU D 437 12.56 -24.19 44.84
C LEU D 437 13.88 -23.53 45.28
N ASP D 438 14.34 -22.52 44.57
CA ASP D 438 15.38 -21.59 45.06
C ASP D 438 14.72 -20.59 46.00
N LEU D 439 15.00 -20.66 47.31
CA LEU D 439 14.39 -19.73 48.31
C LEU D 439 14.91 -18.30 48.10
N ARG D 440 15.93 -18.12 47.26
CA ARG D 440 16.49 -16.79 46.90
C ARG D 440 16.18 -16.49 45.43
N GLY D 441 15.40 -17.35 44.78
CA GLY D 441 14.99 -17.22 43.35
C GLY D 441 13.80 -16.30 43.17
N GLN D 442 13.37 -16.10 41.93
CA GLN D 442 12.41 -15.02 41.55
C GLN D 442 11.01 -15.41 42.02
N LEU D 443 10.60 -16.67 41.84
CA LEU D 443 9.23 -17.15 42.16
C LEU D 443 9.02 -17.05 43.68
N TRP D 444 9.94 -17.58 44.49
CA TRP D 444 9.76 -17.61 45.96
C TRP D 444 9.73 -16.18 46.51
N ARG D 445 10.50 -15.27 45.93
CA ARG D 445 10.46 -13.83 46.27
C ARG D 445 9.03 -13.30 46.02
N GLN D 446 8.42 -13.66 44.88
CA GLN D 446 7.04 -13.22 44.53
C GLN D 446 6.04 -13.80 45.53
N VAL D 447 6.22 -15.06 45.98
CA VAL D 447 5.34 -15.69 47.00
C VAL D 447 5.37 -14.83 48.28
N ARG D 448 6.54 -14.35 48.68
CA ARG D 448 6.69 -13.64 49.97
C ARG D 448 6.12 -12.22 49.87
N GLU D 449 5.97 -11.67 48.67
CA GLU D 449 5.41 -10.29 48.48
C GLU D 449 3.90 -10.33 48.79
N ILE D 450 3.24 -11.46 48.58
CA ILE D 450 1.76 -11.59 48.68
C ILE D 450 1.37 -12.22 50.02
N THR D 451 2.28 -12.94 50.68
CA THR D 451 1.98 -13.68 51.94
C THR D 451 2.28 -12.77 53.13
N VAL D 452 1.87 -13.17 54.33
CA VAL D 452 2.02 -12.34 55.55
C VAL D 452 3.48 -12.44 56.00
N ASP D 453 4.05 -11.32 56.47
CA ASP D 453 5.41 -11.23 57.05
C ASP D 453 5.27 -10.97 58.55
N LEU D 454 6.29 -11.31 59.33
CA LEU D 454 6.31 -10.98 60.79
C LEU D 454 7.01 -9.64 61.04
N GLY D 455 7.71 -9.10 60.05
CA GLY D 455 8.65 -7.98 60.26
C GLY D 455 8.02 -6.59 60.29
N SER D 456 6.89 -6.39 59.60
CA SER D 456 6.29 -5.06 59.34
C SER D 456 5.34 -4.68 60.47
N ASP D 457 5.22 -3.38 60.76
CA ASP D 457 4.39 -2.83 61.85
C ASP D 457 2.93 -2.89 61.36
N VAL D 458 2.12 -3.79 61.94
CA VAL D 458 0.72 -4.04 61.47
C VAL D 458 -0.18 -2.90 61.91
N ARG D 459 0.11 -2.31 63.07
CA ARG D 459 -0.66 -1.15 63.61
C ARG D 459 -0.42 0.03 62.65
N LEU D 460 0.84 0.36 62.35
CA LEU D 460 1.21 1.46 61.41
C LEU D 460 0.54 1.21 60.05
N ALA D 461 0.61 -0.03 59.54
CA ALA D 461 0.04 -0.43 58.22
C ALA D 461 -1.46 -0.14 58.18
N ARG D 462 -2.18 -0.50 59.24
CA ARG D 462 -3.65 -0.32 59.31
C ARG D 462 -3.96 1.18 59.41
N LYS D 463 -3.17 1.91 60.18
CA LYS D 463 -3.32 3.39 60.35
C LYS D 463 -3.28 4.02 58.96
N LEU D 464 -2.27 3.71 58.14
CA LEU D 464 -2.09 4.31 56.80
C LEU D 464 -3.19 3.84 55.86
N GLU D 465 -3.68 2.60 56.00
CA GLU D 465 -4.72 2.05 55.10
C GLU D 465 -6.06 2.75 55.41
N ILE D 466 -6.30 3.10 56.66
CA ILE D 466 -7.52 3.85 57.06
C ILE D 466 -7.46 5.25 56.43
N ARG D 467 -6.29 5.90 56.44
CA ARG D 467 -6.07 7.21 55.77
C ARG D 467 -6.43 7.08 54.28
N ARG D 468 -5.85 6.11 53.57
CA ARG D 468 -6.07 5.90 52.11
C ARG D 468 -7.58 5.75 51.85
N GLU D 469 -8.28 5.00 52.71
CA GLU D 469 -9.74 4.71 52.55
C GLU D 469 -10.56 5.97 52.84
N LEU D 470 -10.20 6.76 53.86
CA LEU D 470 -10.90 8.02 54.22
C LEU D 470 -10.74 9.05 53.09
N GLU D 471 -9.59 9.07 52.42
CA GLU D 471 -9.32 9.98 51.27
C GLU D 471 -10.29 9.60 50.13
N ALA D 472 -10.55 8.30 49.93
CA ALA D 472 -11.47 7.78 48.90
C ALA D 472 -12.89 8.21 49.25
N ILE D 473 -13.30 7.96 50.49
CA ILE D 473 -14.66 8.32 51.02
C ILE D 473 -14.89 9.82 50.80
N ASN D 474 -13.92 10.67 51.17
CA ASN D 474 -14.07 12.15 51.12
C ASN D 474 -14.18 12.62 49.66
N ARG D 475 -13.38 12.06 48.75
CA ARG D 475 -13.45 12.46 47.32
C ARG D 475 -14.81 12.03 46.74
N ASN D 476 -15.29 10.85 47.12
CA ASN D 476 -16.59 10.31 46.67
C ASN D 476 -17.74 11.16 47.24
N ARG D 477 -17.68 11.47 48.52
CA ARG D 477 -18.70 12.33 49.19
C ARG D 477 -18.83 13.63 48.41
N ASP D 478 -17.71 14.20 47.96
CA ASP D 478 -17.65 15.50 47.26
C ASP D 478 -18.25 15.35 45.85
N ARG D 479 -17.81 14.35 45.08
CA ARG D 479 -18.27 14.14 43.68
C ARG D 479 -19.78 13.88 43.69
N LEU D 480 -20.30 13.25 44.74
CA LEU D 480 -21.74 12.87 44.87
C LEU D 480 -22.58 14.09 45.24
N HIS D 481 -22.16 14.88 46.23
CA HIS D 481 -22.88 16.12 46.65
C HIS D 481 -22.98 17.07 45.45
N GLU D 482 -21.97 17.08 44.59
CA GLU D 482 -21.91 17.90 43.35
C GLU D 482 -22.93 17.40 42.33
N GLU D 483 -22.79 16.15 41.85
CA GLU D 483 -23.77 15.52 40.92
C GLU D 483 -25.21 15.75 41.41
N LEU D 484 -25.46 15.62 42.71
CA LEU D 484 -26.81 15.74 43.33
C LEU D 484 -27.29 17.19 43.26
N ALA D 485 -26.42 18.20 43.31
CA ALA D 485 -26.80 19.64 43.24
C ALA D 485 -27.38 19.97 41.85
N LYS D 486 -26.92 19.30 40.77
CA LYS D 486 -27.43 19.57 39.38
C LYS D 486 -28.50 18.56 38.95
N LEU D 487 -29.08 17.84 39.93
CA LEU D 487 -30.09 16.75 39.95
C LEU D 487 -29.61 15.38 39.37
N SER E 23 30.18 5.81 5.69
CA SER E 23 30.35 4.37 6.02
C SER E 23 31.10 3.62 4.93
N VAL E 24 31.41 4.26 3.79
CA VAL E 24 31.84 3.55 2.54
C VAL E 24 33.34 3.28 2.59
N THR E 25 33.76 2.07 2.23
CA THR E 25 35.17 1.57 2.29
C THR E 25 35.65 1.29 0.86
N GLN E 26 36.97 1.23 0.64
CA GLN E 26 37.57 0.94 -0.69
C GLN E 26 37.03 -0.38 -1.25
N GLU E 27 36.69 -1.33 -0.38
CA GLU E 27 36.19 -2.69 -0.77
C GLU E 27 34.80 -2.56 -1.39
N ASP E 28 33.98 -1.64 -0.90
CA ASP E 28 32.62 -1.37 -1.44
C ASP E 28 32.71 -0.90 -2.91
N LEU E 29 33.85 -0.33 -3.31
CA LEU E 29 34.08 0.25 -4.66
C LEU E 29 34.84 -0.73 -5.55
N LYS E 30 35.27 -1.88 -5.03
CA LYS E 30 36.05 -2.87 -5.82
C LYS E 30 35.08 -3.51 -6.82
N VAL E 31 35.34 -3.30 -8.12
CA VAL E 31 34.48 -3.80 -9.22
C VAL E 31 34.81 -5.26 -9.51
N ASP E 32 33.82 -6.13 -9.38
CA ASP E 32 33.86 -7.57 -9.71
C ASP E 32 34.37 -7.77 -11.14
N ARG E 33 35.29 -8.72 -11.34
CA ARG E 33 35.74 -9.20 -12.67
C ARG E 33 35.49 -10.70 -12.77
N LEU E 34 34.84 -11.15 -13.84
CA LEU E 34 34.73 -12.60 -14.13
C LEU E 34 36.15 -13.15 -14.26
N PRO E 35 36.38 -14.42 -13.88
CA PRO E 35 37.73 -14.98 -13.84
C PRO E 35 38.31 -15.22 -15.25
N GLY E 36 39.52 -14.69 -15.51
CA GLY E 36 40.27 -14.91 -16.74
C GLY E 36 40.13 -13.79 -17.75
N ALA E 37 41.25 -13.49 -18.44
CA ALA E 37 41.35 -12.53 -19.55
C ALA E 37 42.23 -13.17 -20.64
N ASP E 38 41.70 -14.20 -21.29
CA ASP E 38 42.49 -15.16 -22.11
C ASP E 38 42.60 -14.66 -23.56
N TYR E 39 41.91 -13.60 -23.96
CA TYR E 39 41.79 -13.19 -25.39
C TYR E 39 42.36 -11.80 -25.57
N PRO E 40 43.04 -11.55 -26.70
CA PRO E 40 43.56 -10.21 -27.01
C PRO E 40 42.39 -9.34 -27.51
N ASN E 41 42.43 -8.05 -27.22
CA ASN E 41 41.43 -7.08 -27.74
C ASN E 41 41.57 -6.99 -29.25
N PRO E 42 40.52 -7.34 -30.02
CA PRO E 42 40.60 -7.30 -31.48
C PRO E 42 40.47 -5.90 -32.10
N SER E 43 40.14 -4.88 -31.30
CA SER E 43 39.90 -3.49 -31.78
C SER E 43 41.07 -3.05 -32.66
N LYS E 44 40.76 -2.58 -33.87
CA LYS E 44 41.70 -2.01 -34.86
C LYS E 44 41.44 -0.50 -34.98
N LYS E 45 40.84 0.11 -33.94
CA LYS E 45 40.33 1.51 -33.95
C LYS E 45 41.41 2.49 -33.47
N TYR E 46 42.26 2.08 -32.52
CA TYR E 46 43.37 2.90 -31.96
C TYR E 46 44.63 2.71 -32.81
N SER E 47 45.51 3.72 -32.81
CA SER E 47 46.74 3.83 -33.66
C SER E 47 47.69 2.65 -33.40
N SER E 48 47.97 2.32 -32.13
CA SER E 48 48.80 1.16 -31.72
C SER E 48 48.17 0.42 -30.54
N ARG E 49 48.81 -0.67 -30.10
CA ARG E 49 48.36 -1.61 -29.04
C ARG E 49 48.64 -1.04 -27.63
N THR E 50 49.41 0.06 -27.53
CA THR E 50 49.82 0.69 -26.25
C THR E 50 48.67 1.53 -25.69
N GLU E 51 47.62 1.77 -26.47
CA GLU E 51 46.47 2.64 -26.10
C GLU E 51 45.35 1.82 -25.43
N PHE E 52 45.49 0.49 -25.37
CA PHE E 52 44.70 -0.43 -24.50
C PHE E 52 45.37 -0.45 -23.13
N ARG E 53 44.66 -0.86 -22.08
CA ARG E 53 45.15 -0.76 -20.67
C ARG E 53 45.56 -2.14 -20.14
N ASP E 54 46.82 -2.24 -19.70
CA ASP E 54 47.45 -3.40 -19.03
C ASP E 54 46.83 -3.62 -17.65
N LYS E 55 46.63 -2.54 -16.88
CA LYS E 55 46.29 -2.57 -15.43
C LYS E 55 45.09 -1.67 -15.16
N THR E 56 44.48 -1.80 -13.98
CA THR E 56 43.35 -0.94 -13.51
C THR E 56 43.92 0.44 -13.13
N ASP E 57 43.40 1.53 -13.73
CA ASP E 57 43.73 2.92 -13.34
C ASP E 57 42.60 3.46 -12.47
N TYR E 58 42.91 4.37 -11.54
CA TYR E 58 41.95 4.93 -10.56
C TYR E 58 41.94 6.46 -10.68
N ILE E 59 40.88 7.07 -10.13
CA ILE E 59 40.74 8.54 -9.91
C ILE E 59 40.20 8.72 -8.48
N MET E 60 40.58 9.79 -7.79
CA MET E 60 40.15 10.05 -6.39
C MET E 60 38.65 10.34 -6.36
N TYR E 61 37.95 9.75 -5.39
CA TYR E 61 36.54 10.04 -5.07
C TYR E 61 36.41 11.54 -4.77
N ASN E 62 37.40 12.12 -4.08
CA ASN E 62 37.35 13.53 -3.63
C ASN E 62 38.70 14.20 -3.89
N PRO E 63 38.81 15.05 -4.94
CA PRO E 63 40.09 15.64 -5.31
C PRO E 63 40.41 16.96 -4.58
N ARG E 64 39.84 17.14 -3.38
CA ARG E 64 40.16 18.28 -2.48
C ARG E 64 41.32 17.87 -1.57
N PRO E 65 42.30 18.76 -1.31
CA PRO E 65 43.44 18.43 -0.46
C PRO E 65 43.05 18.44 1.02
N ARG E 66 43.72 17.63 1.85
CA ARG E 66 43.46 17.52 3.31
C ARG E 66 44.10 18.70 4.04
N ASP E 67 45.35 19.03 3.69
CA ASP E 67 46.19 20.09 4.33
C ASP E 67 46.29 21.29 3.37
N GLU E 68 46.85 22.41 3.84
CA GLU E 68 47.15 23.61 3.00
C GLU E 68 48.26 23.24 2.00
N PRO E 69 48.50 24.04 0.94
CA PRO E 69 49.61 23.76 0.00
C PRO E 69 50.97 23.69 0.71
N SER E 70 51.72 22.62 0.47
CA SER E 70 53.05 22.29 1.06
C SER E 70 54.11 22.27 -0.04
N SER E 71 55.32 21.78 0.26
CA SER E 71 56.37 21.43 -0.74
C SER E 71 55.96 20.11 -1.44
N GLU E 72 55.48 19.13 -0.66
CA GLU E 72 55.11 17.78 -1.16
C GLU E 72 53.69 17.84 -1.75
N ASN E 73 53.39 16.87 -2.62
CA ASN E 73 52.13 16.78 -3.42
C ASN E 73 50.92 16.71 -2.49
N PRO E 74 49.73 17.20 -2.93
CA PRO E 74 48.52 17.15 -2.12
C PRO E 74 47.99 15.73 -1.86
N VAL E 75 47.21 15.59 -0.78
CA VAL E 75 46.64 14.29 -0.29
C VAL E 75 45.12 14.45 -0.17
N SER E 76 44.36 13.45 -0.60
CA SER E 76 42.87 13.49 -0.64
C SER E 76 42.32 13.55 0.79
N VAL E 77 41.27 14.35 1.01
CA VAL E 77 40.40 14.34 2.22
C VAL E 77 39.80 12.93 2.42
N SER E 78 39.57 12.17 1.35
CA SER E 78 38.90 10.84 1.37
C SER E 78 39.90 9.73 1.06
N PRO E 79 39.79 8.55 1.71
CA PRO E 79 40.63 7.40 1.36
C PRO E 79 40.26 6.77 0.00
N LEU E 80 39.07 7.09 -0.52
CA LEU E 80 38.39 6.31 -1.58
C LEU E 80 38.97 6.63 -2.98
N LEU E 81 39.11 5.58 -3.79
CA LEU E 81 39.50 5.60 -5.22
C LEU E 81 38.41 4.89 -6.05
N CYS E 82 38.00 5.51 -7.15
CA CYS E 82 37.01 4.95 -8.11
C CYS E 82 37.76 4.39 -9.32
N GLU E 83 37.39 3.19 -9.78
CA GLU E 83 37.99 2.53 -10.95
C GLU E 83 37.56 3.27 -12.24
N LEU E 84 38.53 3.67 -13.06
CA LEU E 84 38.28 4.32 -14.38
C LEU E 84 37.91 3.28 -15.45
N ALA E 85 36.99 3.62 -16.34
CA ALA E 85 36.53 2.78 -17.47
C ALA E 85 37.38 3.06 -18.72
N ALA E 86 37.89 1.99 -19.34
CA ALA E 86 38.64 2.08 -20.61
C ALA E 86 38.72 0.70 -21.28
N ALA E 87 38.96 0.71 -22.58
CA ALA E 87 39.27 -0.49 -23.40
C ALA E 87 40.53 -1.14 -22.83
N ARG E 88 40.53 -2.46 -22.67
CA ARG E 88 41.60 -3.25 -22.02
C ARG E 88 42.36 -4.07 -23.07
N SER E 89 43.66 -4.31 -22.84
CA SER E 89 44.58 -5.13 -23.68
C SER E 89 44.04 -6.55 -23.81
N ARG E 90 43.61 -7.10 -22.68
CA ARG E 90 43.11 -8.49 -22.56
C ARG E 90 41.65 -8.42 -22.12
N ILE E 91 40.81 -9.24 -22.75
CA ILE E 91 39.34 -9.31 -22.52
C ILE E 91 38.97 -10.72 -22.07
N HIS E 92 37.83 -10.87 -21.38
CA HIS E 92 37.36 -12.13 -20.75
C HIS E 92 36.60 -12.98 -21.76
N PHE E 93 35.83 -12.35 -22.65
CA PHE E 93 34.93 -13.05 -23.60
C PHE E 93 35.59 -13.14 -24.97
N ASN E 94 35.51 -14.33 -25.58
CA ASN E 94 35.96 -14.58 -26.97
C ASN E 94 35.01 -13.88 -27.94
N PRO E 95 35.42 -12.77 -28.58
CA PRO E 95 34.49 -11.91 -29.32
C PRO E 95 33.57 -12.64 -30.31
N THR E 96 34.13 -13.48 -31.18
CA THR E 96 33.37 -14.13 -32.29
C THR E 96 32.38 -15.17 -31.73
N GLU E 97 32.44 -15.55 -30.44
CA GLU E 97 31.51 -16.51 -29.79
C GLU E 97 30.61 -15.77 -28.77
N THR E 98 30.73 -14.45 -28.63
CA THR E 98 29.99 -13.67 -27.61
C THR E 98 28.66 -13.15 -28.18
N THR E 99 27.58 -13.30 -27.40
CA THR E 99 26.24 -12.72 -27.65
C THR E 99 25.96 -11.65 -26.58
N ILE E 100 25.59 -10.44 -27.02
CA ILE E 100 25.21 -9.31 -26.12
C ILE E 100 23.69 -9.25 -26.07
N GLY E 101 23.12 -9.15 -24.87
CA GLY E 101 21.70 -8.85 -24.65
C GLY E 101 21.54 -7.42 -24.15
N ILE E 102 20.48 -6.72 -24.54
CA ILE E 102 20.11 -5.37 -24.04
C ILE E 102 18.66 -5.41 -23.54
N VAL E 103 18.39 -4.77 -22.42
CA VAL E 103 17.01 -4.62 -21.90
C VAL E 103 16.85 -3.21 -21.32
N THR E 104 15.73 -2.55 -21.63
CA THR E 104 15.40 -1.19 -21.16
C THR E 104 14.19 -1.29 -20.23
N CYS E 105 14.33 -0.82 -19.00
CA CYS E 105 13.29 -0.92 -17.94
C CYS E 105 12.91 0.48 -17.43
N GLY E 106 11.69 0.59 -16.90
CA GLY E 106 11.21 1.81 -16.24
C GLY E 106 10.80 2.87 -17.24
N GLY E 107 10.45 4.04 -16.73
CA GLY E 107 10.04 5.20 -17.55
C GLY E 107 11.11 5.54 -18.55
N ILE E 108 10.72 5.96 -19.76
CA ILE E 108 11.69 6.36 -20.82
C ILE E 108 12.41 7.62 -20.36
N CYS E 109 13.46 7.97 -21.09
CA CYS E 109 14.48 8.96 -20.72
C CYS E 109 15.20 9.37 -21.99
N PRO E 110 15.48 10.66 -22.24
CA PRO E 110 16.10 11.05 -23.51
C PRO E 110 17.45 10.34 -23.70
N GLY E 111 17.66 9.72 -24.86
CA GLY E 111 18.92 9.03 -25.18
C GLY E 111 18.85 7.52 -25.05
N LEU E 112 17.72 6.95 -24.66
CA LEU E 112 17.56 5.47 -24.58
C LEU E 112 17.98 4.82 -25.91
N ASN E 113 17.43 5.28 -27.03
CA ASN E 113 17.73 4.70 -28.37
C ASN E 113 19.23 4.93 -28.67
N ASP E 114 19.81 6.06 -28.27
CA ASP E 114 21.26 6.32 -28.48
C ASP E 114 22.08 5.23 -27.77
N VAL E 115 21.66 4.82 -26.56
CA VAL E 115 22.39 3.81 -25.76
C VAL E 115 22.26 2.45 -26.44
N ILE E 116 21.06 2.08 -26.86
CA ILE E 116 20.81 0.79 -27.59
C ILE E 116 21.70 0.79 -28.83
N ARG E 117 21.71 1.90 -29.56
CA ARG E 117 22.45 2.04 -30.84
C ARG E 117 23.95 1.86 -30.60
N SER E 118 24.51 2.51 -29.57
CA SER E 118 25.98 2.54 -29.35
C SER E 118 26.46 1.21 -28.78
N ILE E 119 25.68 0.55 -27.92
CA ILE E 119 26.01 -0.83 -27.44
C ILE E 119 26.11 -1.72 -28.68
N THR E 120 25.08 -1.69 -29.53
CA THR E 120 24.97 -2.54 -30.75
C THR E 120 26.17 -2.29 -31.66
N LEU E 121 26.44 -1.02 -32.01
CA LEU E 121 27.51 -0.67 -32.98
C LEU E 121 28.91 -0.94 -32.37
N THR E 122 29.11 -0.71 -31.07
CA THR E 122 30.41 -0.99 -30.43
C THR E 122 30.62 -2.50 -30.44
N GLY E 123 29.61 -3.28 -30.05
CA GLY E 123 29.66 -4.75 -30.09
C GLY E 123 30.06 -5.26 -31.46
N ILE E 124 29.49 -4.68 -32.52
CA ILE E 124 29.65 -5.18 -33.91
C ILE E 124 30.90 -4.56 -34.56
N ASN E 125 31.00 -3.24 -34.61
CA ASN E 125 32.07 -2.53 -35.37
C ASN E 125 33.43 -2.70 -34.70
N VAL E 126 33.48 -2.83 -33.37
CA VAL E 126 34.77 -2.85 -32.62
C VAL E 126 35.15 -4.31 -32.31
N TYR E 127 34.25 -5.09 -31.71
CA TYR E 127 34.56 -6.42 -31.13
C TYR E 127 34.13 -7.54 -32.10
N ASN E 128 33.30 -7.24 -33.09
CA ASN E 128 32.81 -8.22 -34.09
C ASN E 128 32.08 -9.37 -33.38
N VAL E 129 31.29 -9.06 -32.36
CA VAL E 129 30.55 -10.08 -31.55
C VAL E 129 29.63 -10.86 -32.49
N LYS E 130 29.29 -12.09 -32.11
CA LYS E 130 28.48 -13.01 -32.94
C LYS E 130 27.11 -12.41 -33.18
N ARG E 131 26.50 -11.84 -32.14
CA ARG E 131 25.05 -11.53 -32.13
C ARG E 131 24.73 -10.49 -31.05
N VAL E 132 23.75 -9.62 -31.32
CA VAL E 132 23.19 -8.67 -30.32
C VAL E 132 21.68 -8.86 -30.27
N ILE E 133 21.12 -9.13 -29.08
CA ILE E 133 19.68 -9.42 -28.88
C ILE E 133 19.09 -8.25 -28.08
N GLY E 134 17.93 -7.75 -28.51
CA GLY E 134 17.14 -6.76 -27.77
C GLY E 134 15.92 -7.41 -27.14
N PHE E 135 15.95 -7.60 -25.83
CA PHE E 135 14.79 -8.11 -25.06
C PHE E 135 13.76 -7.00 -24.97
N ARG E 136 12.49 -7.32 -25.15
CA ARG E 136 11.42 -6.29 -25.31
C ARG E 136 10.70 -6.08 -23.97
N PHE E 137 10.29 -4.84 -23.70
CA PHE E 137 9.36 -4.45 -22.62
C PHE E 137 9.95 -4.84 -21.26
N GLY E 138 11.21 -4.49 -21.04
CA GLY E 138 11.87 -4.65 -19.73
C GLY E 138 12.14 -6.12 -19.42
N TYR E 139 12.30 -6.43 -18.13
CA TYR E 139 12.62 -7.79 -17.65
C TYR E 139 11.60 -8.80 -18.19
N TRP E 140 10.35 -8.38 -18.44
CA TRP E 140 9.31 -9.23 -19.08
C TRP E 140 9.89 -9.92 -20.32
N GLY E 141 10.73 -9.25 -21.09
CA GLY E 141 11.32 -9.78 -22.34
C GLY E 141 12.25 -10.94 -22.10
N LEU E 142 12.68 -11.16 -20.86
CA LEU E 142 13.59 -12.29 -20.51
C LEU E 142 12.81 -13.43 -19.84
N SER E 143 11.53 -13.23 -19.52
CA SER E 143 10.60 -14.31 -19.09
C SER E 143 10.47 -15.30 -20.26
N LYS E 144 9.99 -16.53 -19.99
CA LYS E 144 9.94 -17.59 -21.02
C LYS E 144 8.95 -17.16 -22.12
N LYS E 145 7.77 -16.67 -21.75
CA LYS E 145 6.73 -16.21 -22.72
C LYS E 145 7.26 -14.99 -23.49
N GLY E 146 7.90 -14.05 -22.79
CA GLY E 146 8.36 -12.76 -23.35
C GLY E 146 9.53 -12.90 -24.31
N SER E 147 10.35 -13.95 -24.17
CA SER E 147 11.61 -14.13 -24.95
C SER E 147 11.31 -14.44 -26.42
N GLN E 148 10.09 -14.87 -26.74
CA GLN E 148 9.62 -15.07 -28.15
C GLN E 148 9.70 -13.75 -28.91
N THR E 149 9.50 -12.61 -28.22
CA THR E 149 9.39 -11.26 -28.83
C THR E 149 10.77 -10.61 -29.04
N ALA E 150 11.83 -11.20 -28.47
CA ALA E 150 13.21 -10.66 -28.53
C ALA E 150 13.58 -10.37 -29.98
N ILE E 151 14.29 -9.29 -30.25
CA ILE E 151 14.61 -8.87 -31.65
C ILE E 151 16.12 -8.94 -31.88
N GLU E 152 16.53 -9.23 -33.12
CA GLU E 152 17.95 -9.26 -33.55
C GLU E 152 18.36 -7.84 -33.90
N LEU E 153 19.32 -7.30 -33.15
CA LEU E 153 19.92 -5.98 -33.40
C LEU E 153 21.15 -6.18 -34.29
N HIS E 154 20.99 -6.06 -35.59
CA HIS E 154 22.11 -5.92 -36.56
C HIS E 154 22.34 -4.42 -36.79
N ARG E 155 23.44 -4.10 -37.47
CA ARG E 155 23.92 -2.72 -37.71
C ARG E 155 22.85 -1.87 -38.39
N GLY E 156 22.17 -2.43 -39.39
CA GLY E 156 21.16 -1.73 -40.21
C GLY E 156 19.89 -1.42 -39.43
N ARG E 157 19.62 -2.17 -38.36
CA ARG E 157 18.39 -2.02 -37.53
C ARG E 157 18.46 -0.76 -36.66
N VAL E 158 19.65 -0.27 -36.33
CA VAL E 158 19.83 0.80 -35.32
C VAL E 158 20.30 2.10 -35.97
N THR E 159 20.49 2.14 -37.30
CA THR E 159 21.13 3.28 -38.00
C THR E 159 20.49 4.61 -37.60
N ASN E 160 19.17 4.67 -37.54
CA ASN E 160 18.40 5.95 -37.44
C ASN E 160 17.61 6.05 -36.13
N ILE E 161 17.77 5.14 -35.17
CA ILE E 161 16.86 5.08 -34.00
C ILE E 161 17.12 6.27 -33.07
N HIS E 162 18.27 6.92 -33.19
CA HIS E 162 18.68 8.04 -32.30
C HIS E 162 17.91 9.32 -32.64
N HIS E 163 17.16 9.35 -33.75
CA HIS E 163 16.39 10.55 -34.17
C HIS E 163 15.08 10.71 -33.39
N TYR E 164 14.61 9.70 -32.67
CA TYR E 164 13.27 9.77 -32.03
C TYR E 164 13.30 9.22 -30.60
N GLY E 165 12.33 9.66 -29.81
CA GLY E 165 12.19 9.38 -28.38
C GLY E 165 11.65 7.98 -28.13
N GLY E 166 11.69 7.57 -26.87
CA GLY E 166 11.24 6.24 -26.41
C GLY E 166 12.35 5.22 -26.57
N THR E 167 11.98 3.95 -26.54
CA THR E 167 12.88 2.78 -26.69
C THR E 167 12.30 1.86 -27.76
N ILE E 168 13.09 1.52 -28.77
CA ILE E 168 12.66 0.57 -29.84
C ILE E 168 12.39 -0.80 -29.22
N LEU E 169 12.93 -1.10 -28.04
CA LEU E 169 12.72 -2.40 -27.35
C LEU E 169 11.42 -2.36 -26.53
N GLY E 170 11.04 -1.19 -26.02
CA GLY E 170 9.94 -1.04 -25.05
C GLY E 170 10.42 -1.24 -23.63
N SER E 171 9.59 -0.88 -22.66
CA SER E 171 9.88 -0.92 -21.20
C SER E 171 8.72 -1.57 -20.47
N SER E 172 8.98 -2.00 -19.23
CA SER E 172 7.99 -2.24 -18.17
C SER E 172 8.69 -1.99 -16.83
N ARG E 173 7.92 -1.69 -15.78
CA ARG E 173 8.43 -1.45 -14.40
C ARG E 173 8.57 -2.80 -13.67
N GLY E 174 7.81 -3.82 -14.05
CA GLY E 174 7.70 -5.11 -13.31
C GLY E 174 9.04 -5.86 -13.16
N PRO E 175 9.29 -6.51 -11.99
CA PRO E 175 10.35 -7.51 -11.90
C PRO E 175 9.83 -8.85 -12.42
N GLN E 176 10.74 -9.81 -12.61
CA GLN E 176 10.43 -11.19 -13.08
C GLN E 176 11.26 -12.18 -12.27
N ASP E 177 10.99 -13.48 -12.41
CA ASP E 177 11.72 -14.55 -11.69
C ASP E 177 13.16 -14.58 -12.19
N PRO E 178 14.18 -14.33 -11.34
CA PRO E 178 15.58 -14.37 -11.79
C PRO E 178 15.99 -15.73 -12.37
N LYS E 179 15.40 -16.81 -11.83
CA LYS E 179 15.66 -18.20 -12.30
C LYS E 179 15.20 -18.29 -13.76
N GLU E 180 13.97 -17.85 -14.05
CA GLU E 180 13.36 -17.87 -15.41
C GLU E 180 14.23 -17.03 -16.35
N MET E 181 14.75 -15.90 -15.88
CA MET E 181 15.49 -14.93 -16.71
C MET E 181 16.86 -15.52 -17.08
N VAL E 182 17.58 -16.12 -16.12
CA VAL E 182 18.90 -16.76 -16.41
C VAL E 182 18.66 -18.00 -17.29
N ASP E 183 17.51 -18.68 -17.18
CA ASP E 183 17.13 -19.77 -18.11
C ASP E 183 17.18 -19.24 -19.54
N THR E 184 16.55 -18.09 -19.78
CA THR E 184 16.49 -17.44 -21.12
C THR E 184 17.90 -17.08 -21.60
N LEU E 185 18.73 -16.49 -20.75
CA LEU E 185 20.11 -16.07 -21.11
C LEU E 185 20.90 -17.31 -21.56
N GLU E 186 20.79 -18.42 -20.82
CA GLU E 186 21.44 -19.72 -21.15
C GLU E 186 20.93 -20.21 -22.51
N ARG E 187 19.61 -20.34 -22.66
CA ARG E 187 18.96 -20.90 -23.89
C ARG E 187 19.43 -20.13 -25.13
N LEU E 188 19.55 -18.81 -25.06
CA LEU E 188 19.85 -17.93 -26.23
C LEU E 188 21.36 -17.67 -26.34
N GLY E 189 22.16 -18.16 -25.38
CA GLY E 189 23.64 -18.07 -25.42
C GLY E 189 24.16 -16.67 -25.13
N VAL E 190 23.40 -15.87 -24.37
CA VAL E 190 23.78 -14.49 -23.98
C VAL E 190 24.89 -14.56 -22.94
N ASN E 191 26.01 -13.88 -23.21
CA ASN E 191 27.21 -13.85 -22.33
C ASN E 191 27.28 -12.49 -21.59
N ILE E 192 26.71 -11.42 -22.15
CA ILE E 192 26.66 -10.08 -21.50
C ILE E 192 25.22 -9.55 -21.59
N LEU E 193 24.60 -9.20 -20.47
CA LEU E 193 23.29 -8.50 -20.43
C LEU E 193 23.53 -7.06 -19.96
N PHE E 194 23.21 -6.07 -20.81
CA PHE E 194 23.21 -4.64 -20.44
C PHE E 194 21.83 -4.27 -19.91
N THR E 195 21.76 -3.90 -18.63
CA THR E 195 20.50 -3.49 -17.95
C THR E 195 20.45 -1.95 -17.90
N VAL E 196 19.62 -1.36 -18.76
CA VAL E 196 19.37 0.10 -18.80
C VAL E 196 18.12 0.36 -17.94
N GLY E 197 18.30 0.97 -16.76
CA GLY E 197 17.20 1.21 -15.80
C GLY E 197 17.65 1.88 -14.52
N GLY E 198 16.71 2.11 -13.59
CA GLY E 198 16.95 2.77 -12.29
C GLY E 198 17.42 1.79 -11.24
N ASP E 199 17.48 2.21 -9.97
CA ASP E 199 18.01 1.37 -8.85
C ASP E 199 17.25 0.04 -8.82
N GLY E 200 15.92 0.05 -8.88
CA GLY E 200 15.11 -1.18 -8.97
C GLY E 200 15.70 -2.16 -9.97
N THR E 201 15.87 -1.72 -11.21
CA THR E 201 16.41 -2.55 -12.31
C THR E 201 17.81 -3.06 -11.96
N GLN E 202 18.70 -2.21 -11.44
CA GLN E 202 20.12 -2.60 -11.18
C GLN E 202 20.18 -3.56 -9.99
N ARG E 203 19.33 -3.40 -8.97
CA ARG E 203 19.21 -4.37 -7.84
C ARG E 203 18.86 -5.74 -8.43
N GLY E 204 17.88 -5.77 -9.35
CA GLY E 204 17.44 -7.02 -10.01
C GLY E 204 18.54 -7.60 -10.88
N ALA E 205 19.34 -6.74 -11.50
CA ALA E 205 20.47 -7.09 -12.38
C ALA E 205 21.52 -7.84 -11.57
N LEU E 206 21.83 -7.33 -10.37
CA LEU E 206 22.82 -7.93 -9.44
C LEU E 206 22.36 -9.34 -9.06
N VAL E 207 21.05 -9.53 -8.87
CA VAL E 207 20.42 -10.85 -8.53
C VAL E 207 20.59 -11.80 -9.72
N ILE E 208 20.45 -11.33 -10.96
CA ILE E 208 20.71 -12.15 -12.20
C ILE E 208 22.19 -12.58 -12.18
N SER E 209 23.11 -11.65 -11.94
CA SER E 209 24.58 -11.85 -11.91
C SER E 209 24.91 -12.99 -10.94
N GLN E 210 24.26 -12.97 -9.77
CA GLN E 210 24.52 -13.90 -8.63
C GLN E 210 23.89 -15.26 -8.91
N GLU E 211 22.71 -15.30 -9.54
CA GLU E 211 22.03 -16.57 -9.96
C GLU E 211 22.90 -17.27 -11.02
N ALA E 212 23.47 -16.50 -11.95
CA ALA E 212 24.36 -16.99 -13.02
C ALA E 212 25.62 -17.62 -12.41
N LYS E 213 26.23 -16.95 -11.43
CA LYS E 213 27.45 -17.41 -10.70
C LYS E 213 27.14 -18.73 -9.96
N ARG E 214 25.99 -18.79 -9.27
CA ARG E 214 25.48 -19.98 -8.54
C ARG E 214 25.48 -21.19 -9.48
N ARG E 215 25.03 -21.04 -10.72
CA ARG E 215 24.94 -22.15 -11.73
C ARG E 215 26.27 -22.34 -12.49
N GLY E 216 27.32 -21.59 -12.15
CA GLY E 216 28.64 -21.63 -12.80
C GLY E 216 28.57 -21.27 -14.27
N VAL E 217 27.68 -20.36 -14.65
CA VAL E 217 27.48 -19.89 -16.05
C VAL E 217 28.22 -18.55 -16.25
N ASP E 218 28.89 -18.44 -17.40
CA ASP E 218 29.81 -17.32 -17.76
C ASP E 218 28.97 -16.17 -18.33
N ILE E 219 28.46 -15.28 -17.47
CA ILE E 219 27.57 -14.15 -17.85
C ILE E 219 27.98 -12.91 -17.06
N SER E 220 28.31 -11.83 -17.76
CA SER E 220 28.44 -10.46 -17.20
C SER E 220 27.05 -9.83 -17.22
N VAL E 221 26.66 -9.20 -16.12
CA VAL E 221 25.48 -8.29 -16.10
C VAL E 221 26.03 -6.90 -15.79
N PHE E 222 25.79 -5.92 -16.67
CA PHE E 222 26.41 -4.58 -16.64
C PHE E 222 25.32 -3.52 -16.80
N GLY E 223 25.25 -2.59 -15.85
CA GLY E 223 24.17 -1.59 -15.78
C GLY E 223 24.56 -0.29 -16.47
N VAL E 224 23.65 0.27 -17.27
CA VAL E 224 23.69 1.69 -17.69
C VAL E 224 22.61 2.43 -16.91
N PRO E 225 22.99 3.26 -15.93
CA PRO E 225 22.03 3.95 -15.07
C PRO E 225 21.09 4.86 -15.87
N LYS E 226 19.79 4.63 -15.70
CA LYS E 226 18.72 5.47 -16.27
C LYS E 226 17.97 6.13 -15.13
N THR E 227 18.24 7.42 -14.90
CA THR E 227 17.45 8.29 -13.98
C THR E 227 17.58 9.73 -14.44
N ILE E 228 16.49 10.27 -14.95
CA ILE E 228 16.45 11.66 -15.51
C ILE E 228 16.67 12.65 -14.36
N ASP E 229 16.40 12.22 -13.13
CA ASP E 229 16.43 13.05 -11.90
C ASP E 229 17.88 13.36 -11.49
N ASN E 230 18.88 12.64 -12.01
CA ASN E 230 20.32 12.87 -11.73
C ASN E 230 20.59 12.59 -10.25
N ASP E 231 19.92 11.58 -9.68
CA ASP E 231 19.92 11.29 -8.22
C ASP E 231 20.72 10.01 -7.94
N LEU E 232 21.71 9.72 -8.77
CA LEU E 232 22.66 8.59 -8.62
C LEU E 232 23.85 9.04 -7.76
N SER E 233 24.15 8.30 -6.70
CA SER E 233 25.37 8.51 -5.89
C SER E 233 26.60 8.09 -6.70
N PHE E 234 27.77 8.62 -6.35
CA PHE E 234 29.08 8.35 -7.01
C PHE E 234 29.00 8.85 -8.45
N SER E 235 28.23 9.91 -8.66
CA SER E 235 27.83 10.43 -10.00
C SER E 235 27.53 11.93 -9.90
N HIS E 236 27.93 12.67 -10.93
CA HIS E 236 27.61 14.12 -11.08
C HIS E 236 26.57 14.33 -12.18
N ARG E 237 26.40 13.37 -13.09
CA ARG E 237 25.54 13.51 -14.30
C ARG E 237 25.11 12.14 -14.82
N THR E 238 23.81 11.94 -14.97
CA THR E 238 23.22 10.75 -15.64
C THR E 238 22.69 11.19 -17.01
N PHE E 239 22.56 10.26 -17.94
CA PHE E 239 22.16 10.58 -19.33
C PHE E 239 20.69 11.02 -19.31
N GLY E 240 20.39 12.06 -20.10
CA GLY E 240 19.03 12.56 -20.33
C GLY E 240 18.69 13.74 -19.43
N PHE E 241 19.42 13.90 -18.30
CA PHE E 241 19.17 14.96 -17.31
C PHE E 241 19.28 16.32 -18.00
N GLN E 242 20.38 16.58 -18.70
CA GLN E 242 20.61 17.89 -19.38
C GLN E 242 19.49 18.13 -20.38
N THR E 243 18.99 17.09 -21.03
CA THR E 243 17.89 17.23 -22.03
C THR E 243 16.61 17.65 -21.29
N ALA E 244 16.35 17.05 -20.12
CA ALA E 244 15.15 17.37 -19.30
C ALA E 244 15.20 18.84 -18.90
N VAL E 245 16.39 19.36 -18.60
CA VAL E 245 16.56 20.78 -18.23
C VAL E 245 16.24 21.68 -19.43
N GLU E 246 16.75 21.33 -20.60
CA GLU E 246 16.52 22.05 -21.90
C GLU E 246 15.00 22.22 -22.08
N LYS E 247 14.25 21.13 -21.91
CA LYS E 247 12.76 21.13 -22.07
C LYS E 247 12.08 21.86 -20.92
N ALA E 248 12.57 21.73 -19.69
CA ALA E 248 12.02 22.48 -18.53
C ALA E 248 12.10 23.97 -18.83
N VAL E 249 13.23 24.43 -19.39
CA VAL E 249 13.45 25.87 -19.71
C VAL E 249 12.37 26.33 -20.70
N GLN E 250 11.99 25.48 -21.64
CA GLN E 250 10.94 25.81 -22.65
C GLN E 250 9.62 26.11 -21.91
N ALA E 251 9.29 25.31 -20.90
CA ALA E 251 8.07 25.47 -20.06
C ALA E 251 8.17 26.76 -19.22
N ILE E 252 9.37 27.09 -18.72
CA ILE E 252 9.58 28.30 -17.88
C ILE E 252 9.44 29.55 -18.73
N ARG E 253 10.00 29.55 -19.95
CA ARG E 253 9.88 30.69 -20.89
C ARG E 253 8.40 31.01 -21.14
N ALA E 254 7.56 30.00 -21.35
CA ALA E 254 6.11 30.15 -21.51
C ALA E 254 5.48 30.72 -20.23
N ALA E 255 5.80 30.16 -19.07
CA ALA E 255 5.28 30.63 -17.76
C ALA E 255 5.62 32.12 -17.59
N TYR E 256 6.85 32.50 -17.92
CA TYR E 256 7.35 33.89 -17.79
C TYR E 256 6.56 34.80 -18.75
N ALA E 257 6.33 34.34 -19.97
CA ALA E 257 5.60 35.14 -20.99
C ALA E 257 4.17 35.38 -20.49
N GLU E 258 3.51 34.38 -19.94
CA GLU E 258 2.16 34.51 -19.34
C GLU E 258 2.21 35.54 -18.21
N ALA E 259 3.14 35.36 -17.28
CA ALA E 259 3.22 36.16 -16.05
C ALA E 259 3.52 37.63 -16.38
N VAL E 260 4.50 37.88 -17.23
CA VAL E 260 4.98 39.27 -17.50
C VAL E 260 3.92 40.01 -18.33
N SER E 261 3.01 39.28 -18.98
CA SER E 261 1.92 39.83 -19.83
C SER E 261 0.72 40.27 -18.99
N ALA E 262 0.75 40.02 -17.68
CA ALA E 262 -0.35 40.36 -16.75
C ALA E 262 0.18 41.36 -15.73
N ASN E 263 -0.69 42.24 -15.23
CA ASN E 263 -0.40 43.07 -14.03
C ASN E 263 -0.56 42.14 -12.83
N TYR E 264 0.49 41.93 -12.04
CA TYR E 264 0.52 40.93 -10.94
C TYR E 264 0.21 39.53 -11.52
N GLY E 265 1.01 39.12 -12.49
CA GLY E 265 0.93 37.76 -13.07
C GLY E 265 1.87 36.79 -12.38
N VAL E 266 1.41 35.56 -12.18
CA VAL E 266 2.22 34.47 -11.57
C VAL E 266 2.24 33.28 -12.53
N GLY E 267 3.43 32.80 -12.89
CA GLY E 267 3.59 31.57 -13.68
C GLY E 267 4.11 30.45 -12.82
N VAL E 268 3.40 29.32 -12.75
CA VAL E 268 3.80 28.15 -11.94
C VAL E 268 4.17 27.02 -12.88
N VAL E 269 5.40 26.51 -12.79
CA VAL E 269 5.86 25.33 -13.55
C VAL E 269 6.17 24.20 -12.57
N LYS E 270 5.47 23.07 -12.72
CA LYS E 270 5.81 21.80 -12.04
C LYS E 270 6.76 21.01 -12.93
N LEU E 271 7.86 20.52 -12.39
CA LEU E 271 8.84 19.69 -13.13
C LEU E 271 9.02 18.38 -12.37
N MET E 272 9.47 17.34 -13.04
CA MET E 272 9.86 16.07 -12.40
C MET E 272 10.92 16.31 -11.33
N GLY E 273 10.97 15.40 -10.36
CA GLY E 273 11.82 15.52 -9.15
C GLY E 273 11.09 14.94 -7.96
N ARG E 274 10.95 13.61 -7.92
CA ARG E 274 10.14 12.88 -6.92
C ARG E 274 10.83 13.00 -5.55
N ASP E 275 12.15 12.85 -5.49
CA ASP E 275 12.92 12.84 -4.21
C ASP E 275 14.09 13.81 -4.26
N SER E 276 14.33 14.47 -5.39
CA SER E 276 15.49 15.36 -5.60
C SER E 276 15.05 16.56 -6.44
N GLY E 277 15.76 17.69 -6.36
CA GLY E 277 15.40 18.94 -7.03
C GLY E 277 16.41 19.38 -8.07
N PHE E 278 17.19 18.45 -8.63
CA PHE E 278 18.27 18.75 -9.60
C PHE E 278 17.68 19.41 -10.86
N ILE E 279 16.59 18.86 -11.40
CA ILE E 279 15.96 19.41 -12.63
C ILE E 279 15.40 20.81 -12.32
N ALA E 280 14.60 20.93 -11.26
CA ALA E 280 14.01 22.21 -10.81
C ALA E 280 15.12 23.26 -10.65
N ALA E 281 16.21 22.92 -9.97
CA ALA E 281 17.29 23.86 -9.63
C ALA E 281 18.03 24.28 -10.91
N GLN E 282 18.46 23.34 -11.75
CA GLN E 282 19.22 23.68 -12.98
C GLN E 282 18.32 24.46 -13.94
N ALA E 283 17.07 24.03 -14.11
CA ALA E 283 16.10 24.71 -15.00
C ALA E 283 15.89 26.14 -14.50
N ALA E 284 15.75 26.32 -13.19
CA ALA E 284 15.60 27.66 -12.57
C ALA E 284 16.75 28.55 -13.05
N VAL E 285 18.00 28.12 -12.87
CA VAL E 285 19.17 28.98 -13.20
C VAL E 285 19.28 29.13 -14.71
N ALA E 286 19.19 28.03 -15.45
CA ALA E 286 19.30 27.98 -16.92
C ALA E 286 18.26 28.90 -17.57
N SER E 287 17.05 28.98 -17.02
CA SER E 287 15.96 29.84 -17.57
C SER E 287 16.34 31.31 -17.39
N ALA E 288 17.02 31.62 -16.29
CA ALA E 288 17.36 33.00 -15.89
C ALA E 288 16.10 33.85 -15.67
N GLN E 289 14.93 33.22 -15.43
CA GLN E 289 13.63 33.93 -15.30
C GLN E 289 12.94 33.52 -13.99
N ALA E 290 13.50 32.62 -13.18
CA ALA E 290 12.85 32.06 -11.99
C ALA E 290 12.94 33.03 -10.80
N ASN E 291 11.89 33.16 -10.01
CA ASN E 291 11.86 34.01 -8.78
C ASN E 291 11.78 33.13 -7.51
N ILE E 292 11.12 31.99 -7.58
CA ILE E 292 10.98 31.02 -6.45
C ILE E 292 11.22 29.62 -7.00
N CYS E 293 12.03 28.83 -6.28
CA CYS E 293 12.39 27.45 -6.67
C CYS E 293 12.16 26.52 -5.47
N LEU E 294 11.18 25.63 -5.57
CA LEU E 294 10.70 24.75 -4.46
C LEU E 294 11.10 23.31 -4.75
N VAL E 295 11.90 22.73 -3.86
CA VAL E 295 12.52 21.37 -4.03
C VAL E 295 12.30 20.57 -2.75
N PRO E 296 12.14 19.24 -2.83
CA PRO E 296 11.85 18.43 -1.64
C PRO E 296 12.92 18.53 -0.54
N GLU E 297 14.18 18.78 -0.91
CA GLU E 297 15.33 18.91 0.00
C GLU E 297 15.18 20.13 0.94
N ASN E 298 14.32 21.10 0.60
CA ASN E 298 14.15 22.39 1.34
C ASN E 298 12.66 22.60 1.61
N PRO E 299 12.03 21.79 2.48
CA PRO E 299 10.59 21.91 2.73
C PRO E 299 10.33 23.25 3.44
N ILE E 300 9.43 24.07 2.90
CA ILE E 300 9.03 25.36 3.52
C ILE E 300 7.51 25.42 3.45
N SER E 301 6.89 26.21 4.31
CA SER E 301 5.42 26.24 4.50
C SER E 301 4.77 27.07 3.39
N GLU E 302 3.51 26.75 3.12
CA GLU E 302 2.54 27.59 2.36
C GLU E 302 2.75 29.07 2.72
N GLN E 303 2.86 29.42 4.01
CA GLN E 303 2.95 30.82 4.47
C GLN E 303 4.29 31.40 4.00
N GLU E 304 5.38 30.62 4.06
CA GLU E 304 6.74 31.09 3.66
C GLU E 304 6.77 31.37 2.15
N VAL E 305 6.09 30.52 1.35
CA VAL E 305 5.99 30.67 -0.12
C VAL E 305 5.28 31.98 -0.42
N MET E 306 4.09 32.18 0.14
CA MET E 306 3.28 33.41 -0.07
C MET E 306 4.08 34.65 0.38
N SER E 307 4.97 34.53 1.37
CA SER E 307 5.86 35.64 1.82
C SER E 307 6.80 36.04 0.68
N LEU E 308 7.38 35.05 0.01
CA LEU E 308 8.32 35.25 -1.12
C LEU E 308 7.57 35.88 -2.29
N LEU E 309 6.32 35.45 -2.54
CA LEU E 309 5.48 36.02 -3.62
C LEU E 309 5.25 37.50 -3.34
N GLU E 310 4.85 37.84 -2.12
CA GLU E 310 4.43 39.22 -1.75
C GLU E 310 5.67 40.11 -1.81
N ARG E 311 6.84 39.56 -1.48
CA ARG E 311 8.14 40.27 -1.55
C ARG E 311 8.49 40.60 -3.00
N ARG E 312 8.34 39.63 -3.89
CA ARG E 312 8.56 39.82 -5.34
C ARG E 312 7.65 40.94 -5.84
N PHE E 313 6.39 40.95 -5.39
CA PHE E 313 5.35 41.88 -5.89
C PHE E 313 5.51 43.29 -5.27
N CYS E 314 6.45 43.49 -4.34
CA CYS E 314 6.72 44.83 -3.77
C CYS E 314 7.06 45.81 -4.89
N HIS E 315 8.01 45.45 -5.77
CA HIS E 315 8.56 46.34 -6.82
C HIS E 315 8.68 45.62 -8.17
N SER E 316 7.95 44.52 -8.35
CA SER E 316 7.88 43.77 -9.63
C SER E 316 6.42 43.35 -9.87
N ARG E 317 6.02 43.22 -11.13
CA ARG E 317 4.60 42.96 -11.49
C ARG E 317 4.43 41.52 -11.97
N SER E 318 5.47 40.68 -11.91
CA SER E 318 5.38 39.26 -12.34
C SER E 318 6.26 38.40 -11.42
N CYS E 319 5.89 37.13 -11.28
CA CYS E 319 6.61 36.14 -10.44
C CYS E 319 6.54 34.78 -11.13
N VAL E 320 7.68 34.08 -11.24
CA VAL E 320 7.76 32.70 -11.80
C VAL E 320 8.16 31.76 -10.68
N ILE E 321 7.34 30.72 -10.43
CA ILE E 321 7.55 29.71 -9.37
C ILE E 321 7.82 28.35 -10.03
N ILE E 322 9.00 27.77 -9.83
CA ILE E 322 9.35 26.38 -10.25
C ILE E 322 9.11 25.48 -9.03
N VAL E 323 8.39 24.36 -9.19
CA VAL E 323 8.14 23.40 -8.07
C VAL E 323 8.42 21.97 -8.57
N ALA E 324 9.35 21.28 -7.94
CA ALA E 324 9.60 19.84 -8.15
C ALA E 324 8.37 19.05 -7.67
N GLU E 325 8.02 17.95 -8.32
CA GLU E 325 6.76 17.20 -8.01
C GLU E 325 6.83 16.63 -6.59
N GLY E 326 8.04 16.45 -6.05
CA GLY E 326 8.30 15.89 -4.71
C GLY E 326 8.17 16.91 -3.59
N PHE E 327 8.11 18.20 -3.88
CA PHE E 327 7.99 19.29 -2.87
C PHE E 327 6.61 19.24 -2.21
N GLY E 328 6.55 19.63 -0.94
CA GLY E 328 5.31 19.90 -0.18
C GLY E 328 4.36 18.71 -0.19
N GLN E 329 4.84 17.51 0.12
CA GLN E 329 3.99 16.30 0.23
C GLN E 329 3.20 16.32 1.55
N ASP E 330 3.57 17.19 2.50
CA ASP E 330 2.85 17.38 3.79
C ASP E 330 1.74 18.43 3.68
N TRP E 331 1.47 18.97 2.49
CA TRP E 331 0.44 20.02 2.23
C TRP E 331 -0.88 19.26 2.02
N LEU E 346 1.31 9.79 -4.30
CA LEU E 346 1.74 11.20 -4.54
C LEU E 346 0.52 12.08 -4.85
N ILE E 347 0.47 13.30 -4.30
CA ILE E 347 -0.59 14.32 -4.59
C ILE E 347 0.02 15.40 -5.48
N ASP E 348 -0.80 16.09 -6.27
CA ASP E 348 -0.32 16.99 -7.35
C ASP E 348 -0.02 18.37 -6.75
N ILE E 349 1.24 18.59 -6.39
CA ILE E 349 1.71 19.85 -5.72
C ILE E 349 1.54 21.02 -6.69
N GLY E 350 1.59 20.76 -8.00
CA GLY E 350 1.38 21.79 -9.02
C GLY E 350 -0.02 22.38 -8.92
N VAL E 351 -1.04 21.52 -8.85
CA VAL E 351 -2.46 21.96 -8.80
C VAL E 351 -2.70 22.64 -7.45
N ILE E 352 -2.19 22.04 -6.38
CA ILE E 352 -2.42 22.52 -4.98
C ILE E 352 -1.75 23.88 -4.79
N LEU E 353 -0.48 24.02 -5.20
CA LEU E 353 0.26 25.31 -5.08
C LEU E 353 -0.48 26.39 -5.86
N THR E 354 -1.01 26.05 -7.05
CA THR E 354 -1.73 26.99 -7.94
C THR E 354 -3.01 27.47 -7.23
N GLU E 355 -3.78 26.55 -6.66
CA GLU E 355 -5.03 26.87 -5.90
C GLU E 355 -4.72 27.83 -4.75
N LYS E 356 -3.65 27.56 -4.00
CA LYS E 356 -3.27 28.33 -2.79
C LYS E 356 -2.77 29.72 -3.18
N VAL E 357 -2.00 29.83 -4.26
CA VAL E 357 -1.54 31.15 -4.79
C VAL E 357 -2.77 31.94 -5.24
N LYS E 358 -3.72 31.30 -5.93
CA LYS E 358 -4.98 31.97 -6.36
C LYS E 358 -5.76 32.46 -5.14
N ALA E 359 -5.93 31.60 -4.13
CA ALA E 359 -6.62 31.88 -2.85
C ALA E 359 -5.98 33.08 -2.17
N PHE E 360 -4.63 33.09 -2.09
CA PHE E 360 -3.84 34.18 -1.46
C PHE E 360 -4.08 35.49 -2.21
N LEU E 361 -4.07 35.49 -3.54
CA LEU E 361 -4.21 36.73 -4.36
C LEU E 361 -5.64 37.25 -4.29
N LYS E 362 -6.63 36.35 -4.24
CA LYS E 362 -8.07 36.69 -4.06
C LYS E 362 -8.30 37.33 -2.69
N ALA E 363 -7.66 36.82 -1.64
CA ALA E 363 -7.71 37.37 -0.26
C ALA E 363 -7.06 38.76 -0.23
N ASN E 364 -6.28 39.14 -1.25
CA ASN E 364 -5.55 40.42 -1.28
C ASN E 364 -5.83 41.19 -2.59
N LYS E 365 -7.04 41.10 -3.16
CA LYS E 365 -7.38 41.85 -4.41
C LYS E 365 -7.04 43.34 -4.26
N SER E 366 -7.19 43.92 -3.07
CA SER E 366 -6.93 45.35 -2.78
C SER E 366 -5.51 45.73 -3.20
N ARG E 367 -4.50 44.92 -2.87
CA ARG E 367 -3.06 45.21 -3.14
C ARG E 367 -2.68 44.73 -4.54
N TYR E 368 -3.25 43.60 -4.99
CA TYR E 368 -2.92 42.92 -6.26
C TYR E 368 -4.18 42.79 -7.12
N PRO E 369 -4.76 43.91 -7.62
CA PRO E 369 -5.95 43.87 -8.45
C PRO E 369 -5.74 43.20 -9.81
N ASP E 370 -6.75 42.44 -10.26
CA ASP E 370 -6.80 41.83 -11.62
C ASP E 370 -5.58 40.91 -11.78
N SER E 371 -5.14 40.23 -10.71
CA SER E 371 -4.00 39.29 -10.73
C SER E 371 -4.39 38.08 -11.56
N THR E 372 -3.42 37.35 -12.11
CA THR E 372 -3.65 36.09 -12.87
C THR E 372 -2.59 35.08 -12.42
N VAL E 373 -2.97 33.80 -12.35
CA VAL E 373 -2.03 32.67 -12.08
C VAL E 373 -2.19 31.66 -13.22
N LYS E 374 -1.10 31.37 -13.92
CA LYS E 374 -1.07 30.39 -15.02
C LYS E 374 -0.18 29.22 -14.61
N TYR E 375 -0.71 28.00 -14.70
CA TYR E 375 -0.02 26.74 -14.31
C TYR E 375 0.36 25.96 -15.57
N ILE E 376 1.64 25.55 -15.68
CA ILE E 376 2.15 24.70 -16.77
C ILE E 376 2.74 23.43 -16.16
N ASP E 377 2.28 22.26 -16.66
CA ASP E 377 2.82 20.93 -16.31
C ASP E 377 3.29 20.27 -17.59
N PRO E 378 4.57 20.43 -17.99
CA PRO E 378 5.09 19.82 -19.21
C PRO E 378 5.17 18.30 -19.10
N SER E 379 5.06 17.77 -17.87
CA SER E 379 5.12 16.32 -17.54
C SER E 379 6.06 15.60 -18.50
N TYR E 380 5.57 14.67 -19.32
CA TYR E 380 6.39 13.68 -20.06
C TYR E 380 7.16 14.33 -21.19
N MET E 381 6.84 15.57 -21.57
CA MET E 381 7.52 16.27 -22.69
C MET E 381 9.00 16.46 -22.37
N ILE E 382 9.43 16.38 -21.10
CA ILE E 382 10.86 16.66 -20.73
C ILE E 382 11.67 15.35 -20.79
N ARG E 383 11.04 14.20 -21.01
CA ARG E 383 11.75 12.89 -20.99
C ARG E 383 11.46 12.06 -22.24
N ALA E 384 10.36 12.31 -22.96
CA ALA E 384 9.91 11.46 -24.09
C ALA E 384 10.37 12.07 -25.42
N CYS E 385 11.65 12.36 -25.57
CA CYS E 385 12.20 13.10 -26.72
C CYS E 385 13.62 12.64 -27.02
N PRO E 386 14.16 12.95 -28.21
CA PRO E 386 15.57 12.68 -28.49
C PRO E 386 16.44 13.59 -27.61
N PRO E 387 17.69 13.18 -27.37
CA PRO E 387 18.59 13.94 -26.49
C PRO E 387 19.17 15.19 -27.15
N SER E 388 19.54 16.18 -26.33
CA SER E 388 20.47 17.27 -26.69
C SER E 388 21.76 16.66 -27.26
N ALA E 389 22.50 17.42 -28.07
CA ALA E 389 23.80 16.99 -28.63
C ALA E 389 24.71 16.56 -27.50
N ASN E 390 24.81 17.33 -26.42
CA ASN E 390 25.73 16.99 -25.30
C ASN E 390 25.29 15.65 -24.68
N ASP E 391 23.99 15.35 -24.63
CA ASP E 391 23.48 14.07 -24.07
C ASP E 391 23.73 12.94 -25.08
N ALA E 392 23.67 13.20 -26.39
CA ALA E 392 23.97 12.17 -27.42
C ALA E 392 25.44 11.74 -27.28
N LEU E 393 26.35 12.71 -27.10
CA LEU E 393 27.80 12.47 -26.88
C LEU E 393 27.95 11.57 -25.66
N PHE E 394 27.30 11.94 -24.57
CA PHE E 394 27.37 11.25 -23.26
C PHE E 394 26.83 9.82 -23.43
N CYS E 395 25.65 9.66 -24.02
CA CYS E 395 25.00 8.34 -24.20
C CYS E 395 25.92 7.41 -25.00
N ALA E 396 26.45 7.87 -26.13
CA ALA E 396 27.33 7.08 -27.02
C ALA E 396 28.58 6.64 -26.25
N THR E 397 29.16 7.54 -25.46
CA THR E 397 30.42 7.33 -24.71
C THR E 397 30.15 6.31 -23.59
N LEU E 398 29.09 6.50 -22.80
CA LEU E 398 28.68 5.56 -21.72
C LEU E 398 28.53 4.16 -22.32
N ALA E 399 27.79 4.03 -23.40
CA ALA E 399 27.45 2.75 -24.04
C ALA E 399 28.73 2.08 -24.52
N THR E 400 29.63 2.86 -25.16
CA THR E 400 30.86 2.34 -25.79
C THR E 400 31.77 1.77 -24.69
N LEU E 401 31.98 2.53 -23.61
CA LEU E 401 32.87 2.12 -22.49
C LEU E 401 32.22 0.95 -21.73
N ALA E 402 30.89 0.93 -21.62
CA ALA E 402 30.15 -0.20 -21.01
C ALA E 402 30.52 -1.50 -21.74
N VAL E 403 30.57 -1.47 -23.07
CA VAL E 403 30.87 -2.67 -23.89
C VAL E 403 32.35 -3.04 -23.70
N HIS E 404 33.26 -2.06 -23.76
CA HIS E 404 34.71 -2.31 -23.52
C HIS E 404 34.88 -3.10 -22.21
N GLU E 405 34.28 -2.61 -21.13
CA GLU E 405 34.52 -3.13 -19.76
C GLU E 405 33.80 -4.46 -19.54
N ALA E 406 32.60 -4.66 -20.09
CA ALA E 406 31.88 -5.95 -19.99
C ALA E 406 32.65 -7.02 -20.77
N MET E 407 33.17 -6.69 -21.95
CA MET E 407 34.02 -7.61 -22.75
C MET E 407 35.23 -7.99 -21.89
N ALA E 408 35.77 -7.03 -21.14
CA ALA E 408 36.95 -7.19 -20.25
C ALA E 408 36.54 -7.76 -18.89
N GLY E 409 35.33 -8.32 -18.77
CA GLY E 409 34.92 -9.18 -17.64
C GLY E 409 34.24 -8.46 -16.50
N ALA E 410 34.11 -7.13 -16.53
CA ALA E 410 33.37 -6.35 -15.51
C ALA E 410 31.94 -6.90 -15.41
N THR E 411 31.43 -7.08 -14.19
CA THR E 411 30.05 -7.53 -13.89
C THR E 411 29.58 -6.99 -12.54
N GLY E 412 28.26 -6.94 -12.33
CA GLY E 412 27.63 -6.44 -11.09
C GLY E 412 27.90 -4.96 -10.85
N CYS E 413 28.23 -4.20 -11.88
CA CYS E 413 28.60 -2.76 -11.77
C CYS E 413 27.77 -1.93 -12.74
N ILE E 414 27.81 -0.61 -12.54
CA ILE E 414 27.25 0.44 -13.45
C ILE E 414 28.43 1.29 -13.93
N ILE E 415 28.26 1.93 -15.09
CA ILE E 415 29.16 3.00 -15.56
C ILE E 415 28.54 4.34 -15.14
N ALA E 416 29.37 5.28 -14.73
CA ALA E 416 28.95 6.57 -14.17
C ALA E 416 29.96 7.65 -14.54
N MET E 417 29.61 8.90 -14.28
CA MET E 417 30.53 10.03 -14.51
C MET E 417 30.69 10.85 -13.24
N ARG E 418 31.95 11.10 -12.87
CA ARG E 418 32.36 11.98 -11.76
C ARG E 418 33.53 12.82 -12.23
N HIS E 419 33.58 14.11 -11.87
CA HIS E 419 34.76 14.96 -12.09
C HIS E 419 35.24 14.79 -13.53
N ASN E 420 34.29 14.69 -14.47
CA ASN E 420 34.59 14.74 -15.91
C ASN E 420 35.20 13.42 -16.42
N ASN E 421 35.22 12.34 -15.62
CA ASN E 421 35.77 11.03 -16.04
C ASN E 421 34.74 9.91 -15.88
N TYR E 422 34.81 8.93 -16.77
CA TYR E 422 33.94 7.73 -16.78
C TYR E 422 34.56 6.71 -15.81
N ILE E 423 33.75 6.23 -14.86
CA ILE E 423 34.17 5.30 -13.77
C ILE E 423 33.22 4.10 -13.72
N LEU E 424 33.66 3.03 -13.06
CA LEU E 424 32.83 1.84 -12.75
C LEU E 424 32.55 1.85 -11.23
N VAL E 425 31.33 1.50 -10.85
CA VAL E 425 30.86 1.48 -9.43
C VAL E 425 30.04 0.24 -9.26
N PRO E 426 30.33 -0.62 -8.26
CA PRO E 426 29.49 -1.77 -7.99
C PRO E 426 28.04 -1.35 -7.76
N ILE E 427 27.10 -2.19 -8.20
CA ILE E 427 25.64 -1.93 -8.06
C ILE E 427 25.29 -1.84 -6.57
N LYS E 428 25.85 -2.71 -5.73
CA LYS E 428 25.50 -2.80 -4.29
C LYS E 428 25.61 -1.40 -3.65
N VAL E 429 26.75 -0.73 -3.78
CA VAL E 429 27.00 0.60 -3.14
C VAL E 429 26.17 1.67 -3.86
N ALA E 430 26.03 1.58 -5.18
CA ALA E 430 25.32 2.59 -6.01
C ALA E 430 23.82 2.61 -5.67
N THR E 431 23.28 1.48 -5.22
CA THR E 431 21.84 1.28 -4.95
C THR E 431 21.55 1.33 -3.45
N SER E 432 22.55 1.66 -2.62
CA SER E 432 22.40 1.71 -1.15
C SER E 432 21.88 3.10 -0.74
N VAL E 433 22.25 4.15 -1.46
CA VAL E 433 21.98 5.55 -1.07
C VAL E 433 21.59 6.37 -2.30
N ARG E 434 20.57 7.22 -2.15
CA ARG E 434 20.06 8.18 -3.17
C ARG E 434 20.81 9.50 -2.98
N ARG E 435 21.17 10.18 -4.09
CA ARG E 435 21.79 11.53 -4.09
C ARG E 435 20.67 12.57 -4.12
N VAL E 436 20.95 13.73 -3.56
CA VAL E 436 19.96 14.78 -3.22
C VAL E 436 20.70 16.12 -3.28
N LEU E 437 20.01 17.23 -3.53
CA LEU E 437 20.66 18.57 -3.60
C LEU E 437 21.43 18.80 -2.30
N ASP E 438 22.68 19.23 -2.40
CA ASP E 438 23.43 19.79 -1.24
C ASP E 438 23.00 21.25 -1.09
N LEU E 439 22.28 21.59 -0.02
CA LEU E 439 21.77 22.98 0.19
C LEU E 439 22.94 23.91 0.49
N ARG E 440 24.16 23.38 0.69
CA ARG E 440 25.39 24.18 0.90
C ARG E 440 26.32 24.00 -0.31
N GLY E 441 25.86 23.31 -1.35
CA GLY E 441 26.61 23.04 -2.60
C GLY E 441 26.52 24.18 -3.59
N GLN E 442 27.25 24.08 -4.70
CA GLN E 442 27.50 25.20 -5.65
C GLN E 442 26.19 25.53 -6.40
N LEU E 443 25.44 24.53 -6.86
CA LEU E 443 24.21 24.74 -7.67
C LEU E 443 23.17 25.50 -6.84
N TRP E 444 22.86 25.01 -5.64
CA TRP E 444 21.81 25.61 -4.79
C TRP E 444 22.18 27.05 -4.41
N ARG E 445 23.47 27.33 -4.19
CA ARG E 445 23.98 28.70 -3.95
C ARG E 445 23.62 29.57 -5.16
N GLN E 446 23.82 29.07 -6.38
CA GLN E 446 23.52 29.81 -7.63
C GLN E 446 22.00 30.05 -7.74
N VAL E 447 21.16 29.08 -7.34
CA VAL E 447 19.68 29.24 -7.34
C VAL E 447 19.31 30.43 -6.45
N ARG E 448 19.94 30.57 -5.30
CA ARG E 448 19.56 31.60 -4.30
C ARG E 448 20.03 32.97 -4.75
N GLU E 449 21.02 33.07 -5.64
CA GLU E 449 21.54 34.37 -6.14
C GLU E 449 20.48 35.02 -7.05
N ILE E 450 19.66 34.21 -7.74
CA ILE E 450 18.71 34.69 -8.77
C ILE E 450 17.28 34.77 -8.19
N THR E 451 16.99 34.05 -7.10
CA THR E 451 15.62 33.97 -6.52
C THR E 451 15.46 35.06 -5.46
N VAL E 452 14.24 35.26 -4.99
CA VAL E 452 13.89 36.33 -4.02
C VAL E 452 14.38 35.89 -2.64
N ASP E 453 14.91 36.83 -1.86
CA ASP E 453 15.36 36.66 -0.46
C ASP E 453 14.40 37.44 0.45
N LEU E 454 14.32 37.07 1.72
CA LEU E 454 13.54 37.81 2.73
C LEU E 454 14.44 38.82 3.47
N GLY E 455 15.75 38.75 3.32
CA GLY E 455 16.70 39.50 4.17
C GLY E 455 16.93 40.94 3.77
N SER E 456 16.81 41.28 2.48
CA SER E 456 17.34 42.55 1.90
C SER E 456 16.24 43.63 1.93
N ASP E 457 16.65 44.88 2.06
CA ASP E 457 15.72 46.04 2.09
C ASP E 457 15.27 46.30 0.64
N VAL E 458 14.01 46.00 0.33
CA VAL E 458 13.46 46.09 -1.06
C VAL E 458 13.23 47.56 -1.41
N ARG E 459 12.87 48.39 -0.42
CA ARG E 459 12.68 49.85 -0.61
C ARG E 459 14.05 50.46 -0.97
N LEU E 460 15.09 50.18 -0.17
CA LEU E 460 16.47 50.66 -0.43
C LEU E 460 16.93 50.20 -1.83
N ALA E 461 16.69 48.94 -2.19
CA ALA E 461 17.06 48.34 -3.49
C ALA E 461 16.42 49.13 -4.65
N ARG E 462 15.13 49.46 -4.52
CA ARG E 462 14.38 50.19 -5.58
C ARG E 462 14.92 51.62 -5.68
N LYS E 463 15.21 52.22 -4.53
CA LYS E 463 15.77 53.60 -4.47
C LYS E 463 17.04 53.63 -5.32
N LEU E 464 17.96 52.70 -5.09
CA LEU E 464 19.27 52.66 -5.80
C LEU E 464 19.05 52.35 -7.28
N GLU E 465 18.06 51.51 -7.62
CA GLU E 465 17.82 51.10 -9.03
C GLU E 465 17.25 52.30 -9.79
N ILE E 466 16.45 53.15 -9.14
CA ILE E 466 15.90 54.37 -9.77
C ILE E 466 17.07 55.32 -10.09
N ARG E 467 18.03 55.47 -9.17
CA ARG E 467 19.26 56.28 -9.40
C ARG E 467 19.99 55.76 -10.65
N ARG E 468 20.30 54.47 -10.71
CA ARG E 468 21.04 53.84 -11.83
C ARG E 468 20.32 54.15 -13.15
N GLU E 469 18.98 54.06 -13.15
CA GLU E 469 18.15 54.25 -14.37
C GLU E 469 18.11 55.73 -14.75
N LEU E 470 18.01 56.65 -13.78
CA LEU E 470 18.01 58.12 -14.04
C LEU E 470 19.35 58.53 -14.65
N GLU E 471 20.45 57.92 -14.21
CA GLU E 471 21.82 58.22 -14.74
C GLU E 471 21.85 57.83 -16.23
N ALA E 472 21.23 56.71 -16.58
CA ALA E 472 21.14 56.20 -17.97
C ALA E 472 20.33 57.17 -18.82
N ILE E 473 19.14 57.53 -18.32
CA ILE E 473 18.20 58.45 -18.99
C ILE E 473 18.91 59.78 -19.26
N ASN E 474 19.60 60.34 -18.26
CA ASN E 474 20.25 61.68 -18.36
C ASN E 474 21.41 61.62 -19.36
N ARG E 475 22.22 60.56 -19.38
CA ARG E 475 23.34 60.46 -20.36
C ARG E 475 22.76 60.37 -21.77
N ASN E 476 21.66 59.62 -21.93
CA ASN E 476 20.99 59.45 -23.24
C ASN E 476 20.36 60.77 -23.69
N ARG E 477 19.66 61.43 -22.78
CA ARG E 477 19.02 62.75 -23.03
C ARG E 477 20.08 63.72 -23.55
N ASP E 478 21.29 63.68 -22.98
CA ASP E 478 22.40 64.60 -23.33
C ASP E 478 22.93 64.24 -24.72
N ARG E 479 23.24 62.97 -24.98
CA ARG E 479 23.82 62.52 -26.26
C ARG E 479 22.83 62.82 -27.40
N LEU E 480 21.54 62.77 -27.11
CA LEU E 480 20.45 63.02 -28.10
C LEU E 480 20.31 64.51 -28.40
N HIS E 481 20.26 65.37 -27.37
CA HIS E 481 20.17 66.85 -27.54
C HIS E 481 21.36 67.35 -28.35
N GLU E 482 22.53 66.69 -28.18
CA GLU E 482 23.79 67.00 -28.91
C GLU E 482 23.63 66.61 -30.38
N GLU E 483 23.43 65.33 -30.69
CA GLU E 483 23.20 64.83 -32.07
C GLU E 483 22.18 65.73 -32.80
N LEU E 484 21.11 66.13 -32.11
CA LEU E 484 20.02 66.96 -32.70
C LEU E 484 20.53 68.38 -32.97
N ALA E 485 20.36 68.89 -34.19
CA ALA E 485 20.89 70.20 -34.63
C ALA E 485 22.44 70.19 -34.67
N LYS E 486 23.08 69.04 -34.93
CA LYS E 486 24.48 68.95 -35.47
C LYS E 486 24.41 68.02 -36.68
N SER F 23 56.78 22.35 -16.32
CA SER F 23 57.37 23.71 -16.22
C SER F 23 56.60 24.57 -15.21
N VAL F 24 55.31 24.29 -14.98
CA VAL F 24 54.39 25.15 -14.18
C VAL F 24 54.56 24.81 -12.69
N THR F 25 54.63 25.85 -11.84
CA THR F 25 54.88 25.75 -10.37
C THR F 25 53.65 26.28 -9.62
N GLN F 26 53.50 25.93 -8.34
CA GLN F 26 52.35 26.38 -7.48
C GLN F 26 52.28 27.92 -7.50
N GLU F 27 53.42 28.62 -7.63
CA GLU F 27 53.51 30.10 -7.58
C GLU F 27 52.85 30.69 -8.84
N ASP F 28 52.97 30.01 -9.97
CA ASP F 28 52.35 30.43 -11.26
C ASP F 28 50.82 30.45 -11.12
N LEU F 29 50.26 29.66 -10.19
CA LEU F 29 48.80 29.50 -9.97
C LEU F 29 48.31 30.37 -8.81
N LYS F 30 49.21 31.07 -8.11
CA LYS F 30 48.82 31.91 -6.94
C LYS F 30 48.07 33.13 -7.49
N VAL F 31 46.80 33.27 -7.13
CA VAL F 31 45.91 34.36 -7.62
C VAL F 31 46.15 35.64 -6.82
N ASP F 32 46.53 36.70 -7.52
CA ASP F 32 46.71 38.08 -6.99
C ASP F 32 45.44 38.54 -6.27
N ARG F 33 45.61 39.16 -5.09
CA ARG F 33 44.52 39.82 -4.32
C ARG F 33 44.93 41.29 -4.11
N LEU F 34 44.06 42.24 -4.42
CA LEU F 34 44.24 43.66 -4.04
C LEU F 34 44.35 43.71 -2.52
N PRO F 35 45.14 44.66 -1.96
CA PRO F 35 45.39 44.69 -0.52
C PRO F 35 44.16 45.13 0.29
N GLY F 36 43.77 44.31 1.29
CA GLY F 36 42.70 44.64 2.24
C GLY F 36 41.36 44.00 1.89
N ALA F 37 40.65 43.56 2.94
CA ALA F 37 39.26 43.06 2.88
C ALA F 37 38.48 43.69 4.05
N ASP F 38 38.20 44.99 3.93
CA ASP F 38 37.77 45.85 5.06
C ASP F 38 36.25 45.83 5.23
N TYR F 39 35.49 45.23 4.31
CA TYR F 39 34.01 45.33 4.28
C TYR F 39 33.40 43.94 4.42
N PRO F 40 32.26 43.82 5.14
CA PRO F 40 31.56 42.54 5.24
C PRO F 40 30.76 42.31 3.96
N ASN F 41 30.59 41.06 3.55
CA ASN F 41 29.75 40.70 2.38
C ASN F 41 28.30 41.04 2.69
N PRO F 42 27.67 41.95 1.91
CA PRO F 42 26.28 42.34 2.18
C PRO F 42 25.23 41.33 1.71
N SER F 43 25.63 40.30 0.94
CA SER F 43 24.71 39.31 0.32
C SER F 43 23.77 38.76 1.41
N LYS F 44 22.46 38.84 1.13
CA LYS F 44 21.37 38.30 1.98
C LYS F 44 20.75 37.08 1.26
N LYS F 45 21.51 36.43 0.38
CA LYS F 45 21.00 35.38 -0.54
C LYS F 45 21.13 33.98 0.10
N TYR F 46 22.18 33.75 0.89
CA TYR F 46 22.47 32.48 1.61
C TYR F 46 21.77 32.51 2.98
N SER F 47 21.47 31.33 3.55
CA SER F 47 20.68 31.13 4.81
C SER F 47 21.34 31.83 6.00
N SER F 48 22.65 31.65 6.21
CA SER F 48 23.45 32.30 7.28
C SER F 48 24.81 32.74 6.72
N ARG F 49 25.64 33.35 7.57
CA ARG F 49 26.95 33.95 7.19
C ARG F 49 28.06 32.90 7.18
N THR F 50 27.77 31.65 7.56
CA THR F 50 28.73 30.50 7.57
C THR F 50 28.94 29.96 6.15
N GLU F 51 28.10 30.35 5.19
CA GLU F 51 28.12 29.85 3.79
C GLU F 51 29.00 30.74 2.90
N PHE F 52 29.52 31.85 3.43
CA PHE F 52 30.62 32.67 2.85
C PHE F 52 31.94 32.04 3.31
N ARG F 53 33.06 32.33 2.63
CA ARG F 53 34.35 31.63 2.86
C ARG F 53 35.33 32.53 3.62
N ASP F 54 35.78 32.05 4.79
CA ASP F 54 36.81 32.66 5.67
C ASP F 54 38.18 32.60 4.99
N LYS F 55 38.52 31.46 4.38
CA LYS F 55 39.88 31.13 3.87
C LYS F 55 39.77 30.63 2.42
N THR F 56 40.91 30.60 1.72
CA THR F 56 41.03 30.07 0.33
C THR F 56 40.95 28.54 0.38
N ASP F 57 40.02 27.94 -0.37
CA ASP F 57 39.92 26.46 -0.56
C ASP F 57 40.55 26.13 -1.92
N TYR F 58 41.13 24.93 -2.04
CA TYR F 58 41.84 24.46 -3.25
C TYR F 58 41.22 23.15 -3.74
N ILE F 59 41.51 22.81 -5.00
CA ILE F 59 41.20 21.51 -5.64
C ILE F 59 42.45 21.09 -6.41
N MET F 60 42.74 19.79 -6.48
CA MET F 60 43.95 19.25 -7.16
C MET F 60 43.84 19.49 -8.67
N TYR F 61 44.94 19.95 -9.26
CA TYR F 61 45.09 20.07 -10.74
C TYR F 61 44.86 18.70 -11.36
N ASN F 62 45.32 17.62 -10.72
CA ASN F 62 45.26 16.24 -11.27
C ASN F 62 44.82 15.28 -10.16
N PRO F 63 43.56 14.82 -10.15
CA PRO F 63 43.05 13.99 -9.06
C PRO F 63 43.30 12.49 -9.25
N ARG F 64 44.33 12.12 -10.03
CA ARG F 64 44.78 10.72 -10.17
C ARG F 64 45.82 10.41 -9.09
N PRO F 65 45.80 9.20 -8.49
CA PRO F 65 46.75 8.86 -7.43
C PRO F 65 48.12 8.50 -8.01
N ARG F 66 49.19 8.74 -7.25
CA ARG F 66 50.60 8.47 -7.65
C ARG F 66 50.90 6.98 -7.44
N ASP F 67 50.47 6.42 -6.30
CA ASP F 67 50.72 5.02 -5.87
C ASP F 67 49.43 4.20 -6.01
N GLU F 68 49.54 2.88 -5.88
CA GLU F 68 48.38 1.94 -5.90
C GLU F 68 47.56 2.18 -4.63
N PRO F 69 46.30 1.68 -4.51
CA PRO F 69 45.50 1.86 -3.29
C PRO F 69 46.20 1.29 -2.04
N SER F 70 46.32 2.09 -0.97
CA SER F 70 46.92 1.69 0.34
C SER F 70 45.83 1.77 1.43
N SER F 71 46.21 1.66 2.70
CA SER F 71 45.36 2.02 3.87
C SER F 71 45.25 3.55 3.98
N GLU F 72 46.38 4.27 3.79
CA GLU F 72 46.42 5.76 3.93
C GLU F 72 45.92 6.41 2.62
N ASN F 73 45.48 7.67 2.73
CA ASN F 73 44.75 8.41 1.68
C ASN F 73 45.64 8.56 0.44
N PRO F 74 45.04 8.65 -0.78
CA PRO F 74 45.80 8.81 -2.02
C PRO F 74 46.53 10.15 -2.14
N VAL F 75 47.55 10.19 -2.99
CA VAL F 75 48.43 11.39 -3.21
C VAL F 75 48.41 11.74 -4.71
N SER F 76 48.31 13.03 -5.05
CA SER F 76 48.23 13.51 -6.46
C SER F 76 49.53 13.21 -7.19
N VAL F 77 49.44 12.79 -8.45
CA VAL F 77 50.56 12.71 -9.45
C VAL F 77 51.19 14.09 -9.61
N SER F 78 50.45 15.19 -9.44
CA SER F 78 50.89 16.59 -9.69
C SER F 78 51.01 17.33 -8.35
N PRO F 79 52.04 18.20 -8.19
CA PRO F 79 52.13 19.05 -6.98
C PRO F 79 51.06 20.16 -6.95
N LEU F 80 50.42 20.45 -8.09
CA LEU F 80 49.69 21.71 -8.33
C LEU F 80 48.28 21.66 -7.70
N LEU F 81 47.88 22.78 -7.12
CA LEU F 81 46.56 23.06 -6.52
C LEU F 81 46.00 24.34 -7.17
N CYS F 82 44.75 24.29 -7.61
CA CYS F 82 44.01 25.43 -8.22
C CYS F 82 43.08 26.04 -7.17
N GLU F 83 43.06 27.36 -7.08
CA GLU F 83 42.19 28.10 -6.14
C GLU F 83 40.73 28.00 -6.60
N LEU F 84 39.82 27.57 -5.71
CA LEU F 84 38.36 27.48 -5.97
C LEU F 84 37.71 28.86 -5.84
N ALA F 85 36.73 29.16 -6.70
CA ALA F 85 35.97 30.44 -6.73
C ALA F 85 34.72 30.30 -5.87
N ALA F 86 34.51 31.26 -4.96
CA ALA F 86 33.30 31.33 -4.11
C ALA F 86 33.15 32.74 -3.53
N ALA F 87 31.92 33.06 -3.14
CA ALA F 87 31.58 34.28 -2.37
C ALA F 87 32.36 34.26 -1.06
N ARG F 88 32.96 35.39 -0.68
CA ARG F 88 33.87 35.49 0.51
C ARG F 88 33.18 36.28 1.64
N SER F 89 33.50 35.96 2.91
CA SER F 89 33.02 36.62 4.14
C SER F 89 33.34 38.12 4.10
N ARG F 90 34.58 38.42 3.71
CA ARG F 90 35.13 39.80 3.69
C ARG F 90 35.50 40.11 2.25
N ILE F 91 35.17 41.32 1.78
CA ILE F 91 35.37 41.80 0.39
C ILE F 91 36.24 43.06 0.42
N HIS F 92 36.91 43.35 -0.70
CA HIS F 92 37.92 44.44 -0.83
C HIS F 92 37.22 45.77 -1.15
N PHE F 93 36.16 45.74 -1.95
CA PHE F 93 35.48 46.97 -2.46
C PHE F 93 34.23 47.25 -1.63
N ASN F 94 34.03 48.52 -1.27
CA ASN F 94 32.81 49.02 -0.59
C ASN F 94 31.66 49.00 -1.58
N PRO F 95 30.69 48.07 -1.45
CA PRO F 95 29.69 47.86 -2.50
C PRO F 95 28.98 49.13 -2.99
N THR F 96 28.46 49.95 -2.07
CA THR F 96 27.68 51.18 -2.30
C THR F 96 28.46 52.22 -3.13
N GLU F 97 29.81 52.14 -3.11
CA GLU F 97 30.72 53.11 -3.79
C GLU F 97 31.42 52.45 -4.99
N THR F 98 31.09 51.19 -5.32
CA THR F 98 31.77 50.40 -6.38
C THR F 98 31.05 50.59 -7.73
N THR F 99 31.82 50.83 -8.79
CA THR F 99 31.38 50.87 -10.19
C THR F 99 32.02 49.69 -10.93
N ILE F 100 31.21 48.88 -11.60
CA ILE F 100 31.67 47.72 -12.44
C ILE F 100 31.67 48.17 -13.90
N GLY F 101 32.76 47.91 -14.61
CA GLY F 101 32.85 48.05 -16.07
C GLY F 101 32.82 46.68 -16.71
N ILE F 102 32.23 46.56 -17.90
CA ILE F 102 32.25 45.32 -18.74
C ILE F 102 32.71 45.73 -20.13
N VAL F 103 33.56 44.90 -20.73
CA VAL F 103 33.96 45.07 -22.15
C VAL F 103 34.01 43.68 -22.81
N THR F 104 33.45 43.58 -24.02
CA THR F 104 33.44 42.34 -24.84
C THR F 104 34.32 42.56 -26.07
N CYS F 105 35.33 41.73 -26.26
CA CYS F 105 36.32 41.84 -27.34
C CYS F 105 36.33 40.60 -28.22
N GLY F 106 36.74 40.75 -29.47
CA GLY F 106 36.94 39.62 -30.39
C GLY F 106 35.63 39.10 -30.95
N GLY F 107 35.72 38.03 -31.73
CA GLY F 107 34.58 37.34 -32.36
C GLY F 107 33.53 37.00 -31.34
N ILE F 108 32.25 37.13 -31.68
CA ILE F 108 31.14 36.80 -30.74
C ILE F 108 31.14 35.29 -30.49
N CYS F 109 30.37 34.85 -29.52
CA CYS F 109 30.40 33.50 -28.92
C CYS F 109 29.08 33.27 -28.22
N PRO F 110 28.41 32.11 -28.31
CA PRO F 110 27.10 31.95 -27.70
C PRO F 110 27.19 32.18 -26.18
N GLY F 111 26.31 33.03 -25.64
CA GLY F 111 26.25 33.31 -24.19
C GLY F 111 26.88 34.64 -23.80
N LEU F 112 27.41 35.41 -24.74
CA LEU F 112 27.98 36.76 -24.44
C LEU F 112 26.95 37.59 -23.67
N ASN F 113 25.73 37.72 -24.18
CA ASN F 113 24.67 38.54 -23.54
C ASN F 113 24.34 37.93 -22.17
N ASP F 114 24.34 36.60 -22.03
CA ASP F 114 24.10 35.95 -20.72
C ASP F 114 25.15 36.42 -19.71
N VAL F 115 26.41 36.54 -20.13
CA VAL F 115 27.54 36.95 -19.24
C VAL F 115 27.36 38.41 -18.84
N ILE F 116 27.05 39.28 -19.81
CA ILE F 116 26.80 40.73 -19.54
C ILE F 116 25.65 40.82 -18.53
N ARG F 117 24.60 40.06 -18.77
CA ARG F 117 23.35 40.08 -17.95
C ARG F 117 23.67 39.65 -16.52
N SER F 118 24.42 38.57 -16.34
CA SER F 118 24.66 37.97 -15.00
C SER F 118 25.67 38.81 -14.20
N ILE F 119 26.67 39.40 -14.85
CA ILE F 119 27.59 40.36 -14.18
C ILE F 119 26.73 41.50 -13.63
N THR F 120 25.90 42.09 -14.49
CA THR F 120 25.03 43.25 -14.16
C THR F 120 24.11 42.89 -13.00
N LEU F 121 23.37 41.79 -13.08
CA LEU F 121 22.35 41.41 -12.06
C LEU F 121 23.03 40.97 -10.76
N THR F 122 24.19 40.31 -10.81
CA THR F 122 24.92 39.91 -9.58
C THR F 122 25.41 41.20 -8.89
N GLY F 123 26.01 42.11 -9.66
CA GLY F 123 26.49 43.40 -9.15
C GLY F 123 25.37 44.15 -8.44
N ILE F 124 24.17 44.14 -9.01
CA ILE F 124 23.03 44.99 -8.54
C ILE F 124 22.23 44.23 -7.47
N ASN F 125 21.74 43.02 -7.76
CA ASN F 125 20.81 42.27 -6.87
C ASN F 125 21.55 41.78 -5.62
N VAL F 126 22.84 41.46 -5.70
CA VAL F 126 23.57 40.78 -4.59
C VAL F 126 24.37 41.82 -3.81
N TYR F 127 25.18 42.64 -4.50
CA TYR F 127 26.16 43.55 -3.86
C TYR F 127 25.61 44.98 -3.79
N ASN F 128 24.55 45.30 -4.54
CA ASN F 128 23.93 46.65 -4.56
C ASN F 128 24.97 47.69 -4.98
N VAL F 129 25.81 47.36 -5.97
CA VAL F 129 26.88 48.27 -6.47
C VAL F 129 26.24 49.57 -6.96
N LYS F 130 26.99 50.66 -6.95
CA LYS F 130 26.48 52.00 -7.32
C LYS F 130 26.04 51.99 -8.78
N ARG F 131 26.84 51.39 -9.66
CA ARG F 131 26.74 51.62 -11.12
C ARG F 131 27.42 50.46 -11.88
N VAL F 132 26.87 50.11 -13.04
CA VAL F 132 27.49 49.15 -14.00
C VAL F 132 27.58 49.84 -15.36
N ILE F 133 28.77 49.90 -15.94
CA ILE F 133 29.04 50.56 -17.25
C ILE F 133 29.39 49.48 -18.27
N GLY F 134 28.80 49.55 -19.46
CA GLY F 134 29.16 48.72 -20.61
C GLY F 134 29.95 49.54 -21.61
N PHE F 135 31.26 49.30 -21.70
CA PHE F 135 32.13 49.91 -22.73
C PHE F 135 31.80 49.25 -24.06
N ARG F 136 31.72 50.03 -25.14
CA ARG F 136 31.20 49.54 -26.43
C ARG F 136 32.36 49.19 -27.36
N PHE F 137 32.17 48.14 -28.17
CA PHE F 137 33.03 47.75 -29.32
C PHE F 137 34.44 47.48 -28.83
N GLY F 138 34.56 46.66 -27.78
CA GLY F 138 35.86 46.18 -27.28
C GLY F 138 36.64 47.30 -26.61
N TYR F 139 37.96 47.13 -26.53
CA TYR F 139 38.87 48.04 -25.83
C TYR F 139 38.70 49.47 -26.42
N TRP F 140 38.32 49.60 -27.68
CA TRP F 140 37.99 50.92 -28.30
C TRP F 140 37.07 51.73 -27.38
N GLY F 141 36.13 51.08 -26.71
CA GLY F 141 35.15 51.74 -25.83
C GLY F 141 35.79 52.37 -24.60
N LEU F 142 37.04 52.04 -24.29
CA LEU F 142 37.77 52.63 -23.13
C LEU F 142 38.77 53.69 -23.59
N SER F 143 38.99 53.84 -24.91
CA SER F 143 39.72 55.00 -25.49
C SER F 143 38.97 56.28 -25.14
N LYS F 144 39.63 57.45 -25.23
CA LYS F 144 39.01 58.74 -24.82
C LYS F 144 37.82 59.03 -25.74
N LYS F 145 37.96 58.88 -27.06
CA LYS F 145 36.86 59.14 -28.04
C LYS F 145 35.73 58.11 -27.82
N GLY F 146 36.10 56.84 -27.62
CA GLY F 146 35.15 55.72 -27.50
C GLY F 146 34.32 55.74 -26.23
N SER F 147 34.82 56.34 -25.14
CA SER F 147 34.17 56.32 -23.80
C SER F 147 32.88 57.15 -23.80
N GLN F 148 32.71 58.06 -24.76
CA GLN F 148 31.46 58.86 -24.95
C GLN F 148 30.28 57.87 -25.20
N THR F 149 30.54 56.74 -25.84
CA THR F 149 29.51 55.77 -26.30
C THR F 149 29.13 54.77 -25.20
N ALA F 150 29.87 54.74 -24.08
CA ALA F 150 29.68 53.80 -22.96
C ALA F 150 28.20 53.86 -22.52
N ILE F 151 27.62 52.72 -22.16
CA ILE F 151 26.17 52.67 -21.83
C ILE F 151 25.99 52.25 -20.36
N GLU F 152 24.92 52.76 -19.75
CA GLU F 152 24.56 52.48 -18.34
C GLU F 152 23.75 51.21 -18.30
N LEU F 153 24.29 50.17 -17.67
CA LEU F 153 23.61 48.87 -17.50
C LEU F 153 22.88 48.91 -16.15
N HIS F 154 21.60 49.26 -16.17
CA HIS F 154 20.67 49.06 -15.04
C HIS F 154 19.94 47.73 -15.26
N ARG F 155 19.21 47.27 -14.25
CA ARG F 155 18.53 45.96 -14.20
C ARG F 155 17.59 45.79 -15.40
N GLY F 156 16.83 46.84 -15.73
CA GLY F 156 15.81 46.83 -16.79
C GLY F 156 16.42 46.74 -18.17
N ARG F 157 17.67 47.15 -18.34
CA ARG F 157 18.38 47.19 -19.64
C ARG F 157 18.79 45.77 -20.08
N VAL F 158 18.93 44.82 -19.15
CA VAL F 158 19.53 43.49 -19.45
C VAL F 158 18.46 42.39 -19.33
N THR F 159 17.22 42.71 -19.01
CA THR F 159 16.18 41.70 -18.64
C THR F 159 16.07 40.62 -19.72
N ASN F 160 16.10 40.98 -21.00
CA ASN F 160 15.74 40.07 -22.13
C ASN F 160 16.91 39.82 -23.07
N ILE F 161 18.13 40.28 -22.75
CA ILE F 161 19.23 40.27 -23.75
C ILE F 161 19.69 38.84 -24.00
N HIS F 162 19.39 37.91 -23.09
CA HIS F 162 19.86 36.50 -23.17
C HIS F 162 19.10 35.72 -24.25
N HIS F 163 18.02 36.28 -24.82
CA HIS F 163 17.20 35.61 -25.86
C HIS F 163 17.85 35.70 -27.25
N TYR F 164 18.87 36.54 -27.46
CA TYR F 164 19.43 36.71 -28.83
C TYR F 164 20.96 36.75 -28.80
N GLY F 165 21.55 36.46 -29.96
CA GLY F 165 23.01 36.29 -30.15
C GLY F 165 23.73 37.63 -30.23
N GLY F 166 25.05 37.58 -30.23
CA GLY F 166 25.91 38.76 -30.32
C GLY F 166 26.13 39.37 -28.95
N THR F 167 26.58 40.63 -28.92
CA THR F 167 26.85 41.42 -27.68
C THR F 167 26.14 42.76 -27.80
N ILE F 168 25.31 43.11 -26.82
CA ILE F 168 24.62 44.43 -26.79
C ILE F 168 25.67 45.55 -26.69
N LEU F 169 26.89 45.26 -26.24
CA LEU F 169 27.96 46.28 -26.13
C LEU F 169 28.69 46.43 -27.47
N GLY F 170 28.77 45.36 -28.27
CA GLY F 170 29.60 45.31 -29.49
C GLY F 170 31.02 44.87 -29.17
N SER F 171 31.79 44.52 -30.19
CA SER F 171 33.17 44.00 -30.10
C SER F 171 34.07 44.74 -31.09
N SER F 172 35.38 44.64 -30.87
CA SER F 172 36.45 44.87 -31.87
C SER F 172 37.66 44.04 -31.46
N ARG F 173 38.55 43.72 -32.42
CA ARG F 173 39.75 42.88 -32.24
C ARG F 173 40.91 43.75 -31.74
N GLY F 174 40.91 45.06 -32.04
CA GLY F 174 42.07 45.95 -31.81
C GLY F 174 42.47 46.08 -30.33
N PRO F 175 43.77 46.22 -30.02
CA PRO F 175 44.21 46.75 -28.73
C PRO F 175 44.13 48.28 -28.73
N GLN F 176 44.28 48.89 -27.54
CA GLN F 176 44.31 50.36 -27.34
C GLN F 176 45.43 50.71 -26.37
N ASP F 177 45.75 51.99 -26.21
CA ASP F 177 46.79 52.47 -25.28
C ASP F 177 46.35 52.18 -23.85
N PRO F 178 47.09 51.34 -23.07
CA PRO F 178 46.71 51.04 -21.69
C PRO F 178 46.62 52.30 -20.82
N LYS F 179 47.49 53.28 -21.09
CA LYS F 179 47.52 54.58 -20.36
C LYS F 179 46.17 55.28 -20.57
N GLU F 180 45.74 55.39 -21.82
CA GLU F 180 44.46 56.05 -22.22
C GLU F 180 43.29 55.31 -21.54
N MET F 181 43.36 53.98 -21.48
CA MET F 181 42.27 53.13 -20.96
C MET F 181 42.15 53.28 -19.44
N VAL F 182 43.26 53.28 -18.71
CA VAL F 182 43.22 53.49 -17.22
C VAL F 182 42.81 54.93 -16.94
N ASP F 183 43.13 55.89 -17.82
CA ASP F 183 42.62 57.29 -17.72
C ASP F 183 41.08 57.24 -17.66
N THR F 184 40.46 56.51 -18.58
CA THR F 184 38.98 56.36 -18.69
C THR F 184 38.43 55.70 -17.41
N LEU F 185 39.05 54.64 -16.93
CA LEU F 185 38.58 53.91 -15.71
C LEU F 185 38.59 54.89 -14.52
N GLU F 186 39.66 55.69 -14.37
CA GLU F 186 39.77 56.73 -13.32
C GLU F 186 38.64 57.75 -13.48
N ARG F 187 38.53 58.35 -14.66
CA ARG F 187 37.56 59.45 -14.95
C ARG F 187 36.13 59.00 -14.59
N LEU F 188 35.76 57.75 -14.91
CA LEU F 188 34.37 57.24 -14.75
C LEU F 188 34.20 56.53 -13.40
N GLY F 189 35.27 56.41 -12.61
CA GLY F 189 35.23 55.84 -11.25
C GLY F 189 35.04 54.33 -11.21
N VAL F 190 35.49 53.64 -12.26
CA VAL F 190 35.40 52.16 -12.41
C VAL F 190 36.41 51.52 -11.46
N ASN F 191 35.95 50.62 -10.61
CA ASN F 191 36.78 49.90 -9.60
C ASN F 191 37.04 48.45 -10.08
N ILE F 192 36.14 47.86 -10.88
CA ILE F 192 36.30 46.49 -11.43
C ILE F 192 36.02 46.55 -12.94
N LEU F 193 36.96 46.09 -13.77
CA LEU F 193 36.72 45.88 -15.23
C LEU F 193 36.69 44.37 -15.53
N PHE F 194 35.56 43.87 -16.02
CA PHE F 194 35.41 42.48 -16.52
C PHE F 194 35.75 42.47 -18.00
N THR F 195 36.83 41.76 -18.37
CA THR F 195 37.33 41.62 -19.76
C THR F 195 36.84 40.27 -20.29
N VAL F 196 35.82 40.30 -21.15
CA VAL F 196 35.28 39.10 -21.85
C VAL F 196 35.99 39.03 -23.21
N GLY F 197 36.89 38.06 -23.39
CA GLY F 197 37.71 37.94 -24.61
C GLY F 197 38.69 36.79 -24.58
N GLY F 198 39.46 36.63 -25.65
CA GLY F 198 40.48 35.57 -25.81
C GLY F 198 41.81 35.95 -25.20
N ASP F 199 42.86 35.17 -25.47
CA ASP F 199 44.20 35.36 -24.85
C ASP F 199 44.68 36.79 -25.12
N GLY F 200 44.60 37.27 -26.36
CA GLY F 200 44.92 38.67 -26.71
C GLY F 200 44.31 39.64 -25.71
N THR F 201 42.99 39.57 -25.52
CA THR F 201 42.24 40.46 -24.62
C THR F 201 42.78 40.32 -23.18
N GLN F 202 42.99 39.10 -22.69
CA GLN F 202 43.39 38.88 -21.28
C GLN F 202 44.83 39.33 -21.05
N ARG F 203 45.73 39.17 -22.04
CA ARG F 203 47.11 39.71 -21.99
C ARG F 203 47.02 41.23 -21.80
N GLY F 204 46.16 41.88 -22.58
CA GLY F 204 45.96 43.34 -22.51
C GLY F 204 45.34 43.76 -21.19
N ALA F 205 44.46 42.90 -20.65
CA ALA F 205 43.77 43.10 -19.36
C ALA F 205 44.80 43.16 -18.22
N LEU F 206 45.76 42.24 -18.24
CA LEU F 206 46.85 42.13 -17.24
C LEU F 206 47.68 43.43 -17.26
N VAL F 207 47.91 43.99 -18.45
CA VAL F 207 48.66 45.27 -18.66
C VAL F 207 47.86 46.43 -18.05
N ILE F 208 46.53 46.45 -18.18
CA ILE F 208 45.66 47.47 -17.54
C ILE F 208 45.82 47.35 -16.01
N SER F 209 45.73 46.13 -15.48
CA SER F 209 45.83 45.80 -14.02
C SER F 209 47.13 46.40 -13.47
N GLN F 210 48.23 46.23 -14.22
CA GLN F 210 49.61 46.59 -13.79
C GLN F 210 49.80 48.11 -13.92
N GLU F 211 49.23 48.74 -14.94
CA GLU F 211 49.28 50.22 -15.13
C GLU F 211 48.53 50.89 -13.98
N ALA F 212 47.38 50.32 -13.58
CA ALA F 212 46.54 50.82 -12.46
C ALA F 212 47.33 50.75 -11.16
N LYS F 213 48.03 49.63 -10.89
CA LYS F 213 48.85 49.40 -9.68
C LYS F 213 50.00 50.43 -9.64
N ARG F 214 50.68 50.63 -10.78
CA ARG F 214 51.78 51.62 -10.96
C ARG F 214 51.33 53.01 -10.48
N ARG F 215 50.10 53.43 -10.80
CA ARG F 215 49.55 54.77 -10.43
C ARG F 215 48.90 54.75 -9.03
N GLY F 216 48.94 53.61 -8.32
CA GLY F 216 48.29 53.42 -7.00
C GLY F 216 46.78 53.66 -7.05
N VAL F 217 46.13 53.26 -8.14
CA VAL F 217 44.64 53.32 -8.31
C VAL F 217 44.04 51.92 -8.00
N ASP F 218 42.95 51.91 -7.25
CA ASP F 218 42.28 50.71 -6.69
C ASP F 218 41.34 50.13 -7.75
N ILE F 219 41.85 49.25 -8.62
CA ILE F 219 41.11 48.66 -9.77
C ILE F 219 41.45 47.17 -9.87
N SER F 220 40.43 46.31 -9.80
CA SER F 220 40.51 44.87 -10.18
C SER F 220 40.27 44.78 -11.68
N VAL F 221 41.09 44.02 -12.39
CA VAL F 221 40.76 43.60 -13.78
C VAL F 221 40.60 42.09 -13.74
N PHE F 222 39.44 41.59 -14.16
CA PHE F 222 39.03 40.17 -14.03
C PHE F 222 38.52 39.65 -15.37
N GLY F 223 39.09 38.55 -15.85
CA GLY F 223 38.79 38.01 -17.19
C GLY F 223 37.73 36.94 -17.16
N VAL F 224 36.77 37.01 -18.07
CA VAL F 224 35.88 35.86 -18.42
C VAL F 224 36.35 35.34 -19.77
N PRO F 225 36.98 34.15 -19.80
CA PRO F 225 37.56 33.62 -21.03
C PRO F 225 36.49 33.38 -22.11
N LYS F 226 36.69 33.98 -23.27
CA LYS F 226 35.84 33.79 -24.48
C LYS F 226 36.67 33.08 -25.53
N THR F 227 36.43 31.79 -25.71
CA THR F 227 36.98 30.98 -26.83
C THR F 227 36.05 29.79 -27.08
N ILE F 228 35.36 29.83 -28.19
CA ILE F 228 34.37 28.79 -28.58
C ILE F 228 35.11 27.48 -28.83
N ASP F 229 36.42 27.56 -29.12
CA ASP F 229 37.28 26.41 -29.52
C ASP F 229 37.59 25.52 -28.31
N ASN F 230 37.38 26.00 -27.09
CA ASN F 230 37.60 25.20 -25.85
C ASN F 230 39.10 24.88 -25.69
N ASP F 231 39.96 25.81 -26.08
CA ASP F 231 41.42 25.62 -26.19
C ASP F 231 42.14 26.40 -25.09
N LEU F 232 41.48 26.60 -23.94
CA LEU F 232 42.04 27.24 -22.73
C LEU F 232 42.70 26.16 -21.87
N SER F 233 43.96 26.37 -21.49
CA SER F 233 44.67 25.50 -20.53
C SER F 233 44.06 25.71 -19.13
N PHE F 234 44.23 24.73 -18.24
CA PHE F 234 43.72 24.74 -16.84
C PHE F 234 42.20 24.79 -16.87
N SER F 235 41.61 24.18 -17.91
CA SER F 235 40.18 24.28 -18.27
C SER F 235 39.74 23.03 -19.04
N HIS F 236 38.52 22.55 -18.78
CA HIS F 236 37.87 21.44 -19.51
C HIS F 236 36.73 21.95 -20.39
N ARG F 237 36.22 23.15 -20.13
CA ARG F 237 35.01 23.69 -20.81
C ARG F 237 35.00 25.21 -20.71
N THR F 238 34.91 25.89 -21.85
CA THR F 238 34.70 27.36 -21.94
C THR F 238 33.26 27.60 -22.40
N PHE F 239 32.69 28.74 -22.10
CA PHE F 239 31.26 29.02 -22.40
C PHE F 239 31.09 29.12 -23.92
N GLY F 240 30.00 28.53 -24.41
CA GLY F 240 29.59 28.61 -25.82
C GLY F 240 30.02 27.39 -26.62
N PHE F 241 31.01 26.66 -26.12
CA PHE F 241 31.59 25.49 -26.83
C PHE F 241 30.48 24.45 -27.06
N GLN F 242 29.74 24.06 -26.00
CA GLN F 242 28.68 23.04 -26.13
C GLN F 242 27.63 23.53 -27.13
N THR F 243 27.36 24.84 -27.19
CA THR F 243 26.36 25.40 -28.14
C THR F 243 26.89 25.25 -29.56
N ALA F 244 28.18 25.51 -29.78
CA ALA F 244 28.84 25.38 -31.11
C ALA F 244 28.72 23.93 -31.58
N VAL F 245 28.83 22.97 -30.67
CA VAL F 245 28.70 21.52 -31.00
C VAL F 245 27.27 21.22 -31.43
N GLU F 246 26.28 21.74 -30.70
CA GLU F 246 24.83 21.57 -30.98
C GLU F 246 24.58 21.99 -32.42
N LYS F 247 25.08 23.18 -32.81
CA LYS F 247 24.91 23.74 -34.17
C LYS F 247 25.73 22.97 -35.20
N ALA F 248 26.95 22.53 -34.87
CA ALA F 248 27.78 21.69 -35.76
C ALA F 248 26.97 20.43 -36.12
N VAL F 249 26.33 19.81 -35.14
CA VAL F 249 25.54 18.56 -35.36
C VAL F 249 24.43 18.84 -36.36
N GLN F 250 23.82 20.00 -36.33
CA GLN F 250 22.75 20.41 -37.28
C GLN F 250 23.31 20.34 -38.71
N ALA F 251 24.53 20.85 -38.92
CA ALA F 251 25.24 20.86 -40.21
C ALA F 251 25.59 19.42 -40.63
N ILE F 252 25.98 18.57 -39.69
CA ILE F 252 26.36 17.16 -39.98
C ILE F 252 25.11 16.37 -40.39
N ARG F 253 23.98 16.56 -39.70
CA ARG F 253 22.70 15.88 -40.04
C ARG F 253 22.33 16.17 -41.50
N ALA F 254 22.47 17.42 -41.93
CA ALA F 254 22.23 17.85 -43.33
C ALA F 254 23.23 17.16 -44.26
N ALA F 255 24.52 17.18 -43.95
CA ALA F 255 25.57 16.53 -44.75
C ALA F 255 25.23 15.05 -44.93
N TYR F 256 24.81 14.39 -43.85
CA TYR F 256 24.46 12.95 -43.84
C TYR F 256 23.24 12.72 -44.75
N ALA F 257 22.24 13.59 -44.66
CA ALA F 257 20.99 13.45 -45.45
C ALA F 257 21.34 13.56 -46.93
N GLU F 258 22.20 14.52 -47.30
CA GLU F 258 22.68 14.68 -48.70
C GLU F 258 23.40 13.40 -49.14
N ALA F 259 24.36 12.95 -48.34
CA ALA F 259 25.26 11.83 -48.68
C ALA F 259 24.46 10.53 -48.81
N VAL F 260 23.58 10.22 -47.86
CA VAL F 260 22.88 8.92 -47.80
C VAL F 260 21.83 8.86 -48.91
N SER F 261 21.44 10.03 -49.46
CA SER F 261 20.42 10.16 -50.53
C SER F 261 21.06 9.96 -51.91
N ALA F 262 22.38 9.77 -51.98
CA ALA F 262 23.12 9.57 -53.23
C ALA F 262 23.77 8.19 -53.22
N ASN F 263 23.91 7.56 -54.39
CA ASN F 263 24.75 6.35 -54.55
C ASN F 263 26.20 6.85 -54.58
N TYR F 264 27.05 6.41 -53.64
CA TYR F 264 28.42 6.94 -53.45
C TYR F 264 28.34 8.46 -53.20
N GLY F 265 27.59 8.85 -52.18
CA GLY F 265 27.48 10.25 -51.72
C GLY F 265 28.49 10.58 -50.63
N VAL F 266 29.09 11.77 -50.70
CA VAL F 266 30.04 12.25 -49.67
C VAL F 266 29.54 13.61 -49.16
N GLY F 267 29.38 13.73 -47.85
CA GLY F 267 29.07 15.01 -47.19
C GLY F 267 30.30 15.55 -46.48
N VAL F 268 30.73 16.76 -46.81
CA VAL F 268 31.90 17.41 -46.15
C VAL F 268 31.39 18.58 -45.31
N VAL F 269 31.68 18.56 -44.00
CA VAL F 269 31.38 19.69 -43.08
C VAL F 269 32.69 20.26 -42.57
N LYS F 270 32.94 21.54 -42.85
CA LYS F 270 34.03 22.32 -42.21
C LYS F 270 33.48 23.01 -40.96
N LEU F 271 34.18 22.90 -39.84
CA LEU F 271 33.78 23.54 -38.57
C LEU F 271 34.95 24.41 -38.09
N MET F 272 34.68 25.40 -37.27
CA MET F 272 35.72 26.17 -36.56
C MET F 272 36.66 25.24 -35.78
N GLY F 273 37.89 25.71 -35.57
CA GLY F 273 38.99 24.94 -34.95
C GLY F 273 40.29 25.31 -35.62
N ARG F 274 40.79 26.52 -35.32
CA ARG F 274 41.99 27.09 -36.01
C ARG F 274 43.24 26.33 -35.58
N ASP F 275 43.36 26.01 -34.29
CA ASP F 275 44.55 25.32 -33.74
C ASP F 275 44.19 24.07 -32.95
N SER F 276 42.90 23.78 -32.79
CA SER F 276 42.40 22.67 -31.95
C SER F 276 41.19 22.02 -32.62
N GLY F 277 40.88 20.76 -32.29
CA GLY F 277 39.83 19.99 -32.95
C GLY F 277 38.69 19.60 -32.01
N PHE F 278 38.50 20.34 -30.92
CA PHE F 278 37.49 20.01 -29.88
C PHE F 278 36.08 20.01 -30.47
N ILE F 279 35.75 21.03 -31.26
CA ILE F 279 34.38 21.16 -31.87
C ILE F 279 34.20 20.01 -32.87
N ALA F 280 35.14 19.85 -33.80
CA ALA F 280 35.11 18.76 -34.82
C ALA F 280 34.95 17.40 -34.14
N ALA F 281 35.71 17.12 -33.08
CA ALA F 281 35.71 15.81 -32.38
C ALA F 281 34.38 15.59 -31.68
N GLN F 282 33.91 16.56 -30.87
CA GLN F 282 32.65 16.38 -30.10
C GLN F 282 31.47 16.30 -31.07
N ALA F 283 31.44 17.16 -32.09
CA ALA F 283 30.36 17.16 -33.10
C ALA F 283 30.35 15.81 -33.81
N ALA F 284 31.51 15.28 -34.18
CA ALA F 284 31.63 13.96 -34.83
C ALA F 284 30.91 12.93 -33.97
N VAL F 285 31.24 12.82 -32.69
CA VAL F 285 30.66 11.76 -31.81
C VAL F 285 29.18 12.06 -31.56
N ALA F 286 28.86 13.30 -31.20
CA ALA F 286 27.49 13.76 -30.88
C ALA F 286 26.56 13.52 -32.07
N SER F 287 27.02 13.69 -33.30
CA SER F 287 26.20 13.48 -34.52
C SER F 287 25.87 11.99 -34.67
N ALA F 288 26.81 11.14 -34.27
CA ALA F 288 26.73 9.67 -34.43
C ALA F 288 26.62 9.28 -35.92
N GLN F 289 27.04 10.16 -36.84
CA GLN F 289 26.90 9.94 -38.31
C GLN F 289 28.25 10.12 -39.00
N ALA F 290 29.33 10.46 -38.29
CA ALA F 290 30.63 10.84 -38.90
C ALA F 290 31.42 9.58 -39.27
N ASN F 291 32.12 9.59 -40.41
CA ASN F 291 32.96 8.45 -40.87
C ASN F 291 34.45 8.82 -40.86
N ILE F 292 34.79 10.09 -41.12
CA ILE F 292 36.17 10.62 -41.06
C ILE F 292 36.14 11.96 -40.31
N CYS F 293 37.09 12.15 -39.40
CA CYS F 293 37.20 13.37 -38.57
C CYS F 293 38.65 13.89 -38.62
N LEU F 294 38.85 15.05 -39.25
CA LEU F 294 40.18 15.64 -39.57
C LEU F 294 40.41 16.86 -38.69
N VAL F 295 41.46 16.82 -37.87
CA VAL F 295 41.76 17.85 -36.84
C VAL F 295 43.24 18.23 -36.95
N PRO F 296 43.61 19.49 -36.68
CA PRO F 296 44.99 19.94 -36.85
C PRO F 296 46.01 19.13 -36.02
N GLU F 297 45.59 18.60 -34.86
CA GLU F 297 46.44 17.81 -33.94
C GLU F 297 46.91 16.51 -34.59
N ASN F 298 46.25 16.03 -35.65
CA ASN F 298 46.51 14.72 -36.29
C ASN F 298 46.66 14.93 -37.80
N PRO F 299 47.76 15.58 -38.25
CA PRO F 299 47.94 15.87 -39.68
C PRO F 299 48.13 14.55 -40.43
N ILE F 300 47.32 14.31 -41.44
CA ILE F 300 47.43 13.11 -42.32
C ILE F 300 47.33 13.60 -43.75
N SER F 301 47.88 12.84 -44.69
CA SER F 301 48.04 13.25 -46.11
C SER F 301 46.71 13.10 -46.85
N GLU F 302 46.56 13.89 -47.90
CA GLU F 302 45.55 13.73 -48.97
C GLU F 302 45.35 12.23 -49.28
N GLN F 303 46.44 11.48 -49.46
CA GLN F 303 46.39 10.05 -49.86
C GLN F 303 45.76 9.23 -48.73
N GLU F 304 46.10 9.54 -47.47
CA GLU F 304 45.57 8.79 -46.28
C GLU F 304 44.05 9.03 -46.17
N VAL F 305 43.59 10.25 -46.43
CA VAL F 305 42.15 10.64 -46.40
C VAL F 305 41.42 9.82 -47.46
N MET F 306 41.88 9.87 -48.70
CA MET F 306 41.25 9.13 -49.83
C MET F 306 41.25 7.62 -49.54
N SER F 307 42.24 7.10 -48.78
CA SER F 307 42.29 5.67 -48.35
C SER F 307 41.08 5.35 -47.48
N LEU F 308 40.79 6.24 -46.53
CA LEU F 308 39.67 6.10 -45.57
C LEU F 308 38.35 6.18 -46.33
N LEU F 309 38.26 7.05 -47.33
CA LEU F 309 37.04 7.20 -48.16
C LEU F 309 36.79 5.89 -48.90
N GLU F 310 37.83 5.34 -49.55
CA GLU F 310 37.69 4.15 -50.43
C GLU F 310 37.34 2.95 -49.55
N ARG F 311 37.85 2.93 -48.32
CA ARG F 311 37.57 1.86 -47.32
C ARG F 311 36.09 1.92 -46.90
N ARG F 312 35.58 3.12 -46.61
CA ARG F 312 34.16 3.35 -46.27
C ARG F 312 33.29 2.85 -47.42
N PHE F 313 33.69 3.12 -48.66
CA PHE F 313 32.89 2.82 -49.89
C PHE F 313 32.99 1.34 -50.27
N CYS F 314 33.81 0.53 -49.59
CA CYS F 314 33.90 -0.93 -49.85
C CYS F 314 32.50 -1.53 -49.66
N HIS F 315 31.84 -1.27 -48.53
CA HIS F 315 30.57 -1.93 -48.11
C HIS F 315 29.57 -0.90 -47.57
N SER F 316 29.74 0.38 -47.91
CA SER F 316 28.79 1.46 -47.57
C SER F 316 28.67 2.39 -48.78
N ARG F 317 27.53 3.06 -48.94
CA ARG F 317 27.26 3.88 -50.14
C ARG F 317 27.32 5.38 -49.81
N SER F 318 27.67 5.74 -48.59
CA SER F 318 27.75 7.16 -48.15
C SER F 318 28.91 7.34 -47.17
N CYS F 319 29.47 8.54 -47.14
CA CYS F 319 30.60 8.91 -46.25
C CYS F 319 30.40 10.36 -45.79
N VAL F 320 30.54 10.62 -44.49
CA VAL F 320 30.50 11.98 -43.90
C VAL F 320 31.89 12.32 -43.36
N ILE F 321 32.47 13.42 -43.84
CA ILE F 321 33.83 13.90 -43.47
C ILE F 321 33.70 15.22 -42.72
N ILE F 322 34.12 15.25 -41.45
CA ILE F 322 34.18 16.49 -40.61
C ILE F 322 35.62 16.99 -40.68
N VAL F 323 35.85 18.27 -40.97
CA VAL F 323 37.21 18.87 -41.06
C VAL F 323 37.25 20.18 -40.28
N ALA F 324 38.10 20.28 -39.27
CA ALA F 324 38.38 21.56 -38.55
C ALA F 324 39.11 22.50 -39.51
N GLU F 325 38.87 23.82 -39.41
CA GLU F 325 39.41 24.80 -40.39
C GLU F 325 40.95 24.81 -40.34
N GLY F 326 41.53 24.39 -39.22
CA GLY F 326 42.99 24.37 -38.99
C GLY F 326 43.69 23.16 -39.57
N PHE F 327 42.96 22.14 -40.01
CA PHE F 327 43.54 20.88 -40.58
C PHE F 327 44.17 21.19 -41.94
N GLY F 328 45.23 20.45 -42.27
CA GLY F 328 45.82 20.40 -43.62
C GLY F 328 46.21 21.76 -44.15
N GLN F 329 46.93 22.57 -43.35
CA GLN F 329 47.43 23.90 -43.80
C GLN F 329 48.66 23.70 -44.71
N ASP F 330 49.24 22.49 -44.75
CA ASP F 330 50.40 22.13 -45.64
C ASP F 330 49.92 21.60 -46.99
N TRP F 331 48.61 21.61 -47.28
CA TRP F 331 48.01 21.08 -48.54
C TRP F 331 48.09 22.19 -49.61
N ILE F 347 44.23 29.17 -45.66
CA ILE F 347 43.57 28.65 -46.90
C ILE F 347 42.30 27.91 -46.47
N ASP F 348 41.30 27.82 -47.37
CA ASP F 348 40.00 27.21 -47.04
C ASP F 348 40.10 25.70 -47.27
N ILE F 349 40.39 24.95 -46.20
CA ILE F 349 40.57 23.47 -46.26
C ILE F 349 39.26 22.80 -46.67
N GLY F 350 38.13 23.42 -46.36
CA GLY F 350 36.80 22.93 -46.76
C GLY F 350 36.68 22.85 -48.27
N VAL F 351 37.02 23.94 -48.96
CA VAL F 351 36.88 24.02 -50.43
C VAL F 351 37.91 23.08 -51.05
N ILE F 352 39.14 23.09 -50.53
CA ILE F 352 40.29 22.29 -51.07
C ILE F 352 40.01 20.81 -50.89
N LEU F 353 39.58 20.37 -49.70
CA LEU F 353 39.26 18.94 -49.43
C LEU F 353 38.14 18.50 -50.38
N THR F 354 37.14 19.35 -50.61
CA THR F 354 35.97 19.04 -51.47
C THR F 354 36.46 18.83 -52.91
N GLU F 355 37.30 19.73 -53.43
CA GLU F 355 37.89 19.64 -54.79
C GLU F 355 38.64 18.31 -54.94
N LYS F 356 39.45 17.95 -53.95
CA LYS F 356 40.36 16.77 -53.99
C LYS F 356 39.53 15.48 -53.91
N VAL F 357 38.48 15.45 -53.09
CA VAL F 357 37.54 14.30 -53.01
C VAL F 357 36.84 14.16 -54.36
N LYS F 358 36.40 15.26 -54.97
CA LYS F 358 35.76 15.24 -56.32
C LYS F 358 36.73 14.68 -57.35
N ALA F 359 37.97 15.19 -57.36
CA ALA F 359 39.08 14.78 -58.26
C ALA F 359 39.33 13.28 -58.11
N PHE F 360 39.42 12.79 -56.87
CA PHE F 360 39.65 11.35 -56.55
C PHE F 360 38.50 10.51 -57.11
N LEU F 361 37.25 10.92 -56.92
CA LEU F 361 36.05 10.13 -57.33
C LEU F 361 35.93 10.13 -58.87
N LYS F 362 36.28 11.25 -59.51
CA LYS F 362 36.31 11.39 -60.99
C LYS F 362 37.39 10.46 -61.58
N ALA F 363 38.56 10.38 -60.96
CA ALA F 363 39.67 9.47 -61.35
C ALA F 363 39.24 8.01 -61.19
N ASN F 364 38.16 7.72 -60.46
CA ASN F 364 37.70 6.34 -60.18
C ASN F 364 36.21 6.16 -60.52
N LYS F 365 35.69 6.84 -61.56
CA LYS F 365 34.28 6.70 -62.04
C LYS F 365 33.90 5.22 -62.16
N SER F 366 34.82 4.37 -62.63
CA SER F 366 34.58 2.93 -62.89
C SER F 366 34.06 2.24 -61.62
N ARG F 367 34.65 2.50 -60.44
CA ARG F 367 34.29 1.86 -59.15
C ARG F 367 33.13 2.60 -58.48
N TYR F 368 33.11 3.94 -58.62
CA TYR F 368 32.16 4.84 -57.93
C TYR F 368 31.40 5.67 -58.98
N PRO F 369 30.53 5.05 -59.82
CA PRO F 369 29.78 5.79 -60.83
C PRO F 369 28.73 6.75 -60.25
N ASP F 370 28.57 7.92 -60.88
CA ASP F 370 27.52 8.92 -60.53
C ASP F 370 27.66 9.31 -59.05
N SER F 371 28.90 9.41 -58.55
CA SER F 371 29.20 9.85 -57.17
C SER F 371 28.82 11.33 -57.04
N THR F 372 28.53 11.80 -55.82
CA THR F 372 28.21 13.23 -55.54
C THR F 372 28.97 13.63 -54.28
N VAL F 373 29.47 14.88 -54.25
CA VAL F 373 30.10 15.48 -53.06
C VAL F 373 29.36 16.78 -52.74
N LYS F 374 28.82 16.87 -51.52
CA LYS F 374 28.14 18.09 -51.02
C LYS F 374 28.96 18.69 -49.90
N TYR F 375 29.29 19.98 -50.00
CA TYR F 375 30.09 20.73 -48.99
C TYR F 375 29.18 21.68 -48.20
N ILE F 376 29.24 21.62 -46.87
CA ILE F 376 28.50 22.55 -45.97
C ILE F 376 29.53 23.27 -45.08
N ASP F 377 29.48 24.61 -45.07
CA ASP F 377 30.27 25.48 -44.18
C ASP F 377 29.28 26.32 -43.37
N PRO F 378 28.88 25.86 -42.16
CA PRO F 378 27.94 26.60 -41.33
C PRO F 378 28.57 27.90 -40.79
N SER F 379 29.88 28.01 -40.87
CA SER F 379 30.71 29.16 -40.42
C SER F 379 30.08 29.78 -39.16
N TYR F 380 29.62 31.03 -39.24
CA TYR F 380 29.28 31.88 -38.06
C TYR F 380 27.98 31.41 -37.40
N MET F 381 27.20 30.54 -38.05
CA MET F 381 25.93 30.05 -37.47
C MET F 381 26.19 29.29 -36.16
N ILE F 382 27.40 28.80 -35.91
CA ILE F 382 27.69 27.95 -34.71
C ILE F 382 28.14 28.83 -33.56
N ARG F 383 28.34 30.13 -33.77
CA ARG F 383 28.78 31.05 -32.68
C ARG F 383 27.87 32.28 -32.52
N ALA F 384 27.08 32.66 -33.52
CA ALA F 384 26.30 33.92 -33.52
C ALA F 384 24.85 33.61 -33.12
N CYS F 385 24.64 32.98 -31.98
CA CYS F 385 23.30 32.50 -31.56
C CYS F 385 23.19 32.50 -30.04
N PRO F 386 21.98 32.41 -29.48
CA PRO F 386 21.82 32.25 -28.05
C PRO F 386 22.35 30.89 -27.64
N PRO F 387 22.74 30.74 -26.36
CA PRO F 387 23.32 29.50 -25.88
C PRO F 387 22.27 28.41 -25.62
N SER F 388 22.69 27.15 -25.70
CA SER F 388 21.98 25.99 -25.10
C SER F 388 21.68 26.27 -23.64
N ALA F 389 20.68 25.58 -23.07
CA ALA F 389 20.32 25.70 -21.64
C ALA F 389 21.55 25.45 -20.79
N ASN F 390 22.29 24.38 -21.07
CA ASN F 390 23.48 24.02 -20.25
C ASN F 390 24.52 25.15 -20.33
N ASP F 391 24.65 25.84 -21.47
CA ASP F 391 25.60 26.96 -21.62
C ASP F 391 25.04 28.21 -20.90
N ALA F 392 23.73 28.41 -20.87
CA ALA F 392 23.12 29.54 -20.13
C ALA F 392 23.43 29.38 -18.64
N LEU F 393 23.27 28.17 -18.10
CA LEU F 393 23.58 27.84 -16.68
C LEU F 393 25.05 28.17 -16.41
N PHE F 394 25.93 27.72 -17.30
CA PHE F 394 27.40 27.88 -17.18
C PHE F 394 27.74 29.37 -17.23
N CYS F 395 27.23 30.11 -18.22
CA CYS F 395 27.50 31.56 -18.39
C CYS F 395 27.09 32.32 -17.13
N ALA F 396 25.87 32.09 -16.63
CA ALA F 396 25.32 32.78 -15.44
C ALA F 396 26.21 32.51 -14.22
N THR F 397 26.65 31.26 -14.06
CA THR F 397 27.44 30.81 -12.89
C THR F 397 28.86 31.43 -12.99
N LEU F 398 29.52 31.36 -14.16
CA LEU F 398 30.85 31.99 -14.40
C LEU F 398 30.78 33.46 -14.02
N ALA F 399 29.78 34.17 -14.55
CA ALA F 399 29.62 35.63 -14.38
C ALA F 399 29.42 35.94 -12.90
N THR F 400 28.57 35.16 -12.22
CA THR F 400 28.17 35.39 -10.81
C THR F 400 29.42 35.25 -9.93
N LEU F 401 30.17 34.16 -10.11
CA LEU F 401 31.38 33.87 -9.29
C LEU F 401 32.48 34.88 -9.63
N ALA F 402 32.57 35.32 -10.88
CA ALA F 402 33.52 36.37 -11.31
C ALA F 402 33.27 37.62 -10.46
N VAL F 403 32.02 38.01 -10.26
CA VAL F 403 31.64 39.24 -9.48
C VAL F 403 31.97 38.99 -8.00
N HIS F 404 31.62 37.83 -7.45
CA HIS F 404 31.94 37.48 -6.03
C HIS F 404 33.44 37.71 -5.80
N GLU F 405 34.29 37.15 -6.66
CA GLU F 405 35.75 37.09 -6.46
C GLU F 405 36.40 38.46 -6.74
N ALA F 406 35.93 39.21 -7.73
CA ALA F 406 36.42 40.57 -8.03
C ALA F 406 36.08 41.50 -6.85
N MET F 407 34.86 41.40 -6.32
CA MET F 407 34.44 42.18 -5.13
C MET F 407 35.40 41.83 -3.98
N ALA F 408 35.80 40.56 -3.87
CA ALA F 408 36.71 40.03 -2.83
C ALA F 408 38.17 40.25 -3.21
N GLY F 409 38.45 41.12 -4.20
CA GLY F 409 39.79 41.67 -4.47
C GLY F 409 40.62 40.88 -5.47
N ALA F 410 40.14 39.75 -5.98
CA ALA F 410 40.82 38.99 -7.05
C ALA F 410 41.08 39.93 -8.24
N THR F 411 42.28 39.88 -8.82
CA THR F 411 42.68 40.67 -10.03
C THR F 411 43.77 39.92 -10.81
N GLY F 412 43.92 40.27 -12.10
CA GLY F 412 44.91 39.66 -13.01
C GLY F 412 44.65 38.18 -13.27
N CYS F 413 43.42 37.71 -13.06
CA CYS F 413 43.05 36.28 -13.19
C CYS F 413 41.84 36.12 -14.12
N ILE F 414 41.59 34.88 -14.52
CA ILE F 414 40.36 34.44 -15.25
C ILE F 414 39.64 33.44 -14.34
N ILE F 415 38.33 33.29 -14.55
CA ILE F 415 37.53 32.18 -13.96
C ILE F 415 37.45 31.07 -15.02
N ALA F 416 37.54 29.82 -14.57
CA ALA F 416 37.62 28.65 -15.46
C ALA F 416 36.94 27.46 -14.81
N MET F 417 36.75 26.39 -15.57
CA MET F 417 36.15 25.16 -15.03
C MET F 417 37.04 23.96 -15.30
N ARG F 418 37.32 23.18 -14.26
CA ARG F 418 38.07 21.90 -14.30
C ARG F 418 37.35 20.91 -13.40
N HIS F 419 37.23 19.64 -13.81
CA HIS F 419 36.77 18.54 -12.94
C HIS F 419 35.48 18.98 -12.24
N ASN F 420 34.62 19.70 -12.96
CA ASN F 420 33.25 20.00 -12.47
C ASN F 420 33.25 21.15 -11.45
N ASN F 421 34.37 21.84 -11.21
CA ASN F 421 34.44 22.95 -10.23
C ASN F 421 34.96 24.24 -10.88
N TYR F 422 34.47 25.37 -10.37
CA TYR F 422 34.87 26.73 -10.81
C TYR F 422 36.13 27.11 -10.03
N ILE F 423 37.18 27.52 -10.75
CA ILE F 423 38.52 27.85 -10.21
C ILE F 423 38.96 29.23 -10.72
N LEU F 424 39.97 29.82 -10.06
CA LEU F 424 40.66 31.06 -10.52
C LEU F 424 42.05 30.67 -10.99
N VAL F 425 42.52 31.28 -12.08
CA VAL F 425 43.84 31.00 -12.71
C VAL F 425 44.42 32.34 -13.11
N PRO F 426 45.65 32.68 -12.70
CA PRO F 426 46.28 33.92 -13.16
C PRO F 426 46.33 33.96 -14.69
N ILE F 427 46.20 35.16 -15.25
CA ILE F 427 46.21 35.38 -16.71
C ILE F 427 47.56 34.93 -17.28
N LYS F 428 48.67 35.25 -16.60
CA LYS F 428 50.04 34.97 -17.12
C LYS F 428 50.15 33.51 -17.55
N VAL F 429 49.83 32.56 -16.66
CA VAL F 429 49.95 31.09 -16.95
C VAL F 429 48.90 30.66 -17.96
N ALA F 430 47.68 31.22 -17.88
CA ALA F 430 46.55 30.81 -18.73
C ALA F 430 46.82 31.20 -20.20
N THR F 431 47.60 32.26 -20.42
CA THR F 431 47.89 32.85 -21.75
C THR F 431 49.27 32.41 -22.26
N SER F 432 49.98 31.53 -21.55
CA SER F 432 51.34 31.07 -21.90
C SER F 432 51.25 29.89 -22.88
N VAL F 433 50.23 29.05 -22.73
CA VAL F 433 50.13 27.76 -23.47
C VAL F 433 48.67 27.54 -23.91
N ARG F 434 48.51 27.06 -25.14
CA ARG F 434 47.22 26.69 -25.77
C ARG F 434 46.94 25.21 -25.48
N ARG F 435 45.69 24.86 -25.20
CA ARG F 435 45.24 23.45 -25.03
C ARG F 435 44.82 22.90 -26.40
N VAL F 436 44.95 21.59 -26.57
CA VAL F 436 44.90 20.89 -27.87
C VAL F 436 44.37 19.47 -27.58
N LEU F 437 43.75 18.81 -28.55
CA LEU F 437 43.23 17.43 -28.35
C LEU F 437 44.37 16.54 -27.86
N ASP F 438 44.14 15.77 -26.81
CA ASP F 438 45.04 14.64 -26.43
C ASP F 438 44.67 13.46 -27.33
N LEU F 439 45.55 13.07 -28.26
CA LEU F 439 45.29 11.96 -29.21
C LEU F 439 45.26 10.63 -28.46
N ARG F 440 45.65 10.62 -27.18
CA ARG F 440 45.60 9.42 -26.31
C ARG F 440 44.56 9.64 -25.21
N GLY F 441 43.80 10.74 -25.28
CA GLY F 441 42.72 11.10 -24.33
C GLY F 441 41.41 10.39 -24.65
N GLN F 442 40.40 10.55 -23.80
CA GLN F 442 39.15 9.76 -23.81
C GLN F 442 38.30 10.17 -25.04
N LEU F 443 38.19 11.47 -25.34
CA LEU F 443 37.34 11.98 -26.45
C LEU F 443 37.85 11.44 -27.78
N TRP F 444 39.14 11.60 -28.08
CA TRP F 444 39.72 11.21 -29.38
C TRP F 444 39.61 9.68 -29.56
N ARG F 445 39.74 8.92 -28.47
CA ARG F 445 39.52 7.45 -28.48
C ARG F 445 38.09 7.18 -28.95
N GLN F 446 37.10 7.91 -28.42
CA GLN F 446 35.67 7.73 -28.77
C GLN F 446 35.47 8.10 -30.25
N VAL F 447 36.14 9.13 -30.78
CA VAL F 447 36.04 9.52 -32.22
C VAL F 447 36.49 8.33 -33.07
N ARG F 448 37.56 7.63 -32.68
CA ARG F 448 38.13 6.55 -33.51
C ARG F 448 37.26 5.29 -33.46
N GLU F 449 36.41 5.15 -32.44
CA GLU F 449 35.52 3.96 -32.31
C GLU F 449 34.43 4.03 -33.38
N ILE F 450 34.04 5.25 -33.79
CA ILE F 450 32.88 5.47 -34.71
C ILE F 450 33.37 5.71 -36.14
N THR F 451 34.63 6.11 -36.32
CA THR F 451 35.19 6.46 -37.65
C THR F 451 35.81 5.21 -38.28
N VAL F 452 36.14 5.28 -39.57
CA VAL F 452 36.63 4.10 -40.31
C VAL F 452 38.12 3.92 -39.97
N ASP F 453 38.55 2.67 -39.84
CA ASP F 453 39.94 2.24 -39.54
C ASP F 453 40.50 1.56 -40.78
N LEU F 454 41.82 1.50 -40.90
CA LEU F 454 42.53 0.72 -41.95
C LEU F 454 42.95 -0.58 -41.26
N GLY F 455 42.67 -1.74 -41.84
CA GLY F 455 43.11 -3.02 -41.25
C GLY F 455 42.15 -3.58 -40.19
N SER F 456 40.86 -3.26 -40.20
CA SER F 456 39.79 -4.29 -40.04
C SER F 456 39.83 -5.15 -41.30
N ASP F 457 39.47 -6.43 -41.21
CA ASP F 457 39.12 -7.20 -42.45
C ASP F 457 37.69 -6.78 -42.82
N VAL F 458 37.51 -5.97 -43.88
CA VAL F 458 36.19 -5.38 -44.25
C VAL F 458 35.33 -6.45 -44.90
N ARG F 459 35.96 -7.38 -45.63
CA ARG F 459 35.27 -8.51 -46.29
C ARG F 459 34.71 -9.41 -45.17
N LEU F 460 35.54 -9.81 -44.21
CA LEU F 460 35.13 -10.65 -43.05
C LEU F 460 34.00 -9.96 -42.29
N ALA F 461 34.13 -8.65 -42.03
CA ALA F 461 33.14 -7.83 -41.29
C ALA F 461 31.77 -7.88 -42.01
N ARG F 462 31.75 -7.73 -43.33
CA ARG F 462 30.50 -7.73 -44.12
C ARG F 462 29.89 -9.14 -44.11
N LYS F 463 30.74 -10.16 -44.22
CA LYS F 463 30.31 -11.58 -44.18
C LYS F 463 29.51 -11.80 -42.90
N LEU F 464 30.07 -11.41 -41.75
CA LEU F 464 29.43 -11.63 -40.43
C LEU F 464 28.17 -10.77 -40.30
N GLU F 465 28.15 -9.58 -40.88
CA GLU F 465 26.98 -8.65 -40.77
C GLU F 465 25.82 -9.22 -41.60
N ILE F 466 26.12 -9.88 -42.72
CA ILE F 466 25.07 -10.53 -43.55
C ILE F 466 24.47 -11.70 -42.74
N ARG F 467 25.28 -12.47 -42.04
CA ARG F 467 24.82 -13.56 -41.14
C ARG F 467 23.86 -12.98 -40.08
N ARG F 468 24.27 -11.93 -39.36
CA ARG F 468 23.45 -11.29 -38.29
C ARG F 468 22.09 -10.87 -38.88
N GLU F 469 22.09 -10.32 -40.09
CA GLU F 469 20.86 -9.82 -40.75
C GLU F 469 19.98 -10.99 -41.21
N LEU F 470 20.57 -12.06 -41.74
CA LEU F 470 19.83 -13.29 -42.17
C LEU F 470 19.16 -13.94 -40.97
N GLU F 471 19.80 -13.93 -39.81
CA GLU F 471 19.24 -14.51 -38.55
C GLU F 471 17.98 -13.71 -38.18
N ALA F 472 18.01 -12.38 -38.35
CA ALA F 472 16.87 -11.48 -38.09
C ALA F 472 15.73 -11.79 -39.05
N ILE F 473 16.04 -11.86 -40.33
CA ILE F 473 15.06 -12.15 -41.42
C ILE F 473 14.38 -13.50 -41.13
N ASN F 474 15.15 -14.54 -40.79
CA ASN F 474 14.62 -15.91 -40.57
C ASN F 474 13.71 -15.93 -39.33
N ARG F 475 14.08 -15.26 -38.24
CA ARG F 475 13.24 -15.23 -37.01
C ARG F 475 11.95 -14.49 -37.32
N ASN F 476 12.03 -13.41 -38.09
CA ASN F 476 10.85 -12.61 -38.50
C ASN F 476 9.94 -13.42 -39.42
N ARG F 477 10.53 -14.10 -40.41
CA ARG F 477 9.78 -14.97 -41.36
C ARG F 477 8.98 -15.99 -40.55
N ASP F 478 9.57 -16.54 -39.48
CA ASP F 478 8.95 -17.60 -38.64
C ASP F 478 7.81 -16.99 -37.82
N ARG F 479 8.06 -15.87 -37.12
CA ARG F 479 7.05 -15.23 -36.23
C ARG F 479 5.84 -14.80 -37.08
N LEU F 480 6.07 -14.43 -38.35
CA LEU F 480 5.01 -13.96 -39.28
C LEU F 480 4.19 -15.13 -39.80
N HIS F 481 4.82 -16.20 -40.27
CA HIS F 481 4.12 -17.42 -40.76
C HIS F 481 3.24 -17.99 -39.64
N GLU F 482 3.68 -17.87 -38.39
CA GLU F 482 2.94 -18.30 -37.17
C GLU F 482 1.69 -17.42 -36.99
N GLU F 483 1.87 -16.12 -36.74
CA GLU F 483 0.74 -15.15 -36.61
C GLU F 483 -0.29 -15.36 -37.73
N LEU F 484 0.17 -15.59 -38.96
CA LEU F 484 -0.70 -15.74 -40.17
C LEU F 484 -1.50 -17.05 -40.09
N ALA F 485 -0.94 -18.12 -39.49
CA ALA F 485 -1.63 -19.44 -39.38
C ALA F 485 -2.85 -19.33 -38.44
N LYS F 486 -2.81 -18.44 -37.43
CA LYS F 486 -3.86 -18.29 -36.40
C LYS F 486 -4.82 -17.14 -36.76
N LEU F 487 -4.78 -16.65 -38.00
CA LEU F 487 -5.78 -15.66 -38.50
C LEU F 487 -6.80 -16.41 -39.37
N ASN G 22 0.52 32.56 -70.56
CA ASN G 22 -0.07 33.85 -71.11
C ASN G 22 -1.35 33.49 -71.89
N SER G 23 -1.17 32.64 -72.91
CA SER G 23 -2.17 32.15 -73.89
C SER G 23 -2.50 30.68 -73.55
N VAL G 24 -2.73 30.44 -72.26
CA VAL G 24 -3.19 29.11 -71.71
C VAL G 24 -4.70 29.01 -71.90
N THR G 25 -5.19 27.84 -72.34
CA THR G 25 -6.61 27.57 -72.68
C THR G 25 -7.17 26.51 -71.71
N GLN G 26 -8.50 26.42 -71.57
CA GLN G 26 -9.16 25.42 -70.68
C GLN G 26 -8.72 24.00 -71.05
N GLU G 27 -8.39 23.74 -72.31
CA GLU G 27 -7.99 22.39 -72.82
C GLU G 27 -6.61 22.04 -72.25
N ASP G 28 -5.71 23.01 -72.09
CA ASP G 28 -4.36 22.82 -71.51
C ASP G 28 -4.48 22.32 -70.06
N LEU G 29 -5.61 22.61 -69.38
CA LEU G 29 -5.85 22.27 -67.96
C LEU G 29 -6.69 21.00 -67.83
N LYS G 30 -7.16 20.42 -68.93
CA LYS G 30 -8.01 19.19 -68.88
C LYS G 30 -7.10 18.04 -68.45
N VAL G 31 -7.39 17.45 -67.30
CA VAL G 31 -6.58 16.35 -66.70
C VAL G 31 -6.99 15.03 -67.33
N ASP G 32 -6.04 14.35 -67.95
CA ASP G 32 -6.17 13.00 -68.54
C ASP G 32 -6.70 12.01 -67.50
N ARG G 33 -7.67 11.17 -67.88
CA ARG G 33 -8.16 10.03 -67.07
C ARG G 33 -7.99 8.75 -67.89
N LEU G 34 -7.39 7.72 -67.31
CA LEU G 34 -7.36 6.37 -67.93
C LEU G 34 -8.81 5.94 -68.13
N PRO G 35 -9.11 5.16 -69.19
CA PRO G 35 -10.51 4.84 -69.53
C PRO G 35 -11.09 3.81 -68.54
N GLY G 36 -12.28 4.13 -68.00
CA GLY G 36 -13.07 3.22 -67.14
C GLY G 36 -12.90 3.54 -65.67
N ALA G 37 -14.00 3.43 -64.92
CA ALA G 37 -14.06 3.54 -63.44
C ALA G 37 -14.99 2.44 -62.93
N ASP G 38 -14.51 1.19 -63.03
CA ASP G 38 -15.35 -0.03 -62.92
C ASP G 38 -15.47 -0.49 -61.47
N TYR G 39 -14.74 0.10 -60.52
CA TYR G 39 -14.65 -0.41 -59.13
C TYR G 39 -15.17 0.64 -58.16
N PRO G 40 -15.87 0.22 -57.09
CA PRO G 40 -16.32 1.15 -56.06
C PRO G 40 -15.13 1.49 -55.15
N ASN G 41 -15.09 2.71 -54.61
CA ASN G 41 -14.05 3.13 -53.65
C ASN G 41 -14.22 2.32 -52.37
N PRO G 42 -13.21 1.52 -51.96
CA PRO G 42 -13.33 0.70 -50.75
C PRO G 42 -13.15 1.47 -49.43
N SER G 43 -12.72 2.74 -49.49
CA SER G 43 -12.39 3.56 -48.29
C SER G 43 -13.53 3.48 -47.28
N LYS G 44 -13.18 3.13 -46.04
CA LYS G 44 -14.07 3.06 -44.86
C LYS G 44 -13.71 4.21 -43.90
N LYS G 45 -13.13 5.30 -44.42
CA LYS G 45 -12.55 6.41 -43.62
C LYS G 45 -13.60 7.49 -43.37
N TYR G 46 -14.48 7.75 -44.34
CA TYR G 46 -15.54 8.79 -44.29
C TYR G 46 -16.82 8.22 -43.68
N SER G 47 -17.69 9.08 -43.11
CA SER G 47 -18.93 8.73 -42.37
C SER G 47 -19.90 7.92 -43.27
N SER G 48 -20.17 8.38 -44.49
CA SER G 48 -21.05 7.69 -45.48
C SER G 48 -20.44 7.76 -46.89
N ARG G 49 -21.13 7.18 -47.87
CA ARG G 49 -20.71 7.06 -49.30
C ARG G 49 -20.93 8.37 -50.08
N THR G 50 -21.63 9.35 -49.49
CA THR G 50 -21.99 10.65 -50.13
C THR G 50 -20.79 11.60 -50.10
N GLU G 51 -19.74 11.28 -49.34
CA GLU G 51 -18.54 12.14 -49.14
C GLU G 51 -17.46 11.84 -50.19
N PHE G 52 -17.66 10.81 -51.02
CA PHE G 52 -16.89 10.55 -52.28
C PHE G 52 -17.53 11.38 -53.39
N ARG G 53 -16.82 11.65 -54.48
CA ARG G 53 -17.28 12.59 -55.54
C ARG G 53 -17.74 11.82 -56.79
N ASP G 54 -18.99 12.07 -57.20
CA ASP G 54 -19.63 11.57 -58.44
C ASP G 54 -18.98 12.18 -59.68
N LYS G 55 -18.72 13.49 -59.64
CA LYS G 55 -18.32 14.32 -60.82
C LYS G 55 -17.10 15.17 -60.47
N THR G 56 -16.43 15.72 -61.48
CA THR G 56 -15.27 16.64 -61.32
C THR G 56 -15.79 18.00 -60.84
N ASP G 57 -15.26 18.51 -59.72
CA ASP G 57 -15.52 19.88 -59.20
C ASP G 57 -14.33 20.78 -59.61
N TYR G 58 -14.58 22.07 -59.81
CA TYR G 58 -13.57 23.06 -60.29
C TYR G 58 -13.47 24.22 -59.30
N ILE G 59 -12.38 24.97 -59.41
CA ILE G 59 -12.12 26.26 -58.71
C ILE G 59 -11.53 27.23 -59.75
N MET G 60 -11.83 28.52 -59.65
CA MET G 60 -11.34 29.53 -60.61
C MET G 60 -9.84 29.70 -60.48
N TYR G 61 -9.15 29.76 -61.61
CA TYR G 61 -7.71 30.12 -61.69
C TYR G 61 -7.49 31.48 -61.03
N ASN G 62 -8.40 32.42 -61.20
CA ASN G 62 -8.26 33.82 -60.73
C ASN G 62 -9.59 34.28 -60.12
N PRO G 63 -9.71 34.36 -58.79
CA PRO G 63 -10.97 34.69 -58.13
C PRO G 63 -11.21 36.20 -57.97
N ARG G 64 -10.60 37.03 -58.82
CA ARG G 64 -10.82 38.50 -58.88
C ARG G 64 -11.95 38.79 -59.87
N PRO G 65 -12.87 39.73 -59.58
CA PRO G 65 -13.99 40.02 -60.47
C PRO G 65 -13.54 40.87 -61.67
N ARG G 66 -14.22 40.74 -62.81
CA ARG G 66 -13.93 41.47 -64.07
C ARG G 66 -14.49 42.89 -63.97
N ASP G 67 -15.75 43.03 -63.50
CA ASP G 67 -16.51 44.30 -63.40
C ASP G 67 -16.59 44.73 -61.92
N GLU G 68 -17.05 45.94 -61.64
CA GLU G 68 -17.31 46.46 -60.27
C GLU G 68 -18.48 45.67 -59.66
N PRO G 69 -18.71 45.69 -58.32
CA PRO G 69 -19.83 44.95 -57.72
C PRO G 69 -21.18 45.38 -58.29
N SER G 70 -22.01 44.43 -58.75
CA SER G 70 -23.37 44.65 -59.31
C SER G 70 -24.40 43.96 -58.40
N SER G 71 -25.66 43.85 -58.85
CA SER G 71 -26.70 42.97 -58.26
C SER G 71 -26.40 41.51 -58.62
N GLU G 72 -26.01 41.24 -59.88
CA GLU G 72 -25.75 39.86 -60.38
C GLU G 72 -24.32 39.44 -59.97
N ASN G 73 -24.09 38.12 -59.88
CA ASN G 73 -22.89 37.51 -59.23
C ASN G 73 -21.63 37.94 -59.97
N PRO G 74 -20.45 38.00 -59.29
CA PRO G 74 -19.20 38.37 -59.92
C PRO G 74 -18.69 37.34 -60.95
N VAL G 75 -17.86 37.81 -61.88
CA VAL G 75 -17.33 36.98 -63.02
C VAL G 75 -15.79 37.06 -63.00
N SER G 76 -15.11 35.94 -63.22
CA SER G 76 -13.62 35.86 -63.18
C SER G 76 -13.01 36.69 -64.31
N VAL G 77 -11.91 37.39 -64.01
CA VAL G 77 -11.00 38.05 -64.99
C VAL G 77 -10.46 37.00 -65.97
N SER G 78 -10.31 35.74 -65.55
CA SER G 78 -9.72 34.62 -66.36
C SER G 78 -10.81 33.64 -66.78
N PRO G 79 -10.76 33.09 -68.01
CA PRO G 79 -11.67 32.01 -68.41
C PRO G 79 -11.38 30.66 -67.71
N LEU G 80 -10.21 30.53 -67.09
CA LEU G 80 -9.62 29.23 -66.71
C LEU G 80 -10.23 28.69 -65.41
N LEU G 81 -10.48 27.37 -65.39
CA LEU G 81 -10.94 26.57 -64.23
C LEU G 81 -9.95 25.44 -64.00
N CYS G 82 -9.51 25.26 -62.75
CA CYS G 82 -8.57 24.21 -62.32
C CYS G 82 -9.37 23.09 -61.65
N GLU G 83 -9.07 21.84 -62.01
CA GLU G 83 -9.74 20.65 -61.46
C GLU G 83 -9.32 20.45 -59.99
N LEU G 84 -10.27 20.34 -59.07
CA LEU G 84 -10.01 20.06 -57.62
C LEU G 84 -9.74 18.58 -57.41
N ALA G 85 -8.81 18.26 -56.49
CA ALA G 85 -8.43 16.88 -56.10
C ALA G 85 -9.31 16.41 -54.93
N ALA G 86 -9.89 15.22 -55.07
CA ALA G 86 -10.66 14.56 -54.00
C ALA G 86 -10.83 13.07 -54.28
N ALA G 87 -11.08 12.30 -53.23
CA ALA G 87 -11.46 10.87 -53.29
C ALA G 87 -12.74 10.76 -54.11
N ARG G 88 -12.79 9.78 -55.04
CA ARG G 88 -13.89 9.59 -56.02
C ARG G 88 -14.72 8.35 -55.64
N SER G 89 -16.02 8.37 -55.94
CA SER G 89 -17.00 7.27 -55.74
C SER G 89 -16.53 6.02 -56.47
N ARG G 90 -16.10 6.21 -57.72
CA ARG G 90 -15.68 5.12 -58.63
C ARG G 90 -14.21 5.35 -58.97
N ILE G 91 -13.42 4.28 -58.94
CA ILE G 91 -11.95 4.30 -59.19
C ILE G 91 -11.63 3.39 -60.38
N HIS G 92 -10.49 3.64 -61.04
CA HIS G 92 -10.07 2.96 -62.30
C HIS G 92 -9.37 1.64 -61.99
N PHE G 93 -8.59 1.58 -60.92
CA PHE G 93 -7.74 0.41 -60.57
C PHE G 93 -8.44 -0.42 -59.51
N ASN G 94 -8.42 -1.74 -59.70
CA ASN G 94 -8.91 -2.74 -58.72
C ASN G 94 -7.93 -2.79 -57.55
N PRO G 95 -8.30 -2.26 -56.36
CA PRO G 95 -7.33 -2.09 -55.26
C PRO G 95 -6.49 -3.34 -54.94
N THR G 96 -7.13 -4.49 -54.75
CA THR G 96 -6.57 -5.80 -54.37
C THR G 96 -5.49 -6.28 -55.37
N GLU G 97 -5.55 -5.80 -56.61
CA GLU G 97 -4.64 -6.21 -57.73
C GLU G 97 -3.68 -5.07 -58.10
N THR G 98 -3.72 -3.93 -57.39
CA THR G 98 -2.94 -2.71 -57.74
C THR G 98 -1.58 -2.72 -57.00
N THR G 99 -0.52 -2.41 -57.75
CA THR G 99 0.85 -2.19 -57.24
C THR G 99 1.21 -0.72 -57.47
N ILE G 100 1.62 0.00 -56.41
CA ILE G 100 2.07 1.41 -56.47
C ILE G 100 3.60 1.42 -56.50
N GLY G 101 4.18 2.18 -57.42
CA GLY G 101 5.64 2.48 -57.44
C GLY G 101 5.87 3.90 -57.03
N ILE G 102 6.98 4.17 -56.34
CA ILE G 102 7.42 5.55 -55.93
C ILE G 102 8.86 5.73 -56.39
N VAL G 103 9.20 6.90 -56.91
CA VAL G 103 10.60 7.26 -57.25
C VAL G 103 10.82 8.73 -56.87
N THR G 104 11.95 9.02 -56.24
CA THR G 104 12.37 10.39 -55.83
C THR G 104 13.61 10.76 -56.65
N CYS G 105 13.54 11.87 -57.37
CA CYS G 105 14.60 12.34 -58.31
C CYS G 105 15.06 13.75 -57.91
N GLY G 106 16.29 14.08 -58.28
CA GLY G 106 16.85 15.43 -58.10
C GLY G 106 17.29 15.67 -56.67
N GLY G 107 17.72 16.89 -56.39
CA GLY G 107 18.18 17.31 -55.05
C GLY G 107 17.10 17.05 -54.03
N ILE G 108 17.49 16.65 -52.82
CA ILE G 108 16.52 16.39 -51.72
C ILE G 108 15.89 17.71 -51.31
N CYS G 109 14.84 17.62 -50.50
CA CYS G 109 13.89 18.71 -50.20
C CYS G 109 13.16 18.32 -48.92
N PRO G 110 12.93 19.24 -47.96
CA PRO G 110 12.31 18.85 -46.70
C PRO G 110 10.92 18.24 -46.96
N GLY G 111 10.64 17.06 -46.38
CA GLY G 111 9.35 16.37 -46.49
C GLY G 111 9.34 15.22 -47.49
N LEU G 112 10.46 14.93 -48.15
CA LEU G 112 10.53 13.78 -49.09
C LEU G 112 10.05 12.50 -48.41
N ASN G 113 10.58 12.19 -47.23
CA ASN G 113 10.22 10.95 -46.48
C ASN G 113 8.74 11.02 -46.09
N ASP G 114 8.23 12.19 -45.74
CA ASP G 114 6.79 12.37 -45.40
C ASP G 114 5.94 11.96 -46.61
N VAL G 115 6.36 12.32 -47.82
CA VAL G 115 5.59 12.03 -49.07
C VAL G 115 5.63 10.52 -49.32
N ILE G 116 6.81 9.90 -49.22
CA ILE G 116 6.96 8.43 -49.40
C ILE G 116 6.05 7.73 -48.37
N ARG G 117 6.08 8.20 -47.13
CA ARG G 117 5.34 7.59 -46.01
C ARG G 117 3.83 7.68 -46.29
N SER G 118 3.33 8.84 -46.72
CA SER G 118 1.87 9.07 -46.87
C SER G 118 1.33 8.37 -48.11
N ILE G 119 2.10 8.30 -49.20
CA ILE G 119 1.71 7.48 -50.39
C ILE G 119 1.53 6.04 -49.91
N THR G 120 2.53 5.51 -49.22
CA THR G 120 2.57 4.10 -48.75
C THR G 120 1.37 3.84 -47.84
N LEU G 121 1.15 4.67 -46.81
CA LEU G 121 0.07 4.44 -45.81
C LEU G 121 -1.31 4.67 -46.43
N THR G 122 -1.47 5.61 -47.35
CA THR G 122 -2.77 5.83 -48.02
C THR G 122 -3.06 4.61 -48.89
N GLY G 123 -2.09 4.16 -49.67
CA GLY G 123 -2.20 2.95 -50.51
C GLY G 123 -2.66 1.75 -49.69
N ILE G 124 -2.09 1.57 -48.51
CA ILE G 124 -2.29 0.36 -47.67
C ILE G 124 -3.51 0.52 -46.76
N ASN G 125 -3.55 1.58 -45.93
CA ASN G 125 -4.61 1.75 -44.89
C ASN G 125 -5.96 2.08 -45.52
N VAL G 126 -5.99 2.76 -46.67
CA VAL G 126 -7.25 3.27 -47.27
C VAL G 126 -7.72 2.32 -48.36
N TYR G 127 -6.85 1.98 -49.33
CA TYR G 127 -7.21 1.24 -50.56
C TYR G 127 -6.87 -0.25 -50.43
N ASN G 128 -6.05 -0.63 -49.46
CA ASN G 128 -5.61 -2.05 -49.26
C ASN G 128 -4.94 -2.58 -50.54
N VAL G 129 -4.11 -1.77 -51.19
CA VAL G 129 -3.40 -2.15 -52.45
C VAL G 129 -2.52 -3.38 -52.17
N LYS G 130 -2.24 -4.17 -53.20
CA LYS G 130 -1.53 -5.45 -53.06
C LYS G 130 -0.11 -5.17 -52.55
N ARG G 131 0.54 -4.14 -53.08
CA ARG G 131 2.01 -3.96 -52.94
C ARG G 131 2.40 -2.51 -53.21
N VAL G 132 3.42 -2.01 -52.50
CA VAL G 132 4.04 -0.68 -52.76
C VAL G 132 5.55 -0.88 -52.95
N ILE G 133 6.10 -0.43 -54.07
CA ILE G 133 7.53 -0.59 -54.43
C ILE G 133 8.20 0.79 -54.40
N GLY G 134 9.36 0.89 -53.79
CA GLY G 134 10.20 2.10 -53.81
C GLY G 134 11.41 1.88 -54.70
N PHE G 135 11.41 2.48 -55.87
CA PHE G 135 12.56 2.46 -56.82
C PHE G 135 13.65 3.36 -56.23
N ARG G 136 14.90 2.92 -56.29
CA ARG G 136 16.02 3.59 -55.58
C ARG G 136 16.79 4.50 -56.54
N PHE G 137 17.26 5.63 -56.03
CA PHE G 137 18.23 6.54 -56.68
C PHE G 137 17.66 7.05 -58.00
N GLY G 138 16.42 7.55 -57.94
CA GLY G 138 15.78 8.23 -59.08
C GLY G 138 15.45 7.25 -60.19
N TYR G 139 15.30 7.75 -61.41
CA TYR G 139 14.89 6.97 -62.60
C TYR G 139 15.85 5.78 -62.78
N TRP G 140 17.11 5.90 -62.36
CA TRP G 140 18.09 4.78 -62.37
C TRP G 140 17.45 3.52 -61.77
N GLY G 141 16.63 3.67 -60.73
CA GLY G 141 15.99 2.54 -60.02
C GLY G 141 15.00 1.79 -60.89
N LEU G 142 14.58 2.36 -62.03
CA LEU G 142 13.62 1.71 -62.95
C LEU G 142 14.35 1.13 -64.18
N SER G 143 15.64 1.41 -64.34
CA SER G 143 16.52 0.72 -65.33
C SER G 143 16.57 -0.77 -64.97
N LYS G 144 16.99 -1.63 -65.90
CA LYS G 144 16.98 -3.10 -65.68
C LYS G 144 17.96 -3.44 -64.54
N LYS G 145 19.17 -2.88 -64.57
CA LYS G 145 20.20 -3.14 -63.53
C LYS G 145 19.73 -2.57 -62.19
N GLY G 146 19.15 -1.36 -62.20
CA GLY G 146 18.73 -0.63 -61.00
C GLY G 146 17.54 -1.24 -60.29
N SER G 147 16.67 -1.95 -61.00
CA SER G 147 15.38 -2.48 -60.46
C SER G 147 15.64 -3.60 -59.46
N GLN G 148 16.82 -4.22 -59.47
CA GLN G 148 17.23 -5.24 -58.48
C GLN G 148 17.24 -4.62 -57.08
N THR G 149 17.52 -3.32 -56.97
CA THR G 149 17.70 -2.60 -55.67
C THR G 149 16.37 -2.11 -55.11
N ALA G 150 15.28 -2.17 -55.89
CA ALA G 150 13.94 -1.69 -55.52
C ALA G 150 13.55 -2.30 -54.16
N ILE G 151 12.89 -1.53 -53.30
CA ILE G 151 12.57 -2.02 -51.93
C ILE G 151 11.05 -2.13 -51.77
N GLU G 152 10.63 -3.09 -50.95
CA GLU G 152 9.20 -3.32 -50.61
C GLU G 152 8.83 -2.38 -49.46
N LEU G 153 7.91 -1.45 -49.73
CA LEU G 153 7.38 -0.51 -48.73
C LEU G 153 6.12 -1.14 -48.13
N HIS G 154 6.27 -1.83 -47.01
CA HIS G 154 5.15 -2.23 -46.13
C HIS G 154 4.98 -1.16 -45.04
N ARG G 155 3.90 -1.24 -44.28
CA ARG G 155 3.49 -0.17 -43.31
C ARG G 155 4.59 0.00 -42.24
N GLY G 156 5.21 -1.09 -41.78
CA GLY G 156 6.24 -1.06 -40.73
C GLY G 156 7.54 -0.43 -41.20
N ARG G 157 7.80 -0.41 -42.50
CA ARG G 157 9.04 0.13 -43.10
C ARG G 157 9.05 1.66 -43.06
N VAL G 158 7.88 2.32 -43.00
CA VAL G 158 7.79 3.79 -43.18
C VAL G 158 7.38 4.47 -41.87
N THR G 159 7.16 3.72 -40.79
CA THR G 159 6.58 4.26 -39.54
C THR G 159 7.32 5.53 -39.07
N ASN G 160 8.65 5.56 -39.13
CA ASN G 160 9.48 6.58 -38.44
C ASN G 160 10.30 7.41 -39.43
N ILE G 161 10.10 7.25 -40.74
CA ILE G 161 11.04 7.85 -41.73
C ILE G 161 10.85 9.37 -41.77
N HIS G 162 9.73 9.89 -41.27
CA HIS G 162 9.38 11.34 -41.32
C HIS G 162 10.22 12.13 -40.31
N HIS G 163 10.95 11.46 -39.40
CA HIS G 163 11.78 12.14 -38.37
C HIS G 163 13.12 12.63 -38.93
N TYR G 164 13.53 12.21 -40.12
CA TYR G 164 14.89 12.59 -40.63
C TYR G 164 14.85 12.99 -42.10
N GLY G 165 15.87 13.76 -42.49
CA GLY G 165 16.02 14.39 -43.81
C GLY G 165 16.43 13.39 -44.88
N GLY G 166 16.38 13.84 -46.14
CA GLY G 166 16.76 13.02 -47.30
C GLY G 166 15.61 12.16 -47.75
N THR G 167 15.92 11.12 -48.54
CA THR G 167 14.97 10.13 -49.09
C THR G 167 15.48 8.72 -48.77
N ILE G 168 14.66 7.89 -48.13
CA ILE G 168 15.03 6.48 -47.84
C ILE G 168 15.24 5.72 -49.16
N LEU G 169 14.70 6.21 -50.28
CA LEU G 169 14.86 5.56 -51.61
C LEU G 169 16.18 6.01 -52.26
N GLY G 170 16.62 7.24 -51.99
CA GLY G 170 17.75 7.87 -52.69
C GLY G 170 17.28 8.57 -53.96
N SER G 171 18.17 9.40 -54.53
CA SER G 171 17.91 10.24 -55.72
C SER G 171 19.05 10.10 -56.70
N SER G 172 18.80 10.49 -57.95
CA SER G 172 19.79 10.88 -58.97
C SER G 172 19.14 11.89 -59.92
N ARG G 173 19.94 12.71 -60.60
CA ARG G 173 19.46 13.76 -61.55
C ARG G 173 19.28 13.14 -62.94
N GLY G 174 19.98 12.04 -63.25
CA GLY G 174 20.02 11.43 -64.61
C GLY G 174 18.66 10.99 -65.15
N PRO G 175 18.39 11.16 -66.48
CA PRO G 175 17.28 10.46 -67.13
C PRO G 175 17.70 9.04 -67.50
N GLN G 176 16.73 8.21 -67.90
CA GLN G 176 16.94 6.82 -68.34
C GLN G 176 16.10 6.55 -69.59
N ASP G 177 16.33 5.40 -70.25
CA ASP G 177 15.56 4.98 -71.44
C ASP G 177 14.10 4.73 -71.04
N PRO G 178 13.11 5.49 -71.57
CA PRO G 178 11.71 5.27 -71.22
C PRO G 178 11.23 3.84 -71.55
N LYS G 179 11.76 3.27 -72.63
CA LYS G 179 11.44 1.88 -73.06
C LYS G 179 11.85 0.92 -71.94
N GLU G 180 13.10 1.04 -71.45
CA GLU G 180 13.67 0.18 -70.38
C GLU G 180 12.81 0.34 -69.11
N MET G 181 12.37 1.56 -68.82
CA MET G 181 11.65 1.89 -67.57
C MET G 181 10.24 1.28 -67.61
N VAL G 182 9.52 1.41 -68.73
CA VAL G 182 8.16 0.80 -68.86
C VAL G 182 8.31 -0.74 -68.89
N ASP G 183 9.42 -1.28 -69.38
CA ASP G 183 9.72 -2.73 -69.29
C ASP G 183 9.67 -3.15 -67.81
N THR G 184 10.35 -2.39 -66.94
CA THR G 184 10.42 -2.65 -65.48
C THR G 184 9.02 -2.57 -64.86
N LEU G 185 8.25 -1.54 -65.20
CA LEU G 185 6.90 -1.34 -64.62
C LEU G 185 6.03 -2.56 -64.98
N GLU G 186 6.09 -3.03 -66.24
CA GLU G 186 5.36 -4.23 -66.72
C GLU G 186 5.82 -5.45 -65.91
N ARG G 187 7.13 -5.73 -65.88
CA ARG G 187 7.72 -6.95 -65.24
C ARG G 187 7.27 -7.03 -63.78
N LEU G 188 7.23 -5.91 -63.04
CA LEU G 188 6.97 -5.90 -61.58
C LEU G 188 5.48 -5.63 -61.30
N GLY G 189 4.66 -5.43 -62.35
CA GLY G 189 3.19 -5.31 -62.25
C GLY G 189 2.74 -3.98 -61.66
N VAL G 190 3.55 -2.94 -61.83
CA VAL G 190 3.27 -1.56 -61.30
C VAL G 190 2.17 -0.94 -62.15
N ASN G 191 1.09 -0.48 -61.50
CA ASN G 191 -0.08 0.12 -62.18
C ASN G 191 -0.05 1.65 -61.99
N ILE G 192 0.55 2.15 -60.90
CA ILE G 192 0.69 3.61 -60.63
C ILE G 192 2.16 3.91 -60.28
N LEU G 193 2.81 4.82 -61.00
CA LEU G 193 4.14 5.34 -60.63
C LEU G 193 4.00 6.80 -60.16
N PHE G 194 4.35 7.08 -58.90
CA PHE G 194 4.41 8.45 -58.34
C PHE G 194 5.83 8.98 -58.57
N THR G 195 5.96 10.03 -59.37
CA THR G 195 7.25 10.69 -59.71
C THR G 195 7.38 11.95 -58.85
N VAL G 196 8.22 11.87 -57.82
CA VAL G 196 8.57 13.03 -56.93
C VAL G 196 9.83 13.67 -57.49
N GLY G 197 9.71 14.87 -58.07
CA GLY G 197 10.84 15.58 -58.70
C GLY G 197 10.45 16.90 -59.34
N GLY G 198 11.41 17.58 -59.96
CA GLY G 198 11.22 18.89 -60.61
C GLY G 198 10.74 18.76 -62.04
N ASP G 199 10.76 19.86 -62.81
CA ASP G 199 10.20 19.88 -64.20
C ASP G 199 10.86 18.78 -65.03
N GLY G 200 12.19 18.67 -65.01
CA GLY G 200 12.92 17.58 -65.69
C GLY G 200 12.26 16.24 -65.44
N THR G 201 12.10 15.88 -64.16
CA THR G 201 11.50 14.58 -63.76
C THR G 201 10.08 14.45 -64.33
N GLN G 202 9.25 15.49 -64.22
CA GLN G 202 7.82 15.40 -64.63
C GLN G 202 7.72 15.33 -66.17
N ARG G 203 8.59 16.02 -66.90
CA ARG G 203 8.67 15.89 -68.38
C ARG G 203 8.95 14.44 -68.73
N GLY G 204 9.89 13.81 -68.03
CA GLY G 204 10.28 12.40 -68.24
C GLY G 204 9.14 11.46 -67.85
N ALA G 205 8.37 11.84 -66.83
CA ALA G 205 7.21 11.09 -66.31
C ALA G 205 6.13 11.02 -67.39
N LEU G 206 5.87 12.14 -68.05
CA LEU G 206 4.87 12.27 -69.15
C LEU G 206 5.25 11.34 -70.29
N VAL G 207 6.56 11.21 -70.59
CA VAL G 207 7.12 10.32 -71.65
C VAL G 207 6.88 8.86 -71.24
N ILE G 208 7.02 8.50 -69.96
CA ILE G 208 6.69 7.14 -69.46
C ILE G 208 5.20 6.86 -69.70
N SER G 209 4.34 7.81 -69.31
CA SER G 209 2.86 7.73 -69.44
C SER G 209 2.49 7.42 -70.89
N GLN G 210 3.15 8.09 -71.84
CA GLN G 210 2.86 8.03 -73.29
C GLN G 210 3.39 6.74 -73.89
N GLU G 211 4.57 6.27 -73.44
CA GLU G 211 5.15 4.97 -73.87
C GLU G 211 4.23 3.83 -73.42
N ALA G 212 3.70 3.92 -72.20
CA ALA G 212 2.76 2.94 -71.61
C ALA G 212 1.48 2.87 -72.44
N LYS G 213 0.92 4.03 -72.82
CA LYS G 213 -0.32 4.14 -73.65
C LYS G 213 -0.07 3.52 -75.03
N ARG G 214 1.07 3.82 -75.64
CA ARG G 214 1.52 3.28 -76.95
C ARG G 214 1.47 1.74 -76.92
N ARG G 215 1.89 1.09 -75.84
CA ARG G 215 1.91 -0.40 -75.69
C ARG G 215 0.55 -0.93 -75.20
N GLY G 216 -0.44 -0.06 -74.97
CA GLY G 216 -1.77 -0.41 -74.42
C GLY G 216 -1.67 -1.03 -73.03
N VAL G 217 -0.72 -0.58 -72.21
CA VAL G 217 -0.50 -1.05 -70.82
C VAL G 217 -1.14 -0.05 -69.84
N ASP G 218 -1.84 -0.58 -68.83
CA ASP G 218 -2.71 0.15 -67.89
C ASP G 218 -1.85 0.71 -66.75
N ILE G 219 -1.29 1.90 -66.93
CA ILE G 219 -0.34 2.56 -65.97
C ILE G 219 -0.69 4.04 -65.87
N SER G 220 -0.98 4.50 -64.66
CA SER G 220 -1.03 5.95 -64.30
C SER G 220 0.38 6.38 -63.95
N VAL G 221 0.82 7.53 -64.46
CA VAL G 221 2.03 8.21 -63.95
C VAL G 221 1.56 9.53 -63.36
N PHE G 222 1.83 9.77 -62.08
CA PHE G 222 1.31 10.92 -61.29
C PHE G 222 2.45 11.61 -60.56
N GLY G 223 2.59 12.92 -60.78
CA GLY G 223 3.72 13.72 -60.28
C GLY G 223 3.41 14.38 -58.94
N VAL G 224 4.33 14.31 -57.99
CA VAL G 224 4.35 15.20 -56.79
C VAL G 224 5.48 16.19 -57.01
N PRO G 225 5.17 17.47 -57.30
CA PRO G 225 6.19 18.46 -57.61
C PRO G 225 7.17 18.69 -56.44
N LYS G 226 8.45 18.52 -56.72
CA LYS G 226 9.56 18.80 -55.78
C LYS G 226 10.37 19.97 -56.32
N THR G 227 10.17 21.15 -55.74
CA THR G 227 11.01 22.35 -55.98
C THR G 227 10.94 23.25 -54.74
N ILE G 228 12.03 23.32 -54.01
CA ILE G 228 12.14 24.09 -52.75
C ILE G 228 12.00 25.59 -53.07
N ASP G 229 12.27 25.96 -54.32
CA ASP G 229 12.30 27.36 -54.80
C ASP G 229 10.88 27.94 -54.91
N ASN G 230 9.85 27.11 -54.92
CA ASN G 230 8.42 27.53 -54.99
C ASN G 230 8.17 28.20 -56.34
N ASP G 231 8.79 27.69 -57.42
CA ASP G 231 8.80 28.33 -58.76
C ASP G 231 7.94 27.51 -59.74
N LEU G 232 6.93 26.83 -59.22
CA LEU G 232 5.91 26.07 -60.01
C LEU G 232 4.76 27.02 -60.39
N SER G 233 4.42 27.09 -61.67
CA SER G 233 3.23 27.82 -62.16
C SER G 233 1.97 27.04 -61.74
N PHE G 234 0.83 27.72 -61.69
CA PHE G 234 -0.48 27.15 -61.30
C PHE G 234 -0.41 26.69 -59.85
N SER G 235 0.42 27.38 -59.05
CA SER G 235 0.84 26.98 -57.69
C SER G 235 1.21 28.22 -56.88
N HIS G 236 0.85 28.23 -55.59
CA HIS G 236 1.24 29.27 -54.62
C HIS G 236 2.27 28.72 -53.62
N ARG G 237 2.37 27.39 -53.49
CA ARG G 237 3.21 26.75 -52.45
C ARG G 237 3.56 25.32 -52.87
N THR G 238 4.85 25.00 -52.90
CA THR G 238 5.38 23.63 -53.08
C THR G 238 5.91 23.13 -51.73
N PHE G 239 5.94 21.82 -51.53
CA PHE G 239 6.32 21.25 -50.21
C PHE G 239 7.81 21.53 -49.97
N GLY G 240 8.14 21.90 -48.74
CA GLY G 240 9.53 22.10 -48.28
C GLY G 240 9.93 23.57 -48.31
N PHE G 241 9.24 24.39 -49.10
CA PHE G 241 9.57 25.83 -49.27
C PHE G 241 9.50 26.52 -47.90
N GLN G 242 8.40 26.37 -47.16
CA GLN G 242 8.24 27.01 -45.84
C GLN G 242 9.37 26.56 -44.91
N THR G 243 9.80 25.31 -45.01
CA THR G 243 10.89 24.77 -44.15
C THR G 243 12.20 25.46 -44.53
N ALA G 244 12.45 25.66 -45.82
CA ALA G 244 13.68 26.34 -46.31
C ALA G 244 13.72 27.76 -45.76
N VAL G 245 12.57 28.43 -45.66
CA VAL G 245 12.47 29.80 -45.12
C VAL G 245 12.83 29.79 -43.63
N GLU G 246 12.28 28.84 -42.87
CA GLU G 246 12.53 28.64 -41.41
C GLU G 246 14.04 28.61 -41.20
N LYS G 247 14.75 27.77 -41.98
CA LYS G 247 16.22 27.59 -41.88
C LYS G 247 16.95 28.82 -42.39
N ALA G 248 16.49 29.47 -43.46
CA ALA G 248 17.09 30.73 -43.96
C ALA G 248 17.08 31.76 -42.83
N VAL G 249 15.98 31.87 -42.10
CA VAL G 249 15.82 32.85 -40.99
C VAL G 249 16.91 32.57 -39.93
N GLN G 250 17.22 31.31 -39.68
CA GLN G 250 18.25 30.92 -38.70
C GLN G 250 19.59 31.51 -39.12
N ALA G 251 19.92 31.46 -40.41
CA ALA G 251 21.16 32.00 -41.01
C ALA G 251 21.14 33.53 -40.93
N ILE G 252 19.99 34.17 -41.12
CA ILE G 252 19.87 35.65 -41.08
C ILE G 252 20.05 36.14 -39.64
N ARG G 253 19.48 35.45 -38.65
CA ARG G 253 19.64 35.78 -37.21
C ARG G 253 21.13 35.80 -36.85
N ALA G 254 21.90 34.82 -37.32
CA ALA G 254 23.37 34.74 -37.14
C ALA G 254 24.05 35.93 -37.82
N ALA G 255 23.71 36.19 -39.08
CA ALA G 255 24.28 37.33 -39.84
C ALA G 255 24.04 38.63 -39.07
N TYR G 256 22.83 38.82 -38.56
CA TYR G 256 22.41 40.05 -37.82
C TYR G 256 23.23 40.14 -36.53
N ALA G 257 23.42 39.02 -35.83
CA ALA G 257 24.16 39.00 -34.54
C ALA G 257 25.61 39.44 -34.81
N GLU G 258 26.22 38.90 -35.87
CA GLU G 258 27.59 39.29 -36.28
C GLU G 258 27.63 40.80 -36.58
N ALA G 259 26.71 41.26 -37.44
CA ALA G 259 26.70 42.64 -37.95
C ALA G 259 26.48 43.64 -36.80
N VAL G 260 25.49 43.40 -35.95
CA VAL G 260 25.09 44.37 -34.90
C VAL G 260 26.17 44.43 -33.81
N SER G 261 27.02 43.42 -33.73
CA SER G 261 28.11 43.30 -32.73
C SER G 261 29.36 44.06 -33.19
N ALA G 262 29.35 44.62 -34.40
CA ALA G 262 30.50 45.35 -34.98
C ALA G 262 30.08 46.80 -35.23
N ASN G 263 31.02 47.74 -35.13
CA ASN G 263 30.79 49.14 -35.58
C ASN G 263 30.92 49.11 -37.09
N TYR G 264 29.88 49.50 -37.83
CA TYR G 264 29.81 49.36 -39.31
C TYR G 264 30.01 47.89 -39.68
N GLY G 265 29.17 47.02 -39.12
CA GLY G 265 29.14 45.57 -39.43
C GLY G 265 28.17 45.26 -40.54
N VAL G 266 28.56 44.35 -41.44
CA VAL G 266 27.69 43.89 -42.56
C VAL G 266 27.59 42.38 -42.50
N GLY G 267 26.38 41.85 -42.48
CA GLY G 267 26.12 40.41 -42.58
C GLY G 267 25.57 40.05 -43.95
N VAL G 268 26.22 39.16 -44.69
CA VAL G 268 25.75 38.73 -46.04
C VAL G 268 25.31 37.27 -45.96
N VAL G 269 24.05 36.99 -46.31
CA VAL G 269 23.49 35.62 -46.39
C VAL G 269 23.13 35.33 -47.84
N LYS G 270 23.75 34.30 -48.41
CA LYS G 270 23.34 33.72 -49.71
C LYS G 270 22.34 32.59 -49.44
N LEU G 271 21.22 32.59 -50.14
CA LEU G 271 20.19 31.53 -50.03
C LEU G 271 19.93 30.96 -51.41
N MET G 272 19.39 29.75 -51.47
CA MET G 272 18.92 29.14 -52.74
C MET G 272 17.92 30.05 -53.44
N GLY G 273 17.83 29.89 -54.77
CA GLY G 273 17.02 30.73 -55.66
C GLY G 273 17.75 30.95 -56.97
N ARG G 274 17.81 29.91 -57.81
CA ARG G 274 18.60 29.91 -59.06
C ARG G 274 17.95 30.87 -60.07
N ASP G 275 16.63 30.85 -60.19
CA ASP G 275 15.88 31.65 -61.19
C ASP G 275 14.76 32.46 -60.54
N SER G 276 14.55 32.32 -59.23
CA SER G 276 13.45 32.98 -58.49
C SER G 276 13.95 33.41 -57.12
N GLY G 277 13.29 34.38 -56.49
CA GLY G 277 13.71 34.96 -55.20
C GLY G 277 12.71 34.74 -54.10
N PHE G 278 11.85 33.73 -54.21
CA PHE G 278 10.78 33.43 -53.20
C PHE G 278 11.39 33.18 -51.82
N ILE G 279 12.44 32.36 -51.72
CA ILE G 279 13.08 32.03 -50.42
C ILE G 279 13.73 33.30 -49.86
N ALA G 280 14.55 33.99 -50.64
CA ALA G 280 15.23 35.24 -50.25
C ALA G 280 14.19 36.26 -49.76
N ALA G 281 13.09 36.44 -50.47
CA ALA G 281 12.05 37.45 -50.16
C ALA G 281 11.32 37.07 -48.86
N GLN G 282 10.83 35.83 -48.74
CA GLN G 282 10.07 35.41 -47.53
C GLN G 282 11.00 35.40 -46.32
N ALA G 283 12.23 34.90 -46.47
CA ALA G 283 13.23 34.86 -45.39
C ALA G 283 13.51 36.30 -44.93
N ALA G 284 13.68 37.21 -45.87
CA ALA G 284 13.92 38.65 -45.57
C ALA G 284 12.82 39.15 -44.64
N VAL G 285 11.56 38.98 -45.01
CA VAL G 285 10.41 39.53 -44.22
C VAL G 285 10.29 38.75 -42.91
N ALA G 286 10.32 37.42 -42.97
CA ALA G 286 10.17 36.52 -41.81
C ALA G 286 11.24 36.81 -40.78
N SER G 287 12.47 37.13 -41.18
CA SER G 287 13.60 37.42 -40.26
C SER G 287 13.31 38.73 -39.52
N ALA G 288 12.67 39.67 -40.21
CA ALA G 288 12.42 41.04 -39.70
C ALA G 288 13.74 41.77 -39.39
N GLN G 289 14.87 41.34 -39.96
CA GLN G 289 16.21 41.91 -39.68
C GLN G 289 16.92 42.33 -40.98
N ALA G 290 16.32 42.12 -42.15
CA ALA G 290 16.94 42.35 -43.47
C ALA G 290 16.93 43.84 -43.84
N ASN G 291 18.01 44.35 -44.44
CA ASN G 291 18.11 45.77 -44.91
C ASN G 291 18.18 45.85 -46.43
N ILE G 292 18.78 44.85 -47.08
CA ILE G 292 18.86 44.75 -48.57
C ILE G 292 18.52 43.31 -48.96
N CYS G 293 17.69 43.14 -49.98
CA CYS G 293 17.25 41.82 -50.49
C CYS G 293 17.43 41.79 -52.02
N LEU G 294 18.36 40.96 -52.49
CA LEU G 294 18.81 40.90 -53.92
C LEU G 294 18.30 39.60 -54.53
N VAL G 295 17.49 39.71 -55.58
CA VAL G 295 16.80 38.56 -56.23
C VAL G 295 16.98 38.68 -57.74
N PRO G 296 17.06 37.55 -58.48
CA PRO G 296 17.32 37.59 -59.91
C PRO G 296 16.26 38.39 -60.71
N GLU G 297 15.03 38.44 -60.22
CA GLU G 297 13.89 39.16 -60.86
C GLU G 297 14.13 40.67 -60.91
N ASN G 298 15.04 41.20 -60.07
CA ASN G 298 15.28 42.66 -59.91
C ASN G 298 16.79 42.92 -60.02
N PRO G 299 17.38 42.76 -61.23
CA PRO G 299 18.82 42.94 -61.39
C PRO G 299 19.17 44.42 -61.17
N ILE G 300 20.10 44.70 -60.27
CA ILE G 300 20.58 46.08 -59.99
C ILE G 300 22.11 45.99 -59.94
N SER G 301 22.77 47.12 -60.17
CA SER G 301 24.24 47.17 -60.34
C SER G 301 24.92 47.13 -58.98
N GLU G 302 26.17 46.65 -58.98
CA GLU G 302 27.17 46.81 -57.90
C GLU G 302 27.04 48.21 -57.30
N GLN G 303 26.99 49.26 -58.12
CA GLN G 303 26.97 50.67 -57.63
C GLN G 303 25.66 50.93 -56.87
N GLU G 304 24.53 50.41 -57.36
CA GLU G 304 23.20 50.61 -56.72
C GLU G 304 23.18 49.93 -55.35
N VAL G 305 23.78 48.73 -55.24
CA VAL G 305 23.87 47.96 -53.97
C VAL G 305 24.67 48.79 -52.97
N MET G 306 25.87 49.22 -53.34
CA MET G 306 26.76 50.02 -52.44
C MET G 306 26.05 51.32 -52.04
N SER G 307 25.17 51.88 -52.89
CA SER G 307 24.36 53.09 -52.56
C SER G 307 23.44 52.78 -51.38
N LEU G 308 22.78 51.62 -51.42
CA LEU G 308 21.83 51.14 -50.38
C LEU G 308 22.61 50.90 -49.07
N LEU G 309 23.82 50.36 -49.16
CA LEU G 309 24.69 50.10 -47.97
C LEU G 309 25.02 51.44 -47.32
N GLU G 310 25.46 52.42 -48.12
CA GLU G 310 25.96 53.71 -47.58
C GLU G 310 24.78 54.47 -46.98
N ARG G 311 23.59 54.30 -47.55
CA ARG G 311 22.34 54.90 -47.04
C ARG G 311 21.98 54.31 -45.67
N ARG G 312 22.06 52.99 -45.55
CA ARG G 312 21.82 52.28 -44.27
C ARG G 312 22.79 52.82 -43.22
N PHE G 313 24.05 53.04 -43.60
CA PHE G 313 25.13 53.43 -42.66
C PHE G 313 25.07 54.93 -42.30
N CYS G 314 24.16 55.69 -42.90
CA CYS G 314 23.99 57.13 -42.56
C CYS G 314 23.68 57.26 -41.06
N HIS G 315 22.69 56.52 -40.57
CA HIS G 315 22.15 56.64 -39.18
C HIS G 315 21.93 55.25 -38.57
N SER G 316 22.61 54.23 -39.07
CA SER G 316 22.62 52.86 -38.49
C SER G 316 24.04 52.31 -38.56
N ARG G 317 24.41 51.42 -37.64
CA ARG G 317 25.80 50.92 -37.54
C ARG G 317 25.90 49.48 -38.03
N SER G 318 24.82 48.90 -38.55
CA SER G 318 24.82 47.49 -39.04
C SER G 318 23.91 47.37 -40.27
N CYS G 319 24.20 46.42 -41.14
CA CYS G 319 23.45 46.17 -42.40
C CYS G 319 23.42 44.66 -42.66
N VAL G 320 22.25 44.11 -42.96
CA VAL G 320 22.08 42.68 -43.33
C VAL G 320 21.65 42.61 -44.79
N ILE G 321 22.40 41.89 -45.62
CA ILE G 321 22.16 41.73 -47.08
C ILE G 321 21.79 40.26 -47.36
N ILE G 322 20.59 40.01 -47.85
CA ILE G 322 20.13 38.68 -48.34
C ILE G 322 20.35 38.66 -49.85
N VAL G 323 20.98 37.63 -50.41
CA VAL G 323 21.20 37.50 -51.88
C VAL G 323 20.82 36.09 -52.32
N ALA G 324 19.86 35.96 -53.22
CA ALA G 324 19.53 34.69 -53.91
C ALA G 324 20.71 34.29 -54.79
N GLU G 325 21.00 32.99 -54.94
CA GLU G 325 22.21 32.50 -55.65
C GLU G 325 22.14 32.90 -57.14
N GLY G 326 20.93 33.15 -57.65
CA GLY G 326 20.67 33.52 -59.06
C GLY G 326 20.88 34.99 -59.36
N PHE G 327 21.01 35.85 -58.35
CA PHE G 327 21.19 37.31 -58.52
C PHE G 327 22.58 37.58 -59.11
N GLY G 328 22.67 38.65 -59.91
CA GLY G 328 23.93 39.24 -60.38
C GLY G 328 24.81 38.24 -61.11
N GLN G 329 24.26 37.47 -62.06
CA GLN G 329 25.05 36.53 -62.90
C GLN G 329 25.83 37.31 -63.97
N ASP G 330 25.51 38.59 -64.19
CA ASP G 330 26.23 39.49 -65.14
C ASP G 330 27.40 40.22 -64.46
N TRP G 331 27.70 39.94 -63.19
CA TRP G 331 28.78 40.57 -62.39
C TRP G 331 30.07 39.79 -62.71
N LEU G 346 27.37 28.53 -63.22
CA LEU G 346 27.04 29.49 -62.13
C LEU G 346 28.33 30.02 -61.47
N ILE G 347 28.37 31.32 -61.14
CA ILE G 347 29.45 31.95 -60.32
C ILE G 347 28.89 32.18 -58.92
N ASP G 348 29.75 32.23 -57.90
CA ASP G 348 29.28 32.31 -56.49
C ASP G 348 29.07 33.78 -56.14
N ILE G 349 27.83 34.26 -56.26
CA ILE G 349 27.45 35.69 -56.03
C ILE G 349 27.69 36.03 -54.57
N GLY G 350 27.58 35.06 -53.67
CA GLY G 350 27.84 35.25 -52.24
C GLY G 350 29.27 35.69 -52.00
N VAL G 351 30.23 34.99 -52.59
CA VAL G 351 31.68 35.30 -52.37
C VAL G 351 31.99 36.62 -53.06
N ILE G 352 31.47 36.81 -54.27
CA ILE G 352 31.74 38.01 -55.12
C ILE G 352 31.15 39.25 -54.43
N LEU G 353 29.89 39.21 -53.99
CA LEU G 353 29.22 40.35 -53.30
C LEU G 353 30.02 40.70 -52.04
N THR G 354 30.50 39.69 -51.31
CA THR G 354 31.25 39.88 -50.04
C THR G 354 32.56 40.61 -50.33
N GLU G 355 33.29 40.19 -51.36
CA GLU G 355 34.57 40.83 -51.81
C GLU G 355 34.32 42.30 -52.15
N LYS G 356 33.27 42.58 -52.91
CA LYS G 356 32.94 43.94 -53.43
C LYS G 356 32.51 44.85 -52.27
N VAL G 357 31.74 44.34 -51.31
CA VAL G 357 31.36 45.11 -50.09
C VAL G 357 32.63 45.41 -49.29
N LYS G 358 33.53 44.43 -49.14
CA LYS G 358 34.83 44.65 -48.43
C LYS G 358 35.64 45.73 -49.15
N ALA G 359 35.76 45.62 -50.47
CA ALA G 359 36.50 46.56 -51.36
C ALA G 359 35.93 47.98 -51.19
N PHE G 360 34.60 48.10 -51.20
CA PHE G 360 33.89 49.39 -51.06
C PHE G 360 34.19 50.01 -49.69
N LEU G 361 34.14 49.21 -48.61
CA LEU G 361 34.34 49.71 -47.23
C LEU G 361 35.81 50.10 -47.00
N LYS G 362 36.75 49.36 -47.60
CA LYS G 362 38.21 49.65 -47.56
C LYS G 362 38.49 50.97 -48.29
N ALA G 363 37.85 51.20 -49.45
CA ALA G 363 37.96 52.47 -50.22
C ALA G 363 37.40 53.64 -49.41
N ASN G 364 36.62 53.39 -48.36
CA ASN G 364 35.96 54.46 -47.55
C ASN G 364 36.28 54.30 -46.05
N LYS G 365 37.47 53.82 -45.68
CA LYS G 365 37.90 53.67 -44.26
C LYS G 365 37.60 54.94 -43.45
N SER G 366 37.79 56.12 -44.06
CA SER G 366 37.62 57.44 -43.40
C SER G 366 36.22 57.57 -42.79
N ARG G 367 35.16 57.17 -43.51
CA ARG G 367 33.73 57.28 -43.08
C ARG G 367 33.33 56.07 -42.24
N TYR G 368 33.85 54.88 -42.58
CA TYR G 368 33.48 53.58 -41.96
C TYR G 368 34.73 52.91 -41.40
N PRO G 369 35.37 53.47 -40.34
CA PRO G 369 36.55 52.86 -39.75
C PRO G 369 36.28 51.52 -39.04
N ASP G 370 37.22 50.57 -39.15
CA ASP G 370 37.17 49.26 -38.46
C ASP G 370 35.87 48.54 -38.83
N SER G 371 35.42 48.67 -40.08
CA SER G 371 34.22 47.96 -40.60
C SER G 371 34.50 46.46 -40.66
N THR G 372 33.48 45.62 -40.63
CA THR G 372 33.56 44.14 -40.64
C THR G 372 32.50 43.61 -41.60
N VAL G 373 32.82 42.61 -42.40
CA VAL G 373 31.84 41.91 -43.28
C VAL G 373 31.93 40.42 -42.96
N LYS G 374 30.80 39.83 -42.56
CA LYS G 374 30.69 38.37 -42.31
C LYS G 374 29.76 37.76 -43.35
N TYR G 375 30.19 36.70 -44.02
CA TYR G 375 29.43 35.97 -45.06
C TYR G 375 28.99 34.61 -44.51
N ILE G 376 27.69 34.31 -44.64
CA ILE G 376 27.10 32.98 -44.29
C ILE G 376 26.43 32.37 -45.51
N ASP G 377 26.80 31.13 -45.85
CA ASP G 377 26.19 30.30 -46.91
C ASP G 377 25.68 29.02 -46.24
N PRO G 378 24.40 28.99 -45.80
CA PRO G 378 23.86 27.80 -45.12
C PRO G 378 23.68 26.64 -46.11
N SER G 379 23.76 26.94 -47.41
CA SER G 379 23.63 25.98 -48.54
C SER G 379 22.63 24.87 -48.17
N TYR G 380 23.07 23.62 -48.06
CA TYR G 380 22.18 22.44 -48.06
C TYR G 380 21.44 22.32 -46.72
N MET G 381 21.82 23.09 -45.70
CA MET G 381 21.16 23.02 -44.38
C MET G 381 19.69 23.43 -44.50
N ILE G 382 19.29 24.15 -45.55
CA ILE G 382 17.88 24.66 -45.66
C ILE G 382 17.00 23.66 -46.39
N ARG G 383 17.58 22.57 -46.93
CA ARG G 383 16.81 21.57 -47.71
C ARG G 383 17.01 20.14 -47.20
N ALA G 384 18.09 19.84 -46.48
CA ALA G 384 18.47 18.46 -46.10
C ALA G 384 18.04 18.22 -44.65
N CYS G 385 16.77 18.43 -44.35
CA CYS G 385 16.25 18.37 -42.97
C CYS G 385 14.80 17.91 -42.98
N PRO G 386 14.26 17.47 -41.82
CA PRO G 386 12.85 17.15 -41.74
C PRO G 386 12.04 18.43 -41.87
N PRO G 387 10.76 18.33 -42.28
CA PRO G 387 9.95 19.51 -42.52
C PRO G 387 9.41 20.14 -41.24
N SER G 388 9.11 21.43 -41.30
CA SER G 388 8.23 22.14 -40.34
C SER G 388 6.91 21.40 -40.22
N ALA G 389 6.20 21.59 -39.10
CA ALA G 389 4.87 20.99 -38.87
C ALA G 389 3.95 21.35 -40.04
N ASN G 390 3.92 22.61 -40.45
CA ASN G 390 2.99 23.04 -41.53
C ASN G 390 3.36 22.32 -42.84
N ASP G 391 4.65 22.04 -43.07
CA ASP G 391 5.10 21.30 -44.30
C ASP G 391 4.77 19.81 -44.15
N ALA G 392 4.83 19.24 -42.94
CA ALA G 392 4.44 17.83 -42.72
C ALA G 392 2.95 17.66 -43.06
N LEU G 393 2.10 18.59 -42.62
CA LEU G 393 0.64 18.60 -42.90
C LEU G 393 0.45 18.61 -44.42
N PHE G 394 1.15 19.52 -45.08
CA PHE G 394 1.08 19.75 -46.55
C PHE G 394 1.52 18.48 -47.28
N CYS G 395 2.68 17.93 -46.92
CA CYS G 395 3.26 16.72 -47.57
C CYS G 395 2.25 15.56 -47.46
N ALA G 396 1.73 15.29 -46.26
CA ALA G 396 0.80 14.17 -46.01
C ALA G 396 -0.46 14.33 -46.86
N THR G 397 -0.98 15.57 -46.96
CA THR G 397 -2.23 15.90 -47.67
C THR G 397 -2.00 15.75 -49.18
N LEU G 398 -0.92 16.32 -49.72
CA LEU G 398 -0.52 16.17 -51.15
C LEU G 398 -0.46 14.68 -51.51
N ALA G 399 0.24 13.90 -50.71
CA ALA G 399 0.50 12.47 -50.97
C ALA G 399 -0.83 11.71 -50.94
N THR G 400 -1.69 12.02 -49.96
CA THR G 400 -2.97 11.29 -49.73
C THR G 400 -3.88 11.53 -50.95
N LEU G 401 -4.02 12.79 -51.36
CA LEU G 401 -4.90 13.17 -52.50
C LEU G 401 -4.30 12.64 -53.81
N ALA G 402 -2.98 12.61 -53.93
CA ALA G 402 -2.28 12.05 -55.10
C ALA G 402 -2.73 10.58 -55.28
N VAL G 403 -2.80 9.82 -54.20
CA VAL G 403 -3.19 8.38 -54.25
C VAL G 403 -4.67 8.28 -54.60
N HIS G 404 -5.54 9.07 -53.96
CA HIS G 404 -6.99 9.09 -54.29
C HIS G 404 -7.17 9.24 -55.81
N GLU G 405 -6.51 10.25 -56.39
CA GLU G 405 -6.74 10.67 -57.79
C GLU G 405 -6.10 9.68 -58.77
N ALA G 406 -4.93 9.14 -58.47
CA ALA G 406 -4.27 8.11 -59.32
C ALA G 406 -5.12 6.83 -59.32
N MET G 407 -5.63 6.43 -58.16
CA MET G 407 -6.54 5.25 -58.06
C MET G 407 -7.76 5.52 -58.96
N ALA G 408 -8.24 6.77 -58.99
CA ALA G 408 -9.40 7.23 -59.78
C ALA G 408 -9.00 7.55 -61.22
N GLY G 409 -7.81 7.12 -61.66
CA GLY G 409 -7.43 7.06 -63.09
C GLY G 409 -6.68 8.29 -63.58
N ALA G 410 -6.49 9.33 -62.77
CA ALA G 410 -5.70 10.52 -63.16
C ALA G 410 -4.30 10.08 -63.59
N THR G 411 -3.79 10.63 -64.68
CA THR G 411 -2.43 10.36 -65.22
C THR G 411 -1.91 11.59 -66.00
N GLY G 412 -0.59 11.68 -66.16
CA GLY G 412 0.11 12.77 -66.88
C GLY G 412 -0.07 14.12 -66.19
N CYS G 413 -0.39 14.14 -64.89
CA CYS G 413 -0.66 15.38 -64.14
C CYS G 413 0.20 15.44 -62.87
N ILE G 414 0.24 16.63 -62.25
CA ILE G 414 0.81 16.88 -60.90
C ILE G 414 -0.33 17.34 -59.99
N ILE G 415 -0.15 17.15 -58.68
CA ILE G 415 -1.01 17.78 -57.63
C ILE G 415 -0.30 19.06 -57.18
N ALA G 416 -1.08 20.11 -56.95
CA ALA G 416 -0.57 21.46 -56.66
C ALA G 416 -1.52 22.18 -55.70
N MET G 417 -1.09 23.31 -55.17
CA MET G 417 -1.96 24.12 -54.30
C MET G 417 -2.06 25.55 -54.81
N ARG G 418 -3.30 26.03 -54.94
CA ARG G 418 -3.64 27.43 -55.29
C ARG G 418 -4.77 27.89 -54.40
N HIS G 419 -4.72 29.13 -53.91
CA HIS G 419 -5.86 29.77 -53.21
C HIS G 419 -6.37 28.80 -52.14
N ASN G 420 -5.45 28.10 -51.49
CA ASN G 420 -5.75 27.30 -50.29
C ASN G 420 -6.45 25.97 -50.64
N ASN G 421 -6.52 25.59 -51.93
CA ASN G 421 -7.16 24.31 -52.36
C ASN G 421 -6.19 23.45 -53.16
N TYR G 422 -6.34 22.14 -53.04
CA TYR G 422 -5.54 21.13 -53.77
C TYR G 422 -6.19 20.91 -55.13
N ILE G 423 -5.40 21.05 -56.20
CA ILE G 423 -5.86 20.98 -57.61
C ILE G 423 -4.97 20.01 -58.40
N LEU G 424 -5.46 19.55 -59.55
CA LEU G 424 -4.68 18.73 -60.53
C LEU G 424 -4.37 19.59 -61.75
N VAL G 425 -3.18 19.48 -62.29
CA VAL G 425 -2.68 20.29 -63.44
C VAL G 425 -1.90 19.36 -64.34
N PRO G 426 -2.22 19.27 -65.64
CA PRO G 426 -1.44 18.45 -66.56
C PRO G 426 0.03 18.86 -66.52
N ILE G 427 0.92 17.88 -66.69
CA ILE G 427 2.39 18.09 -66.66
C ILE G 427 2.78 19.04 -67.80
N LYS G 428 2.20 18.86 -68.99
CA LYS G 428 2.58 19.65 -70.20
C LYS G 428 2.54 21.14 -69.87
N VAL G 429 1.43 21.67 -69.35
CA VAL G 429 1.26 23.12 -69.07
C VAL G 429 2.12 23.51 -67.85
N ALA G 430 2.23 22.65 -66.85
CA ALA G 430 2.96 22.92 -65.59
C ALA G 430 4.46 23.07 -65.86
N THR G 431 4.96 22.41 -66.90
CA THR G 431 6.41 22.35 -67.26
C THR G 431 6.72 23.28 -68.44
N SER G 432 5.76 24.08 -68.90
CA SER G 432 5.92 25.01 -70.04
C SER G 432 6.49 26.33 -69.55
N VAL G 433 6.14 26.76 -68.33
CA VAL G 433 6.48 28.11 -67.81
C VAL G 433 6.92 28.01 -66.34
N ARG G 434 7.98 28.74 -66.00
CA ARG G 434 8.53 28.90 -64.63
C ARG G 434 7.85 30.10 -63.97
N ARG G 435 7.52 29.99 -62.69
CA ARG G 435 6.98 31.11 -61.86
C ARG G 435 8.14 31.87 -61.22
N VAL G 436 7.94 33.15 -60.98
CA VAL G 436 9.00 34.13 -60.63
C VAL G 436 8.33 35.20 -59.76
N LEU G 437 9.08 35.90 -58.91
CA LEU G 437 8.50 36.97 -58.04
C LEU G 437 7.76 37.97 -58.93
N ASP G 438 6.54 38.34 -58.58
CA ASP G 438 5.87 39.53 -59.16
C ASP G 438 6.39 40.76 -58.42
N LEU G 439 7.16 41.62 -59.09
CA LEU G 439 7.75 42.85 -58.48
C LEU G 439 6.62 43.84 -58.14
N ARG G 440 5.39 43.60 -58.58
CA ARG G 440 4.21 44.43 -58.27
C ARG G 440 3.24 43.63 -57.40
N GLY G 441 3.64 42.43 -56.97
CA GLY G 441 2.86 41.52 -56.10
C GLY G 441 3.00 41.88 -54.63
N GLN G 442 2.25 41.20 -53.77
CA GLN G 442 2.07 41.55 -52.34
C GLN G 442 3.37 41.30 -51.56
N LEU G 443 4.05 40.18 -51.79
CA LEU G 443 5.26 39.77 -51.03
C LEU G 443 6.38 40.79 -51.29
N TRP G 444 6.67 41.09 -52.56
CA TRP G 444 7.80 42.00 -52.92
C TRP G 444 7.52 43.41 -52.37
N ARG G 445 6.26 43.84 -52.36
CA ARG G 445 5.85 45.12 -51.73
C ARG G 445 6.23 45.08 -50.25
N GLN G 446 5.97 43.97 -49.56
CA GLN G 446 6.29 43.81 -48.11
C GLN G 446 7.82 43.84 -47.92
N VAL G 447 8.59 43.24 -48.82
CA VAL G 447 10.09 43.28 -48.75
C VAL G 447 10.55 44.74 -48.79
N ARG G 448 9.96 45.56 -49.64
CA ARG G 448 10.44 46.96 -49.84
C ARG G 448 10.05 47.83 -48.64
N GLU G 449 9.04 47.45 -47.85
CA GLU G 449 8.60 48.24 -46.68
C GLU G 449 9.66 48.16 -45.58
N ILE G 450 10.40 47.05 -45.51
CA ILE G 450 11.37 46.76 -44.41
C ILE G 450 12.80 47.08 -44.85
N THR G 451 13.07 47.13 -46.14
CA THR G 451 14.44 47.34 -46.68
C THR G 451 14.67 48.84 -46.90
N VAL G 452 15.91 49.23 -47.17
CA VAL G 452 16.28 50.68 -47.24
C VAL G 452 15.83 51.21 -48.59
N ASP G 453 15.35 52.46 -48.62
CA ASP G 453 14.97 53.22 -49.85
C ASP G 453 16.01 54.33 -50.08
N LEU G 454 16.12 54.81 -51.31
CA LEU G 454 16.98 55.98 -51.64
C LEU G 454 16.15 57.27 -51.64
N GLY G 455 14.82 57.19 -51.58
CA GLY G 455 13.93 58.33 -51.84
C GLY G 455 13.72 59.27 -50.66
N SER G 456 13.81 58.77 -49.42
CA SER G 456 13.30 59.46 -48.21
C SER G 456 14.41 60.31 -47.59
N ASP G 457 14.04 61.40 -46.93
CA ASP G 457 14.98 62.36 -46.31
C ASP G 457 15.48 61.72 -45.00
N VAL G 458 16.74 61.28 -44.97
CA VAL G 458 17.33 60.54 -43.81
C VAL G 458 17.60 61.49 -42.67
N ARG G 459 17.95 62.74 -42.97
CA ARG G 459 18.20 63.79 -41.95
C ARG G 459 16.86 64.07 -41.26
N LEU G 460 15.80 64.34 -42.03
CA LEU G 460 14.44 64.60 -41.49
C LEU G 460 14.00 63.41 -40.63
N ALA G 461 14.18 62.18 -41.12
CA ALA G 461 13.79 60.92 -40.44
C ALA G 461 14.48 60.82 -39.07
N ARG G 462 15.77 61.12 -39.01
CA ARG G 462 16.56 61.01 -37.74
C ARG G 462 16.10 62.11 -36.78
N LYS G 463 15.84 63.31 -37.30
CA LYS G 463 15.34 64.45 -36.49
C LYS G 463 14.08 63.98 -35.76
N LEU G 464 13.11 63.42 -36.47
CA LEU G 464 11.80 63.00 -35.90
C LEU G 464 12.01 61.82 -34.94
N GLU G 465 12.97 60.93 -35.22
CA GLU G 465 13.21 59.72 -34.38
C GLU G 465 13.83 60.16 -33.06
N ILE G 466 14.66 61.20 -33.07
CA ILE G 466 15.25 61.77 -31.82
C ILE G 466 14.12 62.35 -30.97
N ARG G 467 13.17 63.07 -31.57
CA ARG G 467 11.97 63.60 -30.87
C ARG G 467 11.20 62.46 -30.21
N ARG G 468 10.85 61.40 -30.96
CA ARG G 468 10.08 60.24 -30.44
C ARG G 468 10.80 59.65 -29.22
N GLU G 469 12.13 59.54 -29.30
CA GLU G 469 12.94 58.93 -28.21
C GLU G 469 13.01 59.87 -26.99
N LEU G 470 13.16 61.18 -27.22
CA LEU G 470 13.23 62.20 -26.15
C LEU G 470 11.90 62.24 -25.41
N GLU G 471 10.77 62.05 -26.09
CA GLU G 471 9.42 62.04 -25.47
C GLU G 471 9.35 60.85 -24.50
N ALA G 472 9.93 59.70 -24.88
CA ALA G 472 9.98 58.49 -24.03
C ALA G 472 10.84 58.77 -22.80
N ILE G 473 12.04 59.28 -23.01
CA ILE G 473 13.02 59.63 -21.96
C ILE G 473 12.38 60.58 -20.95
N ASN G 474 11.71 61.63 -21.43
CA ASN G 474 11.12 62.70 -20.57
C ASN G 474 9.96 62.12 -19.75
N ARG G 475 9.10 61.28 -20.34
CA ARG G 475 7.98 60.67 -19.59
C ARG G 475 8.55 59.74 -18.52
N ASN G 476 9.60 59.01 -18.84
CA ASN G 476 10.28 58.08 -17.89
C ASN G 476 10.95 58.87 -16.77
N ARG G 477 11.68 59.94 -17.10
CA ARG G 477 12.33 60.83 -16.12
C ARG G 477 11.28 61.31 -15.10
N ASP G 478 10.07 61.65 -15.58
CA ASP G 478 8.96 62.18 -14.75
C ASP G 478 8.41 61.08 -13.85
N ARG G 479 8.08 59.92 -14.42
CA ARG G 479 7.46 58.77 -13.68
C ARG G 479 8.44 58.32 -12.60
N LEU G 480 9.75 58.42 -12.84
CA LEU G 480 10.82 57.96 -11.92
C LEU G 480 10.99 58.96 -10.77
N HIS G 481 11.09 60.26 -11.06
CA HIS G 481 11.23 61.32 -10.02
C HIS G 481 10.02 61.25 -9.07
N GLU G 482 8.83 60.89 -9.60
CA GLU G 482 7.58 60.73 -8.83
C GLU G 482 7.69 59.51 -7.90
N GLU G 483 7.84 58.29 -8.47
CA GLU G 483 8.00 57.04 -7.68
C GLU G 483 9.03 57.25 -6.57
N LEU G 484 10.14 57.93 -6.86
CA LEU G 484 11.27 58.14 -5.91
C LEU G 484 10.85 59.07 -4.76
N ALA G 485 9.96 60.05 -5.01
CA ALA G 485 9.49 61.01 -3.98
C ALA G 485 8.65 60.28 -2.91
N LYS G 486 7.92 59.21 -3.27
CA LYS G 486 6.99 58.46 -2.39
C LYS G 486 7.69 57.22 -1.80
N LEU G 487 9.02 57.12 -1.91
CA LEU G 487 9.77 55.99 -1.28
C LEU G 487 10.44 56.48 0.00
N MET H 20 -25.63 28.78 -40.97
CA MET H 20 -27.08 29.20 -41.13
C MET H 20 -27.15 30.72 -41.34
N LEU H 21 -26.44 31.48 -40.47
CA LEU H 21 -26.41 32.97 -40.46
C LEU H 21 -25.47 33.48 -41.57
N ASN H 22 -25.31 32.69 -42.65
CA ASN H 22 -24.84 33.11 -44.01
C ASN H 22 -26.08 33.55 -44.83
N SER H 23 -26.88 34.45 -44.24
CA SER H 23 -27.80 35.43 -44.88
C SER H 23 -27.08 36.79 -45.04
N VAL H 24 -25.80 36.75 -45.35
CA VAL H 24 -24.85 37.90 -45.42
C VAL H 24 -24.99 38.55 -46.80
N THR H 25 -25.02 39.89 -46.82
CA THR H 25 -25.22 40.72 -48.05
C THR H 25 -23.95 41.53 -48.34
N GLN H 26 -23.79 42.02 -49.57
CA GLN H 26 -22.62 42.84 -49.98
C GLN H 26 -22.46 44.05 -49.04
N GLU H 27 -23.56 44.58 -48.50
CA GLU H 27 -23.57 45.80 -47.63
C GLU H 27 -22.91 45.47 -46.30
N ASP H 28 -23.10 44.25 -45.80
CA ASP H 28 -22.49 43.76 -44.53
C ASP H 28 -20.96 43.76 -44.65
N LEU H 29 -20.42 43.68 -45.87
CA LEU H 29 -18.96 43.60 -46.16
C LEU H 29 -18.40 44.96 -46.55
N LYS H 30 -19.23 45.99 -46.68
CA LYS H 30 -18.75 47.35 -47.08
C LYS H 30 -17.97 47.92 -45.91
N VAL H 31 -16.67 48.16 -46.10
CA VAL H 31 -15.74 48.68 -45.07
C VAL H 31 -15.90 50.20 -44.97
N ASP H 32 -16.25 50.67 -43.78
CA ASP H 32 -16.35 52.10 -43.40
C ASP H 32 -15.05 52.83 -43.74
N ARG H 33 -15.14 54.03 -44.34
CA ARG H 33 -14.00 54.95 -44.56
C ARG H 33 -14.31 56.28 -43.90
N LEU H 34 -13.40 56.81 -43.09
CA LEU H 34 -13.51 58.18 -42.56
C LEU H 34 -13.57 59.14 -43.75
N PRO H 35 -14.30 60.26 -43.64
CA PRO H 35 -14.51 61.15 -44.78
C PRO H 35 -13.24 61.93 -45.17
N GLY H 36 -12.88 61.86 -46.45
CA GLY H 36 -11.75 62.62 -47.03
C GLY H 36 -10.48 61.79 -47.16
N ALA H 37 -9.76 62.03 -48.26
CA ALA H 37 -8.40 61.52 -48.54
C ALA H 37 -7.57 62.68 -49.11
N ASP H 38 -7.23 63.64 -48.24
CA ASP H 38 -6.71 64.97 -48.68
C ASP H 38 -5.19 64.95 -48.83
N TYR H 39 -4.50 63.88 -48.45
CA TYR H 39 -3.01 63.86 -48.39
C TYR H 39 -2.46 62.81 -49.34
N PRO H 40 -1.33 63.07 -50.00
CA PRO H 40 -0.67 62.07 -50.83
C PRO H 40 0.08 61.09 -49.92
N ASN H 41 0.17 59.82 -50.33
CA ASN H 41 0.93 58.79 -49.60
C ASN H 41 2.42 59.17 -49.68
N PRO H 42 3.09 59.39 -48.53
CA PRO H 42 4.50 59.78 -48.54
C PRO H 42 5.48 58.63 -48.81
N SER H 43 5.01 57.38 -48.79
CA SER H 43 5.85 56.17 -48.88
C SER H 43 6.83 56.30 -50.06
N LYS H 44 8.12 56.12 -49.75
CA LYS H 44 9.23 56.11 -50.73
C LYS H 44 9.77 54.68 -50.87
N LYS H 45 8.93 53.68 -50.57
CA LYS H 45 9.33 52.25 -50.46
C LYS H 45 9.14 51.53 -51.80
N TYR H 46 8.10 51.89 -52.57
CA TYR H 46 7.78 51.32 -53.90
C TYR H 46 8.51 52.12 -54.99
N SER H 47 8.76 51.48 -56.15
CA SER H 47 9.59 51.99 -57.27
C SER H 47 9.03 53.32 -57.82
N SER H 48 7.72 53.39 -58.09
CA SER H 48 7.00 54.62 -58.55
C SER H 48 5.64 54.73 -57.83
N ARG H 49 4.88 55.79 -58.13
CA ARG H 49 3.59 56.11 -57.50
C ARG H 49 2.42 55.33 -58.13
N THR H 50 2.66 54.55 -59.17
CA THR H 50 1.64 53.71 -59.87
C THR H 50 1.35 52.44 -59.04
N GLU H 51 2.19 52.13 -58.05
CA GLU H 51 2.09 50.90 -57.22
C GLU H 51 1.22 51.12 -55.97
N PHE H 52 0.76 52.36 -55.73
CA PHE H 52 -0.32 52.70 -54.78
C PHE H 52 -1.65 52.54 -55.52
N ARG H 53 -2.77 52.42 -54.80
CA ARG H 53 -4.10 52.09 -55.40
C ARG H 53 -5.00 53.33 -55.44
N ASP H 54 -5.46 53.66 -56.66
CA ASP H 54 -6.44 54.73 -56.98
C ASP H 54 -7.82 54.38 -56.44
N LYS H 55 -8.24 53.12 -56.60
CA LYS H 55 -9.63 52.64 -56.36
C LYS H 55 -9.59 51.38 -55.47
N THR H 56 -10.74 50.99 -54.92
CA THR H 56 -10.93 49.74 -54.13
C THR H 56 -10.90 48.55 -55.09
N ASP H 57 -10.02 47.56 -54.85
CA ASP H 57 -9.99 46.26 -55.58
C ASP H 57 -10.66 45.22 -54.69
N TYR H 58 -11.32 44.23 -55.29
CA TYR H 58 -12.10 43.17 -54.61
C TYR H 58 -11.56 41.79 -55.00
N ILE H 59 -11.91 40.79 -54.20
CA ILE H 59 -11.69 39.33 -54.46
C ILE H 59 -12.99 38.61 -54.08
N MET H 60 -13.35 37.55 -54.81
CA MET H 60 -14.60 36.80 -54.58
C MET H 60 -14.54 36.08 -53.23
N TYR H 61 -15.63 36.16 -52.48
CA TYR H 61 -15.84 35.39 -51.24
C TYR H 61 -15.68 33.90 -51.53
N ASN H 62 -16.17 33.44 -52.69
CA ASN H 62 -16.20 32.00 -53.05
C ASN H 62 -15.78 31.84 -54.51
N PRO H 63 -14.55 31.35 -54.78
CA PRO H 63 -14.04 31.27 -56.15
C PRO H 63 -14.41 29.96 -56.87
N ARG H 64 -15.50 29.32 -56.47
CA ARG H 64 -16.06 28.11 -57.14
C ARG H 64 -17.05 28.57 -58.21
N PRO H 65 -17.07 27.95 -59.41
CA PRO H 65 -17.96 28.38 -60.49
C PRO H 65 -19.39 27.88 -60.27
N ARG H 66 -20.39 28.61 -60.78
CA ARG H 66 -21.84 28.27 -60.65
C ARG H 66 -22.19 27.23 -61.72
N ASP H 67 -21.73 27.41 -62.96
CA ASP H 67 -22.29 26.71 -64.17
C ASP H 67 -21.42 25.58 -64.75
N GLU H 68 -20.14 25.43 -64.41
CA GLU H 68 -19.27 24.46 -65.12
C GLU H 68 -18.85 25.05 -66.48
N PRO H 69 -17.74 24.52 -67.09
CA PRO H 69 -17.02 25.26 -68.14
C PRO H 69 -17.90 25.58 -69.36
N SER H 70 -17.94 26.85 -69.77
CA SER H 70 -18.68 27.38 -70.95
C SER H 70 -17.65 27.98 -71.92
N SER H 71 -18.09 28.75 -72.93
CA SER H 71 -17.22 29.65 -73.74
C SER H 71 -16.87 30.89 -72.91
N GLU H 72 -17.83 31.44 -72.18
CA GLU H 72 -17.71 32.69 -71.37
C GLU H 72 -17.02 32.35 -70.04
N ASN H 73 -16.45 33.36 -69.40
CA ASN H 73 -15.72 33.30 -68.11
C ASN H 73 -16.62 32.72 -67.01
N PRO H 74 -16.02 32.04 -65.99
CA PRO H 74 -16.80 31.48 -64.88
C PRO H 74 -17.43 32.56 -63.97
N VAL H 75 -18.47 32.17 -63.26
CA VAL H 75 -19.30 33.06 -62.39
C VAL H 75 -19.33 32.46 -60.97
N SER H 76 -19.19 33.28 -59.93
CA SER H 76 -19.15 32.82 -58.52
C SER H 76 -20.50 32.23 -58.11
N VAL H 77 -20.47 31.14 -57.34
CA VAL H 77 -21.63 30.58 -56.60
C VAL H 77 -22.22 31.64 -55.64
N SER H 78 -21.40 32.56 -55.14
CA SER H 78 -21.78 33.59 -54.13
C SER H 78 -21.81 34.97 -54.77
N PRO H 79 -22.77 35.86 -54.39
CA PRO H 79 -22.75 37.24 -54.87
C PRO H 79 -21.63 38.10 -54.23
N LEU H 80 -21.03 37.61 -53.14
CA LEU H 80 -20.22 38.43 -52.21
C LEU H 80 -18.82 38.70 -52.75
N LEU H 81 -18.35 39.93 -52.54
CA LEU H 81 -16.98 40.42 -52.82
C LEU H 81 -16.38 41.00 -51.53
N CYS H 82 -15.14 40.63 -51.22
CA CYS H 82 -14.38 41.12 -50.04
C CYS H 82 -13.38 42.18 -50.52
N GLU H 83 -13.28 43.29 -49.79
CA GLU H 83 -12.33 44.37 -50.10
C GLU H 83 -10.89 43.92 -49.81
N LEU H 84 -10.00 44.04 -50.78
CA LEU H 84 -8.55 43.72 -50.63
C LEU H 84 -7.82 44.85 -49.92
N ALA H 85 -6.85 44.53 -49.07
CA ALA H 85 -6.02 45.50 -48.32
C ALA H 85 -4.75 45.84 -49.11
N ALA H 86 -4.48 47.13 -49.29
CA ALA H 86 -3.27 47.62 -49.95
C ALA H 86 -3.03 49.09 -49.61
N ALA H 87 -1.78 49.52 -49.74
CA ALA H 87 -1.35 50.93 -49.64
C ALA H 87 -2.10 51.73 -50.71
N ARG H 88 -2.62 52.90 -50.34
CA ARG H 88 -3.47 53.76 -51.21
C ARG H 88 -2.70 55.01 -51.64
N SER H 89 -3.00 55.53 -52.84
CA SER H 89 -2.44 56.77 -53.45
C SER H 89 -2.69 57.95 -52.52
N ARG H 90 -3.91 58.04 -52.03
CA ARG H 90 -4.41 59.16 -51.19
C ARG H 90 -4.81 58.56 -49.83
N ILE H 91 -4.42 59.24 -48.75
CA ILE H 91 -4.64 58.80 -47.34
C ILE H 91 -5.44 59.87 -46.59
N HIS H 92 -6.14 59.48 -45.51
CA HIS H 92 -7.07 60.35 -44.75
C HIS H 92 -6.32 61.17 -43.70
N PHE H 93 -5.28 60.60 -43.10
CA PHE H 93 -4.53 61.23 -41.97
C PHE H 93 -3.25 61.88 -42.49
N ASN H 94 -2.99 63.10 -42.04
CA ASN H 94 -1.73 63.84 -42.31
C ASN H 94 -0.59 63.18 -41.52
N PRO H 95 0.35 62.45 -42.18
CA PRO H 95 1.32 61.61 -41.48
C PRO H 95 2.07 62.32 -40.34
N THR H 96 2.65 63.48 -40.60
CA THR H 96 3.56 64.15 -39.61
C THR H 96 2.77 64.68 -38.41
N GLU H 97 1.43 64.70 -38.47
CA GLU H 97 0.54 65.10 -37.32
C GLU H 97 -0.21 63.90 -36.74
N THR H 98 0.04 62.69 -37.23
CA THR H 98 -0.71 61.46 -36.83
C THR H 98 -0.02 60.77 -35.66
N THR H 99 -0.82 60.39 -34.66
CA THR H 99 -0.40 59.55 -33.49
C THR H 99 -1.13 58.21 -33.60
N ILE H 100 -0.37 57.09 -33.56
CA ILE H 100 -0.93 55.72 -33.54
C ILE H 100 -0.94 55.22 -32.10
N GLY H 101 -2.07 54.65 -31.67
CA GLY H 101 -2.19 53.90 -30.41
C GLY H 101 -2.25 52.41 -30.72
N ILE H 102 -1.69 51.58 -29.84
CA ILE H 102 -1.80 50.10 -29.90
C ILE H 102 -2.27 49.60 -28.55
N VAL H 103 -3.16 48.62 -28.52
CA VAL H 103 -3.61 47.97 -27.26
C VAL H 103 -3.77 46.47 -27.53
N THR H 104 -3.27 45.64 -26.62
CA THR H 104 -3.35 44.16 -26.72
C THR H 104 -4.25 43.66 -25.58
N CYS H 105 -5.31 42.93 -25.92
CA CYS H 105 -6.33 42.44 -24.97
C CYS H 105 -6.39 40.90 -25.01
N GLY H 106 -6.86 40.31 -23.90
CA GLY H 106 -7.10 38.85 -23.85
C GLY H 106 -5.85 38.04 -23.69
N GLY H 107 -6.00 36.72 -23.71
CA GLY H 107 -4.90 35.74 -23.61
C GLY H 107 -3.85 36.02 -24.66
N ILE H 108 -2.58 35.85 -24.32
CA ILE H 108 -1.47 36.06 -25.29
C ILE H 108 -1.55 34.97 -26.37
N CYS H 109 -0.77 35.15 -27.42
CA CYS H 109 -0.87 34.43 -28.69
C CYS H 109 0.45 34.61 -29.42
N PRO H 110 1.05 33.57 -30.05
CA PRO H 110 2.36 33.75 -30.65
C PRO H 110 2.32 34.83 -31.74
N GLY H 111 3.26 35.77 -31.71
CA GLY H 111 3.37 36.86 -32.69
C GLY H 111 2.82 38.19 -32.20
N LEU H 112 2.31 38.29 -30.98
CA LEU H 112 1.82 39.58 -30.42
C LEU H 112 2.92 40.65 -30.56
N ASN H 113 4.13 40.36 -30.09
CA ASN H 113 5.24 41.35 -30.13
C ASN H 113 5.59 41.65 -31.60
N ASP H 114 5.51 40.68 -32.50
CA ASP H 114 5.76 40.90 -33.95
C ASP H 114 4.76 41.94 -34.47
N VAL H 115 3.49 41.86 -34.05
CA VAL H 115 2.42 42.78 -34.51
C VAL H 115 2.70 44.19 -33.97
N ILE H 116 3.03 44.29 -32.68
CA ILE H 116 3.37 45.59 -32.04
C ILE H 116 4.55 46.19 -32.82
N ARG H 117 5.55 45.37 -33.10
CA ARG H 117 6.81 45.81 -33.76
C ARG H 117 6.51 46.34 -35.15
N SER H 118 5.70 45.63 -35.93
CA SER H 118 5.46 45.95 -37.36
C SER H 118 4.53 47.17 -37.50
N ILE H 119 3.54 47.31 -36.61
CA ILE H 119 2.69 48.54 -36.57
C ILE H 119 3.64 49.73 -36.36
N THR H 120 4.49 49.63 -35.33
CA THR H 120 5.41 50.71 -34.91
C THR H 120 6.35 51.06 -36.07
N LEU H 121 7.02 50.07 -36.67
CA LEU H 121 8.04 50.31 -37.74
C LEU H 121 7.36 50.78 -39.03
N THR H 122 6.17 50.29 -39.36
CA THR H 122 5.44 50.74 -40.57
C THR H 122 5.05 52.21 -40.35
N GLY H 123 4.48 52.52 -39.20
CA GLY H 123 4.12 53.90 -38.82
C GLY H 123 5.29 54.84 -38.98
N ILE H 124 6.48 54.43 -38.53
CA ILE H 124 7.66 55.32 -38.44
C ILE H 124 8.44 55.29 -39.77
N ASN H 125 8.85 54.11 -40.25
CA ASN H 125 9.76 53.98 -41.42
C ASN H 125 9.03 54.33 -42.72
N VAL H 126 7.72 54.11 -42.81
CA VAL H 126 6.97 54.29 -44.08
C VAL H 126 6.27 55.66 -44.08
N TYR H 127 5.49 55.96 -43.03
CA TYR H 127 4.58 57.14 -42.99
C TYR H 127 5.23 58.30 -42.22
N ASN H 128 6.29 58.04 -41.44
CA ASN H 128 6.97 59.07 -40.61
C ASN H 128 5.96 59.72 -39.65
N VAL H 129 5.09 58.93 -39.03
CA VAL H 129 4.06 59.43 -38.09
C VAL H 129 4.75 60.14 -36.92
N LYS H 130 4.05 61.07 -36.27
CA LYS H 130 4.61 61.89 -35.17
C LYS H 130 5.02 61.00 -34.01
N ARG H 131 4.18 60.02 -33.67
CA ARG H 131 4.27 59.30 -32.38
C ARG H 131 3.52 57.98 -32.45
N VAL H 132 4.02 56.96 -31.75
CA VAL H 132 3.31 55.67 -31.55
C VAL H 132 3.24 55.41 -30.04
N ILE H 133 2.03 55.17 -29.52
CA ILE H 133 1.78 54.94 -28.07
C ILE H 133 1.33 53.51 -27.89
N GLY H 134 1.89 52.81 -26.91
CA GLY H 134 1.45 51.47 -26.48
C GLY H 134 0.71 51.56 -25.16
N PHE H 135 -0.60 51.43 -25.19
CA PHE H 135 -1.46 51.39 -23.98
C PHE H 135 -1.24 50.04 -23.31
N ARG H 136 -1.12 50.03 -21.99
CA ARG H 136 -0.69 48.83 -21.24
C ARG H 136 -1.90 48.07 -20.68
N PHE H 137 -1.82 46.75 -20.65
CA PHE H 137 -2.75 45.84 -19.94
C PHE H 137 -4.17 46.02 -20.48
N GLY H 138 -4.30 45.99 -21.80
CA GLY H 138 -5.62 46.01 -22.46
C GLY H 138 -6.31 47.37 -22.33
N TYR H 139 -7.62 47.40 -22.48
CA TYR H 139 -8.42 48.65 -22.44
C TYR H 139 -8.15 49.42 -21.14
N TRP H 140 -7.78 48.73 -20.04
CA TRP H 140 -7.36 49.39 -18.76
C TRP H 140 -6.36 50.52 -19.06
N GLY H 141 -5.45 50.30 -20.02
CA GLY H 141 -4.40 51.27 -20.36
C GLY H 141 -4.95 52.56 -20.95
N LEU H 142 -6.22 52.60 -21.35
CA LEU H 142 -6.86 53.82 -21.92
C LEU H 142 -7.73 54.52 -20.86
N SER H 143 -7.98 53.88 -19.71
CA SER H 143 -8.59 54.55 -18.51
C SER H 143 -7.67 55.70 -18.07
N LYS H 144 -8.18 56.65 -17.27
CA LYS H 144 -7.42 57.88 -16.91
C LYS H 144 -6.23 57.46 -16.04
N LYS H 145 -6.44 56.58 -15.05
CA LYS H 145 -5.36 56.07 -14.17
C LYS H 145 -4.34 55.25 -14.98
N GLY H 146 -4.84 54.40 -15.89
CA GLY H 146 -4.03 53.46 -16.69
C GLY H 146 -3.15 54.16 -17.72
N SER H 147 -3.56 55.32 -18.23
CA SER H 147 -2.87 56.03 -19.34
C SER H 147 -1.51 56.60 -18.87
N GLN H 148 -1.30 56.75 -17.58
CA GLN H 148 0.01 57.18 -16.99
C GLN H 148 1.07 56.13 -17.34
N THR H 149 0.69 54.87 -17.49
CA THR H 149 1.62 53.72 -17.69
C THR H 149 1.94 53.53 -19.18
N ALA H 150 1.24 54.22 -20.08
CA ALA H 150 1.36 54.09 -21.55
C ALA H 150 2.82 54.28 -21.92
N ILE H 151 3.30 53.55 -22.91
CA ILE H 151 4.74 53.47 -23.28
C ILE H 151 4.91 54.17 -24.64
N GLU H 152 6.00 54.91 -24.81
CA GLU H 152 6.35 55.55 -26.10
C GLU H 152 7.11 54.52 -26.93
N LEU H 153 6.53 54.11 -28.06
CA LEU H 153 7.12 53.13 -28.98
C LEU H 153 7.87 53.93 -30.04
N HIS H 154 9.17 54.12 -29.84
CA HIS H 154 10.13 54.59 -30.87
C HIS H 154 10.78 53.35 -31.48
N ARG H 155 11.53 53.54 -32.57
CA ARG H 155 12.14 52.46 -33.39
C ARG H 155 13.02 51.55 -32.51
N GLY H 156 13.81 52.14 -31.63
CA GLY H 156 14.78 51.43 -30.78
C GLY H 156 14.13 50.59 -29.71
N ARG H 157 12.89 50.91 -29.33
CA ARG H 157 12.15 50.21 -28.25
C ARG H 157 11.65 48.84 -28.73
N VAL H 158 11.48 48.65 -30.04
CA VAL H 158 10.79 47.44 -30.57
C VAL H 158 11.79 46.56 -31.34
N THR H 159 13.06 46.94 -31.44
CA THR H 159 14.05 46.27 -32.33
C THR H 159 14.04 44.76 -32.10
N ASN H 160 14.00 44.31 -30.84
CA ASN H 160 14.29 42.90 -30.47
C ASN H 160 13.07 42.22 -29.83
N ILE H 161 11.90 42.84 -29.80
CA ILE H 161 10.77 42.31 -28.99
C ILE H 161 10.22 41.04 -29.65
N HIS H 162 10.50 40.80 -30.92
CA HIS H 162 9.95 39.66 -31.69
C HIS H 162 10.67 38.36 -31.30
N HIS H 163 11.75 38.42 -30.52
CA HIS H 163 12.51 37.21 -30.09
C HIS H 163 11.82 36.49 -28.92
N TYR H 164 10.86 37.08 -28.24
CA TYR H 164 10.28 36.44 -27.03
C TYR H 164 8.76 36.58 -26.99
N GLY H 165 8.13 35.67 -26.23
CA GLY H 165 6.67 35.52 -26.12
C GLY H 165 6.03 36.59 -25.25
N GLY H 166 4.71 36.62 -25.25
CA GLY H 166 3.88 37.56 -24.48
C GLY H 166 3.72 38.84 -25.24
N THR H 167 3.29 39.89 -24.53
CA THR H 167 3.12 41.27 -25.06
C THR H 167 3.90 42.25 -24.17
N ILE H 168 4.77 43.06 -24.77
CA ILE H 168 5.54 44.09 -24.02
C ILE H 168 4.55 45.11 -23.42
N LEU H 169 3.33 45.22 -23.95
CA LEU H 169 2.31 46.16 -23.43
C LEU H 169 1.55 45.53 -22.25
N GLY H 170 1.40 44.21 -22.23
CA GLY H 170 0.52 43.50 -21.29
C GLY H 170 -0.92 43.44 -21.77
N SER H 171 -1.74 42.61 -21.13
CA SER H 171 -3.16 42.37 -21.49
C SER H 171 -4.06 42.45 -20.26
N SER H 172 -5.35 42.59 -20.50
CA SER H 172 -6.46 42.26 -19.57
C SER H 172 -7.71 41.96 -20.41
N ARG H 173 -8.69 41.23 -19.86
CA ARG H 173 -9.95 40.85 -20.56
C ARG H 173 -11.01 41.94 -20.35
N GLY H 174 -10.90 42.74 -19.30
CA GLY H 174 -11.95 43.69 -18.86
C GLY H 174 -12.30 44.77 -19.90
N PRO H 175 -13.59 45.17 -20.02
CA PRO H 175 -13.94 46.44 -20.69
C PRO H 175 -13.76 47.61 -19.72
N GLN H 176 -13.86 48.84 -20.23
CA GLN H 176 -13.70 50.10 -19.44
C GLN H 176 -14.77 51.10 -19.91
N ASP H 177 -14.88 52.26 -19.25
CA ASP H 177 -15.85 53.32 -19.61
C ASP H 177 -15.47 53.90 -20.97
N PRO H 178 -16.31 53.78 -22.03
CA PRO H 178 -15.97 54.34 -23.34
C PRO H 178 -15.72 55.85 -23.30
N LYS H 179 -16.45 56.55 -22.44
CA LYS H 179 -16.31 58.02 -22.26
C LYS H 179 -14.88 58.32 -21.78
N GLU H 180 -14.43 57.61 -20.73
CA GLU H 180 -13.09 57.79 -20.13
C GLU H 180 -12.02 57.48 -21.19
N MET H 181 -12.25 56.44 -22.01
CA MET H 181 -11.25 55.95 -22.99
C MET H 181 -11.10 56.97 -24.12
N VAL H 182 -12.21 57.49 -24.65
CA VAL H 182 -12.14 58.52 -25.73
C VAL H 182 -11.57 59.83 -25.15
N ASP H 183 -11.77 60.11 -23.86
CA ASP H 183 -11.10 61.25 -23.18
C ASP H 183 -9.59 61.10 -23.36
N THR H 184 -9.06 59.91 -23.08
CA THR H 184 -7.60 59.59 -23.18
C THR H 184 -7.12 59.76 -24.63
N LEU H 185 -7.87 59.24 -25.60
CA LEU H 185 -7.47 59.30 -27.03
C LEU H 185 -7.36 60.78 -27.44
N GLU H 186 -8.34 61.62 -27.04
CA GLU H 186 -8.34 63.08 -27.31
C GLU H 186 -7.12 63.73 -26.65
N ARG H 187 -6.93 63.52 -25.34
CA ARG H 187 -5.87 64.18 -24.53
C ARG H 187 -4.50 63.88 -25.16
N LEU H 188 -4.26 62.65 -25.62
CA LEU H 188 -2.92 62.21 -26.11
C LEU H 188 -2.81 62.38 -27.63
N GLY H 189 -3.88 62.81 -28.29
CA GLY H 189 -3.89 63.17 -29.73
C GLY H 189 -3.86 61.95 -30.63
N VAL H 190 -4.37 60.81 -30.15
CA VAL H 190 -4.40 59.53 -30.91
C VAL H 190 -5.42 59.63 -32.04
N ASN H 191 -4.99 59.37 -33.28
CA ASN H 191 -5.83 59.44 -34.49
C ASN H 191 -6.20 58.02 -34.95
N ILE H 192 -5.35 57.01 -34.67
CA ILE H 192 -5.63 55.59 -35.03
C ILE H 192 -5.38 54.74 -33.77
N LEU H 193 -6.37 53.94 -33.36
CA LEU H 193 -6.16 52.90 -32.30
C LEU H 193 -6.23 51.52 -32.96
N PHE H 194 -5.14 50.75 -32.88
CA PHE H 194 -5.09 49.34 -33.30
C PHE H 194 -5.48 48.47 -32.10
N THR H 195 -6.60 47.75 -32.21
CA THR H 195 -7.13 46.84 -31.17
C THR H 195 -6.76 45.40 -31.55
N VAL H 196 -5.75 44.86 -30.87
CA VAL H 196 -5.32 43.43 -31.01
C VAL H 196 -6.06 42.61 -29.96
N GLY H 197 -7.04 41.80 -30.37
CA GLY H 197 -7.87 41.01 -29.43
C GLY H 197 -8.95 40.19 -30.15
N GLY H 198 -9.77 39.49 -29.36
CA GLY H 198 -10.85 38.62 -29.89
C GLY H 198 -12.14 39.40 -30.11
N ASP H 199 -13.25 38.69 -30.34
CA ASP H 199 -14.56 39.29 -30.70
C ASP H 199 -14.95 40.34 -29.66
N GLY H 200 -14.88 39.98 -28.37
CA GLY H 200 -15.13 40.93 -27.26
C GLY H 200 -14.40 42.23 -27.49
N THR H 201 -13.08 42.20 -27.69
CA THR H 201 -12.24 43.41 -27.89
C THR H 201 -12.74 44.19 -29.11
N GLN H 202 -13.03 43.54 -30.23
CA GLN H 202 -13.40 44.25 -31.48
C GLN H 202 -14.82 44.87 -31.34
N ARG H 203 -15.73 44.19 -30.64
CA ARG H 203 -17.07 44.75 -30.31
C ARG H 203 -16.86 46.03 -29.49
N GLY H 204 -15.96 46.01 -28.52
CA GLY H 204 -15.63 47.17 -27.65
C GLY H 204 -14.96 48.27 -28.45
N ALA H 205 -14.18 47.89 -29.46
CA ALA H 205 -13.46 48.80 -30.38
C ALA H 205 -14.49 49.63 -31.16
N LEU H 206 -15.53 48.96 -31.66
CA LEU H 206 -16.65 49.56 -32.41
C LEU H 206 -17.36 50.61 -31.53
N VAL H 207 -17.53 50.34 -30.23
CA VAL H 207 -18.15 51.26 -29.23
C VAL H 207 -17.26 52.51 -29.08
N ILE H 208 -15.93 52.35 -29.07
CA ILE H 208 -15.00 53.51 -29.00
C ILE H 208 -15.17 54.36 -30.27
N SER H 209 -15.18 53.71 -31.44
CA SER H 209 -15.35 54.33 -32.79
C SER H 209 -16.60 55.22 -32.78
N GLN H 210 -17.71 54.72 -32.20
CA GLN H 210 -19.04 55.36 -32.22
C GLN H 210 -19.07 56.54 -31.25
N GLU H 211 -18.44 56.40 -30.07
CA GLU H 211 -18.34 57.50 -29.08
C GLU H 211 -17.51 58.64 -29.66
N ALA H 212 -16.43 58.31 -30.37
CA ALA H 212 -15.52 59.27 -31.04
C ALA H 212 -16.29 60.06 -32.10
N LYS H 213 -17.10 59.38 -32.92
CA LYS H 213 -17.92 59.97 -34.01
C LYS H 213 -18.94 60.94 -33.40
N ARG H 214 -19.61 60.52 -32.32
CA ARG H 214 -20.60 61.34 -31.56
C ARG H 214 -19.96 62.69 -31.19
N ARG H 215 -18.71 62.72 -30.74
CA ARG H 215 -18.01 63.96 -30.29
C ARG H 215 -17.31 64.67 -31.45
N GLY H 216 -17.48 64.18 -32.69
CA GLY H 216 -16.84 64.73 -33.92
C GLY H 216 -15.33 64.71 -33.84
N VAL H 217 -14.75 63.67 -33.24
CA VAL H 217 -13.28 63.45 -33.16
C VAL H 217 -12.84 62.46 -34.26
N ASP H 218 -11.77 62.82 -34.97
CA ASP H 218 -11.23 62.15 -36.18
C ASP H 218 -10.35 60.98 -35.73
N ILE H 219 -10.94 59.80 -35.54
CA ILE H 219 -10.26 58.58 -34.99
C ILE H 219 -10.68 57.36 -35.81
N SER H 220 -9.71 56.65 -36.38
CA SER H 220 -9.87 55.29 -36.93
C SER H 220 -9.68 54.30 -35.77
N VAL H 221 -10.56 53.33 -35.66
CA VAL H 221 -10.35 52.16 -34.76
C VAL H 221 -10.24 50.94 -35.67
N PHE H 222 -9.12 50.21 -35.63
CA PHE H 222 -8.77 49.17 -36.62
C PHE H 222 -8.31 47.91 -35.86
N GLY H 223 -8.96 46.78 -36.12
CA GLY H 223 -8.73 45.54 -35.36
C GLY H 223 -7.72 44.63 -36.04
N VAL H 224 -6.80 44.08 -35.26
CA VAL H 224 -5.99 42.89 -35.67
C VAL H 224 -6.55 41.70 -34.88
N PRO H 225 -7.25 40.77 -35.56
CA PRO H 225 -7.86 39.63 -34.90
C PRO H 225 -6.85 38.75 -34.16
N LYS H 226 -7.08 38.55 -32.86
CA LYS H 226 -6.29 37.64 -32.01
C LYS H 226 -7.19 36.50 -31.57
N THR H 227 -7.02 35.33 -32.20
CA THR H 227 -7.61 34.05 -31.78
C THR H 227 -6.74 32.89 -32.29
N ILE H 228 -6.08 32.21 -31.36
CA ILE H 228 -5.13 31.10 -31.68
C ILE H 228 -5.95 29.93 -32.26
N ASP H 229 -7.25 29.89 -31.97
CA ASP H 229 -8.16 28.79 -32.32
C ASP H 229 -8.49 28.80 -33.82
N ASN H 230 -8.23 29.90 -34.52
CA ASN H 230 -8.47 30.03 -35.98
C ASN H 230 -9.96 29.93 -36.28
N ASP H 231 -10.79 30.51 -35.40
CA ASP H 231 -12.27 30.38 -35.43
C ASP H 231 -12.90 31.71 -35.85
N LEU H 232 -12.20 32.49 -36.67
CA LEU H 232 -12.69 33.76 -37.27
C LEU H 232 -13.40 33.44 -38.60
N SER H 233 -14.63 33.91 -38.76
CA SER H 233 -15.37 33.84 -40.05
C SER H 233 -14.72 34.80 -41.05
N PHE H 234 -14.91 34.55 -42.34
CA PHE H 234 -14.36 35.35 -43.46
C PHE H 234 -12.84 35.27 -43.43
N SER H 235 -12.32 34.14 -42.97
CA SER H 235 -10.89 33.92 -42.63
C SER H 235 -10.54 32.43 -42.75
N HIS H 236 -9.35 32.15 -43.27
CA HIS H 236 -8.78 30.77 -43.35
C HIS H 236 -7.65 30.59 -42.33
N ARG H 237 -7.05 31.68 -41.85
CA ARG H 237 -5.86 31.64 -40.97
C ARG H 237 -5.76 32.93 -40.15
N THR H 238 -5.66 32.79 -38.83
CA THR H 238 -5.35 33.89 -37.89
C THR H 238 -3.91 33.72 -37.41
N PHE H 239 -3.27 34.79 -36.97
CA PHE H 239 -1.84 34.76 -36.58
C PHE H 239 -1.71 33.92 -35.30
N GLY H 240 -0.65 33.09 -35.27
CA GLY H 240 -0.27 32.30 -34.09
C GLY H 240 -0.79 30.88 -34.17
N PHE H 241 -1.81 30.65 -34.99
CA PHE H 241 -2.47 29.31 -35.11
C PHE H 241 -1.42 28.28 -35.55
N GLN H 242 -0.69 28.56 -36.63
CA GLN H 242 0.31 27.62 -37.17
C GLN H 242 1.37 27.36 -36.08
N THR H 243 1.71 28.34 -35.27
CA THR H 243 2.72 28.18 -34.19
C THR H 243 2.15 27.24 -33.13
N ALA H 244 0.86 27.38 -32.78
CA ALA H 244 0.18 26.53 -31.79
C ALA H 244 0.22 25.07 -32.27
N VAL H 245 0.06 24.85 -33.58
CA VAL H 245 0.11 23.50 -34.18
C VAL H 245 1.52 22.93 -34.04
N GLU H 246 2.55 23.72 -34.34
CA GLU H 246 3.99 23.34 -34.24
C GLU H 246 4.23 22.81 -32.83
N LYS H 247 3.79 23.55 -31.81
CA LYS H 247 3.97 23.17 -30.39
C LYS H 247 3.09 21.98 -30.01
N ALA H 248 1.85 21.89 -30.52
CA ALA H 248 0.98 20.73 -30.29
C ALA H 248 1.70 19.47 -30.77
N VAL H 249 2.34 19.52 -31.94
CA VAL H 249 3.04 18.35 -32.54
C VAL H 249 4.15 17.90 -31.58
N GLN H 250 4.83 18.84 -30.92
CA GLN H 250 5.89 18.51 -29.94
C GLN H 250 5.31 17.65 -28.83
N ALA H 251 4.12 18.00 -28.33
CA ALA H 251 3.39 17.27 -27.27
C ALA H 251 2.95 15.90 -27.78
N ILE H 252 2.53 15.79 -29.04
CA ILE H 252 2.07 14.51 -29.64
C ILE H 252 3.26 13.56 -29.80
N ARG H 253 4.41 14.07 -30.27
CA ARG H 253 5.64 13.26 -30.42
C ARG H 253 6.00 12.60 -29.09
N ALA H 254 5.92 13.35 -27.98
CA ALA H 254 6.17 12.86 -26.61
C ALA H 254 5.13 11.78 -26.26
N ALA H 255 3.85 12.07 -26.47
CA ALA H 255 2.75 11.12 -26.18
C ALA H 255 3.00 9.80 -26.94
N TYR H 256 3.39 9.90 -28.21
CA TYR H 256 3.66 8.72 -29.09
C TYR H 256 4.85 7.94 -28.53
N ALA H 257 5.90 8.64 -28.10
CA ALA H 257 7.12 8.00 -27.57
C ALA H 257 6.76 7.21 -26.30
N GLU H 258 5.95 7.79 -25.42
CA GLU H 258 5.45 7.12 -24.21
C GLU H 258 4.66 5.88 -24.60
N ALA H 259 3.69 6.05 -25.49
CA ALA H 259 2.73 4.99 -25.87
C ALA H 259 3.47 3.82 -26.55
N VAL H 260 4.34 4.10 -27.51
CA VAL H 260 4.98 3.04 -28.33
C VAL H 260 6.01 2.29 -27.49
N SER H 261 6.45 2.88 -26.37
CA SER H 261 7.45 2.30 -25.45
C SER H 261 6.79 1.35 -24.45
N ALA H 262 5.45 1.23 -24.49
CA ALA H 262 4.69 0.35 -23.58
C ALA H 262 3.97 -0.71 -24.40
N ASN H 263 3.75 -1.90 -23.84
CA ASN H 263 2.84 -2.91 -24.41
C ASN H 263 1.43 -2.45 -24.08
N TYR H 264 0.58 -2.20 -25.07
CA TYR H 264 -0.76 -1.58 -24.90
C TYR H 264 -0.61 -0.23 -24.19
N GLY H 265 0.20 0.65 -24.78
CA GLY H 265 0.38 2.03 -24.33
C GLY H 265 -0.58 3.00 -25.00
N VAL H 266 -1.11 3.94 -24.23
CA VAL H 266 -2.03 5.00 -24.74
C VAL H 266 -1.46 6.36 -24.37
N GLY H 267 -1.27 7.24 -25.34
CA GLY H 267 -0.89 8.64 -25.13
C GLY H 267 -2.08 9.54 -25.34
N VAL H 268 -2.46 10.34 -24.34
CA VAL H 268 -3.57 11.32 -24.47
C VAL H 268 -2.98 12.73 -24.45
N VAL H 269 -3.23 13.52 -25.49
CA VAL H 269 -2.85 14.95 -25.56
C VAL H 269 -4.12 15.80 -25.61
N LYS H 270 -4.29 16.67 -24.62
CA LYS H 270 -5.33 17.74 -24.64
C LYS H 270 -4.72 18.99 -25.25
N LEU H 271 -5.41 19.61 -26.21
CA LEU H 271 -4.94 20.85 -26.85
C LEU H 271 -6.05 21.89 -26.72
N MET H 272 -5.71 23.17 -26.82
CA MET H 272 -6.70 24.26 -26.90
C MET H 272 -7.70 24.02 -28.05
N GLY H 273 -8.89 24.60 -27.89
CA GLY H 273 -10.02 24.43 -28.81
C GLY H 273 -11.31 24.41 -28.02
N ARG H 274 -11.72 25.58 -27.52
CA ARG H 274 -12.88 25.73 -26.60
C ARG H 274 -14.16 25.43 -27.38
N ASP H 275 -14.29 25.95 -28.60
CA ASP H 275 -15.52 25.84 -29.41
C ASP H 275 -15.23 25.29 -30.81
N SER H 276 -13.96 25.07 -31.15
CA SER H 276 -13.53 24.64 -32.50
C SER H 276 -12.36 23.66 -32.36
N GLY H 277 -12.11 22.83 -33.38
CA GLY H 277 -11.09 21.75 -33.32
C GLY H 277 -9.98 21.94 -34.32
N PHE H 278 -9.72 23.16 -34.77
CA PHE H 278 -8.73 23.45 -35.84
C PHE H 278 -7.32 23.04 -35.39
N ILE H 279 -6.94 23.36 -34.15
CA ILE H 279 -5.60 23.02 -33.61
C ILE H 279 -5.49 21.51 -33.49
N ALA H 280 -6.44 20.86 -32.83
CA ALA H 280 -6.49 19.40 -32.65
C ALA H 280 -6.39 18.70 -34.01
N ALA H 281 -7.15 19.15 -35.01
CA ALA H 281 -7.21 18.51 -36.34
C ALA H 281 -5.88 18.68 -37.08
N GLN H 282 -5.35 19.90 -37.17
CA GLN H 282 -4.09 20.16 -37.91
C GLN H 282 -2.92 19.45 -37.19
N ALA H 283 -2.87 19.53 -35.87
CA ALA H 283 -1.82 18.88 -35.07
C ALA H 283 -1.87 17.37 -35.31
N ALA H 284 -3.08 16.79 -35.31
CA ALA H 284 -3.28 15.35 -35.58
C ALA H 284 -2.59 15.00 -36.91
N VAL H 285 -2.91 15.70 -37.99
CA VAL H 285 -2.37 15.35 -39.34
C VAL H 285 -0.87 15.66 -39.39
N ALA H 286 -0.47 16.85 -38.94
CA ALA H 286 0.92 17.33 -38.94
C ALA H 286 1.82 16.36 -38.15
N SER H 287 1.34 15.79 -37.04
CA SER H 287 2.12 14.85 -36.21
C SER H 287 2.36 13.56 -36.98
N ALA H 288 1.39 13.17 -37.80
CA ALA H 288 1.39 11.88 -38.55
C ALA H 288 1.45 10.69 -37.59
N GLN H 289 1.06 10.86 -36.31
CA GLN H 289 1.16 9.79 -35.29
C GLN H 289 -0.20 9.60 -34.59
N ALA H 290 -1.23 10.37 -34.94
CA ALA H 290 -2.54 10.35 -34.23
C ALA H 290 -3.39 9.15 -34.67
N ASN H 291 -4.10 8.51 -33.75
CA ASN H 291 -5.01 7.39 -34.04
C ASN H 291 -6.47 7.79 -33.80
N ILE H 292 -6.74 8.67 -32.84
CA ILE H 292 -8.10 9.21 -32.53
C ILE H 292 -7.97 10.71 -32.34
N CYS H 293 -8.89 11.48 -32.93
CA CYS H 293 -8.93 12.96 -32.84
C CYS H 293 -10.35 13.40 -32.46
N LEU H 294 -10.50 13.96 -31.25
CA LEU H 294 -11.80 14.31 -30.63
C LEU H 294 -11.95 15.84 -30.60
N VAL H 295 -12.98 16.36 -31.26
CA VAL H 295 -13.21 17.83 -31.45
C VAL H 295 -14.66 18.12 -31.12
N PRO H 296 -14.98 19.33 -30.59
CA PRO H 296 -16.34 19.64 -30.16
C PRO H 296 -17.38 19.54 -31.29
N GLU H 297 -16.96 19.79 -32.53
CA GLU H 297 -17.82 19.74 -33.74
C GLU H 297 -18.37 18.33 -34.01
N ASN H 298 -17.76 17.29 -33.45
CA ASN H 298 -18.10 15.87 -33.70
C ASN H 298 -18.27 15.15 -32.37
N PRO H 299 -19.34 15.45 -31.60
CA PRO H 299 -19.53 14.86 -30.27
C PRO H 299 -19.80 13.36 -30.45
N ILE H 300 -19.03 12.50 -29.79
CA ILE H 300 -19.23 11.03 -29.80
C ILE H 300 -19.11 10.56 -28.36
N SER H 301 -19.71 9.41 -28.06
CA SER H 301 -19.85 8.90 -26.68
C SER H 301 -18.54 8.26 -26.21
N GLU H 302 -18.35 8.25 -24.90
CA GLU H 302 -17.38 7.42 -24.15
C GLU H 302 -17.27 6.04 -24.81
N GLN H 303 -18.39 5.39 -25.09
CA GLN H 303 -18.43 4.00 -25.61
C GLN H 303 -17.85 3.99 -27.02
N GLU H 304 -18.15 5.00 -27.85
CA GLU H 304 -17.65 5.08 -29.25
C GLU H 304 -16.12 5.26 -29.23
N VAL H 305 -15.59 6.06 -28.31
CA VAL H 305 -14.13 6.32 -28.13
C VAL H 305 -13.47 4.99 -27.78
N MET H 306 -13.94 4.31 -26.73
CA MET H 306 -13.36 3.01 -26.29
C MET H 306 -13.43 1.99 -27.43
N SER H 307 -14.43 2.07 -28.32
CA SER H 307 -14.55 1.18 -29.51
C SER H 307 -13.35 1.39 -30.43
N LEU H 308 -12.99 2.65 -30.67
CA LEU H 308 -11.87 3.06 -31.54
C LEU H 308 -10.56 2.61 -30.91
N LEU H 309 -10.44 2.71 -29.59
CA LEU H 309 -9.21 2.27 -28.86
C LEU H 309 -9.05 0.77 -29.06
N GLU H 310 -10.12 -0.01 -28.84
CA GLU H 310 -10.04 -1.50 -28.83
C GLU H 310 -9.75 -1.95 -30.26
N ARG H 311 -10.26 -1.21 -31.26
CA ARG H 311 -10.01 -1.49 -32.69
C ARG H 311 -8.53 -1.27 -33.02
N ARG H 312 -7.95 -0.17 -32.54
CA ARG H 312 -6.52 0.14 -32.72
C ARG H 312 -5.69 -1.01 -32.11
N PHE H 313 -6.09 -1.50 -30.95
CA PHE H 313 -5.34 -2.51 -30.16
C PHE H 313 -5.52 -3.93 -30.73
N CYS H 314 -6.36 -4.12 -31.75
CA CYS H 314 -6.53 -5.44 -32.40
C CYS H 314 -5.17 -5.89 -32.94
N HIS H 315 -4.46 -5.05 -33.70
CA HIS H 315 -3.21 -5.40 -34.43
C HIS H 315 -2.15 -4.31 -34.26
N SER H 316 -2.27 -3.47 -33.24
CA SER H 316 -1.27 -2.44 -32.87
C SER H 316 -1.13 -2.42 -31.35
N ARG H 317 0.03 -2.04 -30.84
CA ARG H 317 0.32 -2.11 -29.38
C ARG H 317 0.33 -0.72 -28.75
N SER H 318 0.03 0.34 -29.52
CA SER H 318 0.03 1.73 -29.04
C SER H 318 -1.11 2.52 -29.70
N CYS H 319 -1.61 3.53 -29.01
CA CYS H 319 -2.71 4.40 -29.48
C CYS H 319 -2.43 5.82 -28.99
N VAL H 320 -2.55 6.81 -29.88
CA VAL H 320 -2.43 8.24 -29.53
C VAL H 320 -3.79 8.91 -29.73
N ILE H 321 -4.32 9.54 -28.68
CA ILE H 321 -5.64 10.24 -28.68
C ILE H 321 -5.38 11.75 -28.51
N ILE H 322 -5.77 12.56 -29.49
CA ILE H 322 -5.77 14.05 -29.40
C ILE H 322 -7.19 14.48 -29.01
N VAL H 323 -7.36 15.33 -28.00
CA VAL H 323 -8.69 15.81 -27.57
C VAL H 323 -8.65 17.34 -27.39
N ALA H 324 -9.47 18.07 -28.14
CA ALA H 324 -9.68 19.52 -27.95
C ALA H 324 -10.35 19.75 -26.60
N GLU H 325 -10.04 20.84 -25.91
CA GLU H 325 -10.52 21.07 -24.51
C GLU H 325 -12.05 21.22 -24.52
N GLY H 326 -12.64 21.59 -25.66
CA GLY H 326 -14.09 21.80 -25.84
C GLY H 326 -14.88 20.51 -26.09
N PHE H 327 -14.22 19.40 -26.36
CA PHE H 327 -14.88 18.09 -26.63
C PHE H 327 -15.50 17.55 -25.35
N GLY H 328 -16.61 16.82 -25.49
CA GLY H 328 -17.22 15.99 -24.44
C GLY H 328 -17.53 16.79 -23.18
N GLN H 329 -18.20 17.93 -23.32
CA GLN H 329 -18.63 18.77 -22.17
C GLN H 329 -19.84 18.13 -21.48
N ASP H 330 -20.52 17.16 -22.13
CA ASP H 330 -21.69 16.43 -21.57
C ASP H 330 -21.25 15.18 -20.80
N TRP H 331 -19.95 14.94 -20.62
CA TRP H 331 -19.42 13.68 -20.01
C TRP H 331 -19.55 13.64 -18.47
N LEU H 346 -16.25 25.19 -17.48
CA LEU H 346 -15.56 24.12 -18.27
C LEU H 346 -15.03 23.02 -17.33
N ILE H 347 -15.16 21.76 -17.74
CA ILE H 347 -14.57 20.56 -17.03
C ILE H 347 -13.34 20.12 -17.82
N ASP H 348 -12.38 19.48 -17.14
CA ASP H 348 -11.10 19.09 -17.77
C ASP H 348 -11.29 17.73 -18.47
N ILE H 349 -11.60 17.76 -19.76
CA ILE H 349 -11.88 16.55 -20.58
C ILE H 349 -10.60 15.71 -20.68
N GLY H 350 -9.43 16.33 -20.59
CA GLY H 350 -8.13 15.64 -20.58
C GLY H 350 -8.04 14.67 -19.42
N VAL H 351 -8.34 15.16 -18.21
CA VAL H 351 -8.22 14.34 -16.98
C VAL H 351 -9.30 13.26 -17.03
N ILE H 352 -10.52 13.64 -17.40
CA ILE H 352 -11.72 12.74 -17.41
C ILE H 352 -11.50 11.63 -18.45
N LEU H 353 -11.09 11.96 -19.68
CA LEU H 353 -10.85 10.98 -20.76
C LEU H 353 -9.77 9.99 -20.29
N THR H 354 -8.72 10.49 -19.62
CA THR H 354 -7.58 9.66 -19.14
C THR H 354 -8.10 8.66 -18.11
N GLU H 355 -8.90 9.11 -17.13
CA GLU H 355 -9.52 8.26 -16.07
C GLU H 355 -10.34 7.13 -16.73
N LYS H 356 -11.16 7.48 -17.72
CA LYS H 356 -12.12 6.56 -18.37
C LYS H 356 -11.37 5.53 -19.22
N VAL H 357 -10.31 5.94 -19.92
CA VAL H 357 -9.43 5.02 -20.69
C VAL H 357 -8.76 4.06 -19.70
N LYS H 358 -8.27 4.55 -18.56
CA LYS H 358 -7.64 3.69 -17.52
C LYS H 358 -8.68 2.68 -17.00
N ALA H 359 -9.88 3.15 -16.66
CA ALA H 359 -11.02 2.34 -16.16
C ALA H 359 -11.35 1.23 -17.18
N PHE H 360 -11.44 1.59 -18.46
CA PHE H 360 -11.76 0.65 -19.56
C PHE H 360 -10.67 -0.43 -19.66
N LEU H 361 -9.39 -0.05 -19.59
CA LEU H 361 -8.25 -1.00 -19.76
C LEU H 361 -8.16 -1.92 -18.54
N LYS H 362 -8.45 -1.40 -17.34
CA LYS H 362 -8.50 -2.17 -16.07
C LYS H 362 -9.63 -3.22 -16.12
N ALA H 363 -10.79 -2.84 -16.66
CA ALA H 363 -11.96 -3.73 -16.85
C ALA H 363 -11.60 -4.84 -17.86
N ASN H 364 -10.53 -4.69 -18.64
CA ASN H 364 -10.15 -5.66 -19.70
C ASN H 364 -8.68 -6.09 -19.56
N LYS H 365 -8.14 -6.19 -18.33
CA LYS H 365 -6.71 -6.61 -18.13
C LYS H 365 -6.42 -7.93 -18.87
N SER H 366 -7.40 -8.85 -18.99
CA SER H 366 -7.23 -10.16 -19.66
C SER H 366 -6.73 -9.98 -21.10
N ARG H 367 -7.30 -9.02 -21.86
CA ARG H 367 -6.94 -8.77 -23.29
C ARG H 367 -5.74 -7.82 -23.38
N TYR H 368 -5.66 -6.85 -22.47
CA TYR H 368 -4.65 -5.75 -22.49
C TYR H 368 -3.86 -5.76 -21.17
N PRO H 369 -3.04 -6.81 -20.89
CA PRO H 369 -2.27 -6.86 -19.65
C PRO H 369 -1.16 -5.79 -19.56
N ASP H 370 -0.95 -5.25 -18.36
CA ASP H 370 0.16 -4.30 -18.05
C ASP H 370 0.06 -3.09 -19.01
N SER H 371 -1.15 -2.64 -19.32
CA SER H 371 -1.41 -1.45 -20.15
C SER H 371 -0.95 -0.20 -19.39
N THR H 372 -0.64 0.88 -20.10
CA THR H 372 -0.15 2.16 -19.57
C THR H 372 -0.89 3.30 -20.27
N VAL H 373 -1.32 4.33 -19.54
CA VAL H 373 -1.93 5.55 -20.13
C VAL H 373 -1.13 6.75 -19.63
N LYS H 374 -0.57 7.53 -20.55
CA LYS H 374 0.18 8.77 -20.25
C LYS H 374 -0.61 9.96 -20.78
N TYR H 375 -0.87 10.95 -19.93
CA TYR H 375 -1.60 12.19 -20.27
C TYR H 375 -0.63 13.37 -20.34
N ILE H 376 -0.67 14.13 -21.44
CA ILE H 376 0.14 15.38 -21.63
C ILE H 376 -0.84 16.54 -21.89
N ASP H 377 -0.70 17.61 -21.10
CA ASP H 377 -1.43 18.88 -21.25
C ASP H 377 -0.40 19.99 -21.43
N PRO H 378 -0.03 20.34 -22.68
CA PRO H 378 0.96 21.37 -22.92
C PRO H 378 0.42 22.76 -22.56
N SER H 379 -0.90 22.87 -22.40
CA SER H 379 -1.64 24.12 -22.07
C SER H 379 -0.94 25.34 -22.69
N TYR H 380 -0.41 26.25 -21.87
CA TYR H 380 0.04 27.61 -22.31
C TYR H 380 1.31 27.55 -23.16
N MET H 381 2.01 26.43 -23.18
CA MET H 381 3.26 26.29 -23.97
C MET H 381 2.97 26.46 -25.46
N ILE H 382 1.73 26.30 -25.92
CA ILE H 382 1.43 26.37 -27.39
C ILE H 382 1.06 27.80 -27.79
N ARG H 383 0.96 28.73 -26.84
CA ARG H 383 0.56 30.13 -27.16
C ARG H 383 1.54 31.16 -26.58
N ALA H 384 2.32 30.83 -25.56
CA ALA H 384 3.16 31.78 -24.80
C ALA H 384 4.61 31.70 -25.33
N CYS H 385 4.80 31.86 -26.63
CA CYS H 385 6.12 31.65 -27.26
C CYS H 385 6.26 32.57 -28.49
N PRO H 386 7.49 32.75 -29.01
CA PRO H 386 7.65 33.47 -30.27
C PRO H 386 7.06 32.65 -31.40
N PRO H 387 6.71 33.30 -32.52
CA PRO H 387 6.06 32.62 -33.62
C PRO H 387 7.03 31.83 -34.48
N SER H 388 6.53 30.80 -35.17
CA SER H 388 7.16 30.16 -36.34
C SER H 388 7.52 31.24 -37.36
N ALA H 389 8.50 30.96 -38.24
CA ALA H 389 8.90 31.89 -39.31
C ALA H 389 7.67 32.25 -40.14
N ASN H 390 6.86 31.27 -40.54
CA ASN H 390 5.67 31.54 -41.38
C ASN H 390 4.70 32.48 -40.64
N ASP H 391 4.59 32.36 -39.31
CA ASP H 391 3.71 33.24 -38.51
C ASP H 391 4.35 34.63 -38.36
N ALA H 392 5.68 34.73 -38.29
CA ALA H 392 6.37 36.04 -38.23
C ALA H 392 6.09 36.81 -39.53
N LEU H 393 6.18 36.15 -40.68
CA LEU H 393 5.89 36.73 -42.01
C LEU H 393 4.45 37.25 -42.00
N PHE H 394 3.53 36.42 -41.55
CA PHE H 394 2.08 36.70 -41.50
C PHE H 394 1.82 37.91 -40.57
N CYS H 395 2.37 37.89 -39.37
CA CYS H 395 2.20 38.97 -38.36
C CYS H 395 2.67 40.30 -38.94
N ALA H 396 3.87 40.34 -39.51
CA ALA H 396 4.49 41.57 -40.07
C ALA H 396 3.60 42.11 -41.18
N THR H 397 3.10 41.23 -42.04
CA THR H 397 2.30 41.59 -43.24
C THR H 397 0.92 42.12 -42.79
N LEU H 398 0.24 41.42 -41.86
CA LEU H 398 -1.05 41.88 -41.27
C LEU H 398 -0.88 43.28 -40.72
N ALA H 399 0.15 43.48 -39.90
CA ALA H 399 0.40 44.75 -39.18
C ALA H 399 0.66 45.85 -40.19
N THR H 400 1.47 45.56 -41.21
CA THR H 400 1.92 46.57 -42.22
C THR H 400 0.69 47.05 -43.00
N LEU H 401 -0.14 46.12 -43.47
CA LEU H 401 -1.34 46.45 -44.29
C LEU H 401 -2.38 47.13 -43.41
N ALA H 402 -2.47 46.74 -42.13
CA ALA H 402 -3.38 47.40 -41.15
C ALA H 402 -3.04 48.89 -41.10
N VAL H 403 -1.75 49.25 -41.05
CA VAL H 403 -1.30 50.66 -40.96
C VAL H 403 -1.60 51.36 -42.29
N HIS H 404 -1.30 50.75 -43.43
CA HIS H 404 -1.62 51.32 -44.76
C HIS H 404 -3.10 51.74 -44.79
N GLU H 405 -3.99 50.82 -44.42
CA GLU H 405 -5.46 50.97 -44.61
C GLU H 405 -6.03 51.94 -43.57
N ALA H 406 -5.53 51.93 -42.33
CA ALA H 406 -5.98 52.89 -41.27
C ALA H 406 -5.56 54.31 -41.68
N MET H 407 -4.34 54.47 -42.18
CA MET H 407 -3.85 55.78 -42.70
C MET H 407 -4.81 56.23 -43.80
N ALA H 408 -5.26 55.29 -44.63
CA ALA H 408 -6.17 55.54 -45.78
C ALA H 408 -7.64 55.58 -45.32
N GLY H 409 -7.89 55.70 -44.02
CA GLY H 409 -9.20 56.06 -43.46
C GLY H 409 -10.09 54.89 -43.09
N ALA H 410 -9.67 53.65 -43.34
CA ALA H 410 -10.43 52.44 -42.91
C ALA H 410 -10.66 52.50 -41.40
N THR H 411 -11.87 52.19 -40.95
CA THR H 411 -12.26 52.13 -39.51
C THR H 411 -13.41 51.12 -39.31
N GLY H 412 -13.57 50.65 -38.08
CA GLY H 412 -14.61 49.69 -37.68
C GLY H 412 -14.44 48.32 -38.34
N CYS H 413 -13.24 48.00 -38.79
CA CYS H 413 -12.96 46.75 -39.55
C CYS H 413 -11.79 46.01 -38.90
N ILE H 414 -11.62 44.74 -39.31
CA ILE H 414 -10.44 43.89 -39.02
C ILE H 414 -9.75 43.58 -40.36
N ILE H 415 -8.45 43.26 -40.29
CA ILE H 415 -7.71 42.66 -41.43
C ILE H 415 -7.71 41.14 -41.23
N ALA H 416 -7.85 40.39 -42.32
CA ALA H 416 -8.00 38.93 -42.32
C ALA H 416 -7.36 38.33 -43.56
N MET H 417 -7.22 37.02 -43.58
CA MET H 417 -6.70 36.30 -44.76
C MET H 417 -7.68 35.24 -45.24
N ARG H 418 -7.98 35.26 -46.53
CA ARG H 418 -8.81 34.26 -47.25
C ARG H 418 -8.13 33.95 -48.56
N HIS H 419 -8.10 32.67 -48.97
CA HIS H 419 -7.65 32.28 -50.33
C HIS H 419 -6.32 33.00 -50.64
N ASN H 420 -5.46 33.11 -49.64
CA ASN H 420 -4.05 33.56 -49.83
C ASN H 420 -3.96 35.08 -50.03
N ASN H 421 -5.05 35.83 -49.81
CA ASN H 421 -5.05 37.32 -49.96
C ASN H 421 -5.49 37.99 -48.66
N TYR H 422 -4.93 39.17 -48.40
CA TYR H 422 -5.26 40.03 -47.23
C TYR H 422 -6.47 40.87 -47.61
N ILE H 423 -7.52 40.81 -46.77
CA ILE H 423 -8.83 41.48 -47.00
C ILE H 423 -9.22 42.29 -45.77
N LEU H 424 -10.16 43.22 -45.94
CA LEU H 424 -10.78 43.99 -44.83
C LEU H 424 -12.21 43.48 -44.66
N VAL H 425 -12.66 43.35 -43.41
CA VAL H 425 -14.02 42.85 -43.07
C VAL H 425 -14.54 43.71 -41.94
N PRO H 426 -15.73 44.33 -42.05
CA PRO H 426 -16.30 45.09 -40.95
C PRO H 426 -16.40 44.22 -39.68
N ILE H 427 -16.21 44.83 -38.52
CA ILE H 427 -16.25 44.14 -37.20
C ILE H 427 -17.64 43.52 -37.00
N LYS H 428 -18.70 44.25 -37.34
CA LYS H 428 -20.08 43.79 -37.07
C LYS H 428 -20.29 42.37 -37.61
N VAL H 429 -20.00 42.13 -38.89
CA VAL H 429 -20.23 40.80 -39.53
C VAL H 429 -19.21 39.78 -39.01
N ALA H 430 -17.97 40.20 -38.76
CA ALA H 430 -16.87 39.30 -38.33
C ALA H 430 -17.13 38.77 -36.92
N THR H 431 -17.87 39.52 -36.10
CA THR H 431 -18.14 39.21 -34.67
C THR H 431 -19.55 38.63 -34.50
N SER H 432 -20.28 38.38 -35.59
CA SER H 432 -21.69 37.90 -35.55
C SER H 432 -21.71 36.38 -35.44
N VAL H 433 -20.75 35.71 -36.08
CA VAL H 433 -20.74 34.22 -36.20
C VAL H 433 -19.30 33.71 -36.00
N ARG H 434 -19.19 32.60 -35.27
CA ARG H 434 -17.93 31.85 -35.02
C ARG H 434 -17.76 30.81 -36.14
N ARG H 435 -16.53 30.61 -36.61
CA ARG H 435 -16.16 29.54 -37.57
C ARG H 435 -15.80 28.28 -36.79
N VAL H 436 -16.01 27.13 -37.42
CA VAL H 436 -16.02 25.79 -36.77
C VAL H 436 -15.59 24.80 -37.85
N LEU H 437 -15.03 23.65 -37.47
CA LEU H 437 -14.58 22.63 -38.47
C LEU H 437 -15.76 22.27 -39.35
N ASP H 438 -15.58 22.26 -40.67
CA ASP H 438 -16.53 21.64 -41.61
C ASP H 438 -16.23 20.14 -41.61
N LEU H 439 -17.13 19.30 -41.08
CA LEU H 439 -16.93 17.83 -41.01
C LEU H 439 -16.95 17.23 -42.43
N ARG H 440 -17.34 18.01 -43.44
CA ARG H 440 -17.35 17.59 -44.86
C ARG H 440 -16.28 18.37 -45.63
N GLY H 441 -15.47 19.18 -44.92
CA GLY H 441 -14.36 19.99 -45.47
C GLY H 441 -13.09 19.16 -45.68
N GLN H 442 -12.06 19.75 -46.28
CA GLN H 442 -10.85 19.04 -46.77
C GLN H 442 -10.01 18.58 -45.57
N LEU H 443 -9.83 19.42 -44.53
CA LEU H 443 -8.96 19.11 -43.38
C LEU H 443 -9.52 17.89 -42.64
N TRP H 444 -10.80 17.92 -42.27
CA TRP H 444 -11.42 16.83 -41.45
C TRP H 444 -11.39 15.51 -42.22
N ARG H 445 -11.55 15.56 -43.55
CA ARG H 445 -11.42 14.38 -44.43
C ARG H 445 -10.00 13.81 -44.26
N GLN H 446 -8.98 14.65 -44.27
CA GLN H 446 -7.55 14.22 -44.12
C GLN H 446 -7.35 13.62 -42.72
N VAL H 447 -7.98 14.17 -41.66
CA VAL H 447 -7.88 13.61 -40.28
C VAL H 447 -8.40 12.17 -40.29
N ARG H 448 -9.48 11.90 -41.00
CA ARG H 448 -10.13 10.57 -40.97
C ARG H 448 -9.33 9.55 -41.77
N GLU H 449 -8.47 9.99 -42.70
CA GLU H 449 -7.64 9.06 -43.53
C GLU H 449 -6.56 8.43 -42.66
N ILE H 450 -6.11 9.14 -41.61
CA ILE H 450 -4.95 8.70 -40.76
C ILE H 450 -5.45 8.07 -39.46
N THR H 451 -6.69 8.35 -39.04
CA THR H 451 -7.25 7.86 -37.77
C THR H 451 -7.97 6.53 -38.00
N VAL H 452 -8.35 5.86 -36.92
CA VAL H 452 -8.92 4.48 -36.97
C VAL H 452 -10.37 4.60 -37.43
N ASP H 453 -10.81 3.65 -38.27
CA ASP H 453 -12.21 3.51 -38.77
C ASP H 453 -12.83 2.28 -38.10
N LEU H 454 -14.15 2.24 -38.00
CA LEU H 454 -14.92 1.01 -37.64
C LEU H 454 -15.45 0.51 -38.98
N GLY H 455 -15.40 -0.78 -39.29
CA GLY H 455 -15.96 -1.31 -40.55
C GLY H 455 -15.00 -1.22 -41.75
N SER H 456 -13.68 -1.20 -41.55
CA SER H 456 -12.75 -2.03 -42.40
C SER H 456 -12.49 -3.35 -41.68
N ASP H 457 -12.29 -4.43 -42.41
CA ASP H 457 -12.03 -5.78 -41.84
C ASP H 457 -10.58 -5.79 -41.35
N VAL H 458 -10.36 -5.79 -40.03
CA VAL H 458 -9.00 -5.66 -39.42
C VAL H 458 -8.22 -6.96 -39.59
N ARG H 459 -8.92 -8.09 -39.57
CA ARG H 459 -8.32 -9.43 -39.76
C ARG H 459 -7.82 -9.50 -41.21
N LEU H 460 -8.66 -9.18 -42.18
CA LEU H 460 -8.30 -9.15 -43.63
C LEU H 460 -7.10 -8.20 -43.84
N ALA H 461 -7.14 -7.01 -43.25
CA ALA H 461 -6.08 -5.97 -43.35
C ALA H 461 -4.74 -6.52 -42.86
N ARG H 462 -4.73 -7.23 -41.72
CA ARG H 462 -3.49 -7.78 -41.12
C ARG H 462 -2.99 -8.93 -42.00
N LYS H 463 -3.90 -9.74 -42.55
CA LYS H 463 -3.55 -10.86 -43.46
C LYS H 463 -2.73 -10.27 -44.62
N LEU H 464 -3.24 -9.23 -45.27
CA LEU H 464 -2.58 -8.61 -46.46
C LEU H 464 -1.27 -7.94 -46.05
N GLU H 465 -1.19 -7.36 -44.84
CA GLU H 465 0.02 -6.64 -44.38
C GLU H 465 1.13 -7.66 -44.09
N ILE H 466 0.77 -8.85 -43.62
CA ILE H 466 1.76 -9.94 -43.39
C ILE H 466 2.32 -10.37 -44.75
N ARG H 467 1.48 -10.51 -45.78
CA ARG H 467 1.93 -10.81 -47.17
C ARG H 467 2.94 -9.76 -47.63
N ARG H 468 2.60 -8.47 -47.55
CA ARG H 468 3.47 -7.35 -48.01
C ARG H 468 4.83 -7.46 -47.28
N GLU H 469 4.83 -7.79 -46.00
CA GLU H 469 6.07 -7.88 -45.18
C GLU H 469 6.87 -9.13 -45.55
N LEU H 470 6.22 -10.26 -45.81
CA LEU H 470 6.89 -11.53 -46.23
C LEU H 470 7.54 -11.33 -47.60
N GLU H 471 6.92 -10.55 -48.49
CA GLU H 471 7.49 -10.24 -49.84
C GLU H 471 8.79 -9.44 -49.64
N ALA H 472 8.83 -8.54 -48.68
CA ALA H 472 10.03 -7.73 -48.32
C ALA H 472 11.13 -8.65 -47.80
N ILE H 473 10.79 -9.49 -46.84
CA ILE H 473 11.72 -10.48 -46.22
C ILE H 473 12.32 -11.37 -47.32
N ASN H 474 11.49 -11.91 -48.22
CA ASN H 474 11.93 -12.85 -49.28
C ASN H 474 12.86 -12.13 -50.28
N ARG H 475 12.56 -10.88 -50.69
CA ARG H 475 13.42 -10.14 -51.63
C ARG H 475 14.75 -9.86 -50.95
N ASN H 476 14.74 -9.52 -49.66
CA ASN H 476 15.96 -9.23 -48.86
C ASN H 476 16.79 -10.50 -48.71
N ARG H 477 16.15 -11.63 -48.35
CA ARG H 477 16.82 -12.93 -48.20
C ARG H 477 17.59 -13.24 -49.49
N ASP H 478 16.98 -12.96 -50.65
CA ASP H 478 17.56 -13.26 -51.98
C ASP H 478 18.76 -12.34 -52.24
N ARG H 479 18.58 -11.01 -52.08
CA ARG H 479 19.62 -10.00 -52.39
C ARG H 479 20.83 -10.25 -51.49
N LEU H 480 20.60 -10.74 -50.26
CA LEU H 480 21.67 -10.98 -49.26
C LEU H 480 22.46 -12.24 -49.59
N HIS H 481 21.78 -13.35 -49.91
CA HIS H 481 22.44 -14.64 -50.28
C HIS H 481 23.30 -14.41 -51.52
N GLU H 482 22.88 -13.52 -52.41
CA GLU H 482 23.62 -13.12 -53.64
C GLU H 482 24.90 -12.35 -53.26
N GLU H 483 24.76 -11.18 -52.63
CA GLU H 483 25.93 -10.38 -52.16
C GLU H 483 26.94 -11.28 -51.43
N LEU H 484 26.47 -12.21 -50.58
CA LEU H 484 27.31 -13.10 -49.74
C LEU H 484 28.06 -14.11 -50.64
N ALA H 485 27.49 -14.56 -51.76
CA ALA H 485 28.12 -15.53 -52.68
C ALA H 485 29.36 -14.91 -53.36
N LYS H 486 29.40 -13.59 -53.57
CA LYS H 486 30.52 -12.89 -54.24
C LYS H 486 31.52 -12.32 -53.21
N LEU H 487 31.41 -12.69 -51.93
CA LEU H 487 32.40 -12.25 -50.89
C LEU H 487 33.27 -13.46 -50.53
#